data_2N1M
#
_entry.id   2N1M
#
_entity_poly.entity_id   1
_entity_poly.type   'polypeptide(L)'
_entity_poly.pdbx_seq_one_letter_code
;GMAKKTLILYYSWSGETKKMAEKINSEIKDSELKEVKVSEGTFDADMYKTSDIALDQIQGNKDFPEIQLDNIDYNNYDLI
LIGSPVWSGYPATPIKTLLDQMKNYRGEVASFFTSAGTNHKAYVSHFNEWADGLNVIGVARDDSEVDKWSK
;
_entity_poly.pdbx_strand_id   A
#
# COMPACT_ATOMS: atom_id res chain seq x y z
N GLY A 1 -6.89 25.38 12.13
CA GLY A 1 -7.44 25.30 10.78
C GLY A 1 -8.05 23.94 10.49
N MET A 2 -8.40 23.69 9.22
CA MET A 2 -8.98 22.43 8.75
C MET A 2 -8.62 22.21 7.27
N ALA A 3 -8.36 20.96 6.87
CA ALA A 3 -8.26 20.51 5.48
C ALA A 3 -8.19 18.98 5.47
N LYS A 4 -9.18 18.31 4.91
CA LYS A 4 -9.10 16.90 4.57
C LYS A 4 -8.30 16.76 3.29
N LYS A 5 -7.02 16.39 3.42
CA LYS A 5 -6.19 16.05 2.28
C LYS A 5 -6.20 14.56 2.08
N THR A 6 -5.64 14.17 0.95
CA THR A 6 -5.54 12.78 0.55
C THR A 6 -4.09 12.48 0.16
N LEU A 7 -3.69 11.21 0.20
CA LEU A 7 -2.37 10.76 -0.19
C LEU A 7 -2.48 9.37 -0.79
N ILE A 8 -1.63 9.04 -1.76
CA ILE A 8 -1.62 7.81 -2.54
C ILE A 8 -0.17 7.31 -2.53
N LEU A 9 0.12 6.27 -1.76
CA LEU A 9 1.40 5.58 -1.74
C LEU A 9 1.26 4.32 -2.59
N TYR A 10 2.15 4.08 -3.55
CA TYR A 10 2.01 3.00 -4.53
C TYR A 10 3.33 2.25 -4.74
N TYR A 11 3.44 1.05 -4.18
CA TYR A 11 4.68 0.27 -4.29
C TYR A 11 4.58 -0.54 -5.60
N SER A 12 5.53 -0.40 -6.53
CA SER A 12 5.79 -1.33 -7.66
C SER A 12 6.97 -0.79 -8.50
N TRP A 13 7.37 -1.54 -9.54
CA TRP A 13 8.41 -1.12 -10.48
C TRP A 13 7.92 0.05 -11.33
N SER A 14 8.82 0.73 -12.05
CA SER A 14 8.49 1.84 -12.92
C SER A 14 7.60 1.35 -14.08
N GLY A 15 6.29 1.63 -13.99
CA GLY A 15 5.31 1.32 -15.02
C GLY A 15 4.01 0.87 -14.35
N GLU A 16 4.12 -0.21 -13.58
CA GLU A 16 3.04 -1.00 -12.98
C GLU A 16 1.97 -0.11 -12.35
N THR A 17 2.18 0.36 -11.11
CA THR A 17 1.20 1.16 -10.40
C THR A 17 1.22 2.63 -10.87
N LYS A 18 2.28 3.11 -11.52
CA LYS A 18 2.41 4.49 -11.99
C LYS A 18 1.14 4.92 -12.70
N LYS A 19 0.71 4.16 -13.71
CA LYS A 19 -0.49 4.52 -14.46
C LYS A 19 -1.70 4.62 -13.55
N MET A 20 -1.86 3.64 -12.67
CA MET A 20 -3.00 3.46 -11.81
C MET A 20 -3.00 4.40 -10.61
N ALA A 21 -1.93 5.16 -10.40
CA ALA A 21 -1.81 6.08 -9.27
C ALA A 21 -2.01 7.52 -9.75
N GLU A 22 -1.35 7.90 -10.84
CA GLU A 22 -1.35 9.26 -11.37
C GLU A 22 -2.77 9.72 -11.70
N LYS A 23 -3.62 8.78 -12.17
CA LYS A 23 -5.02 9.10 -12.45
C LYS A 23 -5.72 9.64 -11.20
N ILE A 24 -5.59 8.93 -10.08
CA ILE A 24 -6.31 9.17 -8.84
C ILE A 24 -5.91 10.53 -8.24
N ASN A 25 -4.63 10.93 -8.32
CA ASN A 25 -4.21 12.25 -7.84
C ASN A 25 -5.06 13.34 -8.50
N SER A 26 -5.39 13.13 -9.77
CA SER A 26 -6.18 13.97 -10.64
C SER A 26 -7.71 13.81 -10.50
N GLU A 27 -8.24 12.80 -9.78
CA GLU A 27 -9.67 12.69 -9.52
C GLU A 27 -10.10 13.22 -8.16
N ILE A 28 -9.16 13.61 -7.29
CA ILE A 28 -9.45 13.96 -5.91
C ILE A 28 -8.94 15.37 -5.63
N LYS A 29 -9.72 16.15 -4.88
CA LYS A 29 -9.29 17.46 -4.41
C LYS A 29 -8.23 17.25 -3.32
N ASP A 30 -7.12 17.97 -3.44
CA ASP A 30 -6.08 18.06 -2.42
C ASP A 30 -5.44 16.70 -2.09
N SER A 31 -5.28 15.85 -3.12
CA SER A 31 -4.61 14.56 -3.04
C SER A 31 -3.16 14.66 -3.50
N GLU A 32 -2.38 13.57 -3.38
CA GLU A 32 -1.00 13.52 -3.84
C GLU A 32 -0.46 12.11 -3.93
N LEU A 33 0.67 12.01 -4.60
CA LEU A 33 1.32 10.80 -5.04
C LEU A 33 2.73 10.73 -4.46
N LYS A 34 3.00 9.77 -3.57
CA LYS A 34 4.30 9.63 -2.92
C LYS A 34 4.86 8.23 -3.16
N GLU A 35 6.17 8.07 -2.97
CA GLU A 35 6.88 6.84 -3.29
C GLU A 35 7.02 5.96 -2.05
N VAL A 36 6.93 4.64 -2.24
CA VAL A 36 7.31 3.56 -1.35
C VAL A 36 8.48 2.82 -2.02
N LYS A 37 9.68 3.01 -1.49
CA LYS A 37 10.85 2.20 -1.84
C LYS A 37 11.06 1.16 -0.75
N VAL A 38 12.01 0.27 -0.96
CA VAL A 38 12.41 -0.74 0.01
C VAL A 38 13.86 -0.47 0.42
N SER A 39 14.23 -0.99 1.57
CA SER A 39 15.58 -1.24 2.03
C SER A 39 16.27 -2.28 1.10
N GLU A 40 17.49 -2.67 1.47
CA GLU A 40 18.21 -3.86 1.01
C GLU A 40 18.37 -3.98 -0.50
N GLY A 41 18.93 -5.11 -0.96
CA GLY A 41 19.52 -5.23 -2.27
C GLY A 41 20.74 -4.30 -2.31
N THR A 42 20.64 -3.21 -3.07
CA THR A 42 21.64 -2.15 -3.27
C THR A 42 23.07 -2.66 -3.50
N PHE A 43 23.84 -2.94 -2.45
CA PHE A 43 25.19 -3.47 -2.52
C PHE A 43 25.21 -4.91 -3.05
N ASP A 44 24.09 -5.63 -3.02
CA ASP A 44 23.93 -6.92 -3.67
C ASP A 44 23.68 -6.66 -5.15
N ALA A 45 24.68 -6.97 -5.98
CA ALA A 45 24.70 -6.89 -7.44
C ALA A 45 24.68 -5.45 -8.00
N ASP A 46 24.31 -5.32 -9.29
CA ASP A 46 24.24 -4.07 -10.06
C ASP A 46 23.09 -3.18 -9.58
N MET A 47 22.07 -3.78 -8.97
CA MET A 47 20.85 -3.16 -8.48
C MET A 47 20.20 -4.16 -7.51
N TYR A 48 19.21 -3.68 -6.77
CA TYR A 48 18.53 -4.39 -5.68
C TYR A 48 17.92 -5.74 -6.09
N LYS A 49 17.53 -6.54 -5.09
CA LYS A 49 17.18 -7.95 -5.29
C LYS A 49 16.00 -8.44 -4.42
N THR A 50 15.45 -7.62 -3.53
CA THR A 50 14.58 -8.05 -2.43
C THR A 50 13.11 -8.27 -2.89
N SER A 51 12.93 -8.91 -4.04
CA SER A 51 11.65 -9.20 -4.67
C SER A 51 11.81 -10.24 -5.79
N ASP A 52 12.96 -10.93 -5.89
CA ASP A 52 13.30 -11.75 -7.05
C ASP A 52 12.35 -12.94 -7.24
N ILE A 53 11.56 -13.30 -6.22
CA ILE A 53 10.55 -14.34 -6.23
C ILE A 53 9.28 -13.81 -5.57
N ALA A 54 8.12 -14.42 -5.86
CA ALA A 54 6.83 -14.02 -5.31
C ALA A 54 6.78 -14.35 -3.82
N LEU A 55 6.68 -15.65 -3.49
CA LEU A 55 6.65 -16.14 -2.13
C LEU A 55 8.08 -16.14 -1.58
N ASP A 56 8.60 -14.95 -1.25
CA ASP A 56 9.81 -14.81 -0.46
C ASP A 56 9.39 -14.77 1.01
N GLN A 57 8.92 -13.60 1.45
CA GLN A 57 8.68 -13.18 2.84
C GLN A 57 7.55 -13.91 3.57
N ILE A 58 7.08 -15.05 3.06
CA ILE A 58 5.84 -15.70 3.48
C ILE A 58 6.17 -17.05 4.12
N GLN A 59 6.91 -17.92 3.44
CA GLN A 59 7.00 -19.33 3.75
C GLN A 59 8.40 -19.84 3.46
N GLY A 60 9.25 -19.88 4.48
CA GLY A 60 10.68 -20.11 4.32
C GLY A 60 11.42 -18.85 4.74
N ASN A 61 10.83 -17.69 4.47
CA ASN A 61 11.22 -16.44 5.10
C ASN A 61 10.01 -15.88 5.86
N LYS A 62 10.27 -14.93 6.74
CA LYS A 62 9.29 -14.39 7.70
C LYS A 62 9.68 -12.94 7.96
N ASP A 63 10.93 -12.74 8.39
CA ASP A 63 11.64 -11.47 8.36
C ASP A 63 11.55 -10.91 6.94
N PHE A 64 11.31 -9.61 6.82
CA PHE A 64 11.06 -8.91 5.56
C PHE A 64 11.87 -7.60 5.50
N PRO A 65 12.10 -7.04 4.29
CA PRO A 65 12.87 -5.82 4.13
C PRO A 65 12.05 -4.62 4.65
N GLU A 66 12.77 -3.60 5.11
CA GLU A 66 12.18 -2.33 5.50
C GLU A 66 11.74 -1.51 4.29
N ILE A 67 11.08 -0.39 4.56
CA ILE A 67 10.63 0.58 3.58
C ILE A 67 11.51 1.83 3.63
N GLN A 68 11.45 2.63 2.57
CA GLN A 68 12.04 3.96 2.49
C GLN A 68 10.99 4.90 1.88
N LEU A 69 11.06 6.19 2.23
CA LEU A 69 10.31 7.32 1.68
C LEU A 69 10.91 8.61 2.24
N ASP A 70 10.21 9.73 2.07
CA ASP A 70 10.61 11.06 2.55
C ASP A 70 10.03 11.38 3.93
N ASN A 71 10.27 12.59 4.45
CA ASN A 71 9.75 13.00 5.76
C ASN A 71 8.31 13.49 5.64
N ILE A 72 7.37 12.56 5.69
CA ILE A 72 5.93 12.77 5.53
C ILE A 72 5.23 12.41 6.84
N ASP A 73 4.31 13.25 7.29
CA ASP A 73 3.59 13.04 8.54
C ASP A 73 2.12 12.86 8.21
N TYR A 74 1.64 11.62 8.36
CA TYR A 74 0.31 11.20 7.92
C TYR A 74 -0.80 11.97 8.63
N ASN A 75 -0.46 12.56 9.77
CA ASN A 75 -1.27 13.43 10.61
C ASN A 75 -1.68 14.72 9.88
N ASN A 76 -1.05 15.05 8.75
CA ASN A 76 -1.32 16.25 7.98
C ASN A 76 -2.28 15.97 6.81
N TYR A 77 -2.92 14.79 6.78
CA TYR A 77 -3.82 14.33 5.74
C TYR A 77 -4.99 13.60 6.44
N ASP A 78 -6.10 13.41 5.73
CA ASP A 78 -7.32 12.81 6.31
C ASP A 78 -7.74 11.54 5.56
N LEU A 79 -7.11 11.22 4.42
CA LEU A 79 -7.46 10.06 3.60
C LEU A 79 -6.19 9.44 3.01
N ILE A 80 -5.96 8.12 3.13
CA ILE A 80 -4.71 7.47 2.74
C ILE A 80 -5.02 6.20 1.94
N LEU A 81 -4.72 6.23 0.63
CA LEU A 81 -4.77 5.07 -0.27
C LEU A 81 -3.41 4.39 -0.33
N ILE A 82 -3.43 3.10 -0.67
CA ILE A 82 -2.28 2.20 -0.66
C ILE A 82 -2.41 1.34 -1.91
N GLY A 83 -1.37 1.21 -2.75
CA GLY A 83 -1.41 0.40 -3.96
C GLY A 83 -0.32 -0.68 -3.98
N SER A 84 -0.64 -1.91 -4.39
CA SER A 84 0.27 -3.05 -4.46
C SER A 84 -0.25 -4.16 -5.39
N PRO A 85 0.64 -5.07 -5.85
CA PRO A 85 0.32 -6.29 -6.62
C PRO A 85 -0.26 -7.43 -5.74
N VAL A 86 -0.65 -8.56 -6.37
CA VAL A 86 -1.02 -9.81 -5.71
C VAL A 86 -1.01 -10.98 -6.70
N TRP A 87 -0.47 -12.16 -6.34
CA TRP A 87 -0.62 -13.32 -7.24
C TRP A 87 -0.70 -14.70 -6.59
N SER A 88 -0.34 -14.85 -5.31
CA SER A 88 -0.47 -16.12 -4.58
C SER A 88 -1.09 -15.90 -3.21
N GLY A 89 -1.90 -14.84 -3.06
CA GLY A 89 -2.59 -14.55 -1.83
C GLY A 89 -2.10 -13.24 -1.25
N TYR A 90 -0.81 -13.15 -0.93
CA TYR A 90 -0.16 -11.97 -0.38
C TYR A 90 1.37 -11.98 -0.64
N PRO A 91 1.85 -12.13 -1.89
CA PRO A 91 3.29 -12.17 -2.12
C PRO A 91 3.89 -10.75 -2.19
N ALA A 92 3.86 -9.97 -1.11
CA ALA A 92 4.59 -8.74 -0.89
C ALA A 92 4.46 -8.46 0.61
N THR A 93 5.42 -7.78 1.25
CA THR A 93 5.18 -7.17 2.56
C THR A 93 5.75 -5.74 2.62
N PRO A 94 5.39 -4.84 1.67
CA PRO A 94 5.80 -3.43 1.74
C PRO A 94 4.93 -2.67 2.77
N ILE A 95 3.62 -2.89 2.76
CA ILE A 95 2.71 -2.04 3.54
C ILE A 95 2.81 -2.38 5.03
N LYS A 96 3.34 -3.55 5.37
CA LYS A 96 3.49 -4.05 6.74
C LYS A 96 4.10 -3.00 7.65
N THR A 97 5.29 -2.52 7.33
CA THR A 97 5.98 -1.56 8.17
C THR A 97 5.20 -0.24 8.21
N LEU A 98 4.67 0.23 7.07
CA LEU A 98 3.98 1.52 6.99
C LEU A 98 2.75 1.55 7.90
N LEU A 99 1.93 0.50 7.86
CA LEU A 99 0.76 0.33 8.72
C LEU A 99 1.15 0.46 10.19
N ASP A 100 2.35 -0.01 10.54
CA ASP A 100 2.85 0.01 11.90
C ASP A 100 3.50 1.33 12.30
N GLN A 101 3.71 2.24 11.36
CA GLN A 101 4.05 3.64 11.62
C GLN A 101 2.76 4.45 11.81
N MET A 102 1.69 4.14 11.07
CA MET A 102 0.45 4.92 11.03
C MET A 102 -0.41 4.84 12.31
N LYS A 103 0.12 4.34 13.44
CA LYS A 103 -0.65 4.00 14.64
C LYS A 103 -1.44 5.17 15.25
N ASN A 104 -1.07 6.40 14.92
CA ASN A 104 -1.59 7.66 15.47
C ASN A 104 -2.23 8.53 14.36
N TYR A 105 -2.43 7.95 13.17
CA TYR A 105 -3.17 8.57 12.08
C TYR A 105 -4.61 8.86 12.52
N ARG A 106 -5.22 9.89 11.90
CA ARG A 106 -6.60 10.30 12.06
C ARG A 106 -7.11 10.50 10.65
N GLY A 107 -8.06 9.67 10.21
CA GLY A 107 -8.46 9.62 8.82
C GLY A 107 -8.64 8.17 8.39
N GLU A 108 -8.77 7.97 7.08
CA GLU A 108 -9.38 6.77 6.52
C GLU A 108 -8.38 5.98 5.69
N VAL A 109 -8.42 4.65 5.81
CA VAL A 109 -7.49 3.76 5.10
C VAL A 109 -8.22 2.95 4.04
N ALA A 110 -7.71 2.99 2.80
CA ALA A 110 -8.12 2.10 1.73
C ALA A 110 -6.85 1.54 1.06
N SER A 111 -6.97 0.40 0.37
CA SER A 111 -5.82 -0.28 -0.20
C SER A 111 -6.23 -0.96 -1.50
N PHE A 112 -6.00 -0.27 -2.63
CA PHE A 112 -6.36 -0.74 -3.94
C PHE A 112 -5.34 -1.76 -4.40
N PHE A 113 -5.79 -2.87 -4.99
CA PHE A 113 -4.91 -3.86 -5.60
C PHE A 113 -5.00 -3.75 -7.12
N THR A 114 -3.89 -3.99 -7.83
CA THR A 114 -3.81 -3.80 -9.27
C THR A 114 -3.56 -5.13 -10.00
N SER A 115 -3.93 -6.26 -9.38
CA SER A 115 -3.67 -7.61 -9.87
C SER A 115 -4.83 -8.52 -9.42
N ALA A 116 -5.17 -9.56 -10.19
CA ALA A 116 -6.24 -10.50 -9.84
C ALA A 116 -6.10 -11.90 -10.47
N GLY A 117 -5.02 -12.17 -11.22
CA GLY A 117 -4.86 -13.29 -12.13
C GLY A 117 -5.33 -14.63 -11.57
N THR A 118 -4.99 -14.95 -10.33
CA THR A 118 -5.37 -16.21 -9.69
C THR A 118 -5.83 -16.00 -8.24
N ASN A 119 -5.79 -14.77 -7.75
CA ASN A 119 -6.02 -14.42 -6.35
C ASN A 119 -6.76 -13.10 -6.32
N HIS A 120 -8.08 -13.17 -6.09
CA HIS A 120 -8.97 -12.06 -5.78
C HIS A 120 -9.49 -12.18 -4.36
N LYS A 121 -10.52 -13.00 -4.09
CA LYS A 121 -11.22 -13.08 -2.79
C LYS A 121 -10.29 -13.24 -1.58
N ALA A 122 -9.16 -13.94 -1.73
CA ALA A 122 -8.25 -14.21 -0.63
C ALA A 122 -7.70 -12.90 -0.04
N TYR A 123 -7.09 -12.07 -0.89
CA TYR A 123 -6.41 -10.81 -0.61
C TYR A 123 -7.24 -9.89 0.26
N VAL A 124 -8.55 -9.81 -0.02
CA VAL A 124 -9.47 -8.99 0.77
C VAL A 124 -9.40 -9.42 2.24
N SER A 125 -9.54 -10.71 2.50
CA SER A 125 -9.46 -11.31 3.83
C SER A 125 -8.01 -11.22 4.36
N HIS A 126 -7.01 -11.48 3.53
CA HIS A 126 -5.60 -11.46 3.92
C HIS A 126 -5.16 -10.07 4.37
N PHE A 127 -5.60 -9.01 3.70
CA PHE A 127 -5.20 -7.66 4.01
C PHE A 127 -5.73 -7.28 5.39
N ASN A 128 -6.97 -7.70 5.71
CA ASN A 128 -7.56 -7.52 7.03
C ASN A 128 -6.58 -8.00 8.08
N GLU A 129 -6.15 -9.26 7.99
CA GLU A 129 -5.24 -9.86 8.95
C GLU A 129 -3.97 -9.04 9.17
N TRP A 130 -3.45 -8.39 8.13
CA TRP A 130 -2.18 -7.67 8.12
C TRP A 130 -2.40 -6.15 8.24
N ALA A 131 -3.57 -5.69 8.67
CA ALA A 131 -3.88 -4.29 8.90
C ALA A 131 -4.55 -4.06 10.25
N ASP A 132 -5.27 -5.09 10.73
CA ASP A 132 -6.28 -5.12 11.78
C ASP A 132 -5.90 -4.36 13.04
N GLY A 133 -6.11 -3.07 12.96
CA GLY A 133 -5.76 -2.10 13.98
C GLY A 133 -5.82 -0.66 13.46
N LEU A 134 -5.94 -0.45 12.14
CA LEU A 134 -6.23 0.82 11.49
C LEU A 134 -7.67 0.85 10.99
N ASN A 135 -8.20 2.03 10.66
CA ASN A 135 -9.59 2.20 10.24
C ASN A 135 -9.69 2.00 8.74
N VAL A 136 -10.06 0.79 8.30
CA VAL A 136 -10.28 0.50 6.88
C VAL A 136 -11.78 0.62 6.58
N ILE A 137 -12.13 1.19 5.43
CA ILE A 137 -13.52 1.35 4.96
C ILE A 137 -13.80 0.75 3.58
N GLY A 138 -12.79 0.16 2.91
CA GLY A 138 -13.05 -0.58 1.69
C GLY A 138 -11.77 -1.14 1.11
N VAL A 139 -11.90 -2.23 0.37
CA VAL A 139 -10.82 -3.05 -0.17
C VAL A 139 -11.35 -3.52 -1.53
N ALA A 140 -10.92 -2.86 -2.61
CA ALA A 140 -11.33 -3.16 -3.98
C ALA A 140 -10.12 -3.02 -4.91
N ARG A 141 -10.27 -3.38 -6.18
CA ARG A 141 -9.23 -3.18 -7.18
C ARG A 141 -9.43 -1.84 -7.87
N ASP A 142 -8.40 -1.42 -8.58
CA ASP A 142 -8.39 -0.27 -9.47
C ASP A 142 -8.90 0.97 -8.73
N ASP A 143 -9.44 1.93 -9.48
CA ASP A 143 -9.95 3.22 -9.00
C ASP A 143 -11.45 3.31 -9.32
N SER A 144 -12.23 2.35 -8.83
CA SER A 144 -13.67 2.23 -9.06
C SER A 144 -14.48 2.29 -7.75
N GLU A 145 -13.86 2.56 -6.60
CA GLU A 145 -14.54 2.88 -5.34
C GLU A 145 -13.94 4.14 -4.68
N VAL A 146 -13.12 4.90 -5.38
CA VAL A 146 -12.51 6.12 -4.83
C VAL A 146 -13.59 7.16 -4.52
N ASP A 147 -14.76 7.05 -5.16
CA ASP A 147 -15.91 7.93 -4.97
C ASP A 147 -16.52 7.83 -3.57
N LYS A 148 -16.15 6.84 -2.76
CA LYS A 148 -16.55 6.70 -1.36
C LYS A 148 -15.37 6.90 -0.42
N TRP A 149 -14.14 6.56 -0.82
CA TRP A 149 -12.92 6.81 -0.04
C TRP A 149 -12.51 8.29 -0.16
N SER A 150 -13.48 9.18 0.01
CA SER A 150 -13.39 10.60 -0.20
C SER A 150 -14.63 11.36 0.30
N LYS A 151 -15.77 10.68 0.50
CA LYS A 151 -17.07 11.35 0.61
C LYS A 151 -17.79 10.93 1.88
N GLY A 1 -13.54 25.78 9.51
CA GLY A 1 -12.50 25.09 8.75
C GLY A 1 -12.79 23.62 8.60
N MET A 2 -13.00 23.15 7.37
CA MET A 2 -13.13 21.75 7.03
C MET A 2 -12.33 21.50 5.76
N ALA A 3 -11.41 20.54 5.80
CA ALA A 3 -10.52 20.23 4.69
C ALA A 3 -10.00 18.82 4.88
N LYS A 4 -10.59 17.87 4.15
CA LYS A 4 -9.96 16.56 4.00
C LYS A 4 -8.87 16.69 2.93
N LYS A 5 -7.68 16.16 3.21
CA LYS A 5 -6.59 16.00 2.24
C LYS A 5 -6.40 14.53 2.03
N THR A 6 -5.64 14.18 1.01
CA THR A 6 -5.35 12.80 0.67
C THR A 6 -3.86 12.61 0.37
N LEU A 7 -3.34 11.41 0.65
CA LEU A 7 -2.04 10.96 0.17
C LEU A 7 -2.23 9.61 -0.49
N ILE A 8 -1.53 9.36 -1.60
CA ILE A 8 -1.51 8.07 -2.28
C ILE A 8 -0.04 7.65 -2.29
N LEU A 9 0.36 6.80 -1.34
CA LEU A 9 1.70 6.22 -1.32
C LEU A 9 1.70 4.96 -2.16
N TYR A 10 2.71 4.78 -3.01
CA TYR A 10 2.91 3.55 -3.77
C TYR A 10 4.40 3.16 -3.70
N TYR A 11 4.70 1.87 -3.57
CA TYR A 11 6.05 1.34 -3.52
C TYR A 11 6.52 1.10 -4.96
N SER A 12 6.79 2.16 -5.70
CA SER A 12 7.31 2.11 -7.05
C SER A 12 7.94 3.47 -7.36
N TRP A 13 8.74 3.52 -8.44
CA TRP A 13 9.22 4.75 -9.04
C TRP A 13 8.19 5.19 -10.09
N SER A 14 8.28 4.69 -11.33
CA SER A 14 7.42 5.04 -12.46
C SER A 14 6.83 3.79 -13.14
N GLY A 15 6.90 2.64 -12.47
CA GLY A 15 6.43 1.37 -12.97
C GLY A 15 5.23 0.85 -12.17
N GLU A 16 4.80 -0.37 -12.47
CA GLU A 16 3.83 -1.20 -11.78
C GLU A 16 2.54 -0.45 -11.40
N THR A 17 2.47 0.25 -10.26
CA THR A 17 1.32 1.07 -9.89
C THR A 17 1.13 2.29 -10.80
N LYS A 18 2.16 2.83 -11.45
CA LYS A 18 2.23 4.24 -11.89
C LYS A 18 0.97 4.79 -12.57
N LYS A 19 0.45 4.13 -13.60
CA LYS A 19 -0.77 4.63 -14.28
C LYS A 19 -1.92 4.78 -13.28
N MET A 20 -2.01 3.82 -12.37
CA MET A 20 -2.98 3.59 -11.31
C MET A 20 -2.54 4.31 -10.03
N ALA A 21 -1.85 5.44 -10.15
CA ALA A 21 -1.51 6.35 -9.07
C ALA A 21 -1.85 7.75 -9.55
N GLU A 22 -1.33 8.09 -10.74
CA GLU A 22 -1.55 9.36 -11.43
C GLU A 22 -3.05 9.55 -11.73
N LYS A 23 -3.78 8.45 -11.98
CA LYS A 23 -5.24 8.50 -12.12
C LYS A 23 -5.88 9.10 -10.89
N ILE A 24 -5.71 8.40 -9.76
CA ILE A 24 -6.43 8.66 -8.52
C ILE A 24 -6.13 10.09 -8.05
N ASN A 25 -4.91 10.59 -8.26
CA ASN A 25 -4.57 11.99 -7.95
C ASN A 25 -5.51 12.97 -8.66
N SER A 26 -5.82 12.70 -9.93
CA SER A 26 -6.72 13.46 -10.78
C SER A 26 -8.20 13.28 -10.42
N GLU A 27 -8.54 12.47 -9.41
CA GLU A 27 -9.88 12.07 -9.06
C GLU A 27 -10.26 12.45 -7.62
N ILE A 28 -9.32 12.90 -6.79
CA ILE A 28 -9.53 13.13 -5.36
C ILE A 28 -9.16 14.56 -5.01
N LYS A 29 -9.96 15.16 -4.10
CA LYS A 29 -9.70 16.47 -3.55
C LYS A 29 -8.41 16.47 -2.74
N ASP A 30 -7.57 17.46 -3.02
CA ASP A 30 -6.34 17.76 -2.31
C ASP A 30 -5.50 16.50 -2.07
N SER A 31 -5.41 15.65 -3.10
CA SER A 31 -4.53 14.51 -3.06
C SER A 31 -3.10 14.90 -3.40
N GLU A 32 -2.16 14.17 -2.82
CA GLU A 32 -0.73 14.25 -3.10
C GLU A 32 -0.20 12.84 -3.31
N LEU A 33 0.93 12.77 -4.03
CA LEU A 33 1.45 11.58 -4.68
C LEU A 33 2.93 11.41 -4.33
N LYS A 34 3.30 10.31 -3.68
CA LYS A 34 4.62 10.12 -3.09
C LYS A 34 5.14 8.71 -3.39
N GLU A 35 6.45 8.58 -3.59
CA GLU A 35 7.14 7.35 -4.02
C GLU A 35 7.77 6.68 -2.79
N VAL A 36 7.29 5.48 -2.43
CA VAL A 36 7.88 4.66 -1.38
C VAL A 36 8.97 3.80 -2.03
N LYS A 37 10.02 3.45 -1.27
CA LYS A 37 11.15 2.61 -1.64
C LYS A 37 11.34 1.56 -0.52
N VAL A 38 12.30 0.65 -0.65
CA VAL A 38 12.63 -0.32 0.39
C VAL A 38 14.05 -0.03 0.90
N SER A 39 14.27 -0.21 2.22
CA SER A 39 15.60 -0.17 2.80
C SER A 39 16.47 -1.28 2.21
N GLU A 40 17.77 -1.22 2.46
CA GLU A 40 18.74 -2.27 2.25
C GLU A 40 19.67 -2.28 3.47
N GLY A 41 20.32 -3.41 3.74
CA GLY A 41 21.33 -3.53 4.79
C GLY A 41 22.74 -3.42 4.22
N THR A 42 22.90 -3.71 2.93
CA THR A 42 24.08 -3.53 2.12
C THR A 42 23.63 -3.62 0.65
N PHE A 43 24.50 -3.27 -0.29
CA PHE A 43 24.39 -3.58 -1.70
C PHE A 43 25.77 -3.38 -2.34
N ASP A 44 25.91 -3.69 -3.62
CA ASP A 44 26.94 -3.06 -4.45
C ASP A 44 26.40 -2.79 -5.86
N ALA A 45 26.17 -3.82 -6.69
CA ALA A 45 25.70 -3.66 -8.06
C ALA A 45 24.66 -4.74 -8.36
N ASP A 46 23.51 -4.68 -7.70
CA ASP A 46 22.65 -5.85 -7.48
C ASP A 46 21.29 -5.74 -8.20
N MET A 47 20.74 -4.54 -8.32
CA MET A 47 19.39 -4.23 -8.80
C MET A 47 18.30 -5.14 -8.20
N TYR A 48 17.95 -4.84 -6.94
CA TYR A 48 16.90 -5.43 -6.11
C TYR A 48 17.14 -6.90 -5.75
N LYS A 49 16.88 -7.26 -4.50
CA LYS A 49 17.09 -8.61 -3.99
C LYS A 49 15.92 -9.04 -3.09
N THR A 50 14.71 -8.71 -3.52
CA THR A 50 13.46 -8.88 -2.78
C THR A 50 12.29 -9.04 -3.78
N SER A 51 12.22 -8.16 -4.77
CA SER A 51 10.99 -7.80 -5.46
C SER A 51 10.46 -8.87 -6.44
N ASP A 52 11.08 -10.04 -6.54
CA ASP A 52 11.01 -10.87 -7.74
C ASP A 52 10.31 -12.22 -7.55
N ILE A 53 10.28 -12.83 -6.36
CA ILE A 53 9.74 -14.19 -6.19
C ILE A 53 8.37 -14.14 -5.53
N ALA A 54 7.55 -15.17 -5.76
CA ALA A 54 6.22 -15.27 -5.20
C ALA A 54 6.28 -15.66 -3.72
N LEU A 55 6.99 -16.72 -3.37
CA LEU A 55 7.15 -17.17 -1.98
C LEU A 55 8.35 -16.45 -1.37
N ASP A 56 8.32 -15.12 -1.27
CA ASP A 56 9.43 -14.36 -0.67
C ASP A 56 9.37 -14.52 0.87
N GLN A 57 8.60 -13.71 1.60
CA GLN A 57 8.51 -13.81 3.06
C GLN A 57 7.07 -14.09 3.53
N ILE A 58 6.62 -15.31 3.24
CA ILE A 58 5.31 -15.83 3.64
C ILE A 58 5.56 -16.99 4.59
N GLN A 59 6.12 -18.07 4.07
CA GLN A 59 6.10 -19.40 4.63
C GLN A 59 7.54 -19.87 4.73
N GLY A 60 7.98 -20.19 5.94
CA GLY A 60 9.35 -20.60 6.17
C GLY A 60 10.36 -19.47 6.01
N ASN A 61 9.93 -18.23 5.70
CA ASN A 61 10.76 -17.03 5.81
C ASN A 61 9.94 -16.05 6.64
N LYS A 62 10.56 -15.39 7.63
CA LYS A 62 9.93 -14.42 8.52
C LYS A 62 10.88 -13.24 8.75
N ASP A 63 10.38 -12.17 9.36
CA ASP A 63 11.02 -10.86 9.60
C ASP A 63 11.09 -10.04 8.33
N PHE A 64 10.06 -9.20 8.10
CA PHE A 64 9.87 -8.38 6.90
C PHE A 64 11.08 -7.46 6.63
N PRO A 65 11.23 -6.92 5.40
CA PRO A 65 12.21 -5.87 5.14
C PRO A 65 11.77 -4.54 5.73
N GLU A 66 12.72 -3.62 5.90
CA GLU A 66 12.45 -2.23 6.23
C GLU A 66 12.13 -1.45 4.96
N ILE A 67 11.68 -0.21 5.12
CA ILE A 67 11.14 0.60 4.04
C ILE A 67 11.83 1.98 4.01
N GLN A 68 11.67 2.74 2.94
CA GLN A 68 12.13 4.13 2.87
C GLN A 68 11.05 5.00 2.23
N LEU A 69 10.98 6.23 2.72
CA LEU A 69 10.06 7.26 2.27
C LEU A 69 10.61 8.63 2.64
N ASP A 70 9.88 9.69 2.31
CA ASP A 70 10.24 11.07 2.62
C ASP A 70 9.80 11.49 4.03
N ASN A 71 10.04 12.74 4.42
CA ASN A 71 9.79 13.23 5.79
C ASN A 71 8.30 13.56 6.00
N ILE A 72 7.43 12.59 5.78
CA ILE A 72 6.00 12.76 5.64
C ILE A 72 5.35 12.50 7.00
N ASP A 73 4.43 13.38 7.41
CA ASP A 73 3.67 13.26 8.64
C ASP A 73 2.25 12.88 8.28
N TYR A 74 1.84 11.65 8.56
CA TYR A 74 0.49 11.15 8.23
C TYR A 74 -0.60 12.00 8.89
N ASN A 75 -0.29 12.65 10.00
CA ASN A 75 -1.17 13.58 10.72
C ASN A 75 -1.61 14.75 9.83
N ASN A 76 -0.89 15.06 8.75
CA ASN A 76 -1.16 16.19 7.87
C ASN A 76 -2.14 15.83 6.73
N TYR A 77 -2.80 14.66 6.78
CA TYR A 77 -3.80 14.27 5.79
C TYR A 77 -5.01 13.67 6.50
N ASP A 78 -6.13 13.55 5.78
CA ASP A 78 -7.40 13.00 6.32
C ASP A 78 -7.89 11.76 5.57
N LEU A 79 -7.20 11.38 4.49
CA LEU A 79 -7.52 10.24 3.64
C LEU A 79 -6.20 9.63 3.18
N ILE A 80 -6.06 8.32 3.15
CA ILE A 80 -4.83 7.65 2.70
C ILE A 80 -5.19 6.49 1.77
N LEU A 81 -4.58 6.45 0.58
CA LEU A 81 -4.56 5.29 -0.30
C LEU A 81 -3.21 4.62 -0.20
N ILE A 82 -3.22 3.31 -0.44
CA ILE A 82 -2.05 2.46 -0.53
C ILE A 82 -2.24 1.56 -1.76
N GLY A 83 -1.17 1.20 -2.47
CA GLY A 83 -1.24 0.24 -3.58
C GLY A 83 -0.13 -0.81 -3.53
N SER A 84 -0.39 -2.03 -4.02
CA SER A 84 0.56 -3.15 -4.04
C SER A 84 0.08 -4.26 -5.01
N PRO A 85 0.98 -5.06 -5.63
CA PRO A 85 0.60 -6.17 -6.50
C PRO A 85 0.03 -7.38 -5.72
N VAL A 86 -0.64 -8.30 -6.43
CA VAL A 86 -1.25 -9.50 -5.85
C VAL A 86 -1.22 -10.57 -6.94
N TRP A 87 -0.68 -11.76 -6.66
CA TRP A 87 -0.84 -12.87 -7.60
C TRP A 87 -0.83 -14.26 -6.99
N SER A 88 -0.49 -14.37 -5.72
CA SER A 88 -0.56 -15.61 -4.94
C SER A 88 -1.23 -15.34 -3.59
N GLY A 89 -2.13 -14.36 -3.55
CA GLY A 89 -2.92 -14.03 -2.37
C GLY A 89 -2.19 -13.00 -1.52
N TYR A 90 -0.89 -13.20 -1.25
CA TYR A 90 -0.02 -12.26 -0.57
C TYR A 90 1.40 -12.54 -1.06
N PRO A 91 1.82 -12.00 -2.22
CA PRO A 91 3.15 -12.24 -2.76
C PRO A 91 4.22 -11.40 -2.04
N ALA A 92 3.84 -10.22 -1.54
CA ALA A 92 4.76 -9.17 -1.12
C ALA A 92 4.40 -8.69 0.27
N THR A 93 5.35 -8.11 0.99
CA THR A 93 5.11 -7.46 2.28
C THR A 93 5.80 -6.08 2.35
N PRO A 94 5.59 -5.18 1.36
CA PRO A 94 5.86 -3.78 1.59
C PRO A 94 4.82 -3.24 2.58
N ILE A 95 3.56 -3.64 2.42
CA ILE A 95 2.48 -3.05 3.19
C ILE A 95 2.23 -3.96 4.40
N LYS A 96 3.24 -3.94 5.24
CA LYS A 96 3.26 -4.46 6.59
C LYS A 96 3.90 -3.37 7.42
N THR A 97 5.16 -3.05 7.12
CA THR A 97 5.96 -2.11 7.88
C THR A 97 5.31 -0.71 7.92
N LEU A 98 4.80 -0.21 6.79
CA LEU A 98 4.17 1.12 6.71
C LEU A 98 2.99 1.21 7.68
N LEU A 99 2.14 0.19 7.69
CA LEU A 99 0.92 0.14 8.51
C LEU A 99 1.26 0.41 9.97
N ASP A 100 2.34 -0.20 10.47
CA ASP A 100 2.76 -0.05 11.87
C ASP A 100 3.48 1.28 12.14
N GLN A 101 3.71 2.09 11.10
CA GLN A 101 4.09 3.50 11.22
C GLN A 101 2.87 4.43 11.19
N MET A 102 1.67 3.95 10.82
CA MET A 102 0.45 4.77 10.77
C MET A 102 -0.37 4.69 12.06
N LYS A 103 0.19 4.16 13.17
CA LYS A 103 -0.52 3.91 14.43
C LYS A 103 -1.37 5.11 14.82
N ASN A 104 -0.80 6.31 14.71
CA ASN A 104 -1.38 7.58 15.13
C ASN A 104 -1.72 8.43 13.91
N TYR A 105 -2.49 7.85 12.99
CA TYR A 105 -3.23 8.54 11.94
C TYR A 105 -4.70 8.79 12.35
N ARG A 106 -5.39 9.70 11.65
CA ARG A 106 -6.80 10.06 11.83
C ARG A 106 -7.41 10.18 10.44
N GLY A 107 -8.61 9.65 10.24
CA GLY A 107 -9.29 9.69 8.96
C GLY A 107 -9.57 8.28 8.47
N GLU A 108 -9.21 7.99 7.22
CA GLU A 108 -9.74 6.89 6.44
C GLU A 108 -8.61 6.26 5.64
N VAL A 109 -8.39 4.95 5.79
CA VAL A 109 -7.42 4.25 4.95
C VAL A 109 -8.14 3.30 3.99
N ALA A 110 -7.79 3.32 2.71
CA ALA A 110 -8.10 2.26 1.75
C ALA A 110 -6.81 1.79 1.10
N SER A 111 -6.85 0.63 0.45
CA SER A 111 -5.66 -0.01 -0.08
C SER A 111 -6.05 -0.82 -1.32
N PHE A 112 -5.90 -0.25 -2.51
CA PHE A 112 -6.41 -0.77 -3.77
C PHE A 112 -5.41 -1.73 -4.40
N PHE A 113 -5.83 -2.71 -5.22
CA PHE A 113 -4.91 -3.61 -5.92
C PHE A 113 -5.07 -3.56 -7.43
N THR A 114 -3.96 -3.83 -8.13
CA THR A 114 -3.86 -3.81 -9.58
C THR A 114 -4.13 -5.17 -10.24
N SER A 115 -4.15 -6.26 -9.47
CA SER A 115 -4.09 -7.63 -9.99
C SER A 115 -4.94 -8.56 -9.14
N ALA A 116 -5.61 -9.53 -9.77
CA ALA A 116 -6.68 -10.32 -9.14
C ALA A 116 -6.77 -11.76 -9.68
N GLY A 117 -5.89 -12.14 -10.60
CA GLY A 117 -6.09 -13.17 -11.61
C GLY A 117 -6.76 -14.42 -11.08
N THR A 118 -6.10 -15.08 -10.12
CA THR A 118 -6.60 -16.28 -9.48
C THR A 118 -6.61 -16.09 -7.95
N ASN A 119 -6.37 -14.87 -7.46
CA ASN A 119 -6.39 -14.53 -6.05
C ASN A 119 -7.03 -13.17 -5.88
N HIS A 120 -8.32 -13.17 -5.58
CA HIS A 120 -9.14 -11.98 -5.38
C HIS A 120 -9.75 -12.08 -3.98
N LYS A 121 -10.67 -13.02 -3.76
CA LYS A 121 -11.36 -13.18 -2.48
C LYS A 121 -10.39 -13.39 -1.33
N ALA A 122 -9.29 -14.13 -1.52
CA ALA A 122 -8.28 -14.31 -0.49
C ALA A 122 -7.71 -12.98 -0.01
N TYR A 123 -7.33 -12.11 -0.95
CA TYR A 123 -6.58 -10.89 -0.66
C TYR A 123 -7.36 -9.98 0.30
N VAL A 124 -8.67 -9.83 0.08
CA VAL A 124 -9.54 -9.01 0.92
C VAL A 124 -9.50 -9.52 2.38
N SER A 125 -9.43 -10.83 2.60
CA SER A 125 -9.28 -11.44 3.91
C SER A 125 -7.86 -11.24 4.43
N HIS A 126 -6.85 -11.60 3.64
CA HIS A 126 -5.44 -11.50 4.02
C HIS A 126 -5.11 -10.12 4.57
N PHE A 127 -5.59 -9.08 3.89
CA PHE A 127 -5.34 -7.70 4.28
C PHE A 127 -6.06 -7.32 5.57
N ASN A 128 -7.24 -7.90 5.88
CA ASN A 128 -7.91 -7.67 7.16
C ASN A 128 -6.96 -8.04 8.30
N GLU A 129 -6.31 -9.19 8.18
CA GLU A 129 -5.44 -9.71 9.22
C GLU A 129 -4.19 -8.83 9.36
N TRP A 130 -3.59 -8.45 8.23
CA TRP A 130 -2.33 -7.72 8.19
C TRP A 130 -2.51 -6.22 8.48
N ALA A 131 -3.75 -5.73 8.61
CA ALA A 131 -4.04 -4.32 8.87
C ALA A 131 -4.64 -4.08 10.26
N ASP A 132 -5.01 -5.14 10.97
CA ASP A 132 -5.69 -5.14 12.26
C ASP A 132 -5.07 -4.13 13.23
N GLY A 133 -5.79 -3.05 13.47
CA GLY A 133 -5.34 -1.92 14.29
C GLY A 133 -5.54 -0.56 13.62
N LEU A 134 -5.97 -0.49 12.36
CA LEU A 134 -6.26 0.75 11.67
C LEU A 134 -7.61 0.67 10.97
N ASN A 135 -8.29 1.81 10.90
CA ASN A 135 -9.55 2.00 10.21
C ASN A 135 -9.42 1.75 8.71
N VAL A 136 -9.85 0.58 8.24
CA VAL A 136 -9.94 0.27 6.81
C VAL A 136 -11.37 0.60 6.39
N ILE A 137 -11.52 1.35 5.30
CA ILE A 137 -12.81 1.71 4.73
C ILE A 137 -12.92 1.33 3.25
N GLY A 138 -11.96 0.59 2.69
CA GLY A 138 -12.05 0.19 1.28
C GLY A 138 -10.97 -0.80 0.90
N VAL A 139 -11.39 -1.96 0.43
CA VAL A 139 -10.51 -3.00 -0.10
C VAL A 139 -11.17 -3.46 -1.40
N ALA A 140 -10.88 -2.76 -2.51
CA ALA A 140 -11.38 -3.04 -3.85
C ALA A 140 -10.21 -3.21 -4.83
N ARG A 141 -10.44 -3.83 -5.99
CA ARG A 141 -9.56 -3.73 -7.15
C ARG A 141 -9.69 -2.32 -7.70
N ASP A 142 -8.55 -1.79 -8.14
CA ASP A 142 -8.37 -0.61 -9.00
C ASP A 142 -9.23 0.60 -8.60
N ASP A 143 -9.49 1.51 -9.56
CA ASP A 143 -10.22 2.76 -9.39
C ASP A 143 -11.74 2.57 -9.21
N SER A 144 -12.22 1.34 -9.07
CA SER A 144 -13.63 1.00 -9.02
C SER A 144 -14.44 1.70 -7.91
N GLU A 145 -13.84 2.32 -6.88
CA GLU A 145 -14.58 2.81 -5.71
C GLU A 145 -14.11 4.20 -5.25
N VAL A 146 -13.30 4.92 -6.04
CA VAL A 146 -12.60 6.14 -5.65
C VAL A 146 -13.52 7.24 -5.09
N ASP A 147 -14.79 7.28 -5.51
CA ASP A 147 -15.67 8.39 -5.14
C ASP A 147 -16.07 8.23 -3.68
N LYS A 148 -16.20 6.96 -3.29
CA LYS A 148 -16.61 6.51 -2.00
C LYS A 148 -15.63 6.88 -0.93
N TRP A 149 -14.34 6.93 -1.27
CA TRP A 149 -13.33 7.25 -0.28
C TRP A 149 -12.83 8.68 -0.50
N SER A 150 -13.56 9.51 -1.24
CA SER A 150 -13.24 10.91 -1.47
C SER A 150 -14.35 11.77 -0.87
N LYS A 151 -15.61 11.39 -1.06
CA LYS A 151 -16.81 12.08 -0.62
C LYS A 151 -16.76 12.53 0.84
N GLY A 1 -9.26 20.11 11.60
CA GLY A 1 -8.95 20.72 10.31
C GLY A 1 -10.21 21.23 9.64
N MET A 2 -10.09 21.70 8.39
CA MET A 2 -11.20 22.09 7.54
C MET A 2 -10.86 21.85 6.07
N ALA A 3 -10.10 20.77 5.82
CA ALA A 3 -9.75 20.26 4.51
C ALA A 3 -9.45 18.77 4.66
N LYS A 4 -10.29 17.90 4.10
CA LYS A 4 -10.03 16.47 4.03
C LYS A 4 -8.92 16.21 3.00
N LYS A 5 -7.66 16.32 3.41
CA LYS A 5 -6.51 16.03 2.59
C LYS A 5 -6.44 14.56 2.24
N THR A 6 -5.64 14.23 1.23
CA THR A 6 -5.52 12.87 0.73
C THR A 6 -4.07 12.55 0.35
N LEU A 7 -3.63 11.31 0.52
CA LEU A 7 -2.35 10.81 0.01
C LEU A 7 -2.61 9.47 -0.68
N ILE A 8 -1.74 9.13 -1.61
CA ILE A 8 -1.73 7.86 -2.33
C ILE A 8 -0.30 7.36 -2.20
N LEU A 9 -0.11 6.22 -1.54
CA LEU A 9 1.18 5.58 -1.30
C LEU A 9 1.18 4.22 -1.96
N TYR A 10 1.76 4.15 -3.15
CA TYR A 10 1.87 2.91 -3.90
C TYR A 10 3.30 2.38 -3.80
N TYR A 11 3.44 1.07 -3.56
CA TYR A 11 4.71 0.37 -3.78
C TYR A 11 4.58 -0.41 -5.08
N SER A 12 5.66 -0.39 -5.85
CA SER A 12 5.94 -1.24 -6.98
C SER A 12 7.46 -1.27 -7.13
N TRP A 13 7.96 -2.06 -8.08
CA TRP A 13 9.35 -2.07 -8.46
C TRP A 13 9.47 -1.89 -9.97
N SER A 14 8.81 -2.73 -10.77
CA SER A 14 8.73 -2.53 -12.22
C SER A 14 7.75 -1.43 -12.61
N GLY A 15 7.07 -0.76 -11.68
CA GLY A 15 6.03 0.20 -12.03
C GLY A 15 4.77 -0.57 -12.38
N GLU A 16 3.97 -0.87 -11.36
CA GLU A 16 2.72 -1.62 -11.49
C GLU A 16 1.60 -0.66 -11.07
N THR A 17 1.37 -0.53 -9.77
CA THR A 17 0.33 0.30 -9.18
C THR A 17 0.46 1.78 -9.57
N LYS A 18 1.67 2.24 -9.96
CA LYS A 18 1.94 3.61 -10.37
C LYS A 18 0.87 4.13 -11.32
N LYS A 19 0.65 3.43 -12.44
CA LYS A 19 -0.25 3.93 -13.48
C LYS A 19 -1.66 4.19 -12.93
N MET A 20 -2.11 3.39 -11.97
CA MET A 20 -3.39 3.53 -11.32
C MET A 20 -3.37 4.64 -10.26
N ALA A 21 -2.29 4.72 -9.48
CA ALA A 21 -2.11 5.71 -8.42
C ALA A 21 -2.19 7.14 -8.95
N GLU A 22 -1.42 7.43 -10.00
CA GLU A 22 -1.27 8.78 -10.53
C GLU A 22 -2.59 9.31 -11.06
N LYS A 23 -3.41 8.40 -11.60
CA LYS A 23 -4.77 8.66 -12.02
C LYS A 23 -5.55 9.34 -10.90
N ILE A 24 -5.75 8.64 -9.79
CA ILE A 24 -6.58 9.03 -8.67
C ILE A 24 -6.12 10.36 -8.07
N ASN A 25 -4.80 10.63 -8.03
CA ASN A 25 -4.30 11.91 -7.54
C ASN A 25 -4.97 13.08 -8.26
N SER A 26 -5.14 12.94 -9.57
CA SER A 26 -5.74 13.94 -10.44
C SER A 26 -7.25 14.13 -10.24
N GLU A 27 -7.95 13.20 -9.58
CA GLU A 27 -9.40 13.11 -9.49
C GLU A 27 -9.92 13.37 -8.07
N ILE A 28 -9.09 13.97 -7.21
CA ILE A 28 -9.40 14.38 -5.84
C ILE A 28 -8.89 15.83 -5.72
N LYS A 29 -9.31 16.54 -4.67
CA LYS A 29 -8.80 17.87 -4.35
C LYS A 29 -8.05 17.81 -3.03
N ASP A 30 -6.93 18.52 -2.96
CA ASP A 30 -5.96 18.53 -1.87
C ASP A 30 -5.35 17.13 -1.67
N SER A 31 -5.28 16.34 -2.74
CA SER A 31 -4.60 15.06 -2.83
C SER A 31 -3.10 15.24 -3.07
N GLU A 32 -2.32 14.25 -2.66
CA GLU A 32 -0.92 14.06 -3.01
C GLU A 32 -0.68 12.63 -3.47
N LEU A 33 0.50 12.41 -4.01
CA LEU A 33 1.01 11.17 -4.52
C LEU A 33 2.47 11.03 -4.11
N LYS A 34 2.83 9.88 -3.54
CA LYS A 34 4.21 9.50 -3.25
C LYS A 34 4.36 8.03 -3.61
N GLU A 35 5.56 7.65 -4.04
CA GLU A 35 5.90 6.25 -4.12
C GLU A 35 6.28 5.74 -2.74
N VAL A 36 6.48 4.44 -2.65
CA VAL A 36 7.18 3.77 -1.58
C VAL A 36 8.27 2.90 -2.25
N LYS A 37 9.31 2.51 -1.50
CA LYS A 37 10.43 1.66 -1.91
C LYS A 37 10.68 0.62 -0.81
N VAL A 38 11.80 -0.11 -0.87
CA VAL A 38 12.25 -1.06 0.12
C VAL A 38 13.74 -0.84 0.41
N SER A 39 14.20 -1.19 1.62
CA SER A 39 15.61 -1.27 1.94
C SER A 39 16.27 -2.40 1.14
N GLU A 40 17.60 -2.37 1.06
CA GLU A 40 18.41 -3.54 0.71
C GLU A 40 18.51 -4.48 1.92
N GLY A 41 19.23 -5.59 1.78
CA GLY A 41 19.78 -6.32 2.93
C GLY A 41 18.88 -7.47 3.40
N THR A 42 19.28 -8.68 3.05
CA THR A 42 18.66 -9.94 3.47
C THR A 42 19.71 -10.99 3.86
N PHE A 43 20.90 -10.96 3.24
CA PHE A 43 21.87 -12.05 3.30
C PHE A 43 23.32 -11.60 3.12
N ASP A 44 23.63 -10.32 3.42
CA ASP A 44 24.97 -9.73 3.28
C ASP A 44 25.35 -9.66 1.80
N ALA A 45 24.59 -8.86 1.04
CA ALA A 45 24.73 -8.62 -0.39
C ALA A 45 23.84 -7.44 -0.79
N ASP A 46 24.06 -6.90 -2.00
CA ASP A 46 23.08 -6.15 -2.77
C ASP A 46 22.79 -6.96 -4.01
N MET A 47 21.70 -7.71 -4.00
CA MET A 47 21.15 -8.36 -5.17
C MET A 47 19.68 -8.67 -4.89
N TYR A 48 18.88 -8.62 -5.96
CA TYR A 48 17.43 -8.74 -5.97
C TYR A 48 16.95 -9.89 -5.09
N LYS A 49 16.31 -9.58 -3.96
CA LYS A 49 15.75 -10.62 -3.10
C LYS A 49 14.56 -10.11 -2.27
N THR A 50 13.79 -9.19 -2.84
CA THR A 50 12.87 -8.35 -2.08
C THR A 50 11.52 -8.28 -2.80
N SER A 51 11.51 -7.73 -4.01
CA SER A 51 10.30 -7.41 -4.77
C SER A 51 9.82 -8.57 -5.65
N ASP A 52 9.95 -9.83 -5.21
CA ASP A 52 9.45 -10.98 -5.98
C ASP A 52 7.93 -11.08 -5.94
N ILE A 53 7.39 -12.06 -6.68
CA ILE A 53 5.97 -12.37 -6.74
C ILE A 53 5.81 -13.91 -6.78
N ALA A 54 5.55 -14.55 -5.65
CA ALA A 54 5.12 -15.96 -5.57
C ALA A 54 4.64 -16.26 -4.14
N LEU A 55 4.69 -17.53 -3.72
CA LEU A 55 4.55 -17.97 -2.33
C LEU A 55 5.77 -17.64 -1.47
N ASP A 56 6.86 -17.12 -2.04
CA ASP A 56 8.04 -16.88 -1.21
C ASP A 56 7.75 -15.73 -0.24
N GLN A 57 8.49 -15.69 0.87
CA GLN A 57 8.28 -14.77 1.99
C GLN A 57 6.92 -15.02 2.70
N ILE A 58 6.16 -16.06 2.32
CA ILE A 58 4.96 -16.48 3.04
C ILE A 58 5.33 -17.68 3.92
N GLN A 59 5.30 -18.90 3.37
CA GLN A 59 5.21 -20.12 4.16
C GLN A 59 6.51 -20.40 4.91
N GLY A 60 6.46 -20.33 6.24
CA GLY A 60 7.60 -20.59 7.10
C GLY A 60 8.59 -19.42 7.17
N ASN A 61 8.37 -18.34 6.41
CA ASN A 61 9.12 -17.11 6.65
C ASN A 61 8.50 -16.37 7.86
N LYS A 62 9.20 -15.40 8.44
CA LYS A 62 8.72 -14.57 9.55
C LYS A 62 9.51 -13.27 9.69
N ASP A 63 10.32 -12.87 8.71
CA ASP A 63 11.05 -11.61 8.73
C ASP A 63 10.81 -10.97 7.37
N PHE A 64 9.83 -10.07 7.33
CA PHE A 64 9.55 -9.29 6.14
C PHE A 64 10.58 -8.16 6.01
N PRO A 65 10.94 -7.74 4.79
CA PRO A 65 11.89 -6.66 4.60
C PRO A 65 11.30 -5.31 5.03
N GLU A 66 12.18 -4.36 5.34
CA GLU A 66 11.82 -2.98 5.62
C GLU A 66 11.39 -2.29 4.32
N ILE A 67 10.61 -1.21 4.48
CA ILE A 67 10.35 -0.28 3.39
C ILE A 67 11.47 0.76 3.31
N GLN A 68 11.42 1.60 2.29
CA GLN A 68 12.00 2.94 2.24
C GLN A 68 10.93 3.88 1.74
N LEU A 69 11.05 5.15 2.09
CA LEU A 69 10.15 6.24 1.70
C LEU A 69 10.75 7.56 2.17
N ASP A 70 10.05 8.65 1.87
CA ASP A 70 10.34 10.03 2.27
C ASP A 70 10.18 10.24 3.79
N ASN A 71 10.31 11.47 4.29
CA ASN A 71 9.76 11.84 5.60
C ASN A 71 8.29 12.15 5.40
N ILE A 72 7.47 11.11 5.47
CA ILE A 72 6.02 11.25 5.37
C ILE A 72 5.48 11.26 6.79
N ASP A 73 4.74 12.31 7.12
CA ASP A 73 3.97 12.38 8.35
C ASP A 73 2.52 12.17 7.93
N TYR A 74 1.94 11.05 8.33
CA TYR A 74 0.66 10.59 7.83
C TYR A 74 -0.49 11.44 8.36
N ASN A 75 -0.31 12.11 9.50
CA ASN A 75 -1.37 12.79 10.26
C ASN A 75 -2.10 13.85 9.45
N ASN A 76 -1.37 14.52 8.57
CA ASN A 76 -1.89 15.65 7.82
C ASN A 76 -2.62 15.25 6.53
N TYR A 77 -3.00 13.97 6.40
CA TYR A 77 -3.89 13.51 5.33
C TYR A 77 -5.10 12.85 5.98
N ASP A 78 -6.31 13.32 5.65
CA ASP A 78 -7.57 12.79 6.17
C ASP A 78 -7.95 11.46 5.50
N LEU A 79 -7.25 11.11 4.42
CA LEU A 79 -7.58 10.02 3.53
C LEU A 79 -6.26 9.45 3.03
N ILE A 80 -6.04 8.13 3.11
CA ILE A 80 -4.81 7.52 2.61
C ILE A 80 -5.19 6.25 1.85
N LEU A 81 -4.82 6.22 0.56
CA LEU A 81 -4.88 5.06 -0.30
C LEU A 81 -3.52 4.37 -0.30
N ILE A 82 -3.54 3.05 -0.27
CA ILE A 82 -2.37 2.19 -0.04
C ILE A 82 -2.37 1.15 -1.17
N GLY A 83 -1.39 1.18 -2.08
CA GLY A 83 -1.47 0.43 -3.34
C GLY A 83 -0.51 -0.75 -3.37
N SER A 84 -1.01 -1.97 -3.67
CA SER A 84 -0.16 -3.16 -3.79
C SER A 84 -0.60 -4.14 -4.91
N PRO A 85 0.34 -4.91 -5.50
CA PRO A 85 0.07 -5.98 -6.46
C PRO A 85 -0.32 -7.30 -5.76
N VAL A 86 -0.87 -8.27 -6.49
CA VAL A 86 -1.35 -9.55 -5.93
C VAL A 86 -1.17 -10.63 -7.00
N TRP A 87 -0.77 -11.83 -6.56
CA TRP A 87 -0.55 -12.97 -7.48
C TRP A 87 -0.50 -14.34 -6.81
N SER A 88 -0.25 -14.41 -5.51
CA SER A 88 -0.29 -15.64 -4.74
C SER A 88 -0.81 -15.36 -3.32
N GLY A 89 -1.82 -14.50 -3.22
CA GLY A 89 -2.47 -14.05 -2.00
C GLY A 89 -1.67 -12.97 -1.29
N TYR A 90 -0.37 -13.20 -1.12
CA TYR A 90 0.52 -12.39 -0.30
C TYR A 90 1.90 -12.35 -0.95
N PRO A 91 2.01 -11.97 -2.24
CA PRO A 91 3.27 -12.08 -2.98
C PRO A 91 4.32 -11.05 -2.55
N ALA A 92 3.95 -10.11 -1.69
CA ALA A 92 4.76 -8.98 -1.29
C ALA A 92 4.39 -8.68 0.16
N THR A 93 5.22 -7.91 0.86
CA THR A 93 4.95 -7.38 2.19
C THR A 93 5.31 -5.88 2.25
N PRO A 94 4.82 -5.04 1.32
CA PRO A 94 5.02 -3.58 1.37
C PRO A 94 3.95 -2.90 2.19
N ILE A 95 2.94 -3.65 2.64
CA ILE A 95 1.87 -3.15 3.48
C ILE A 95 1.95 -3.98 4.77
N LYS A 96 3.06 -3.82 5.49
CA LYS A 96 3.28 -4.40 6.80
C LYS A 96 4.07 -3.50 7.75
N THR A 97 5.26 -3.03 7.38
CA THR A 97 5.95 -1.99 8.15
C THR A 97 5.10 -0.72 8.13
N LEU A 98 4.64 -0.29 6.95
CA LEU A 98 3.97 1.00 6.77
C LEU A 98 2.89 1.22 7.83
N LEU A 99 2.00 0.26 8.01
CA LEU A 99 0.93 0.27 9.01
C LEU A 99 1.40 0.62 10.41
N ASP A 100 2.54 0.05 10.82
CA ASP A 100 3.10 0.29 12.15
C ASP A 100 3.65 1.72 12.30
N GLN A 101 4.05 2.33 11.19
CA GLN A 101 4.48 3.72 11.19
C GLN A 101 3.24 4.60 11.36
N MET A 102 2.16 4.27 10.65
CA MET A 102 0.87 4.98 10.64
C MET A 102 0.07 4.83 11.95
N LYS A 103 0.66 4.35 13.04
CA LYS A 103 -0.04 4.10 14.31
C LYS A 103 -0.66 5.36 14.94
N ASN A 104 -0.46 6.55 14.39
CA ASN A 104 -1.00 7.81 14.89
C ASN A 104 -1.80 8.53 13.81
N TYR A 105 -2.17 7.84 12.72
CA TYR A 105 -2.97 8.38 11.62
C TYR A 105 -4.29 8.97 12.12
N ARG A 106 -4.85 9.88 11.32
CA ARG A 106 -6.11 10.58 11.52
C ARG A 106 -6.81 10.63 10.18
N GLY A 107 -7.41 9.52 9.74
CA GLY A 107 -8.02 9.50 8.43
C GLY A 107 -8.67 8.16 8.13
N GLU A 108 -9.05 7.95 6.88
CA GLU A 108 -9.73 6.76 6.40
C GLU A 108 -8.79 5.96 5.52
N VAL A 109 -8.91 4.63 5.53
CA VAL A 109 -7.90 3.74 4.97
C VAL A 109 -8.54 2.84 3.92
N ALA A 110 -7.96 2.88 2.72
CA ALA A 110 -8.35 2.03 1.60
C ALA A 110 -7.07 1.44 1.00
N SER A 111 -7.18 0.23 0.45
CA SER A 111 -6.05 -0.63 0.10
C SER A 111 -6.34 -1.19 -1.29
N PHE A 112 -5.81 -0.54 -2.31
CA PHE A 112 -6.25 -0.70 -3.68
C PHE A 112 -5.31 -1.66 -4.41
N PHE A 113 -5.86 -2.57 -5.22
CA PHE A 113 -5.08 -3.60 -5.91
C PHE A 113 -5.25 -3.58 -7.42
N THR A 114 -4.21 -3.97 -8.16
CA THR A 114 -4.11 -3.77 -9.61
C THR A 114 -3.73 -5.06 -10.36
N SER A 115 -3.74 -6.21 -9.69
CA SER A 115 -3.48 -7.50 -10.28
C SER A 115 -4.47 -8.47 -9.65
N ALA A 116 -5.39 -9.02 -10.43
CA ALA A 116 -6.62 -9.64 -9.93
C ALA A 116 -6.88 -11.06 -10.46
N GLY A 117 -6.02 -11.59 -11.33
CA GLY A 117 -6.31 -12.78 -12.13
C GLY A 117 -6.74 -13.98 -11.28
N THR A 118 -5.91 -14.36 -10.31
CA THR A 118 -6.05 -15.62 -9.59
C THR A 118 -6.30 -15.36 -8.08
N ASN A 119 -6.36 -14.09 -7.66
CA ASN A 119 -6.57 -13.70 -6.27
C ASN A 119 -7.41 -12.44 -6.21
N HIS A 120 -8.51 -12.49 -5.45
CA HIS A 120 -9.26 -11.33 -5.01
C HIS A 120 -9.59 -11.49 -3.53
N LYS A 121 -10.39 -12.48 -3.14
CA LYS A 121 -10.87 -12.63 -1.75
C LYS A 121 -9.73 -12.80 -0.74
N ALA A 122 -8.59 -13.36 -1.16
CA ALA A 122 -7.41 -13.45 -0.32
C ALA A 122 -6.86 -12.07 0.04
N TYR A 123 -6.90 -11.10 -0.89
CA TYR A 123 -6.32 -9.78 -0.69
C TYR A 123 -6.99 -9.06 0.49
N VAL A 124 -8.32 -9.14 0.56
CA VAL A 124 -9.12 -8.62 1.66
C VAL A 124 -8.59 -9.17 2.98
N SER A 125 -8.46 -10.50 3.06
CA SER A 125 -8.11 -11.21 4.25
C SER A 125 -6.66 -10.90 4.65
N HIS A 126 -5.76 -10.75 3.67
CA HIS A 126 -4.37 -10.43 3.83
C HIS A 126 -4.33 -9.10 4.54
N PHE A 127 -4.88 -8.07 3.88
CA PHE A 127 -4.75 -6.71 4.39
C PHE A 127 -5.33 -6.63 5.79
N ASN A 128 -6.48 -7.26 6.03
CA ASN A 128 -7.08 -7.25 7.35
C ASN A 128 -6.16 -7.91 8.39
N GLU A 129 -5.48 -9.01 8.10
CA GLU A 129 -4.54 -9.59 9.08
C GLU A 129 -3.34 -8.67 9.31
N TRP A 130 -2.86 -7.97 8.28
CA TRP A 130 -1.59 -7.29 8.35
C TRP A 130 -1.78 -5.80 8.57
N ALA A 131 -2.99 -5.36 8.85
CA ALA A 131 -3.34 -3.96 9.00
C ALA A 131 -4.48 -3.77 9.99
N ASP A 132 -4.63 -4.71 10.91
CA ASP A 132 -5.69 -4.69 11.91
C ASP A 132 -5.39 -3.63 12.98
N GLY A 133 -5.85 -2.43 12.71
CA GLY A 133 -5.88 -1.34 13.66
C GLY A 133 -6.52 -0.10 13.05
N LEU A 134 -6.33 0.10 11.75
CA LEU A 134 -6.70 1.34 11.09
C LEU A 134 -8.17 1.25 10.64
N ASN A 135 -8.76 2.40 10.32
CA ASN A 135 -10.15 2.51 9.88
C ASN A 135 -10.33 2.13 8.41
N VAL A 136 -10.52 0.84 8.14
CA VAL A 136 -10.63 0.31 6.78
C VAL A 136 -12.09 0.31 6.32
N ILE A 137 -12.37 0.84 5.12
CA ILE A 137 -13.73 0.93 4.58
C ILE A 137 -13.89 0.33 3.17
N GLY A 138 -12.83 -0.07 2.46
CA GLY A 138 -12.94 -0.67 1.13
C GLY A 138 -11.57 -0.89 0.49
N VAL A 139 -11.35 -2.05 -0.12
CA VAL A 139 -10.07 -2.53 -0.60
C VAL A 139 -10.23 -3.17 -1.99
N ALA A 140 -10.65 -2.33 -2.92
CA ALA A 140 -11.15 -2.72 -4.23
C ALA A 140 -10.09 -2.67 -5.31
N ARG A 141 -10.48 -3.13 -6.50
CA ARG A 141 -9.60 -3.14 -7.66
C ARG A 141 -9.60 -1.78 -8.35
N ASP A 142 -8.54 -1.53 -9.11
CA ASP A 142 -8.37 -0.38 -9.99
C ASP A 142 -8.67 0.92 -9.22
N ASP A 143 -9.07 2.00 -9.90
CA ASP A 143 -9.62 3.19 -9.25
C ASP A 143 -11.15 3.09 -9.10
N SER A 144 -11.72 1.90 -9.29
CA SER A 144 -13.13 1.68 -9.57
C SER A 144 -14.08 2.03 -8.42
N GLU A 145 -13.58 2.42 -7.23
CA GLU A 145 -14.40 2.77 -6.06
C GLU A 145 -13.86 4.02 -5.33
N VAL A 146 -13.12 4.90 -6.01
CA VAL A 146 -12.59 6.14 -5.42
C VAL A 146 -13.72 6.99 -4.82
N ASP A 147 -14.90 6.95 -5.44
CA ASP A 147 -16.09 7.73 -5.10
C ASP A 147 -16.63 7.39 -3.71
N LYS A 148 -16.17 6.31 -3.06
CA LYS A 148 -16.52 5.97 -1.68
C LYS A 148 -15.36 6.19 -0.72
N TRP A 149 -14.16 6.46 -1.22
CA TRP A 149 -12.97 6.75 -0.42
C TRP A 149 -12.63 8.24 -0.46
N SER A 150 -13.64 9.11 -0.47
CA SER A 150 -13.45 10.56 -0.48
C SER A 150 -14.73 11.28 -0.02
N LYS A 151 -15.92 10.74 -0.27
CA LYS A 151 -17.23 11.37 -0.01
C LYS A 151 -17.38 11.95 1.40
N GLY A 1 -11.38 23.55 12.27
CA GLY A 1 -10.77 23.31 10.96
C GLY A 1 -11.48 22.15 10.27
N MET A 2 -11.70 22.28 8.96
CA MET A 2 -12.29 21.24 8.13
C MET A 2 -11.60 21.29 6.78
N ALA A 3 -10.80 20.27 6.51
CA ALA A 3 -9.94 20.11 5.35
C ALA A 3 -9.57 18.64 5.36
N LYS A 4 -10.05 17.89 4.38
CA LYS A 4 -9.88 16.45 4.32
C LYS A 4 -8.88 16.16 3.22
N LYS A 5 -7.58 16.30 3.52
CA LYS A 5 -6.60 16.02 2.48
C LYS A 5 -6.55 14.52 2.24
N THR A 6 -5.85 14.20 1.16
CA THR A 6 -5.68 12.83 0.70
C THR A 6 -4.25 12.63 0.24
N LEU A 7 -3.79 11.37 0.29
CA LEU A 7 -2.46 10.98 -0.14
C LEU A 7 -2.51 9.61 -0.81
N ILE A 8 -1.64 9.36 -1.79
CA ILE A 8 -1.47 8.07 -2.46
C ILE A 8 0.00 7.67 -2.28
N LEU A 9 0.28 6.67 -1.44
CA LEU A 9 1.59 6.07 -1.21
C LEU A 9 1.66 4.76 -1.99
N TYR A 10 2.45 4.70 -3.06
CA TYR A 10 2.62 3.48 -3.85
C TYR A 10 4.10 3.17 -4.02
N TYR A 11 4.43 1.88 -4.12
CA TYR A 11 5.81 1.42 -3.96
C TYR A 11 6.41 1.00 -5.28
N SER A 12 7.72 1.23 -5.39
CA SER A 12 8.54 0.83 -6.52
C SER A 12 8.53 -0.69 -6.61
N TRP A 13 8.07 -1.21 -7.75
CA TRP A 13 8.22 -2.59 -8.16
C TRP A 13 8.19 -2.60 -9.69
N SER A 14 6.99 -2.53 -10.27
CA SER A 14 6.73 -2.53 -11.69
C SER A 14 5.63 -1.51 -11.99
N GLY A 15 5.46 -1.18 -13.29
CA GLY A 15 4.73 -0.01 -13.74
C GLY A 15 3.21 -0.06 -13.55
N GLU A 16 2.67 -1.14 -12.99
CA GLU A 16 1.28 -1.31 -12.61
C GLU A 16 0.82 -0.13 -11.75
N THR A 17 1.36 0.01 -10.54
CA THR A 17 0.80 0.97 -9.60
C THR A 17 1.03 2.42 -10.04
N LYS A 18 2.07 2.71 -10.84
CA LYS A 18 2.32 4.03 -11.38
C LYS A 18 1.06 4.55 -12.08
N LYS A 19 0.59 3.88 -13.14
CA LYS A 19 -0.62 4.32 -13.83
C LYS A 19 -1.80 4.39 -12.86
N MET A 20 -1.87 3.47 -11.89
CA MET A 20 -3.00 3.31 -10.99
C MET A 20 -2.92 4.20 -9.73
N ALA A 21 -1.95 5.11 -9.65
CA ALA A 21 -1.80 6.07 -8.58
C ALA A 21 -1.96 7.49 -9.12
N GLU A 22 -1.40 7.72 -10.31
CA GLU A 22 -1.39 8.99 -11.00
C GLU A 22 -2.81 9.43 -11.35
N LYS A 23 -3.73 8.48 -11.61
CA LYS A 23 -5.13 8.79 -11.86
C LYS A 23 -5.79 9.30 -10.58
N ILE A 24 -5.73 8.52 -9.49
CA ILE A 24 -6.33 8.87 -8.19
C ILE A 24 -5.88 10.26 -7.73
N ASN A 25 -4.61 10.64 -7.92
CA ASN A 25 -4.15 11.99 -7.54
C ASN A 25 -4.97 13.09 -8.24
N SER A 26 -5.31 12.90 -9.51
CA SER A 26 -6.11 13.84 -10.28
C SER A 26 -7.61 13.70 -9.98
N GLU A 27 -8.06 12.54 -9.48
CA GLU A 27 -9.47 12.17 -9.31
C GLU A 27 -9.97 12.36 -7.87
N ILE A 28 -9.18 13.08 -7.08
CA ILE A 28 -9.48 13.45 -5.71
C ILE A 28 -9.19 14.95 -5.54
N LYS A 29 -10.07 15.68 -4.87
CA LYS A 29 -9.83 17.07 -4.54
C LYS A 29 -8.75 17.14 -3.46
N ASP A 30 -7.79 18.04 -3.61
CA ASP A 30 -6.75 18.36 -2.61
C ASP A 30 -5.81 17.18 -2.27
N SER A 31 -5.71 16.22 -3.20
CA SER A 31 -4.87 15.05 -3.07
C SER A 31 -3.39 15.40 -3.20
N GLU A 32 -2.53 14.38 -3.06
CA GLU A 32 -1.09 14.38 -3.30
C GLU A 32 -0.68 12.94 -3.60
N LEU A 33 0.50 12.73 -4.19
CA LEU A 33 1.12 11.43 -4.36
C LEU A 33 2.55 11.50 -3.83
N LYS A 34 2.95 10.49 -3.08
CA LYS A 34 4.25 10.32 -2.44
C LYS A 34 4.71 8.92 -2.81
N GLU A 35 6.02 8.68 -2.85
CA GLU A 35 6.57 7.42 -3.29
C GLU A 35 7.20 6.65 -2.13
N VAL A 36 7.35 5.34 -2.32
CA VAL A 36 7.93 4.42 -1.36
C VAL A 36 9.08 3.68 -2.08
N LYS A 37 10.30 3.72 -1.55
CA LYS A 37 11.40 2.86 -1.98
C LYS A 37 11.49 1.66 -1.02
N VAL A 38 12.23 0.61 -1.40
CA VAL A 38 12.34 -0.64 -0.64
C VAL A 38 13.80 -1.09 -0.54
N SER A 39 14.14 -1.89 0.47
CA SER A 39 15.52 -2.22 0.79
C SER A 39 16.01 -3.42 -0.07
N GLU A 40 17.18 -3.95 0.28
CA GLU A 40 17.86 -5.07 -0.38
C GLU A 40 17.27 -6.43 0.01
N GLY A 41 17.92 -7.52 -0.43
CA GLY A 41 17.64 -8.86 0.03
C GLY A 41 18.40 -9.13 1.33
N THR A 42 19.42 -9.98 1.28
CA THR A 42 20.07 -10.53 2.45
C THR A 42 21.58 -10.60 2.16
N PHE A 43 22.34 -9.86 2.95
CA PHE A 43 23.67 -9.32 2.65
C PHE A 43 23.68 -8.52 1.35
N ASP A 44 24.79 -7.80 1.16
CA ASP A 44 24.98 -6.76 0.14
C ASP A 44 23.92 -5.64 0.25
N ALA A 45 24.12 -4.54 -0.48
CA ALA A 45 23.38 -3.30 -0.23
C ALA A 45 23.30 -2.38 -1.46
N ASP A 46 23.67 -2.82 -2.66
CA ASP A 46 24.05 -1.90 -3.74
C ASP A 46 23.31 -2.13 -5.06
N MET A 47 22.35 -3.06 -5.07
CA MET A 47 21.38 -3.25 -6.15
C MET A 47 20.08 -3.73 -5.51
N TYR A 48 19.13 -4.30 -6.27
CA TYR A 48 17.85 -4.76 -5.74
C TYR A 48 17.65 -6.26 -5.99
N LYS A 49 17.29 -7.02 -4.94
CA LYS A 49 17.03 -8.47 -5.01
C LYS A 49 15.73 -8.90 -4.31
N THR A 50 15.06 -8.02 -3.56
CA THR A 50 14.39 -8.45 -2.33
C THR A 50 13.29 -9.50 -2.56
N SER A 51 12.58 -9.50 -3.69
CA SER A 51 11.76 -10.62 -4.14
C SER A 51 11.61 -10.52 -5.65
N ASP A 52 11.46 -11.66 -6.34
CA ASP A 52 11.33 -11.65 -7.81
C ASP A 52 10.54 -12.86 -8.34
N ILE A 53 9.99 -13.71 -7.47
CA ILE A 53 9.28 -14.94 -7.85
C ILE A 53 7.99 -15.14 -7.03
N ALA A 54 7.34 -14.02 -6.67
CA ALA A 54 6.20 -13.91 -5.76
C ALA A 54 6.59 -14.35 -4.35
N LEU A 55 6.56 -15.66 -4.08
CA LEU A 55 6.89 -16.27 -2.80
C LEU A 55 8.33 -15.92 -2.44
N ASP A 56 8.52 -15.07 -1.43
CA ASP A 56 9.85 -14.89 -0.83
C ASP A 56 9.79 -14.38 0.61
N GLN A 57 8.72 -13.67 1.00
CA GLN A 57 8.43 -13.15 2.34
C GLN A 57 7.19 -13.84 2.95
N ILE A 58 6.98 -15.14 2.68
CA ILE A 58 5.81 -15.88 3.15
C ILE A 58 6.31 -17.15 3.82
N GLN A 59 6.71 -18.15 3.04
CA GLN A 59 7.02 -19.50 3.49
C GLN A 59 8.21 -19.46 4.44
N GLY A 60 7.96 -19.49 5.76
CA GLY A 60 9.00 -19.45 6.78
C GLY A 60 9.83 -18.17 6.76
N ASN A 61 9.32 -17.09 6.16
CA ASN A 61 10.07 -15.86 5.92
C ASN A 61 9.23 -14.69 6.44
N LYS A 62 9.57 -14.20 7.62
CA LYS A 62 8.94 -13.08 8.30
C LYS A 62 9.96 -11.98 8.63
N ASP A 63 11.09 -11.97 7.93
CA ASP A 63 12.17 -11.01 8.06
C ASP A 63 12.11 -10.13 6.82
N PHE A 64 11.28 -9.08 6.88
CA PHE A 64 10.90 -8.27 5.73
C PHE A 64 11.94 -7.19 5.42
N PRO A 65 11.92 -6.59 4.23
CA PRO A 65 12.75 -5.42 3.93
C PRO A 65 12.16 -4.16 4.58
N GLU A 66 13.03 -3.18 4.81
CA GLU A 66 12.69 -1.84 5.24
C GLU A 66 12.12 -1.07 4.03
N ILE A 67 11.41 0.01 4.31
CA ILE A 67 11.05 1.07 3.37
C ILE A 67 11.93 2.30 3.57
N GLN A 68 12.18 3.03 2.49
CA GLN A 68 12.91 4.29 2.46
C GLN A 68 11.97 5.31 1.83
N LEU A 69 11.89 6.49 2.42
CA LEU A 69 11.05 7.61 1.98
C LEU A 69 11.62 8.89 2.59
N ASP A 70 10.91 10.01 2.49
CA ASP A 70 11.26 11.28 3.13
C ASP A 70 10.71 11.30 4.56
N ASN A 71 10.89 12.41 5.27
CA ASN A 71 10.09 12.77 6.44
C ASN A 71 8.70 13.22 5.96
N ILE A 72 7.89 12.24 5.61
CA ILE A 72 6.45 12.40 5.36
C ILE A 72 5.78 12.29 6.72
N ASP A 73 4.72 13.06 6.88
CA ASP A 73 3.80 12.97 8.00
C ASP A 73 2.41 12.66 7.48
N TYR A 74 1.74 11.69 8.09
CA TYR A 74 0.40 11.24 7.75
C TYR A 74 -0.69 11.97 8.55
N ASN A 75 -0.40 12.55 9.72
CA ASN A 75 -1.40 13.13 10.62
C ASN A 75 -2.22 14.20 9.92
N ASN A 76 -1.53 15.03 9.14
CA ASN A 76 -2.08 16.21 8.54
C ASN A 76 -2.95 15.93 7.30
N TYR A 77 -3.24 14.66 7.00
CA TYR A 77 -4.22 14.25 5.99
C TYR A 77 -5.45 13.66 6.70
N ASP A 78 -6.50 13.31 5.95
CA ASP A 78 -7.72 12.69 6.49
C ASP A 78 -8.09 11.43 5.67
N LEU A 79 -7.33 11.12 4.61
CA LEU A 79 -7.56 10.02 3.69
C LEU A 79 -6.23 9.52 3.14
N ILE A 80 -5.96 8.20 3.08
CA ILE A 80 -4.72 7.66 2.50
C ILE A 80 -5.03 6.37 1.73
N LEU A 81 -4.56 6.30 0.48
CA LEU A 81 -4.70 5.15 -0.40
C LEU A 81 -3.35 4.43 -0.59
N ILE A 82 -3.38 3.10 -0.72
CA ILE A 82 -2.20 2.22 -0.77
C ILE A 82 -2.34 1.27 -1.97
N GLY A 83 -1.25 0.98 -2.69
CA GLY A 83 -1.25 0.07 -3.84
C GLY A 83 -0.13 -0.99 -3.78
N SER A 84 -0.46 -2.20 -4.23
CA SER A 84 0.31 -3.46 -4.16
C SER A 84 -0.21 -4.46 -5.23
N PRO A 85 0.62 -5.38 -5.77
CA PRO A 85 0.21 -6.48 -6.64
C PRO A 85 -0.39 -7.65 -5.83
N VAL A 86 -0.81 -8.73 -6.51
CA VAL A 86 -1.12 -10.01 -5.91
C VAL A 86 -1.03 -11.10 -6.99
N TRP A 87 -0.58 -12.31 -6.66
CA TRP A 87 -0.81 -13.46 -7.57
C TRP A 87 -0.97 -14.80 -6.88
N SER A 88 -0.58 -14.88 -5.61
CA SER A 88 -0.70 -16.09 -4.82
C SER A 88 -0.97 -15.68 -3.37
N GLY A 89 -2.21 -15.30 -3.07
CA GLY A 89 -2.73 -14.97 -1.75
C GLY A 89 -2.23 -13.61 -1.27
N TYR A 90 -0.93 -13.45 -1.07
CA TYR A 90 -0.28 -12.30 -0.47
C TYR A 90 1.24 -12.29 -0.75
N PRO A 91 1.71 -12.20 -2.01
CA PRO A 91 3.11 -12.47 -2.31
C PRO A 91 4.01 -11.21 -2.30
N ALA A 92 4.14 -10.54 -1.16
CA ALA A 92 5.03 -9.41 -0.89
C ALA A 92 4.75 -8.96 0.55
N THR A 93 5.58 -8.12 1.18
CA THR A 93 5.15 -7.38 2.38
C THR A 93 5.59 -5.90 2.37
N PRO A 94 5.32 -5.13 1.29
CA PRO A 94 5.73 -3.73 1.20
C PRO A 94 4.82 -2.82 2.01
N ILE A 95 3.64 -3.27 2.42
CA ILE A 95 2.71 -2.45 3.16
C ILE A 95 2.93 -2.65 4.67
N LYS A 96 3.70 -3.67 5.08
CA LYS A 96 3.76 -4.13 6.46
C LYS A 96 4.50 -3.16 7.39
N THR A 97 5.67 -2.64 7.03
CA THR A 97 6.34 -1.67 7.91
C THR A 97 5.50 -0.39 8.00
N LEU A 98 5.03 0.16 6.87
CA LEU A 98 4.30 1.43 6.84
C LEU A 98 3.07 1.38 7.74
N LEU A 99 2.35 0.26 7.72
CA LEU A 99 1.20 0.03 8.58
C LEU A 99 1.52 0.08 10.07
N ASP A 100 2.78 -0.03 10.51
CA ASP A 100 3.16 0.17 11.91
C ASP A 100 3.79 1.55 12.14
N GLN A 101 4.20 2.25 11.07
CA GLN A 101 4.60 3.66 11.14
C GLN A 101 3.36 4.56 11.29
N MET A 102 2.25 4.24 10.61
CA MET A 102 0.98 4.99 10.59
C MET A 102 0.21 5.03 11.92
N LYS A 103 0.78 4.67 13.07
CA LYS A 103 0.01 4.44 14.30
C LYS A 103 -0.78 5.66 14.78
N ASN A 104 -0.28 6.86 14.49
CA ASN A 104 -0.86 8.12 14.89
C ASN A 104 -1.64 8.77 13.75
N TYR A 105 -1.83 8.05 12.63
CA TYR A 105 -2.70 8.49 11.55
C TYR A 105 -4.12 8.70 12.06
N ARG A 106 -4.85 9.60 11.41
CA ARG A 106 -6.24 9.92 11.65
C ARG A 106 -6.86 10.12 10.29
N GLY A 107 -8.06 9.59 10.08
CA GLY A 107 -8.70 9.58 8.79
C GLY A 107 -9.06 8.16 8.41
N GLU A 108 -8.86 7.83 7.14
CA GLU A 108 -9.43 6.67 6.48
C GLU A 108 -8.33 5.99 5.66
N VAL A 109 -8.21 4.67 5.77
CA VAL A 109 -7.29 3.88 4.96
C VAL A 109 -8.10 3.09 3.92
N ALA A 110 -7.57 3.02 2.69
CA ALA A 110 -8.03 2.11 1.65
C ALA A 110 -6.80 1.52 0.94
N SER A 111 -6.89 0.29 0.42
CA SER A 111 -5.75 -0.45 -0.11
C SER A 111 -6.20 -1.16 -1.40
N PHE A 112 -5.88 -0.59 -2.56
CA PHE A 112 -6.33 -1.08 -3.86
C PHE A 112 -5.35 -2.11 -4.40
N PHE A 113 -5.84 -3.19 -5.00
CA PHE A 113 -4.99 -4.22 -5.62
C PHE A 113 -5.17 -4.16 -7.13
N THR A 114 -4.07 -4.22 -7.88
CA THR A 114 -4.02 -3.91 -9.32
C THR A 114 -3.62 -5.18 -10.09
N SER A 115 -4.08 -6.33 -9.59
CA SER A 115 -3.71 -7.67 -10.00
C SER A 115 -4.87 -8.57 -9.57
N ALA A 116 -5.31 -9.54 -10.38
CA ALA A 116 -6.53 -10.28 -10.07
C ALA A 116 -6.61 -11.69 -10.68
N GLY A 117 -5.58 -12.14 -11.40
CA GLY A 117 -5.67 -13.26 -12.34
C GLY A 117 -6.19 -14.57 -11.74
N THR A 118 -5.94 -14.86 -10.48
CA THR A 118 -6.33 -16.10 -9.79
C THR A 118 -6.72 -15.85 -8.33
N ASN A 119 -6.76 -14.61 -7.86
CA ASN A 119 -7.00 -14.25 -6.46
C ASN A 119 -7.81 -12.97 -6.42
N HIS A 120 -8.89 -12.98 -5.64
CA HIS A 120 -9.73 -11.83 -5.34
C HIS A 120 -10.11 -11.88 -3.86
N LYS A 121 -11.02 -12.79 -3.48
CA LYS A 121 -11.53 -12.90 -2.12
C LYS A 121 -10.40 -13.07 -1.10
N ALA A 122 -9.31 -13.78 -1.46
CA ALA A 122 -8.18 -13.95 -0.56
C ALA A 122 -7.63 -12.59 -0.13
N TYR A 123 -7.26 -11.71 -1.07
CA TYR A 123 -6.59 -10.44 -0.78
C TYR A 123 -7.40 -9.61 0.22
N VAL A 124 -8.71 -9.48 -0.01
CA VAL A 124 -9.58 -8.64 0.82
C VAL A 124 -9.64 -9.13 2.28
N SER A 125 -9.38 -10.41 2.54
CA SER A 125 -9.38 -10.99 3.87
C SER A 125 -7.93 -11.01 4.40
N HIS A 126 -6.95 -11.37 3.58
CA HIS A 126 -5.53 -11.30 3.91
C HIS A 126 -5.07 -9.89 4.25
N PHE A 127 -5.69 -8.84 3.71
CA PHE A 127 -5.34 -7.48 4.09
C PHE A 127 -5.80 -7.21 5.52
N ASN A 128 -7.02 -7.64 5.89
CA ASN A 128 -7.52 -7.55 7.27
C ASN A 128 -6.50 -8.17 8.21
N GLU A 129 -6.11 -9.42 7.95
CA GLU A 129 -5.18 -10.15 8.80
C GLU A 129 -3.84 -9.45 8.99
N TRP A 130 -3.43 -8.64 8.02
CA TRP A 130 -2.13 -8.00 7.98
C TRP A 130 -2.26 -6.49 8.22
N ALA A 131 -3.39 -6.00 8.73
CA ALA A 131 -3.62 -4.57 8.93
C ALA A 131 -4.64 -4.25 10.05
N ASP A 132 -4.98 -5.21 10.92
CA ASP A 132 -6.14 -5.21 11.82
C ASP A 132 -6.01 -4.25 13.01
N GLY A 133 -5.88 -2.97 12.72
CA GLY A 133 -6.07 -1.90 13.68
C GLY A 133 -6.35 -0.54 13.05
N LEU A 134 -5.87 -0.27 11.83
CA LEU A 134 -6.14 1.00 11.17
C LEU A 134 -7.62 1.03 10.74
N ASN A 135 -8.16 2.22 10.59
CA ASN A 135 -9.54 2.42 10.14
C ASN A 135 -9.62 2.17 8.65
N VAL A 136 -10.04 0.97 8.25
CA VAL A 136 -10.17 0.64 6.84
C VAL A 136 -11.61 0.83 6.41
N ILE A 137 -11.78 1.46 5.25
CA ILE A 137 -13.07 1.80 4.67
C ILE A 137 -13.15 1.46 3.18
N GLY A 138 -12.16 0.74 2.63
CA GLY A 138 -12.18 0.48 1.20
C GLY A 138 -11.12 -0.46 0.69
N VAL A 139 -11.54 -1.58 0.12
CA VAL A 139 -10.66 -2.54 -0.54
C VAL A 139 -11.43 -3.05 -1.76
N ALA A 140 -10.96 -2.70 -2.95
CA ALA A 140 -11.46 -3.20 -4.22
C ALA A 140 -10.30 -3.52 -5.17
N ARG A 141 -10.59 -4.04 -6.37
CA ARG A 141 -9.62 -4.02 -7.44
C ARG A 141 -9.57 -2.60 -7.98
N ASP A 142 -8.35 -2.15 -8.24
CA ASP A 142 -8.03 -0.85 -8.85
C ASP A 142 -8.65 0.31 -8.06
N ASP A 143 -8.65 1.49 -8.67
CA ASP A 143 -9.23 2.78 -8.26
C ASP A 143 -10.76 2.81 -8.36
N SER A 144 -11.42 1.66 -8.51
CA SER A 144 -12.81 1.59 -8.94
C SER A 144 -13.82 2.07 -7.89
N GLU A 145 -13.40 2.42 -6.68
CA GLU A 145 -14.27 2.84 -5.60
C GLU A 145 -13.73 4.13 -4.95
N VAL A 146 -12.92 4.94 -5.66
CA VAL A 146 -12.31 6.16 -5.10
C VAL A 146 -13.36 7.18 -4.65
N ASP A 147 -14.48 7.31 -5.37
CA ASP A 147 -15.59 8.19 -5.07
C ASP A 147 -16.04 8.07 -3.61
N LYS A 148 -16.36 6.86 -3.16
CA LYS A 148 -16.83 6.62 -1.80
C LYS A 148 -15.76 6.98 -0.78
N TRP A 149 -14.48 6.95 -1.13
CA TRP A 149 -13.40 7.25 -0.20
C TRP A 149 -13.05 8.73 -0.12
N SER A 150 -13.86 9.62 -0.67
CA SER A 150 -13.69 11.04 -0.44
C SER A 150 -15.05 11.68 -0.26
N LYS A 151 -15.96 11.38 -1.19
CA LYS A 151 -17.26 12.02 -1.37
C LYS A 151 -17.10 13.53 -1.22
N GLY A 1 -10.61 21.77 12.19
CA GLY A 1 -10.27 21.93 10.78
C GLY A 1 -11.39 21.44 9.88
N MET A 2 -11.44 21.96 8.64
CA MET A 2 -12.30 21.51 7.56
C MET A 2 -11.46 21.51 6.28
N ALA A 3 -10.52 20.57 6.18
CA ALA A 3 -9.73 20.27 5.00
C ALA A 3 -9.44 18.78 5.07
N LYS A 4 -10.10 18.02 4.22
CA LYS A 4 -9.92 16.57 4.12
C LYS A 4 -9.00 16.30 2.93
N LYS A 5 -7.70 16.16 3.18
CA LYS A 5 -6.74 15.79 2.15
C LYS A 5 -6.78 14.28 1.93
N THR A 6 -5.94 13.83 1.00
CA THR A 6 -5.67 12.44 0.71
C THR A 6 -4.18 12.28 0.45
N LEU A 7 -3.59 11.15 0.85
CA LEU A 7 -2.32 10.67 0.31
C LEU A 7 -2.58 9.34 -0.38
N ILE A 8 -1.74 9.01 -1.37
CA ILE A 8 -1.78 7.79 -2.12
C ILE A 8 -0.37 7.19 -2.10
N LEU A 9 -0.16 6.07 -1.40
CA LEU A 9 1.14 5.41 -1.25
C LEU A 9 1.17 4.13 -2.09
N TYR A 10 1.98 4.12 -3.14
CA TYR A 10 2.18 2.95 -3.99
C TYR A 10 3.62 2.45 -3.87
N TYR A 11 3.78 1.22 -3.40
CA TYR A 11 4.97 0.43 -3.70
C TYR A 11 4.90 -0.01 -5.17
N SER A 12 6.06 -0.25 -5.76
CA SER A 12 6.27 -0.65 -7.14
C SER A 12 7.66 -1.29 -7.25
N TRP A 13 8.07 -1.64 -8.47
CA TRP A 13 9.44 -2.04 -8.75
C TRP A 13 9.88 -1.47 -10.10
N SER A 14 9.07 -1.69 -11.14
CA SER A 14 9.23 -1.06 -12.43
C SER A 14 7.83 -0.83 -12.99
N GLY A 15 7.37 0.42 -12.99
CA GLY A 15 6.46 0.98 -13.99
C GLY A 15 5.06 0.37 -14.12
N GLU A 16 4.56 -0.37 -13.13
CA GLU A 16 3.21 -0.95 -13.19
C GLU A 16 2.23 0.05 -12.58
N THR A 17 2.28 0.22 -11.25
CA THR A 17 1.34 1.03 -10.49
C THR A 17 1.31 2.51 -10.93
N LYS A 18 2.37 3.02 -11.54
CA LYS A 18 2.50 4.43 -11.94
C LYS A 18 1.27 4.90 -12.71
N LYS A 19 0.91 4.20 -13.78
CA LYS A 19 -0.25 4.50 -14.61
C LYS A 19 -1.60 4.19 -13.96
N MET A 20 -1.63 3.80 -12.69
CA MET A 20 -2.83 3.70 -11.89
C MET A 20 -2.85 4.81 -10.84
N ALA A 21 -1.68 5.23 -10.40
CA ALA A 21 -1.46 6.17 -9.32
C ALA A 21 -1.95 7.55 -9.72
N GLU A 22 -1.39 8.06 -10.81
CA GLU A 22 -1.57 9.45 -11.22
C GLU A 22 -3.03 9.68 -11.64
N LYS A 23 -3.75 8.68 -12.20
CA LYS A 23 -5.16 8.84 -12.55
C LYS A 23 -5.97 9.22 -11.32
N ILE A 24 -5.90 8.39 -10.29
CA ILE A 24 -6.66 8.57 -9.05
C ILE A 24 -6.22 9.88 -8.39
N ASN A 25 -4.92 10.21 -8.42
CA ASN A 25 -4.46 11.47 -7.89
C ASN A 25 -5.20 12.65 -8.57
N SER A 26 -5.35 12.60 -9.88
CA SER A 26 -6.12 13.52 -10.71
C SER A 26 -7.64 13.55 -10.41
N GLU A 27 -8.22 12.52 -9.78
CA GLU A 27 -9.67 12.35 -9.73
C GLU A 27 -10.25 12.78 -8.36
N ILE A 28 -9.39 12.78 -7.33
CA ILE A 28 -9.66 13.26 -5.99
C ILE A 28 -9.27 14.76 -5.96
N LYS A 29 -9.73 15.51 -4.97
CA LYS A 29 -9.32 16.89 -4.71
C LYS A 29 -8.20 16.91 -3.68
N ASP A 30 -7.20 17.78 -3.89
CA ASP A 30 -6.08 18.03 -2.98
C ASP A 30 -5.42 16.73 -2.50
N SER A 31 -5.40 15.75 -3.39
CA SER A 31 -4.72 14.49 -3.26
C SER A 31 -3.25 14.76 -3.54
N GLU A 32 -2.40 14.27 -2.66
CA GLU A 32 -1.01 13.95 -2.97
C GLU A 32 -0.95 12.47 -3.28
N LEU A 33 0.22 12.09 -3.75
CA LEU A 33 0.75 10.77 -3.89
C LEU A 33 2.18 10.80 -3.37
N LYS A 34 2.83 9.66 -3.39
CA LYS A 34 4.22 9.41 -2.98
C LYS A 34 4.54 7.94 -3.29
N GLU A 35 5.82 7.60 -3.46
CA GLU A 35 6.25 6.23 -3.75
C GLU A 35 6.82 5.59 -2.49
N VAL A 36 6.53 4.30 -2.25
CA VAL A 36 7.15 3.53 -1.15
C VAL A 36 8.43 2.87 -1.69
N LYS A 37 9.43 2.58 -0.84
CA LYS A 37 10.62 1.80 -1.21
C LYS A 37 10.86 0.68 -0.19
N VAL A 38 11.78 -0.24 -0.49
CA VAL A 38 12.38 -1.13 0.51
C VAL A 38 13.83 -0.70 0.82
N SER A 39 14.39 -1.27 1.89
CA SER A 39 15.79 -1.22 2.29
C SER A 39 16.70 -1.88 1.23
N GLU A 40 17.99 -1.62 1.34
CA GLU A 40 19.10 -2.47 0.91
C GLU A 40 19.09 -3.82 1.66
N GLY A 41 20.11 -4.67 1.42
CA GLY A 41 20.26 -5.94 2.12
C GLY A 41 21.00 -5.75 3.43
N THR A 42 22.30 -6.07 3.44
CA THR A 42 23.25 -5.90 4.54
C THR A 42 22.96 -6.77 5.79
N PHE A 43 21.71 -7.07 6.13
CA PHE A 43 21.33 -7.87 7.30
C PHE A 43 20.13 -8.74 6.97
N ASP A 44 19.92 -9.79 7.77
CA ASP A 44 19.19 -11.02 7.43
C ASP A 44 19.89 -11.80 6.33
N ALA A 45 20.22 -13.07 6.63
CA ALA A 45 20.77 -14.11 5.78
C ALA A 45 21.90 -13.62 4.87
N ASP A 46 21.57 -13.10 3.69
CA ASP A 46 22.54 -12.56 2.74
C ASP A 46 21.94 -11.49 1.84
N MET A 47 20.68 -11.64 1.43
CA MET A 47 20.02 -10.80 0.44
C MET A 47 18.51 -10.82 0.65
N TYR A 48 17.83 -9.68 0.44
CA TYR A 48 16.38 -9.62 0.53
C TYR A 48 15.76 -10.44 -0.60
N LYS A 49 14.60 -11.03 -0.32
CA LYS A 49 13.84 -11.86 -1.25
C LYS A 49 12.55 -11.17 -1.70
N THR A 50 12.28 -9.97 -1.18
CA THR A 50 11.01 -9.25 -1.22
C THR A 50 10.61 -8.79 -2.64
N SER A 51 11.40 -9.13 -3.66
CA SER A 51 11.26 -8.71 -5.04
C SER A 51 10.72 -9.82 -5.95
N ASP A 52 10.51 -11.03 -5.42
CA ASP A 52 10.26 -12.23 -6.23
C ASP A 52 8.78 -12.45 -6.58
N ILE A 53 7.88 -11.58 -6.09
CA ILE A 53 6.46 -11.50 -6.44
C ILE A 53 5.75 -12.86 -6.21
N ALA A 54 6.22 -13.66 -5.25
CA ALA A 54 5.76 -15.02 -5.06
C ALA A 54 5.64 -15.31 -3.56
N LEU A 55 5.61 -16.59 -3.18
CA LEU A 55 5.86 -16.95 -1.80
C LEU A 55 7.35 -16.77 -1.57
N ASP A 56 7.72 -15.55 -1.17
CA ASP A 56 9.06 -15.18 -0.73
C ASP A 56 8.98 -14.88 0.77
N GLN A 57 8.55 -13.69 1.18
CA GLN A 57 8.34 -13.32 2.58
C GLN A 57 7.04 -13.91 3.15
N ILE A 58 6.79 -15.21 2.91
CA ILE A 58 5.60 -15.91 3.41
C ILE A 58 6.03 -17.17 4.15
N GLN A 59 6.24 -18.30 3.48
CA GLN A 59 6.55 -19.54 4.17
C GLN A 59 8.02 -19.52 4.58
N GLY A 60 8.30 -20.00 5.79
CA GLY A 60 9.58 -19.89 6.46
C GLY A 60 9.94 -18.46 6.89
N ASN A 61 9.26 -17.43 6.39
CA ASN A 61 9.66 -16.06 6.66
C ASN A 61 9.34 -15.66 8.09
N LYS A 62 10.37 -15.39 8.89
CA LYS A 62 10.24 -14.97 10.28
C LYS A 62 9.91 -13.47 10.34
N ASP A 63 10.91 -12.58 10.30
CA ASP A 63 10.67 -11.13 10.37
C ASP A 63 10.35 -10.60 8.98
N PHE A 64 9.54 -9.54 8.89
CA PHE A 64 9.20 -8.88 7.64
C PHE A 64 10.30 -7.84 7.29
N PRO A 65 10.62 -7.63 5.99
CA PRO A 65 11.72 -6.77 5.57
C PRO A 65 11.37 -5.29 5.79
N GLU A 66 12.39 -4.45 5.97
CA GLU A 66 12.18 -3.02 6.19
C GLU A 66 11.74 -2.30 4.92
N ILE A 67 11.23 -1.08 5.13
CA ILE A 67 10.83 -0.13 4.10
C ILE A 67 11.72 1.10 4.21
N GLN A 68 11.72 1.92 3.16
CA GLN A 68 12.33 3.23 3.09
C GLN A 68 11.29 4.21 2.56
N LEU A 69 11.39 5.47 2.98
CA LEU A 69 10.55 6.57 2.52
C LEU A 69 11.16 7.92 2.95
N ASP A 70 10.48 9.00 2.58
CA ASP A 70 10.82 10.41 2.82
C ASP A 70 10.49 10.85 4.25
N ASN A 71 10.71 12.12 4.58
CA ASN A 71 10.15 12.74 5.78
C ASN A 71 8.67 13.03 5.53
N ILE A 72 7.81 12.08 5.87
CA ILE A 72 6.36 12.14 5.66
C ILE A 72 5.64 12.08 7.01
N ASP A 73 4.81 13.07 7.28
CA ASP A 73 3.82 13.02 8.35
C ASP A 73 2.56 12.44 7.74
N TYR A 74 1.96 11.41 8.34
CA TYR A 74 0.61 10.98 8.00
C TYR A 74 -0.46 11.78 8.76
N ASN A 75 -0.10 12.51 9.83
CA ASN A 75 -1.09 13.21 10.67
C ASN A 75 -1.83 14.29 9.88
N ASN A 76 -1.26 14.76 8.78
CA ASN A 76 -1.80 15.83 7.94
C ASN A 76 -2.51 15.29 6.69
N TYR A 77 -3.02 14.05 6.70
CA TYR A 77 -3.96 13.60 5.67
C TYR A 77 -5.19 12.98 6.34
N ASP A 78 -6.37 13.24 5.78
CA ASP A 78 -7.65 12.72 6.28
C ASP A 78 -8.00 11.38 5.62
N LEU A 79 -7.30 11.03 4.54
CA LEU A 79 -7.51 9.84 3.74
C LEU A 79 -6.14 9.25 3.41
N ILE A 80 -5.97 7.94 3.53
CA ILE A 80 -4.73 7.27 3.16
C ILE A 80 -5.08 6.04 2.30
N LEU A 81 -4.74 6.13 1.02
CA LEU A 81 -4.99 5.11 0.00
C LEU A 81 -3.67 4.41 -0.32
N ILE A 82 -3.68 3.08 -0.46
CA ILE A 82 -2.45 2.30 -0.40
C ILE A 82 -2.52 1.15 -1.43
N GLY A 83 -1.57 1.00 -2.37
CA GLY A 83 -1.62 -0.07 -3.35
C GLY A 83 -0.35 -0.93 -3.39
N SER A 84 -0.47 -2.15 -3.91
CA SER A 84 0.63 -3.06 -4.29
C SER A 84 0.12 -4.03 -5.38
N PRO A 85 0.99 -4.76 -6.10
CA PRO A 85 0.59 -5.91 -6.92
C PRO A 85 0.19 -7.11 -6.04
N VAL A 86 -0.33 -8.18 -6.66
CA VAL A 86 -0.67 -9.44 -5.99
C VAL A 86 -0.60 -10.56 -7.03
N TRP A 87 -0.27 -11.79 -6.61
CA TRP A 87 -0.46 -12.96 -7.46
C TRP A 87 -0.76 -14.24 -6.70
N SER A 88 -0.41 -14.30 -5.42
CA SER A 88 -0.78 -15.38 -4.52
C SER A 88 -1.23 -14.82 -3.16
N GLY A 89 -2.23 -13.94 -3.21
CA GLY A 89 -2.88 -13.39 -2.04
C GLY A 89 -2.10 -12.23 -1.45
N TYR A 90 -0.87 -12.48 -1.02
CA TYR A 90 -0.01 -11.58 -0.27
C TYR A 90 1.47 -11.87 -0.57
N PRO A 91 1.90 -11.87 -1.85
CA PRO A 91 3.29 -12.18 -2.18
C PRO A 91 4.21 -11.05 -1.73
N ALA A 92 3.85 -9.81 -2.06
CA ALA A 92 4.61 -8.65 -1.70
C ALA A 92 4.40 -8.42 -0.20
N THR A 93 5.38 -7.81 0.46
CA THR A 93 5.23 -7.37 1.84
C THR A 93 5.72 -5.93 2.01
N PRO A 94 5.26 -4.96 1.17
CA PRO A 94 5.43 -3.54 1.40
C PRO A 94 4.23 -2.91 2.10
N ILE A 95 3.26 -3.72 2.53
CA ILE A 95 2.10 -3.28 3.29
C ILE A 95 2.07 -4.05 4.63
N LYS A 96 3.21 -4.13 5.33
CA LYS A 96 3.23 -4.46 6.75
C LYS A 96 3.87 -3.39 7.65
N THR A 97 5.12 -2.99 7.40
CA THR A 97 5.79 -2.10 8.36
C THR A 97 5.16 -0.70 8.37
N LEU A 98 4.72 -0.17 7.23
CA LEU A 98 4.18 1.17 7.06
C LEU A 98 2.98 1.36 8.01
N LEU A 99 2.08 0.38 8.09
CA LEU A 99 0.95 0.32 9.01
C LEU A 99 1.40 0.45 10.46
N ASP A 100 2.50 -0.19 10.85
CA ASP A 100 3.04 -0.13 12.20
C ASP A 100 3.72 1.21 12.50
N GLN A 101 4.03 1.98 11.48
CA GLN A 101 4.46 3.37 11.59
C GLN A 101 3.26 4.34 11.71
N MET A 102 2.04 3.91 11.40
CA MET A 102 0.82 4.73 11.45
C MET A 102 0.17 4.75 12.86
N LYS A 103 0.92 4.52 13.94
CA LYS A 103 0.35 4.40 15.29
C LYS A 103 -0.48 5.63 15.73
N ASN A 104 -0.26 6.80 15.11
CA ASN A 104 -0.74 8.09 15.60
C ASN A 104 -1.74 8.73 14.61
N TYR A 105 -2.30 7.93 13.70
CA TYR A 105 -3.04 8.33 12.51
C TYR A 105 -4.22 9.30 12.73
N ARG A 106 -4.56 10.03 11.65
CA ARG A 106 -5.56 11.11 11.59
C ARG A 106 -6.46 11.00 10.35
N GLY A 107 -6.50 9.85 9.68
CA GLY A 107 -7.29 9.67 8.48
C GLY A 107 -7.88 8.27 8.44
N GLU A 108 -8.71 7.98 7.44
CA GLU A 108 -9.24 6.66 7.19
C GLU A 108 -8.20 5.83 6.44
N VAL A 109 -8.33 4.50 6.47
CA VAL A 109 -7.48 3.63 5.66
C VAL A 109 -8.33 2.97 4.55
N ALA A 110 -7.81 2.93 3.32
CA ALA A 110 -8.29 2.01 2.29
C ALA A 110 -7.13 1.49 1.45
N SER A 111 -7.39 0.47 0.62
CA SER A 111 -6.37 -0.12 -0.22
C SER A 111 -6.93 -0.42 -1.62
N PHE A 112 -6.07 -0.34 -2.63
CA PHE A 112 -6.46 -0.41 -4.03
C PHE A 112 -5.32 -1.06 -4.81
N PHE A 113 -5.49 -2.33 -5.19
CA PHE A 113 -4.46 -3.11 -5.85
C PHE A 113 -4.79 -3.28 -7.34
N THR A 114 -3.82 -3.73 -8.12
CA THR A 114 -3.78 -3.53 -9.56
C THR A 114 -3.79 -4.85 -10.34
N SER A 115 -3.87 -5.98 -9.64
CA SER A 115 -3.59 -7.31 -10.15
C SER A 115 -4.78 -8.22 -9.83
N ALA A 116 -5.95 -7.80 -10.31
CA ALA A 116 -7.24 -8.43 -10.09
C ALA A 116 -7.33 -9.86 -10.63
N GLY A 117 -6.64 -10.13 -11.73
CA GLY A 117 -6.95 -11.17 -12.71
C GLY A 117 -7.33 -12.51 -12.10
N THR A 118 -6.48 -13.08 -11.25
CA THR A 118 -6.72 -14.37 -10.59
C THR A 118 -6.63 -14.27 -9.07
N ASN A 119 -6.65 -13.05 -8.48
CA ASN A 119 -6.53 -12.89 -7.04
C ASN A 119 -7.17 -11.57 -6.58
N HIS A 120 -8.50 -11.55 -6.36
CA HIS A 120 -9.20 -10.43 -5.73
C HIS A 120 -9.60 -10.76 -4.30
N LYS A 121 -10.43 -11.79 -4.09
CA LYS A 121 -11.04 -12.07 -2.79
C LYS A 121 -10.02 -12.14 -1.66
N ALA A 122 -8.86 -12.69 -1.98
CA ALA A 122 -7.80 -12.95 -1.03
C ALA A 122 -7.28 -11.63 -0.46
N TYR A 123 -6.91 -10.68 -1.32
CA TYR A 123 -6.28 -9.40 -0.97
C TYR A 123 -7.07 -8.66 0.11
N VAL A 124 -8.39 -8.60 -0.06
CA VAL A 124 -9.33 -7.93 0.83
C VAL A 124 -9.29 -8.54 2.24
N SER A 125 -9.30 -9.87 2.33
CA SER A 125 -9.26 -10.58 3.60
C SER A 125 -7.86 -10.45 4.23
N HIS A 126 -6.81 -10.69 3.44
CA HIS A 126 -5.44 -10.55 3.91
C HIS A 126 -5.18 -9.14 4.43
N PHE A 127 -5.79 -8.11 3.83
CA PHE A 127 -5.62 -6.77 4.32
C PHE A 127 -6.29 -6.59 5.67
N ASN A 128 -7.48 -7.17 5.90
CA ASN A 128 -8.16 -7.06 7.19
C ASN A 128 -7.29 -7.62 8.31
N GLU A 129 -6.60 -8.72 8.03
CA GLU A 129 -5.63 -9.30 8.94
C GLU A 129 -4.44 -8.37 9.12
N TRP A 130 -3.70 -8.09 8.05
CA TRP A 130 -2.40 -7.45 8.18
C TRP A 130 -2.53 -5.97 8.52
N ALA A 131 -3.75 -5.43 8.58
CA ALA A 131 -4.09 -4.07 8.94
C ALA A 131 -5.07 -4.07 10.13
N ASP A 132 -5.10 -5.15 10.91
CA ASP A 132 -5.54 -5.10 12.30
C ASP A 132 -4.73 -3.98 12.97
N GLY A 133 -5.42 -2.95 13.44
CA GLY A 133 -4.89 -1.87 14.26
C GLY A 133 -5.26 -0.46 13.82
N LEU A 134 -5.93 -0.24 12.69
CA LEU A 134 -6.35 1.09 12.21
C LEU A 134 -7.72 1.03 11.51
N ASN A 135 -8.39 2.19 11.39
CA ASN A 135 -9.72 2.43 10.83
C ASN A 135 -9.78 2.29 9.32
N VAL A 136 -9.73 1.06 8.85
CA VAL A 136 -9.90 0.73 7.44
C VAL A 136 -11.39 0.61 7.12
N ILE A 137 -11.80 1.28 6.05
CA ILE A 137 -13.20 1.47 5.67
C ILE A 137 -13.50 0.93 4.26
N GLY A 138 -12.52 0.34 3.58
CA GLY A 138 -12.72 -0.35 2.32
C GLY A 138 -11.39 -0.83 1.74
N VAL A 139 -11.47 -1.77 0.80
CA VAL A 139 -10.41 -2.20 -0.09
C VAL A 139 -11.06 -2.87 -1.30
N ALA A 140 -10.47 -2.70 -2.48
CA ALA A 140 -10.96 -3.24 -3.74
C ALA A 140 -9.81 -3.47 -4.71
N ARG A 141 -10.11 -4.13 -5.84
CA ARG A 141 -9.26 -4.09 -7.02
C ARG A 141 -9.55 -2.82 -7.81
N ASP A 142 -8.62 -2.43 -8.67
CA ASP A 142 -8.77 -1.36 -9.65
C ASP A 142 -9.13 -0.04 -8.99
N ASP A 143 -9.53 0.94 -9.80
CA ASP A 143 -10.04 2.26 -9.41
C ASP A 143 -11.58 2.29 -9.27
N SER A 144 -12.21 1.12 -9.13
CA SER A 144 -13.67 0.96 -9.12
C SER A 144 -14.35 1.69 -7.94
N GLU A 145 -13.70 1.85 -6.79
CA GLU A 145 -14.36 2.24 -5.53
C GLU A 145 -13.76 3.52 -4.95
N VAL A 146 -12.87 4.16 -5.71
CA VAL A 146 -12.19 5.42 -5.36
C VAL A 146 -13.23 6.49 -4.97
N ASP A 147 -14.41 6.43 -5.56
CA ASP A 147 -15.56 7.28 -5.27
C ASP A 147 -15.82 7.33 -3.77
N LYS A 148 -16.08 6.19 -3.15
CA LYS A 148 -16.52 6.13 -1.77
C LYS A 148 -15.39 6.53 -0.83
N TRP A 149 -14.13 6.25 -1.17
CA TRP A 149 -13.00 6.58 -0.29
C TRP A 149 -12.58 8.03 -0.43
N SER A 150 -13.41 8.91 -0.99
CA SER A 150 -13.18 10.35 -0.94
C SER A 150 -14.50 11.13 -0.86
N LYS A 151 -15.65 10.44 -0.89
CA LYS A 151 -16.97 11.04 -0.78
C LYS A 151 -17.22 11.47 0.64
N GLY A 1 -15.26 25.57 7.77
CA GLY A 1 -15.19 24.68 6.59
C GLY A 1 -14.49 23.39 6.95
N MET A 2 -14.02 22.64 5.96
CA MET A 2 -13.30 21.38 6.13
C MET A 2 -12.23 21.27 5.04
N ALA A 3 -11.34 20.29 5.13
CA ALA A 3 -10.44 19.92 4.05
C ALA A 3 -10.05 18.47 4.25
N LYS A 4 -10.78 17.60 3.56
CA LYS A 4 -10.31 16.25 3.38
C LYS A 4 -9.14 16.34 2.42
N LYS A 5 -8.12 15.51 2.64
CA LYS A 5 -6.96 15.36 1.79
C LYS A 5 -6.66 13.89 1.70
N THR A 6 -5.85 13.54 0.73
CA THR A 6 -5.65 12.15 0.33
C THR A 6 -4.17 11.88 0.07
N LEU A 7 -3.60 10.81 0.65
CA LEU A 7 -2.25 10.36 0.30
C LEU A 7 -2.28 8.93 -0.20
N ILE A 8 -2.05 8.71 -1.50
CA ILE A 8 -1.68 7.40 -2.03
C ILE A 8 -0.23 7.16 -1.59
N LEU A 9 0.03 6.16 -0.75
CA LEU A 9 1.35 5.55 -0.68
C LEU A 9 1.37 4.33 -1.59
N TYR A 10 2.27 4.33 -2.57
CA TYR A 10 2.55 3.16 -3.39
C TYR A 10 4.06 2.91 -3.32
N TYR A 11 4.47 1.66 -3.19
CA TYR A 11 5.86 1.24 -3.06
C TYR A 11 6.61 1.16 -4.41
N SER A 12 6.14 1.93 -5.41
CA SER A 12 6.41 1.77 -6.82
C SER A 12 7.90 1.52 -7.12
N TRP A 13 8.16 0.51 -7.95
CA TRP A 13 9.52 0.09 -8.26
C TRP A 13 9.89 0.54 -9.69
N SER A 14 9.45 -0.18 -10.73
CA SER A 14 9.54 0.31 -12.10
C SER A 14 8.30 -0.15 -12.87
N GLY A 15 7.59 0.80 -13.47
CA GLY A 15 6.46 0.66 -14.38
C GLY A 15 5.28 -0.20 -13.94
N GLU A 16 5.23 -0.62 -12.67
CA GLU A 16 4.08 -1.33 -12.12
C GLU A 16 2.98 -0.30 -11.89
N THR A 17 3.00 0.36 -10.74
CA THR A 17 1.88 1.14 -10.26
C THR A 17 1.87 2.55 -10.86
N LYS A 18 2.91 2.96 -11.61
CA LYS A 18 3.04 4.35 -12.08
C LYS A 18 1.91 4.79 -13.01
N LYS A 19 1.17 3.87 -13.63
CA LYS A 19 -0.13 4.23 -14.18
C LYS A 19 -1.07 4.63 -13.04
N MET A 20 -1.52 3.64 -12.29
CA MET A 20 -2.66 3.75 -11.41
C MET A 20 -2.45 4.78 -10.29
N ALA A 21 -1.22 4.94 -9.81
CA ALA A 21 -0.88 5.91 -8.78
C ALA A 21 -1.16 7.32 -9.27
N GLU A 22 -0.77 7.59 -10.52
CA GLU A 22 -0.77 8.93 -11.08
C GLU A 22 -2.18 9.32 -11.47
N LYS A 23 -2.92 8.40 -12.08
CA LYS A 23 -4.30 8.63 -12.44
C LYS A 23 -5.10 8.98 -11.18
N ILE A 24 -5.16 8.10 -10.17
CA ILE A 24 -5.98 8.34 -8.98
C ILE A 24 -5.63 9.70 -8.37
N ASN A 25 -4.35 10.02 -8.23
CA ASN A 25 -3.94 11.31 -7.68
C ASN A 25 -4.53 12.50 -8.45
N SER A 26 -4.56 12.41 -9.78
CA SER A 26 -5.08 13.44 -10.67
C SER A 26 -6.61 13.56 -10.60
N GLU A 27 -7.32 12.45 -10.37
CA GLU A 27 -8.78 12.36 -10.49
C GLU A 27 -9.51 12.97 -9.27
N ILE A 28 -8.75 13.41 -8.27
CA ILE A 28 -9.23 13.83 -6.95
C ILE A 28 -9.05 15.36 -6.81
N LYS A 29 -9.69 15.94 -5.79
CA LYS A 29 -9.40 17.31 -5.35
C LYS A 29 -8.47 17.24 -4.15
N ASP A 30 -7.45 18.11 -4.11
CA ASP A 30 -6.50 18.19 -3.00
C ASP A 30 -5.94 16.81 -2.65
N SER A 31 -5.30 16.21 -3.65
CA SER A 31 -4.72 14.89 -3.64
C SER A 31 -3.18 14.93 -3.70
N GLU A 32 -2.50 14.08 -2.93
CA GLU A 32 -1.06 13.79 -3.04
C GLU A 32 -0.84 12.29 -3.26
N LEU A 33 0.33 11.94 -3.77
CA LEU A 33 0.90 10.61 -3.75
C LEU A 33 2.31 10.73 -3.20
N LYS A 34 2.82 9.65 -2.61
CA LYS A 34 4.22 9.49 -2.27
C LYS A 34 4.66 8.08 -2.64
N GLU A 35 5.96 7.93 -2.84
CA GLU A 35 6.60 6.65 -3.04
C GLU A 35 7.07 6.11 -1.68
N VAL A 36 6.99 4.80 -1.49
CA VAL A 36 7.65 4.07 -0.41
C VAL A 36 8.84 3.33 -1.05
N LYS A 37 9.94 3.09 -0.33
CA LYS A 37 11.03 2.23 -0.80
C LYS A 37 10.85 0.83 -0.23
N VAL A 38 11.60 -0.13 -0.76
CA VAL A 38 11.75 -1.46 -0.18
C VAL A 38 13.23 -1.68 0.09
N SER A 39 13.50 -2.21 1.26
CA SER A 39 14.79 -2.56 1.82
C SER A 39 14.98 -4.04 1.58
N GLU A 40 16.22 -4.46 1.41
CA GLU A 40 16.56 -5.85 1.65
C GLU A 40 16.42 -6.07 3.15
N GLY A 41 15.85 -7.22 3.51
CA GLY A 41 15.37 -7.50 4.85
C GLY A 41 16.47 -7.56 5.89
N THR A 42 17.38 -8.50 5.74
CA THR A 42 18.48 -8.77 6.67
C THR A 42 19.58 -9.52 5.90
N PHE A 43 20.79 -9.65 6.49
CA PHE A 43 21.90 -10.44 5.95
C PHE A 43 22.35 -9.87 4.59
N ASP A 44 22.40 -8.54 4.49
CA ASP A 44 22.79 -7.69 3.36
C ASP A 44 21.93 -7.94 2.13
N ALA A 45 22.15 -9.06 1.42
CA ALA A 45 21.54 -9.50 0.17
C ALA A 45 21.86 -8.59 -1.02
N ASP A 46 21.70 -7.27 -0.86
CA ASP A 46 22.14 -6.19 -1.76
C ASP A 46 21.66 -6.38 -3.21
N MET A 47 20.64 -7.21 -3.43
CA MET A 47 20.26 -7.75 -4.72
C MET A 47 18.95 -8.50 -4.55
N TYR A 48 18.34 -8.93 -5.67
CA TYR A 48 16.99 -9.49 -5.76
C TYR A 48 16.71 -10.49 -4.64
N LYS A 49 15.99 -10.05 -3.61
CA LYS A 49 15.49 -10.95 -2.57
C LYS A 49 14.25 -10.39 -1.89
N THR A 50 13.94 -9.09 -2.02
CA THR A 50 12.70 -8.49 -1.55
C THR A 50 11.48 -9.28 -2.02
N SER A 51 11.41 -9.67 -3.30
CA SER A 51 10.27 -10.36 -3.87
C SER A 51 10.79 -11.09 -5.10
N ASP A 52 10.73 -12.43 -5.11
CA ASP A 52 11.23 -13.24 -6.21
C ASP A 52 10.11 -13.52 -7.22
N ILE A 53 8.93 -13.88 -6.72
CA ILE A 53 7.81 -14.32 -7.54
C ILE A 53 6.50 -13.95 -6.86
N ALA A 54 6.22 -14.52 -5.68
CA ALA A 54 5.11 -14.12 -4.84
C ALA A 54 5.33 -14.69 -3.43
N LEU A 55 4.94 -15.95 -3.19
CA LEU A 55 5.07 -16.57 -1.87
C LEU A 55 6.48 -17.07 -1.66
N ASP A 56 7.43 -16.16 -1.51
CA ASP A 56 8.78 -16.44 -1.05
C ASP A 56 8.89 -16.15 0.46
N GLN A 57 8.42 -15.00 0.94
CA GLN A 57 8.58 -14.57 2.34
C GLN A 57 7.22 -14.45 3.04
N ILE A 58 6.34 -15.44 2.85
CA ILE A 58 4.95 -15.38 3.32
C ILE A 58 4.64 -16.54 4.27
N GLN A 59 4.66 -17.79 3.80
CA GLN A 59 4.14 -18.94 4.53
C GLN A 59 5.32 -19.67 5.17
N GLY A 60 5.55 -19.43 6.46
CA GLY A 60 6.64 -20.01 7.22
C GLY A 60 7.76 -18.98 7.43
N ASN A 61 8.03 -18.11 6.45
CA ASN A 61 9.01 -17.05 6.63
C ASN A 61 8.28 -15.85 7.21
N LYS A 62 8.50 -15.52 8.49
CA LYS A 62 8.06 -14.23 9.05
C LYS A 62 9.15 -13.16 8.93
N ASP A 63 10.36 -13.57 8.55
CA ASP A 63 11.44 -12.68 8.15
C ASP A 63 11.06 -12.23 6.73
N PHE A 64 10.78 -10.94 6.56
CA PHE A 64 10.37 -10.33 5.30
C PHE A 64 11.19 -9.04 5.06
N PRO A 65 11.19 -8.48 3.85
CA PRO A 65 11.83 -7.18 3.60
C PRO A 65 11.07 -6.07 4.33
N GLU A 66 11.78 -5.04 4.77
CA GLU A 66 11.20 -3.85 5.37
C GLU A 66 11.05 -2.74 4.32
N ILE A 67 10.63 -1.55 4.74
CA ILE A 67 10.49 -0.37 3.90
C ILE A 67 11.33 0.76 4.47
N GLN A 68 11.48 1.81 3.67
CA GLN A 68 12.01 3.13 4.00
C GLN A 68 11.08 4.12 3.31
N LEU A 69 10.98 5.36 3.76
CA LEU A 69 10.38 6.46 3.00
C LEU A 69 10.74 7.79 3.64
N ASP A 70 10.30 8.84 2.96
CA ASP A 70 10.56 10.24 3.25
C ASP A 70 9.91 10.69 4.56
N ASN A 71 10.12 11.96 4.93
CA ASN A 71 9.56 12.52 6.16
C ASN A 71 8.12 12.97 5.93
N ILE A 72 7.19 12.03 6.00
CA ILE A 72 5.78 12.22 5.67
C ILE A 72 4.99 12.34 6.98
N ASP A 73 3.94 13.17 6.96
CA ASP A 73 2.95 13.31 8.03
C ASP A 73 1.73 12.51 7.58
N TYR A 74 1.28 11.52 8.35
CA TYR A 74 -0.03 10.90 8.14
C TYR A 74 -1.11 11.63 8.92
N ASN A 75 -0.79 12.80 9.49
CA ASN A 75 -1.73 13.60 10.28
C ASN A 75 -2.48 14.58 9.39
N ASN A 76 -1.75 15.31 8.53
CA ASN A 76 -2.33 16.28 7.60
C ASN A 76 -2.96 15.62 6.38
N TYR A 77 -3.54 14.43 6.54
CA TYR A 77 -4.43 13.81 5.57
C TYR A 77 -5.65 13.30 6.31
N ASP A 78 -6.78 13.30 5.61
CA ASP A 78 -8.04 12.76 6.12
C ASP A 78 -8.19 11.31 5.64
N LEU A 79 -7.70 11.04 4.42
CA LEU A 79 -7.75 9.78 3.71
C LEU A 79 -6.36 9.31 3.38
N ILE A 80 -6.10 8.02 3.61
CA ILE A 80 -4.84 7.38 3.34
C ILE A 80 -5.17 6.14 2.51
N LEU A 81 -4.54 6.03 1.34
CA LEU A 81 -4.81 4.98 0.39
C LEU A 81 -3.51 4.25 0.14
N ILE A 82 -3.59 2.95 -0.07
CA ILE A 82 -2.41 2.13 -0.27
C ILE A 82 -2.71 1.16 -1.41
N GLY A 83 -1.79 1.04 -2.37
CA GLY A 83 -1.93 0.07 -3.45
C GLY A 83 -0.85 -0.99 -3.34
N SER A 84 -1.12 -2.16 -3.89
CA SER A 84 -0.24 -3.32 -3.93
C SER A 84 -0.79 -4.28 -4.99
N PRO A 85 0.04 -5.14 -5.62
CA PRO A 85 -0.44 -6.15 -6.53
C PRO A 85 -1.10 -7.29 -5.75
N VAL A 86 -1.72 -8.23 -6.48
CA VAL A 86 -2.13 -9.52 -5.96
C VAL A 86 -2.11 -10.52 -7.10
N TRP A 87 -1.21 -11.51 -7.03
CA TRP A 87 -1.11 -12.50 -8.11
C TRP A 87 -0.88 -13.95 -7.66
N SER A 88 -0.78 -14.19 -6.36
CA SER A 88 -0.71 -15.55 -5.80
C SER A 88 -1.36 -15.57 -4.40
N GLY A 89 -2.15 -14.56 -4.07
CA GLY A 89 -2.74 -14.36 -2.74
C GLY A 89 -1.89 -13.39 -1.94
N TYR A 90 -0.56 -13.60 -1.90
CA TYR A 90 0.37 -12.84 -1.09
C TYR A 90 1.68 -12.67 -1.90
N PRO A 91 1.80 -11.64 -2.76
CA PRO A 91 2.95 -11.46 -3.63
C PRO A 91 4.14 -10.76 -2.97
N ALA A 92 3.89 -9.84 -2.02
CA ALA A 92 4.86 -8.86 -1.57
C ALA A 92 4.63 -8.60 -0.07
N THR A 93 5.56 -7.93 0.61
CA THR A 93 5.34 -7.37 1.96
C THR A 93 5.93 -5.94 2.12
N PRO A 94 5.64 -4.98 1.20
CA PRO A 94 5.93 -3.58 1.44
C PRO A 94 4.86 -2.98 2.36
N ILE A 95 3.61 -3.40 2.16
CA ILE A 95 2.48 -2.95 2.94
C ILE A 95 2.37 -3.89 4.15
N LYS A 96 3.47 -4.05 4.88
CA LYS A 96 3.48 -4.62 6.22
C LYS A 96 4.09 -3.59 7.14
N THR A 97 5.39 -3.33 7.05
CA THR A 97 6.12 -2.46 7.96
C THR A 97 5.44 -1.10 8.15
N LEU A 98 5.13 -0.37 7.05
CA LEU A 98 4.62 1.00 7.09
C LEU A 98 3.39 1.13 8.01
N LEU A 99 2.38 0.28 7.84
CA LEU A 99 1.16 0.22 8.62
C LEU A 99 1.42 0.06 10.11
N ASP A 100 2.48 -0.65 10.49
CA ASP A 100 2.84 -0.82 11.89
C ASP A 100 3.53 0.41 12.47
N GLN A 101 3.99 1.30 11.60
CA GLN A 101 4.57 2.58 12.00
C GLN A 101 3.45 3.57 12.34
N MET A 102 2.22 3.36 11.83
CA MET A 102 1.19 4.39 11.85
C MET A 102 0.38 4.46 13.16
N LYS A 103 0.72 3.77 14.24
CA LYS A 103 -0.25 3.38 15.29
C LYS A 103 -0.85 4.52 16.15
N ASN A 104 -0.64 5.79 15.81
CA ASN A 104 -1.31 6.93 16.45
C ASN A 104 -2.20 7.67 15.46
N TYR A 105 -2.15 7.34 14.18
CA TYR A 105 -2.92 7.98 13.12
C TYR A 105 -4.35 7.50 13.09
N ARG A 106 -5.18 8.24 12.38
CA ARG A 106 -6.63 8.14 12.31
C ARG A 106 -7.11 8.88 11.06
N GLY A 107 -8.41 9.01 10.86
CA GLY A 107 -8.95 9.30 9.53
C GLY A 107 -9.31 7.97 8.88
N GLU A 108 -9.23 7.87 7.56
CA GLU A 108 -9.84 6.77 6.83
C GLU A 108 -8.75 6.11 6.00
N VAL A 109 -8.43 4.86 6.31
CA VAL A 109 -7.52 4.07 5.48
C VAL A 109 -8.35 3.28 4.48
N ALA A 110 -7.93 3.22 3.22
CA ALA A 110 -8.52 2.37 2.21
C ALA A 110 -7.41 1.69 1.41
N SER A 111 -7.76 0.68 0.61
CA SER A 111 -6.79 -0.11 -0.16
C SER A 111 -7.31 -0.51 -1.54
N PHE A 112 -6.43 -0.57 -2.54
CA PHE A 112 -6.83 -0.81 -3.91
C PHE A 112 -5.79 -1.69 -4.64
N PHE A 113 -6.18 -2.92 -5.01
CA PHE A 113 -5.29 -3.83 -5.74
C PHE A 113 -5.61 -3.78 -7.23
N THR A 114 -4.70 -3.26 -8.05
CA THR A 114 -4.93 -3.14 -9.49
C THR A 114 -4.46 -4.45 -10.16
N SER A 115 -5.04 -5.57 -9.76
CA SER A 115 -4.52 -6.92 -10.03
C SER A 115 -5.62 -7.98 -9.87
N ALA A 116 -6.88 -7.67 -10.19
CA ALA A 116 -8.04 -8.53 -9.94
C ALA A 116 -8.16 -9.69 -10.94
N GLY A 117 -7.07 -10.42 -11.16
CA GLY A 117 -7.08 -11.68 -11.87
C GLY A 117 -7.55 -12.79 -10.93
N THR A 118 -6.68 -13.73 -10.57
CA THR A 118 -7.14 -15.04 -10.10
C THR A 118 -7.45 -15.06 -8.59
N ASN A 119 -7.08 -14.04 -7.82
CA ASN A 119 -6.78 -14.20 -6.39
C ASN A 119 -7.40 -13.12 -5.47
N HIS A 120 -8.39 -12.33 -5.93
CA HIS A 120 -9.00 -11.22 -5.19
C HIS A 120 -9.31 -11.60 -3.73
N LYS A 121 -10.23 -12.53 -3.47
CA LYS A 121 -10.73 -12.69 -2.10
C LYS A 121 -9.63 -12.97 -1.06
N ALA A 122 -8.52 -13.60 -1.47
CA ALA A 122 -7.35 -13.76 -0.62
C ALA A 122 -6.78 -12.43 -0.11
N TYR A 123 -6.79 -11.39 -0.94
CA TYR A 123 -6.25 -10.05 -0.63
C TYR A 123 -6.87 -9.50 0.64
N VAL A 124 -8.19 -9.59 0.73
CA VAL A 124 -8.97 -9.00 1.81
C VAL A 124 -8.49 -9.60 3.13
N SER A 125 -8.33 -10.91 3.14
CA SER A 125 -7.91 -11.67 4.29
C SER A 125 -6.42 -11.47 4.62
N HIS A 126 -5.54 -11.19 3.64
CA HIS A 126 -4.18 -10.75 3.99
C HIS A 126 -4.22 -9.33 4.56
N PHE A 127 -5.06 -8.44 3.99
CA PHE A 127 -5.00 -7.02 4.32
C PHE A 127 -5.59 -6.77 5.69
N ASN A 128 -6.70 -7.41 6.03
CA ASN A 128 -7.29 -7.39 7.36
C ASN A 128 -6.19 -7.69 8.37
N GLU A 129 -5.53 -8.83 8.21
CA GLU A 129 -4.47 -9.23 9.12
C GLU A 129 -3.31 -8.23 9.14
N TRP A 130 -2.84 -7.74 7.98
CA TRP A 130 -1.59 -6.99 7.91
C TRP A 130 -1.86 -5.47 8.07
N ALA A 131 -3.09 -5.05 8.41
CA ALA A 131 -3.46 -3.65 8.62
C ALA A 131 -4.11 -3.38 9.97
N ASP A 132 -4.43 -4.45 10.72
CA ASP A 132 -5.17 -4.49 11.98
C ASP A 132 -4.56 -3.59 13.06
N GLY A 133 -4.89 -2.32 13.01
CA GLY A 133 -4.60 -1.31 14.00
C GLY A 133 -5.21 0.02 13.62
N LEU A 134 -5.35 0.31 12.32
CA LEU A 134 -5.82 1.57 11.78
C LEU A 134 -7.20 1.36 11.15
N ASN A 135 -8.09 2.35 11.22
CA ASN A 135 -9.45 2.33 10.65
C ASN A 135 -9.40 2.12 9.16
N VAL A 136 -9.88 0.96 8.68
CA VAL A 136 -10.00 0.69 7.26
C VAL A 136 -11.47 0.75 6.86
N ILE A 137 -11.77 1.44 5.76
CA ILE A 137 -13.13 1.69 5.28
C ILE A 137 -13.46 0.97 3.97
N GLY A 138 -12.47 0.36 3.30
CA GLY A 138 -12.67 -0.29 2.02
C GLY A 138 -11.46 -1.13 1.63
N VAL A 139 -11.71 -2.15 0.80
CA VAL A 139 -10.72 -2.99 0.15
C VAL A 139 -11.34 -3.40 -1.19
N ALA A 140 -10.93 -2.76 -2.30
CA ALA A 140 -11.45 -3.08 -3.62
C ALA A 140 -10.29 -3.22 -4.61
N ARG A 141 -10.63 -3.44 -5.87
CA ARG A 141 -9.69 -3.45 -6.97
C ARG A 141 -9.75 -2.13 -7.69
N ASP A 142 -8.78 -1.92 -8.59
CA ASP A 142 -8.84 -0.90 -9.63
C ASP A 142 -9.14 0.46 -8.98
N ASP A 143 -9.74 1.40 -9.70
CA ASP A 143 -10.08 2.73 -9.16
C ASP A 143 -11.59 3.00 -9.12
N SER A 144 -12.43 1.98 -9.32
CA SER A 144 -13.87 2.18 -9.51
C SER A 144 -14.62 2.71 -8.28
N GLU A 145 -14.05 2.70 -7.08
CA GLU A 145 -14.81 3.04 -5.86
C GLU A 145 -14.40 4.36 -5.23
N VAL A 146 -13.44 5.09 -5.82
CA VAL A 146 -12.86 6.32 -5.30
C VAL A 146 -13.94 7.36 -4.93
N ASP A 147 -15.05 7.35 -5.65
CA ASP A 147 -16.26 8.14 -5.48
C ASP A 147 -16.86 8.11 -4.06
N LYS A 148 -16.53 7.11 -3.23
CA LYS A 148 -16.93 7.09 -1.82
C LYS A 148 -15.74 7.37 -0.91
N TRP A 149 -14.53 6.95 -1.28
CA TRP A 149 -13.30 7.10 -0.50
C TRP A 149 -12.76 8.53 -0.61
N SER A 150 -13.62 9.53 -0.74
CA SER A 150 -13.24 10.89 -1.09
C SER A 150 -14.36 11.88 -0.72
N LYS A 151 -15.62 11.45 -0.54
CA LYS A 151 -16.73 12.35 -0.22
C LYS A 151 -16.95 12.48 1.28
N GLY A 1 -7.95 20.71 12.27
CA GLY A 1 -7.82 21.50 11.05
C GLY A 1 -9.14 21.62 10.29
N MET A 2 -9.08 22.01 9.02
CA MET A 2 -10.19 21.98 8.07
C MET A 2 -9.66 21.82 6.64
N ALA A 3 -8.89 20.76 6.39
CA ALA A 3 -8.44 20.37 5.07
C ALA A 3 -8.32 18.85 5.01
N LYS A 4 -9.34 18.21 4.45
CA LYS A 4 -9.41 16.77 4.34
C LYS A 4 -8.49 16.32 3.20
N LYS A 5 -7.19 16.15 3.47
CA LYS A 5 -6.27 15.75 2.41
C LYS A 5 -6.25 14.26 2.26
N THR A 6 -5.65 13.86 1.15
CA THR A 6 -5.53 12.47 0.78
C THR A 6 -4.08 12.17 0.41
N LEU A 7 -3.56 10.97 0.71
CA LEU A 7 -2.27 10.52 0.17
C LEU A 7 -2.41 9.21 -0.58
N ILE A 8 -1.56 9.03 -1.59
CA ILE A 8 -1.51 7.92 -2.51
C ILE A 8 -0.05 7.47 -2.51
N LEU A 9 0.23 6.29 -1.95
CA LEU A 9 1.55 5.64 -1.90
C LEU A 9 1.42 4.27 -2.56
N TYR A 10 2.44 3.81 -3.29
CA TYR A 10 2.46 2.49 -3.89
C TYR A 10 3.89 1.94 -3.93
N TYR A 11 3.99 0.62 -3.87
CA TYR A 11 5.19 -0.13 -4.18
C TYR A 11 4.78 -1.36 -4.99
N SER A 12 4.81 -1.23 -6.31
CA SER A 12 4.71 -2.36 -7.23
C SER A 12 5.42 -1.95 -8.51
N TRP A 13 6.72 -2.26 -8.59
CA TRP A 13 7.53 -2.05 -9.78
C TRP A 13 7.47 -0.57 -10.21
N SER A 14 7.85 -0.25 -11.44
CA SER A 14 7.57 1.06 -12.03
C SER A 14 6.80 0.84 -13.32
N GLY A 15 5.49 0.61 -13.16
CA GLY A 15 4.56 0.37 -14.27
C GLY A 15 3.46 -0.63 -13.94
N GLU A 16 3.42 -1.22 -12.73
CA GLU A 16 2.37 -2.15 -12.35
C GLU A 16 1.20 -1.34 -11.77
N THR A 17 1.30 -0.83 -10.54
CA THR A 17 0.25 -0.01 -9.93
C THR A 17 0.18 1.43 -10.47
N LYS A 18 1.23 1.92 -11.16
CA LYS A 18 1.50 3.35 -11.29
C LYS A 18 0.32 4.17 -11.82
N LYS A 19 -0.45 3.67 -12.79
CA LYS A 19 -1.64 4.39 -13.27
C LYS A 19 -2.57 4.70 -12.10
N MET A 20 -2.90 3.72 -11.27
CA MET A 20 -3.73 3.86 -10.06
C MET A 20 -3.02 4.58 -8.90
N ALA A 21 -1.94 5.31 -9.17
CA ALA A 21 -1.51 6.40 -8.31
C ALA A 21 -1.76 7.72 -9.03
N GLU A 22 -1.23 7.84 -10.25
CA GLU A 22 -1.17 9.05 -11.02
C GLU A 22 -2.58 9.53 -11.41
N LYS A 23 -3.46 8.61 -11.77
CA LYS A 23 -4.86 8.89 -12.13
C LYS A 23 -5.52 9.66 -11.00
N ILE A 24 -5.68 8.95 -9.89
CA ILE A 24 -6.53 9.28 -8.76
C ILE A 24 -6.08 10.62 -8.15
N ASN A 25 -4.77 10.87 -8.10
CA ASN A 25 -4.24 12.14 -7.66
C ASN A 25 -4.88 13.31 -8.42
N SER A 26 -5.03 13.16 -9.73
CA SER A 26 -5.58 14.18 -10.60
C SER A 26 -7.11 14.34 -10.44
N GLU A 27 -7.80 13.45 -9.73
CA GLU A 27 -9.26 13.42 -9.66
C GLU A 27 -9.78 13.87 -8.29
N ILE A 28 -8.97 13.74 -7.23
CA ILE A 28 -9.31 14.10 -5.86
C ILE A 28 -8.74 15.51 -5.62
N LYS A 29 -9.43 16.29 -4.79
CA LYS A 29 -8.98 17.59 -4.33
C LYS A 29 -8.03 17.38 -3.16
N ASP A 30 -7.01 18.23 -3.07
CA ASP A 30 -6.07 18.29 -1.96
C ASP A 30 -5.32 16.96 -1.77
N SER A 31 -5.26 16.14 -2.82
CA SER A 31 -4.41 14.97 -2.88
C SER A 31 -2.93 15.34 -3.04
N GLU A 32 -2.08 14.37 -2.76
CA GLU A 32 -0.65 14.29 -3.02
C GLU A 32 -0.38 12.83 -3.42
N LEU A 33 0.66 12.64 -4.21
CA LEU A 33 1.09 11.35 -4.73
C LEU A 33 2.54 11.10 -4.35
N LYS A 34 2.88 9.86 -4.06
CA LYS A 34 4.17 9.47 -3.50
C LYS A 34 4.50 8.05 -3.92
N GLU A 35 5.76 7.68 -3.79
CA GLU A 35 6.25 6.33 -3.91
C GLU A 35 6.66 5.81 -2.52
N VAL A 36 6.94 4.52 -2.44
CA VAL A 36 7.62 3.85 -1.34
C VAL A 36 8.73 3.03 -2.00
N LYS A 37 9.78 2.66 -1.27
CA LYS A 37 10.69 1.59 -1.63
C LYS A 37 10.95 0.72 -0.39
N VAL A 38 11.71 -0.36 -0.54
CA VAL A 38 12.18 -1.12 0.62
C VAL A 38 13.32 -0.35 1.31
N SER A 39 13.63 -0.74 2.55
CA SER A 39 14.82 -0.39 3.29
C SER A 39 15.97 -1.35 2.95
N GLU A 40 17.14 -1.03 3.47
CA GLU A 40 18.34 -1.85 3.45
C GLU A 40 19.01 -1.86 4.83
N GLY A 41 18.16 -1.77 5.85
CA GLY A 41 18.53 -1.55 7.25
C GLY A 41 18.23 -2.75 8.14
N THR A 42 18.51 -2.57 9.44
CA THR A 42 18.32 -3.54 10.52
C THR A 42 18.81 -4.95 10.17
N PHE A 43 20.01 -5.02 9.58
CA PHE A 43 20.79 -6.19 9.18
C PHE A 43 20.05 -7.28 8.39
N ASP A 44 20.85 -8.19 7.83
CA ASP A 44 20.45 -9.10 6.76
C ASP A 44 21.31 -10.35 6.84
N ALA A 45 22.53 -10.30 6.31
CA ALA A 45 23.45 -11.39 6.08
C ALA A 45 22.85 -12.44 5.15
N ASP A 46 23.66 -13.48 4.91
CA ASP A 46 23.33 -14.67 4.15
C ASP A 46 22.66 -14.32 2.82
N MET A 47 23.36 -13.49 2.03
CA MET A 47 23.00 -13.06 0.67
C MET A 47 21.71 -12.22 0.59
N TYR A 48 21.27 -11.66 1.72
CA TYR A 48 20.19 -10.71 1.95
C TYR A 48 18.79 -11.20 1.55
N LYS A 49 17.76 -10.59 2.15
CA LYS A 49 16.36 -10.75 1.79
C LYS A 49 15.71 -9.40 2.01
N THR A 50 15.48 -8.66 0.92
CA THR A 50 14.82 -7.37 0.91
C THR A 50 14.14 -7.05 -0.44
N SER A 51 14.61 -7.59 -1.56
CA SER A 51 14.08 -7.29 -2.89
C SER A 51 13.06 -8.35 -3.33
N ASP A 52 12.64 -9.20 -2.38
CA ASP A 52 12.43 -10.61 -2.59
C ASP A 52 10.93 -10.87 -2.70
N ILE A 53 10.40 -10.97 -3.91
CA ILE A 53 8.98 -10.85 -4.19
C ILE A 53 8.54 -12.08 -4.98
N ALA A 54 7.31 -12.52 -4.71
CA ALA A 54 6.61 -13.74 -5.11
C ALA A 54 7.11 -14.94 -4.31
N LEU A 55 6.31 -15.37 -3.34
CA LEU A 55 6.42 -16.62 -2.59
C LEU A 55 7.66 -16.69 -1.69
N ASP A 56 8.09 -15.54 -1.16
CA ASP A 56 9.30 -15.42 -0.37
C ASP A 56 8.96 -14.63 0.88
N GLN A 57 9.31 -15.12 2.07
CA GLN A 57 8.97 -14.59 3.41
C GLN A 57 7.49 -14.72 3.84
N ILE A 58 6.66 -15.45 3.09
CA ILE A 58 5.26 -15.72 3.42
C ILE A 58 5.14 -17.17 3.91
N GLN A 59 5.17 -18.13 2.98
CA GLN A 59 4.94 -19.55 3.23
C GLN A 59 6.27 -20.16 3.61
N GLY A 60 6.31 -20.87 4.72
CA GLY A 60 7.53 -21.39 5.31
C GLY A 60 8.26 -20.27 6.05
N ASN A 61 8.58 -19.19 5.32
CA ASN A 61 9.61 -18.25 5.72
C ASN A 61 8.96 -17.06 6.44
N LYS A 62 9.75 -16.21 7.11
CA LYS A 62 9.29 -15.09 7.93
C LYS A 62 10.35 -13.99 8.05
N ASP A 63 10.02 -12.95 8.83
CA ASP A 63 10.61 -11.60 8.82
C ASP A 63 10.41 -10.95 7.45
N PHE A 64 10.68 -9.65 7.32
CA PHE A 64 10.57 -8.91 6.07
C PHE A 64 11.43 -7.64 6.17
N PRO A 65 11.72 -6.96 5.04
CA PRO A 65 12.44 -5.71 5.06
C PRO A 65 11.59 -4.60 5.71
N GLU A 66 12.22 -3.53 6.19
CA GLU A 66 11.52 -2.27 6.44
C GLU A 66 11.27 -1.56 5.09
N ILE A 67 10.68 -0.37 5.14
CA ILE A 67 10.43 0.47 3.98
C ILE A 67 11.26 1.75 4.10
N GLN A 68 11.37 2.46 2.98
CA GLN A 68 11.85 3.83 2.91
C GLN A 68 10.85 4.62 2.08
N LEU A 69 10.70 5.88 2.44
CA LEU A 69 9.93 6.88 1.74
C LEU A 69 10.49 8.23 2.20
N ASP A 70 9.97 9.32 1.65
CA ASP A 70 10.46 10.67 1.93
C ASP A 70 9.94 11.17 3.28
N ASN A 71 10.33 12.39 3.67
CA ASN A 71 9.82 13.05 4.87
C ASN A 71 8.38 13.50 4.66
N ILE A 72 7.48 12.55 4.84
CA ILE A 72 6.04 12.66 4.84
C ILE A 72 5.62 12.75 6.32
N ASP A 73 4.40 13.20 6.60
CA ASP A 73 3.74 13.05 7.88
C ASP A 73 2.36 12.49 7.60
N TYR A 74 1.97 11.39 8.25
CA TYR A 74 0.60 10.85 8.13
C TYR A 74 -0.44 11.84 8.66
N ASN A 75 -0.07 12.56 9.72
CA ASN A 75 -1.01 13.22 10.62
C ASN A 75 -1.76 14.34 9.92
N ASN A 76 -1.13 15.06 8.99
CA ASN A 76 -1.76 16.19 8.33
C ASN A 76 -2.76 15.80 7.25
N TYR A 77 -2.97 14.51 6.98
CA TYR A 77 -3.98 14.06 6.02
C TYR A 77 -5.25 13.64 6.76
N ASP A 78 -6.29 13.32 6.00
CA ASP A 78 -7.56 12.81 6.52
C ASP A 78 -7.97 11.49 5.83
N LEU A 79 -7.36 11.15 4.69
CA LEU A 79 -7.64 9.92 3.95
C LEU A 79 -6.36 9.36 3.31
N ILE A 80 -6.26 8.04 3.18
CA ILE A 80 -5.04 7.36 2.69
C ILE A 80 -5.39 6.20 1.76
N LEU A 81 -4.64 6.04 0.67
CA LEU A 81 -4.66 4.89 -0.24
C LEU A 81 -3.33 4.14 -0.22
N ILE A 82 -3.38 2.85 -0.56
CA ILE A 82 -2.29 1.88 -0.48
C ILE A 82 -2.41 0.95 -1.68
N GLY A 83 -1.34 0.70 -2.44
CA GLY A 83 -1.34 -0.25 -3.55
C GLY A 83 -0.23 -1.31 -3.41
N SER A 84 -0.53 -2.56 -3.77
CA SER A 84 0.40 -3.71 -3.75
C SER A 84 -0.20 -4.84 -4.62
N PRO A 85 0.62 -5.65 -5.33
CA PRO A 85 0.18 -6.64 -6.31
C PRO A 85 -0.38 -7.92 -5.66
N VAL A 86 -0.85 -8.85 -6.49
CA VAL A 86 -1.37 -10.14 -6.06
C VAL A 86 -1.39 -11.14 -7.21
N TRP A 87 -0.68 -12.26 -7.05
CA TRP A 87 -0.76 -13.38 -7.98
C TRP A 87 -0.72 -14.73 -7.29
N SER A 88 -0.54 -14.76 -5.97
CA SER A 88 -0.64 -15.96 -5.14
C SER A 88 -1.30 -15.66 -3.77
N GLY A 89 -1.85 -14.44 -3.59
CA GLY A 89 -2.48 -13.98 -2.35
C GLY A 89 -1.62 -12.95 -1.63
N TYR A 90 -0.35 -13.29 -1.40
CA TYR A 90 0.58 -12.55 -0.56
C TYR A 90 1.95 -12.59 -1.29
N PRO A 91 2.14 -11.84 -2.38
CA PRO A 91 3.38 -11.85 -3.14
C PRO A 91 4.52 -11.11 -2.43
N ALA A 92 4.22 -10.19 -1.52
CA ALA A 92 5.16 -9.26 -0.91
C ALA A 92 4.64 -8.93 0.48
N THR A 93 5.42 -8.23 1.33
CA THR A 93 4.87 -7.62 2.54
C THR A 93 5.45 -6.21 2.80
N PRO A 94 5.46 -5.25 1.84
CA PRO A 94 5.84 -3.86 2.08
C PRO A 94 4.71 -3.06 2.73
N ILE A 95 3.57 -3.72 2.96
CA ILE A 95 2.37 -3.17 3.55
C ILE A 95 2.23 -3.81 4.94
N LYS A 96 3.33 -3.89 5.68
CA LYS A 96 3.31 -4.17 7.12
C LYS A 96 3.80 -2.92 7.84
N THR A 97 5.08 -2.60 7.71
CA THR A 97 5.77 -1.53 8.41
C THR A 97 5.04 -0.19 8.33
N LEU A 98 4.56 0.23 7.15
CA LEU A 98 3.91 1.54 6.98
C LEU A 98 2.71 1.71 7.92
N LEU A 99 1.75 0.80 7.83
CA LEU A 99 0.56 0.72 8.67
C LEU A 99 0.98 0.77 10.13
N ASP A 100 1.96 -0.05 10.48
CA ASP A 100 2.56 -0.13 11.80
C ASP A 100 3.30 1.16 12.23
N GLN A 101 3.51 2.14 11.34
CA GLN A 101 4.01 3.47 11.67
C GLN A 101 2.86 4.45 11.90
N MET A 102 1.68 4.26 11.29
CA MET A 102 0.53 5.18 11.32
C MET A 102 -0.20 5.19 12.67
N LYS A 103 0.48 4.83 13.75
CA LYS A 103 -0.08 4.67 15.09
C LYS A 103 -0.60 5.99 15.68
N ASN A 104 -0.37 7.15 15.07
CA ASN A 104 -0.88 8.45 15.48
C ASN A 104 -1.53 9.19 14.30
N TYR A 105 -1.92 8.47 13.24
CA TYR A 105 -2.73 9.01 12.15
C TYR A 105 -4.16 9.19 12.65
N ARG A 106 -4.86 10.19 12.10
CA ARG A 106 -6.27 10.49 12.36
C ARG A 106 -6.88 10.76 11.00
N GLY A 107 -7.75 9.86 10.54
CA GLY A 107 -8.23 9.83 9.16
C GLY A 107 -8.59 8.38 8.78
N GLU A 108 -8.80 8.07 7.50
CA GLU A 108 -9.29 6.78 7.07
C GLU A 108 -8.35 6.15 6.04
N VAL A 109 -8.47 4.84 5.82
CA VAL A 109 -7.57 4.09 4.94
C VAL A 109 -8.37 3.19 3.99
N ALA A 110 -7.92 3.04 2.74
CA ALA A 110 -8.36 1.98 1.83
C ALA A 110 -7.13 1.43 1.09
N SER A 111 -7.32 0.36 0.32
CA SER A 111 -6.27 -0.20 -0.51
C SER A 111 -6.83 -0.67 -1.85
N PHE A 112 -5.96 -0.72 -2.85
CA PHE A 112 -6.28 -1.11 -4.21
C PHE A 112 -5.32 -2.17 -4.72
N PHE A 113 -5.81 -3.04 -5.61
CA PHE A 113 -5.01 -4.07 -6.28
C PHE A 113 -5.26 -3.96 -7.78
N THR A 114 -4.24 -3.60 -8.57
CA THR A 114 -4.30 -3.57 -10.04
C THR A 114 -3.96 -4.95 -10.64
N SER A 115 -3.38 -5.83 -9.83
CA SER A 115 -3.17 -7.25 -10.11
C SER A 115 -4.43 -8.03 -9.72
N ALA A 116 -4.65 -9.22 -10.30
CA ALA A 116 -5.80 -10.05 -9.96
C ALA A 116 -5.58 -11.55 -10.13
N GLY A 117 -4.45 -11.97 -10.70
CA GLY A 117 -4.41 -13.10 -11.66
C GLY A 117 -5.25 -14.30 -11.24
N THR A 118 -4.95 -14.92 -10.10
CA THR A 118 -5.70 -16.08 -9.58
C THR A 118 -6.18 -15.88 -8.14
N ASN A 119 -5.89 -14.73 -7.53
CA ASN A 119 -6.06 -14.48 -6.11
C ASN A 119 -6.83 -13.17 -5.90
N HIS A 120 -8.15 -13.28 -5.84
CA HIS A 120 -9.03 -12.25 -5.34
C HIS A 120 -9.23 -12.48 -3.84
N LYS A 121 -10.14 -13.39 -3.46
CA LYS A 121 -10.61 -13.59 -2.08
C LYS A 121 -9.51 -13.58 -1.02
N ALA A 122 -8.40 -14.28 -1.26
CA ALA A 122 -7.30 -14.36 -0.30
C ALA A 122 -6.73 -12.99 0.08
N TYR A 123 -6.66 -12.05 -0.87
CA TYR A 123 -6.02 -10.75 -0.67
C TYR A 123 -6.77 -9.93 0.36
N VAL A 124 -8.10 -9.83 0.20
CA VAL A 124 -8.98 -9.13 1.15
C VAL A 124 -8.71 -9.64 2.57
N SER A 125 -8.59 -10.97 2.72
CA SER A 125 -8.39 -11.60 4.00
C SER A 125 -6.98 -11.34 4.55
N HIS A 126 -5.95 -11.17 3.71
CA HIS A 126 -4.65 -10.76 4.23
C HIS A 126 -4.81 -9.35 4.79
N PHE A 127 -5.45 -8.48 4.01
CA PHE A 127 -5.34 -7.05 4.26
C PHE A 127 -6.05 -6.66 5.54
N ASN A 128 -7.22 -7.25 5.77
CA ASN A 128 -7.96 -7.12 7.02
C ASN A 128 -7.04 -7.35 8.22
N GLU A 129 -6.28 -8.45 8.20
CA GLU A 129 -5.39 -8.77 9.31
C GLU A 129 -4.15 -7.90 9.33
N TRP A 130 -3.57 -7.58 8.17
CA TRP A 130 -2.29 -6.89 8.10
C TRP A 130 -2.50 -5.37 8.21
N ALA A 131 -3.76 -4.91 8.32
CA ALA A 131 -4.15 -3.54 8.65
C ALA A 131 -4.86 -3.44 10.01
N ASP A 132 -5.20 -4.56 10.65
CA ASP A 132 -5.80 -4.65 11.98
C ASP A 132 -5.04 -3.73 12.93
N GLY A 133 -5.74 -2.71 13.42
CA GLY A 133 -5.19 -1.59 14.16
C GLY A 133 -5.59 -0.24 13.57
N LEU A 134 -6.01 -0.19 12.29
CA LEU A 134 -6.34 1.02 11.56
C LEU A 134 -7.65 0.87 10.80
N ASN A 135 -8.38 1.98 10.67
CA ASN A 135 -9.68 2.08 10.02
C ASN A 135 -9.61 1.87 8.51
N VAL A 136 -9.95 0.68 8.04
CA VAL A 136 -10.01 0.38 6.61
C VAL A 136 -11.47 0.36 6.13
N ILE A 137 -11.83 1.26 5.21
CA ILE A 137 -13.18 1.38 4.69
C ILE A 137 -13.34 0.90 3.23
N GLY A 138 -12.30 0.31 2.63
CA GLY A 138 -12.49 -0.53 1.44
C GLY A 138 -11.21 -1.21 0.97
N VAL A 139 -11.39 -2.26 0.16
CA VAL A 139 -10.34 -3.05 -0.48
C VAL A 139 -10.89 -3.43 -1.85
N ALA A 140 -10.48 -2.75 -2.92
CA ALA A 140 -11.09 -2.91 -4.25
C ALA A 140 -10.02 -2.85 -5.35
N ARG A 141 -10.41 -2.83 -6.63
CA ARG A 141 -9.49 -2.67 -7.73
C ARG A 141 -9.93 -1.53 -8.63
N ASP A 142 -8.99 -1.12 -9.46
CA ASP A 142 -9.11 -0.03 -10.43
C ASP A 142 -9.65 1.22 -9.73
N ASP A 143 -10.13 2.19 -10.51
CA ASP A 143 -10.61 3.51 -10.12
C ASP A 143 -12.09 3.44 -9.70
N SER A 144 -12.67 2.24 -9.58
CA SER A 144 -14.11 2.01 -9.53
C SER A 144 -14.76 2.37 -8.17
N GLU A 145 -13.99 2.52 -7.08
CA GLU A 145 -14.57 2.75 -5.74
C GLU A 145 -14.02 4.02 -5.06
N VAL A 146 -13.28 4.88 -5.78
CA VAL A 146 -12.67 6.06 -5.18
C VAL A 146 -13.72 6.98 -4.54
N ASP A 147 -14.94 7.01 -5.09
CA ASP A 147 -16.07 7.76 -4.55
C ASP A 147 -16.29 7.47 -3.08
N LYS A 148 -16.47 6.20 -2.69
CA LYS A 148 -16.81 5.85 -1.31
C LYS A 148 -15.70 6.26 -0.35
N TRP A 149 -14.46 6.41 -0.82
CA TRP A 149 -13.33 6.81 0.00
C TRP A 149 -13.03 8.30 -0.14
N SER A 150 -13.88 9.12 -0.77
CA SER A 150 -13.56 10.52 -1.03
C SER A 150 -14.81 11.42 -1.01
N LYS A 151 -16.00 10.84 -0.97
CA LYS A 151 -17.28 11.55 -0.93
C LYS A 151 -17.40 12.51 0.25
N GLY A 1 -12.48 26.16 10.17
CA GLY A 1 -11.28 25.36 9.91
C GLY A 1 -11.64 23.89 9.80
N MET A 2 -11.68 23.37 8.58
CA MET A 2 -11.85 21.95 8.26
C MET A 2 -11.20 21.73 6.90
N ALA A 3 -10.24 20.82 6.80
CA ALA A 3 -9.68 20.36 5.54
C ALA A 3 -9.28 18.91 5.74
N LYS A 4 -10.05 17.99 5.17
CA LYS A 4 -9.66 16.60 5.02
C LYS A 4 -8.81 16.53 3.76
N LYS A 5 -7.64 15.91 3.82
CA LYS A 5 -6.84 15.67 2.62
C LYS A 5 -6.70 14.20 2.37
N THR A 6 -6.21 13.89 1.19
CA THR A 6 -6.04 12.52 0.72
C THR A 6 -4.57 12.29 0.34
N LEU A 7 -4.14 11.03 0.30
CA LEU A 7 -2.79 10.62 -0.09
C LEU A 7 -2.90 9.33 -0.90
N ILE A 8 -1.94 9.08 -1.81
CA ILE A 8 -1.90 7.94 -2.72
C ILE A 8 -0.47 7.36 -2.67
N LEU A 9 -0.29 6.22 -2.02
CA LEU A 9 0.98 5.53 -1.87
C LEU A 9 1.03 4.30 -2.76
N TYR A 10 2.00 4.21 -3.66
CA TYR A 10 1.98 3.23 -4.73
C TYR A 10 3.34 2.53 -4.89
N TYR A 11 3.52 1.46 -4.12
CA TYR A 11 4.73 0.66 -4.18
C TYR A 11 4.75 -0.01 -5.57
N SER A 12 5.93 -0.25 -6.12
CA SER A 12 6.20 -1.20 -7.19
C SER A 12 7.71 -1.35 -7.28
N TRP A 13 8.15 -2.29 -8.11
CA TRP A 13 9.53 -2.44 -8.49
C TRP A 13 9.91 -1.20 -9.31
N SER A 14 9.66 -1.19 -10.62
CA SER A 14 9.92 -0.03 -11.48
C SER A 14 8.74 0.18 -12.41
N GLY A 15 7.90 1.17 -12.09
CA GLY A 15 6.97 1.78 -13.04
C GLY A 15 5.74 0.92 -13.34
N GLU A 16 5.20 0.20 -12.36
CA GLU A 16 4.02 -0.64 -12.53
C GLU A 16 2.75 0.10 -12.07
N THR A 17 2.56 0.29 -10.75
CA THR A 17 1.42 1.01 -10.17
C THR A 17 1.37 2.48 -10.60
N LYS A 18 2.44 3.01 -11.23
CA LYS A 18 2.61 4.40 -11.61
C LYS A 18 1.35 4.96 -12.25
N LYS A 19 0.92 4.36 -13.36
CA LYS A 19 -0.25 4.83 -14.11
C LYS A 19 -1.50 4.92 -13.23
N MET A 20 -1.67 3.98 -12.31
CA MET A 20 -2.80 3.85 -11.41
C MET A 20 -2.67 4.76 -10.19
N ALA A 21 -1.64 5.60 -10.09
CA ALA A 21 -1.58 6.69 -9.10
C ALA A 21 -1.83 8.05 -9.74
N GLU A 22 -1.32 8.25 -10.96
CA GLU A 22 -1.31 9.56 -11.59
C GLU A 22 -2.71 10.00 -12.04
N LYS A 23 -3.62 9.06 -12.35
CA LYS A 23 -4.99 9.39 -12.71
C LYS A 23 -5.69 9.96 -11.47
N ILE A 24 -5.89 9.12 -10.44
CA ILE A 24 -6.61 9.37 -9.18
C ILE A 24 -6.14 10.69 -8.56
N ASN A 25 -4.83 10.96 -8.58
CA ASN A 25 -4.25 12.17 -8.01
C ASN A 25 -4.85 13.46 -8.59
N SER A 26 -5.28 13.44 -9.85
CA SER A 26 -5.98 14.54 -10.51
C SER A 26 -7.48 14.56 -10.20
N GLU A 27 -8.11 13.42 -9.89
CA GLU A 27 -9.56 13.32 -9.71
C GLU A 27 -9.98 13.53 -8.25
N ILE A 28 -9.02 13.54 -7.32
CA ILE A 28 -9.26 13.84 -5.91
C ILE A 28 -8.71 15.23 -5.62
N LYS A 29 -9.60 16.11 -5.18
CA LYS A 29 -9.21 17.44 -4.74
C LYS A 29 -8.45 17.36 -3.43
N ASP A 30 -7.39 18.14 -3.33
CA ASP A 30 -6.51 18.24 -2.16
C ASP A 30 -5.91 16.87 -1.78
N SER A 31 -5.63 16.05 -2.79
CA SER A 31 -4.90 14.80 -2.65
C SER A 31 -3.39 15.04 -2.85
N GLU A 32 -2.60 14.00 -2.64
CA GLU A 32 -1.18 13.90 -2.95
C GLU A 32 -0.87 12.47 -3.39
N LEU A 33 0.33 12.25 -3.95
CA LEU A 33 0.90 10.96 -4.19
C LEU A 33 2.33 10.91 -3.62
N LYS A 34 2.75 9.73 -3.14
CA LYS A 34 3.99 9.52 -2.39
C LYS A 34 4.67 8.23 -2.85
N GLU A 35 5.97 8.12 -2.59
CA GLU A 35 6.80 7.00 -3.00
C GLU A 35 7.21 6.14 -1.80
N VAL A 36 6.62 4.95 -1.72
CA VAL A 36 7.17 3.76 -1.10
C VAL A 36 8.22 3.10 -2.01
N LYS A 37 9.35 2.68 -1.45
CA LYS A 37 10.33 1.81 -2.09
C LYS A 37 10.83 0.80 -1.04
N VAL A 38 11.72 -0.12 -1.40
CA VAL A 38 12.28 -1.11 -0.46
C VAL A 38 13.77 -0.86 -0.25
N SER A 39 14.38 -1.53 0.73
CA SER A 39 15.82 -1.52 0.98
C SER A 39 16.50 -2.60 0.13
N GLU A 40 17.83 -2.58 0.14
CA GLU A 40 18.69 -3.63 -0.39
C GLU A 40 18.64 -4.87 0.53
N GLY A 41 19.43 -5.89 0.21
CA GLY A 41 19.61 -7.05 1.08
C GLY A 41 19.68 -8.36 0.30
N THR A 42 20.52 -8.43 -0.74
CA THR A 42 20.71 -9.61 -1.57
C THR A 42 22.18 -9.66 -2.02
N PHE A 43 22.71 -10.84 -2.37
CA PHE A 43 24.02 -10.96 -3.00
C PHE A 43 23.80 -10.83 -4.51
N ASP A 44 23.35 -9.66 -4.95
CA ASP A 44 23.32 -9.26 -6.36
C ASP A 44 23.80 -7.81 -6.43
N ALA A 45 24.16 -7.32 -7.62
CA ALA A 45 25.03 -6.17 -7.88
C ALA A 45 24.39 -4.81 -7.56
N ASP A 46 23.96 -4.65 -6.32
CA ASP A 46 23.26 -3.51 -5.72
C ASP A 46 22.14 -2.97 -6.59
N MET A 47 21.32 -3.91 -7.06
CA MET A 47 20.33 -3.73 -8.10
C MET A 47 18.96 -4.24 -7.64
N TYR A 48 18.81 -4.58 -6.36
CA TYR A 48 17.64 -5.20 -5.74
C TYR A 48 17.25 -6.54 -6.40
N LYS A 49 16.46 -7.36 -5.71
CA LYS A 49 16.00 -8.66 -6.21
C LYS A 49 14.54 -8.93 -5.89
N THR A 50 14.08 -8.49 -4.72
CA THR A 50 12.79 -8.75 -4.10
C THR A 50 11.65 -8.62 -5.12
N SER A 51 10.79 -9.64 -5.22
CA SER A 51 9.76 -9.72 -6.24
C SER A 51 8.68 -10.75 -5.88
N ASP A 52 7.75 -10.98 -6.80
CA ASP A 52 6.44 -11.62 -6.61
C ASP A 52 6.58 -13.16 -6.59
N ILE A 53 7.36 -13.68 -5.66
CA ILE A 53 7.79 -15.10 -5.58
C ILE A 53 6.59 -16.06 -5.54
N ALA A 54 5.54 -15.71 -4.81
CA ALA A 54 4.44 -16.54 -4.32
C ALA A 54 4.92 -17.53 -3.27
N LEU A 55 4.24 -17.58 -2.13
CA LEU A 55 4.59 -18.30 -0.93
C LEU A 55 6.04 -18.05 -0.47
N ASP A 56 6.50 -18.82 0.51
CA ASP A 56 7.85 -18.96 1.06
C ASP A 56 8.54 -17.68 1.57
N GLN A 57 7.82 -16.57 1.62
CA GLN A 57 8.11 -15.40 2.45
C GLN A 57 6.87 -15.01 3.27
N ILE A 58 5.92 -15.95 3.44
CA ILE A 58 4.69 -15.71 4.19
C ILE A 58 4.51 -16.78 5.28
N GLN A 59 3.92 -17.94 4.95
CA GLN A 59 3.29 -18.79 5.95
C GLN A 59 4.33 -19.65 6.64
N GLY A 60 4.76 -19.24 7.84
CA GLY A 60 5.83 -19.90 8.58
C GLY A 60 7.22 -19.41 8.16
N ASN A 61 7.32 -18.47 7.20
CA ASN A 61 8.52 -17.69 6.94
C ASN A 61 8.18 -16.27 7.33
N LYS A 62 8.24 -16.00 8.64
CA LYS A 62 7.62 -14.84 9.26
C LYS A 62 8.66 -13.73 9.44
N ASP A 63 9.37 -13.39 8.37
CA ASP A 63 10.29 -12.24 8.32
C ASP A 63 10.15 -11.65 6.93
N PHE A 64 10.37 -10.35 6.75
CA PHE A 64 10.21 -9.71 5.44
C PHE A 64 11.19 -8.54 5.27
N PRO A 65 11.40 -8.04 4.03
CA PRO A 65 12.31 -6.93 3.76
C PRO A 65 11.88 -5.62 4.43
N GLU A 66 12.87 -4.76 4.70
CA GLU A 66 12.64 -3.38 5.11
C GLU A 66 12.00 -2.57 3.98
N ILE A 67 11.48 -1.40 4.36
CA ILE A 67 10.90 -0.43 3.44
C ILE A 67 11.70 0.87 3.51
N GLN A 68 11.54 1.73 2.50
CA GLN A 68 12.21 3.01 2.40
C GLN A 68 11.19 4.02 1.86
N LEU A 69 11.33 5.29 2.25
CA LEU A 69 10.57 6.46 1.83
C LEU A 69 11.33 7.69 2.31
N ASP A 70 10.66 8.83 2.33
CA ASP A 70 11.13 10.13 2.83
C ASP A 70 10.39 10.51 4.13
N ASN A 71 10.70 11.64 4.78
CA ASN A 71 9.92 12.04 5.96
C ASN A 71 8.60 12.67 5.51
N ILE A 72 7.62 11.81 5.33
CA ILE A 72 6.21 12.17 5.31
C ILE A 72 5.73 12.05 6.75
N ASP A 73 4.75 12.87 7.14
CA ASP A 73 4.19 12.88 8.47
C ASP A 73 2.70 12.58 8.35
N TYR A 74 2.26 11.41 8.83
CA TYR A 74 0.91 10.87 8.68
C TYR A 74 -0.13 11.55 9.59
N ASN A 75 -0.05 12.87 9.76
CA ASN A 75 -0.98 13.64 10.58
C ASN A 75 -1.67 14.80 9.85
N ASN A 76 -1.21 15.16 8.66
CA ASN A 76 -1.73 16.26 7.85
C ASN A 76 -2.59 15.81 6.68
N TYR A 77 -2.91 14.51 6.55
CA TYR A 77 -3.94 13.98 5.65
C TYR A 77 -5.00 13.30 6.50
N ASP A 78 -6.23 13.20 5.98
CA ASP A 78 -7.34 12.51 6.68
C ASP A 78 -7.74 11.21 5.97
N LEU A 79 -7.17 10.93 4.80
CA LEU A 79 -7.48 9.78 3.95
C LEU A 79 -6.16 9.29 3.33
N ILE A 80 -5.87 7.98 3.36
CA ILE A 80 -4.63 7.43 2.82
C ILE A 80 -4.99 6.18 2.00
N LEU A 81 -4.71 6.23 0.70
CA LEU A 81 -4.97 5.20 -0.30
C LEU A 81 -3.66 4.46 -0.59
N ILE A 82 -3.70 3.13 -0.70
CA ILE A 82 -2.50 2.30 -0.75
C ILE A 82 -2.61 1.23 -1.85
N GLY A 83 -1.73 1.27 -2.86
CA GLY A 83 -1.71 0.29 -3.96
C GLY A 83 -0.48 -0.61 -3.92
N SER A 84 -0.62 -1.86 -4.37
CA SER A 84 0.38 -2.92 -4.39
C SER A 84 -0.22 -4.11 -5.20
N PRO A 85 0.58 -4.95 -5.90
CA PRO A 85 0.07 -6.10 -6.65
C PRO A 85 -0.35 -7.26 -5.74
N VAL A 86 -0.97 -8.29 -6.33
CA VAL A 86 -1.30 -9.58 -5.72
C VAL A 86 -1.14 -10.59 -6.84
N TRP A 87 -0.85 -11.84 -6.50
CA TRP A 87 -1.09 -12.93 -7.44
C TRP A 87 -1.51 -14.19 -6.76
N SER A 88 -0.92 -14.41 -5.59
CA SER A 88 -1.07 -15.64 -4.84
C SER A 88 -1.57 -15.35 -3.42
N GLY A 89 -2.36 -14.28 -3.28
CA GLY A 89 -2.97 -13.90 -2.02
C GLY A 89 -2.13 -12.89 -1.27
N TYR A 90 -0.80 -13.08 -1.16
CA TYR A 90 0.09 -12.12 -0.51
C TYR A 90 1.58 -12.24 -0.95
N PRO A 91 1.92 -12.18 -2.25
CA PRO A 91 3.32 -12.26 -2.70
C PRO A 91 4.21 -11.02 -2.43
N ALA A 92 3.77 -9.96 -1.72
CA ALA A 92 4.61 -8.82 -1.35
C ALA A 92 4.28 -8.41 0.09
N THR A 93 5.21 -7.70 0.75
CA THR A 93 5.01 -7.05 2.05
C THR A 93 5.60 -5.62 2.07
N PRO A 94 5.25 -4.74 1.12
CA PRO A 94 5.43 -3.31 1.33
C PRO A 94 4.40 -2.85 2.37
N ILE A 95 3.15 -3.30 2.23
CA ILE A 95 2.08 -2.94 3.13
C ILE A 95 2.12 -3.98 4.25
N LYS A 96 3.15 -3.86 5.07
CA LYS A 96 3.26 -4.53 6.35
C LYS A 96 4.03 -3.63 7.29
N THR A 97 5.29 -3.33 6.99
CA THR A 97 6.12 -2.46 7.81
C THR A 97 5.46 -1.07 7.91
N LEU A 98 4.82 -0.59 6.83
CA LEU A 98 4.19 0.73 6.79
C LEU A 98 3.09 0.86 7.84
N LEU A 99 2.23 -0.15 7.97
CA LEU A 99 1.17 -0.19 8.98
C LEU A 99 1.75 0.09 10.36
N ASP A 100 2.93 -0.45 10.66
CA ASP A 100 3.55 -0.23 11.96
C ASP A 100 4.09 1.20 12.12
N GLN A 101 4.41 1.91 11.04
CA GLN A 101 4.76 3.32 11.07
C GLN A 101 3.52 4.22 11.26
N MET A 102 2.30 3.69 11.11
CA MET A 102 1.07 4.47 11.06
C MET A 102 0.41 4.63 12.43
N LYS A 103 1.10 4.33 13.55
CA LYS A 103 0.45 4.29 14.87
C LYS A 103 -0.17 5.61 15.34
N ASN A 104 0.15 6.76 14.70
CA ASN A 104 -0.38 8.08 15.06
C ASN A 104 -1.36 8.58 14.00
N TYR A 105 -1.68 7.77 12.99
CA TYR A 105 -2.54 8.17 11.89
C TYR A 105 -3.97 8.34 12.38
N ARG A 106 -4.53 9.53 12.13
CA ARG A 106 -5.92 9.87 12.36
C ARG A 106 -6.52 10.14 11.00
N GLY A 107 -7.43 9.28 10.57
CA GLY A 107 -8.00 9.34 9.24
C GLY A 107 -8.45 7.94 8.82
N GLU A 108 -8.61 7.76 7.51
CA GLU A 108 -9.27 6.61 6.91
C GLU A 108 -8.30 5.93 5.95
N VAL A 109 -8.46 4.62 5.75
CA VAL A 109 -7.62 3.88 4.83
C VAL A 109 -8.48 3.15 3.80
N ALA A 110 -8.02 3.10 2.57
CA ALA A 110 -8.45 2.10 1.60
C ALA A 110 -7.26 1.57 0.80
N SER A 111 -7.46 0.49 0.05
CA SER A 111 -6.41 -0.12 -0.73
C SER A 111 -6.91 -0.46 -2.14
N PHE A 112 -6.03 -0.28 -3.12
CA PHE A 112 -6.32 -0.33 -4.55
C PHE A 112 -5.30 -1.22 -5.25
N PHE A 113 -5.48 -2.55 -5.26
CA PHE A 113 -4.48 -3.46 -5.83
C PHE A 113 -4.54 -3.50 -7.36
N THR A 114 -3.49 -4.02 -8.01
CA THR A 114 -3.30 -3.97 -9.47
C THR A 114 -3.51 -5.31 -10.17
N SER A 115 -3.63 -6.43 -9.43
CA SER A 115 -3.68 -7.78 -9.99
C SER A 115 -4.46 -8.68 -9.04
N ALA A 116 -5.01 -9.78 -9.53
CA ALA A 116 -5.79 -10.72 -8.73
C ALA A 116 -5.81 -12.14 -9.35
N GLY A 117 -4.85 -12.45 -10.21
CA GLY A 117 -4.92 -13.49 -11.23
C GLY A 117 -5.50 -14.82 -10.76
N THR A 118 -5.03 -15.35 -9.63
CA THR A 118 -5.55 -16.59 -9.06
C THR A 118 -6.07 -16.40 -7.63
N ASN A 119 -6.13 -15.14 -7.15
CA ASN A 119 -6.48 -14.76 -5.80
C ASN A 119 -7.05 -13.36 -5.80
N HIS A 120 -8.32 -13.23 -5.42
CA HIS A 120 -8.99 -11.97 -5.22
C HIS A 120 -9.51 -11.92 -3.79
N LYS A 121 -10.57 -12.68 -3.49
CA LYS A 121 -11.25 -12.64 -2.19
C LYS A 121 -10.32 -12.95 -1.02
N ALA A 122 -9.25 -13.75 -1.22
CA ALA A 122 -8.26 -14.01 -0.18
C ALA A 122 -7.61 -12.72 0.30
N TYR A 123 -7.21 -11.83 -0.62
CA TYR A 123 -6.47 -10.63 -0.29
C TYR A 123 -7.24 -9.76 0.71
N VAL A 124 -8.55 -9.66 0.51
CA VAL A 124 -9.45 -8.87 1.34
C VAL A 124 -9.49 -9.39 2.79
N SER A 125 -9.29 -10.70 2.99
CA SER A 125 -9.09 -11.28 4.31
C SER A 125 -7.67 -10.99 4.79
N HIS A 126 -6.66 -11.30 3.97
CA HIS A 126 -5.24 -11.19 4.28
C HIS A 126 -4.88 -9.81 4.81
N PHE A 127 -5.12 -8.75 4.02
CA PHE A 127 -4.72 -7.40 4.36
C PHE A 127 -5.41 -6.93 5.64
N ASN A 128 -6.63 -7.38 5.93
CA ASN A 128 -7.32 -7.04 7.18
C ASN A 128 -6.57 -7.53 8.42
N GLU A 129 -5.91 -8.69 8.35
CA GLU A 129 -5.14 -9.18 9.49
C GLU A 129 -3.81 -8.45 9.63
N TRP A 130 -3.24 -8.02 8.51
CA TRP A 130 -1.96 -7.32 8.47
C TRP A 130 -2.10 -5.83 8.75
N ALA A 131 -3.33 -5.32 8.81
CA ALA A 131 -3.67 -3.93 9.04
C ALA A 131 -4.78 -3.82 10.10
N ASP A 132 -4.70 -4.67 11.12
CA ASP A 132 -5.58 -4.63 12.28
C ASP A 132 -5.22 -3.41 13.12
N GLY A 133 -6.19 -2.53 13.34
CA GLY A 133 -6.08 -1.40 14.25
C GLY A 133 -6.19 -0.02 13.60
N LEU A 134 -6.35 0.07 12.27
CA LEU A 134 -6.59 1.31 11.53
C LEU A 134 -7.87 1.15 10.70
N ASN A 135 -8.53 2.26 10.39
CA ASN A 135 -9.93 2.28 9.93
C ASN A 135 -10.03 2.06 8.43
N VAL A 136 -10.39 0.84 8.01
CA VAL A 136 -10.54 0.52 6.61
C VAL A 136 -11.95 0.87 6.16
N ILE A 137 -12.05 1.58 5.03
CA ILE A 137 -13.30 1.95 4.35
C ILE A 137 -13.34 1.47 2.89
N GLY A 138 -12.38 0.63 2.47
CA GLY A 138 -12.58 -0.33 1.40
C GLY A 138 -11.28 -0.92 0.88
N VAL A 139 -11.35 -2.07 0.21
CA VAL A 139 -10.22 -2.84 -0.29
C VAL A 139 -10.71 -3.47 -1.58
N ALA A 140 -10.22 -2.98 -2.72
CA ALA A 140 -10.65 -3.39 -4.04
C ALA A 140 -9.46 -3.40 -5.00
N ARG A 141 -9.63 -3.97 -6.19
CA ARG A 141 -8.71 -3.72 -7.29
C ARG A 141 -9.06 -2.38 -7.91
N ASP A 142 -8.08 -1.85 -8.64
CA ASP A 142 -8.18 -0.70 -9.54
C ASP A 142 -8.79 0.50 -8.81
N ASP A 143 -9.40 1.42 -9.56
CA ASP A 143 -9.92 2.71 -9.08
C ASP A 143 -11.46 2.72 -9.03
N SER A 144 -12.09 1.55 -9.15
CA SER A 144 -13.54 1.35 -9.22
C SER A 144 -14.28 1.79 -7.96
N GLU A 145 -13.59 1.98 -6.83
CA GLU A 145 -14.20 2.31 -5.56
C GLU A 145 -13.58 3.59 -4.96
N VAL A 146 -12.79 4.36 -5.71
CA VAL A 146 -12.27 5.64 -5.23
C VAL A 146 -13.42 6.60 -4.88
N ASP A 147 -14.53 6.45 -5.59
CA ASP A 147 -15.70 7.33 -5.55
C ASP A 147 -16.50 7.25 -4.23
N LYS A 148 -16.10 6.35 -3.33
CA LYS A 148 -16.56 6.26 -1.94
C LYS A 148 -15.46 6.69 -0.99
N TRP A 149 -14.18 6.42 -1.30
CA TRP A 149 -12.99 6.83 -0.54
C TRP A 149 -12.68 8.32 -0.71
N SER A 150 -13.73 9.13 -0.79
CA SER A 150 -13.70 10.55 -1.08
C SER A 150 -14.99 11.25 -0.66
N LYS A 151 -16.06 10.53 -0.31
CA LYS A 151 -17.36 11.15 -0.07
C LYS A 151 -17.88 10.71 1.29
N GLY A 1 -9.09 24.42 11.74
CA GLY A 1 -8.93 24.48 10.29
C GLY A 1 -9.45 23.20 9.67
N MET A 2 -9.54 23.14 8.33
CA MET A 2 -9.90 21.92 7.62
C MET A 2 -9.36 21.95 6.19
N ALA A 3 -8.54 20.97 5.85
CA ALA A 3 -8.22 20.59 4.49
C ALA A 3 -8.11 19.08 4.49
N LYS A 4 -9.14 18.41 3.97
CA LYS A 4 -9.15 16.96 3.89
C LYS A 4 -8.20 16.56 2.78
N LYS A 5 -6.97 16.19 3.12
CA LYS A 5 -6.01 15.78 2.09
C LYS A 5 -6.07 14.30 1.94
N THR A 6 -5.45 13.85 0.86
CA THR A 6 -5.25 12.46 0.56
C THR A 6 -3.75 12.25 0.36
N LEU A 7 -3.23 11.08 0.74
CA LEU A 7 -1.94 10.61 0.28
C LEU A 7 -2.16 9.26 -0.36
N ILE A 8 -1.56 9.03 -1.53
CA ILE A 8 -1.57 7.75 -2.22
C ILE A 8 -0.13 7.25 -2.16
N LEU A 9 0.10 6.15 -1.43
CA LEU A 9 1.40 5.52 -1.23
C LEU A 9 1.44 4.22 -2.02
N TYR A 10 2.40 4.11 -2.93
CA TYR A 10 2.42 3.04 -3.92
C TYR A 10 3.86 2.60 -4.20
N TYR A 11 4.09 1.28 -4.29
CA TYR A 11 5.42 0.67 -4.32
C TYR A 11 5.55 -0.32 -5.49
N SER A 12 6.38 0.03 -6.47
CA SER A 12 6.94 -0.84 -7.50
C SER A 12 8.11 -0.13 -8.21
N TRP A 13 8.81 -0.87 -9.08
CA TRP A 13 9.61 -0.31 -10.17
C TRP A 13 8.84 -0.38 -11.49
N SER A 14 7.95 -1.37 -11.63
CA SER A 14 7.21 -1.61 -12.87
C SER A 14 5.98 -0.72 -12.95
N GLY A 15 5.42 -0.60 -14.14
CA GLY A 15 4.21 0.16 -14.42
C GLY A 15 2.97 -0.62 -14.03
N GLU A 16 2.92 -1.24 -12.86
CA GLU A 16 1.69 -1.75 -12.26
C GLU A 16 0.98 -0.57 -11.61
N THR A 17 1.54 -0.07 -10.52
CA THR A 17 0.90 0.89 -9.64
C THR A 17 0.63 2.26 -10.29
N LYS A 18 1.47 2.71 -11.23
CA LYS A 18 1.52 4.08 -11.74
C LYS A 18 0.13 4.63 -12.09
N LYS A 19 -0.54 4.02 -13.07
CA LYS A 19 -1.87 4.46 -13.49
C LYS A 19 -2.80 4.56 -12.29
N MET A 20 -2.84 3.52 -11.47
CA MET A 20 -3.77 3.38 -10.38
C MET A 20 -3.48 4.38 -9.24
N ALA A 21 -2.37 5.13 -9.28
CA ALA A 21 -2.12 6.23 -8.37
C ALA A 21 -2.39 7.57 -9.07
N GLU A 22 -1.84 7.77 -10.27
CA GLU A 22 -1.86 9.05 -10.98
C GLU A 22 -3.28 9.39 -11.45
N LYS A 23 -4.13 8.39 -11.69
CA LYS A 23 -5.55 8.58 -11.96
C LYS A 23 -6.16 9.32 -10.79
N ILE A 24 -6.25 8.64 -9.65
CA ILE A 24 -6.83 9.06 -8.38
C ILE A 24 -6.25 10.41 -7.96
N ASN A 25 -4.95 10.66 -8.14
CA ASN A 25 -4.36 11.96 -7.87
C ASN A 25 -5.15 13.08 -8.57
N SER A 26 -5.32 12.95 -9.90
CA SER A 26 -5.99 13.96 -10.69
C SER A 26 -7.50 14.04 -10.43
N GLU A 27 -8.10 13.08 -9.70
CA GLU A 27 -9.51 13.05 -9.38
C GLU A 27 -9.82 13.37 -7.92
N ILE A 28 -8.82 13.68 -7.07
CA ILE A 28 -9.05 14.00 -5.67
C ILE A 28 -8.42 15.34 -5.33
N LYS A 29 -9.27 16.23 -4.81
CA LYS A 29 -8.88 17.52 -4.30
C LYS A 29 -7.81 17.37 -3.23
N ASP A 30 -6.75 18.16 -3.35
CA ASP A 30 -5.69 18.27 -2.36
C ASP A 30 -5.11 16.91 -1.98
N SER A 31 -5.12 15.97 -2.93
CA SER A 31 -4.38 14.73 -2.81
C SER A 31 -2.89 15.00 -3.02
N GLU A 32 -2.07 14.01 -2.66
CA GLU A 32 -0.65 13.97 -2.89
C GLU A 32 -0.22 12.54 -3.17
N LEU A 33 0.94 12.41 -3.82
CA LEU A 33 1.41 11.18 -4.43
C LEU A 33 2.85 10.97 -4.02
N LYS A 34 3.15 9.88 -3.31
CA LYS A 34 4.50 9.55 -2.90
C LYS A 34 4.76 8.11 -3.31
N GLU A 35 5.80 7.90 -4.09
CA GLU A 35 6.35 6.56 -4.24
C GLU A 35 7.16 6.23 -2.98
N VAL A 36 7.08 4.99 -2.54
CA VAL A 36 7.78 4.46 -1.37
C VAL A 36 9.12 3.87 -1.84
N LYS A 37 10.09 3.61 -0.95
CA LYS A 37 11.24 2.73 -1.21
C LYS A 37 11.32 1.66 -0.11
N VAL A 38 12.15 0.65 -0.33
CA VAL A 38 12.58 -0.31 0.69
C VAL A 38 13.97 0.10 1.18
N SER A 39 14.41 -0.48 2.30
CA SER A 39 15.74 -0.36 2.87
C SER A 39 16.59 -1.60 2.56
N GLU A 40 17.81 -1.65 3.10
CA GLU A 40 18.74 -2.77 3.02
C GLU A 40 18.97 -3.31 4.43
N GLY A 41 20.01 -4.12 4.62
CA GLY A 41 20.41 -4.51 5.97
C GLY A 41 21.67 -5.33 5.96
N THR A 42 21.55 -6.58 5.50
CA THR A 42 22.55 -7.61 5.71
C THR A 42 22.43 -8.66 4.60
N PHE A 43 21.24 -9.26 4.44
CA PHE A 43 20.88 -10.21 3.39
C PHE A 43 21.88 -11.37 3.23
N ASP A 44 22.51 -11.79 4.33
CA ASP A 44 23.54 -12.82 4.40
C ASP A 44 24.79 -12.45 3.59
N ALA A 45 25.12 -11.16 3.61
CA ALA A 45 26.14 -10.41 2.87
C ALA A 45 25.72 -10.20 1.42
N ASP A 46 24.68 -9.38 1.21
CA ASP A 46 24.40 -8.78 -0.09
C ASP A 46 23.80 -7.39 0.10
N MET A 47 23.72 -6.59 -0.96
CA MET A 47 23.40 -5.17 -0.89
C MET A 47 21.89 -4.96 -1.02
N TYR A 48 21.32 -5.29 -2.17
CA TYR A 48 19.88 -5.47 -2.32
C TYR A 48 19.62 -6.96 -2.37
N LYS A 49 18.45 -7.40 -1.93
CA LYS A 49 18.09 -8.81 -2.07
C LYS A 49 16.58 -9.05 -2.11
N THR A 50 15.77 -8.08 -1.68
CA THR A 50 14.35 -8.24 -1.50
C THR A 50 13.59 -7.76 -2.74
N SER A 51 13.67 -8.53 -3.84
CA SER A 51 12.84 -8.36 -5.03
C SER A 51 12.64 -9.71 -5.71
N ASP A 52 11.75 -9.72 -6.71
CA ASP A 52 11.32 -10.87 -7.48
C ASP A 52 10.74 -11.97 -6.56
N ILE A 53 10.47 -13.16 -7.09
CA ILE A 53 9.72 -14.28 -6.52
C ILE A 53 8.35 -13.85 -5.95
N ALA A 54 7.59 -14.75 -5.32
CA ALA A 54 6.26 -14.50 -4.77
C ALA A 54 5.95 -15.48 -3.63
N LEU A 55 6.98 -16.12 -3.09
CA LEU A 55 6.95 -17.16 -2.07
C LEU A 55 8.00 -16.86 -1.01
N ASP A 56 8.58 -15.67 -1.00
CA ASP A 56 9.24 -15.09 0.17
C ASP A 56 8.18 -14.62 1.17
N GLN A 57 8.61 -14.19 2.35
CA GLN A 57 7.86 -13.63 3.48
C GLN A 57 6.55 -14.34 3.90
N ILE A 58 6.30 -15.58 3.47
CA ILE A 58 5.05 -16.28 3.72
C ILE A 58 5.38 -17.53 4.54
N GLN A 59 6.17 -18.44 3.96
CA GLN A 59 6.27 -19.83 4.30
C GLN A 59 7.74 -20.25 4.38
N GLY A 60 8.30 -20.17 5.57
CA GLY A 60 9.70 -20.45 5.84
C GLY A 60 10.50 -19.15 5.89
N ASN A 61 10.23 -18.24 4.95
CA ASN A 61 11.06 -17.04 4.82
C ASN A 61 10.49 -15.94 5.72
N LYS A 62 11.36 -15.28 6.48
CA LYS A 62 10.99 -14.49 7.67
C LYS A 62 11.75 -13.16 7.68
N ASP A 63 11.23 -12.21 8.45
CA ASP A 63 11.58 -10.78 8.48
C ASP A 63 11.44 -10.12 7.10
N PHE A 64 11.60 -8.80 7.04
CA PHE A 64 11.66 -7.99 5.83
C PHE A 64 12.53 -6.75 6.12
N PRO A 65 12.99 -6.02 5.10
CA PRO A 65 13.62 -4.71 5.29
C PRO A 65 12.57 -3.68 5.70
N GLU A 66 13.02 -2.59 6.32
CA GLU A 66 12.29 -1.35 6.50
C GLU A 66 11.96 -0.69 5.15
N ILE A 67 11.42 0.53 5.20
CA ILE A 67 11.11 1.37 4.05
C ILE A 67 12.03 2.59 4.05
N GLN A 68 12.01 3.34 2.95
CA GLN A 68 12.58 4.67 2.89
C GLN A 68 11.50 5.59 2.33
N LEU A 69 11.39 6.76 2.96
CA LEU A 69 10.50 7.86 2.60
C LEU A 69 10.96 9.13 3.33
N ASP A 70 10.20 10.20 3.10
CA ASP A 70 10.38 11.52 3.72
C ASP A 70 9.97 11.50 5.20
N ASN A 71 10.01 12.63 5.91
CA ASN A 71 9.20 12.78 7.12
C ASN A 71 7.80 13.17 6.68
N ILE A 72 6.98 12.18 6.38
CA ILE A 72 5.57 12.36 6.10
C ILE A 72 4.86 12.20 7.44
N ASP A 73 4.13 13.24 7.84
CA ASP A 73 3.34 13.19 9.06
C ASP A 73 1.90 12.90 8.66
N TYR A 74 1.40 11.73 9.04
CA TYR A 74 0.17 11.20 8.47
C TYR A 74 -1.06 11.99 8.94
N ASN A 75 -0.99 12.63 10.11
CA ASN A 75 -2.08 13.41 10.66
C ASN A 75 -2.41 14.61 9.76
N ASN A 76 -1.43 15.11 8.98
CA ASN A 76 -1.64 16.22 8.04
C ASN A 76 -2.62 15.86 6.93
N TYR A 77 -2.98 14.59 6.78
CA TYR A 77 -3.87 14.09 5.73
C TYR A 77 -5.09 13.44 6.39
N ASP A 78 -6.17 13.28 5.64
CA ASP A 78 -7.45 12.74 6.14
C ASP A 78 -7.80 11.41 5.44
N LEU A 79 -7.19 11.14 4.29
CA LEU A 79 -7.37 9.96 3.45
C LEU A 79 -5.98 9.37 3.16
N ILE A 80 -5.86 8.04 3.23
CA ILE A 80 -4.59 7.33 2.99
C ILE A 80 -4.90 6.11 2.11
N LEU A 81 -4.52 6.19 0.84
CA LEU A 81 -4.64 5.14 -0.16
C LEU A 81 -3.33 4.36 -0.19
N ILE A 82 -3.43 3.03 -0.25
CA ILE A 82 -2.28 2.14 -0.23
C ILE A 82 -2.38 1.17 -1.41
N GLY A 83 -1.30 1.07 -2.20
CA GLY A 83 -1.26 0.25 -3.41
C GLY A 83 -0.12 -0.74 -3.40
N SER A 84 -0.41 -2.02 -3.71
CA SER A 84 0.56 -3.11 -3.81
C SER A 84 0.13 -4.14 -4.88
N PRO A 85 1.04 -5.00 -5.38
CA PRO A 85 0.70 -6.12 -6.26
C PRO A 85 0.30 -7.37 -5.48
N VAL A 86 -0.26 -8.37 -6.18
CA VAL A 86 -0.77 -9.63 -5.64
C VAL A 86 -0.62 -10.69 -6.73
N TRP A 87 -0.50 -11.97 -6.37
CA TRP A 87 -0.46 -13.01 -7.39
C TRP A 87 -0.85 -14.41 -6.96
N SER A 88 -0.71 -14.70 -5.68
CA SER A 88 -0.94 -16.04 -5.16
C SER A 88 -1.60 -16.04 -3.77
N GLY A 89 -2.11 -14.89 -3.31
CA GLY A 89 -2.60 -14.66 -1.97
C GLY A 89 -2.08 -13.33 -1.43
N TYR A 90 -0.82 -13.27 -1.04
CA TYR A 90 -0.16 -12.18 -0.32
C TYR A 90 1.36 -12.18 -0.59
N PRO A 91 1.83 -12.13 -1.85
CA PRO A 91 3.24 -12.33 -2.16
C PRO A 91 4.13 -11.19 -1.67
N ALA A 92 3.71 -9.94 -1.89
CA ALA A 92 4.55 -8.80 -1.60
C ALA A 92 4.38 -8.43 -0.13
N THR A 93 5.37 -7.78 0.47
CA THR A 93 5.23 -7.18 1.80
C THR A 93 5.78 -5.74 1.83
N PRO A 94 5.34 -4.85 0.91
CA PRO A 94 5.43 -3.42 1.11
C PRO A 94 4.32 -2.91 2.02
N ILE A 95 3.24 -3.68 2.27
CA ILE A 95 2.14 -3.28 3.13
C ILE A 95 2.19 -4.20 4.36
N LYS A 96 3.30 -4.07 5.08
CA LYS A 96 3.53 -4.53 6.44
C LYS A 96 4.17 -3.36 7.19
N THR A 97 5.21 -2.80 6.62
CA THR A 97 6.12 -1.82 7.20
C THR A 97 5.44 -0.47 7.49
N LEU A 98 4.60 0.02 6.58
CA LEU A 98 3.85 1.27 6.73
C LEU A 98 2.90 1.18 7.93
N LEU A 99 2.19 0.06 8.06
CA LEU A 99 1.25 -0.18 9.15
C LEU A 99 1.95 -0.05 10.49
N ASP A 100 3.18 -0.55 10.58
CA ASP A 100 4.00 -0.48 11.78
C ASP A 100 4.31 0.96 12.20
N GLN A 101 4.24 1.88 11.24
CA GLN A 101 4.51 3.30 11.43
C GLN A 101 3.20 4.06 11.69
N MET A 102 2.01 3.46 11.47
CA MET A 102 0.72 4.14 11.64
C MET A 102 -0.13 3.54 12.78
N LYS A 103 0.42 3.17 13.93
CA LYS A 103 -0.36 2.44 14.95
C LYS A 103 -1.37 3.27 15.74
N ASN A 104 -1.28 4.61 15.79
CA ASN A 104 -2.20 5.44 16.59
C ASN A 104 -2.81 6.58 15.76
N TYR A 105 -3.10 6.30 14.50
CA TYR A 105 -3.67 7.23 13.52
C TYR A 105 -5.18 7.09 13.37
N ARG A 106 -5.75 8.06 12.67
CA ARG A 106 -7.13 8.15 12.24
C ARG A 106 -7.12 8.39 10.73
N GLY A 107 -8.23 8.85 10.16
CA GLY A 107 -8.39 9.06 8.73
C GLY A 107 -9.23 7.93 8.13
N GLU A 108 -9.29 7.88 6.81
CA GLU A 108 -10.12 7.02 6.03
C GLU A 108 -9.13 6.25 5.15
N VAL A 109 -9.01 4.93 5.35
CA VAL A 109 -7.89 4.18 4.78
C VAL A 109 -8.37 3.15 3.77
N ALA A 110 -7.98 3.29 2.50
CA ALA A 110 -8.40 2.44 1.40
C ALA A 110 -7.20 1.76 0.76
N SER A 111 -7.45 0.64 0.08
CA SER A 111 -6.43 -0.19 -0.51
C SER A 111 -6.86 -0.56 -1.93
N PHE A 112 -5.99 -0.28 -2.90
CA PHE A 112 -6.26 -0.41 -4.32
C PHE A 112 -5.22 -1.35 -4.93
N PHE A 113 -5.62 -2.37 -5.70
CA PHE A 113 -4.67 -3.29 -6.35
C PHE A 113 -4.99 -3.50 -7.83
N THR A 114 -4.03 -4.02 -8.59
CA THR A 114 -4.06 -4.07 -10.06
C THR A 114 -3.93 -5.49 -10.61
N SER A 115 -3.90 -6.50 -9.72
CA SER A 115 -3.19 -7.76 -9.96
C SER A 115 -4.07 -9.00 -9.72
N ALA A 116 -5.35 -8.86 -10.01
CA ALA A 116 -6.40 -9.79 -9.64
C ALA A 116 -6.54 -11.01 -10.57
N GLY A 117 -5.44 -11.46 -11.19
CA GLY A 117 -5.43 -12.62 -12.08
C GLY A 117 -5.97 -13.86 -11.39
N THR A 118 -5.45 -14.16 -10.19
CA THR A 118 -5.79 -15.36 -9.46
C THR A 118 -6.27 -15.05 -8.03
N ASN A 119 -6.37 -13.78 -7.62
CA ASN A 119 -6.69 -13.40 -6.24
C ASN A 119 -7.60 -12.20 -6.20
N HIS A 120 -8.61 -12.26 -5.32
CA HIS A 120 -9.32 -11.11 -4.81
C HIS A 120 -9.69 -11.45 -3.37
N LYS A 121 -10.64 -12.38 -3.20
CA LYS A 121 -11.16 -12.82 -1.90
C LYS A 121 -10.06 -13.07 -0.86
N ALA A 122 -9.03 -13.83 -1.21
CA ALA A 122 -7.97 -14.15 -0.27
C ALA A 122 -7.25 -12.88 0.22
N TYR A 123 -6.90 -11.99 -0.71
CA TYR A 123 -6.11 -10.81 -0.43
C TYR A 123 -6.81 -9.88 0.58
N VAL A 124 -8.14 -9.80 0.56
CA VAL A 124 -8.91 -9.03 1.54
C VAL A 124 -8.55 -9.52 2.94
N SER A 125 -8.75 -10.81 3.19
CA SER A 125 -8.55 -11.42 4.48
C SER A 125 -7.07 -11.30 4.88
N HIS A 126 -6.17 -11.57 3.94
CA HIS A 126 -4.74 -11.46 4.17
C HIS A 126 -4.35 -10.04 4.56
N PHE A 127 -4.88 -9.02 3.87
CA PHE A 127 -4.62 -7.63 4.15
C PHE A 127 -5.16 -7.25 5.52
N ASN A 128 -6.36 -7.70 5.88
CA ASN A 128 -6.92 -7.45 7.21
C ASN A 128 -5.93 -7.96 8.26
N GLU A 129 -5.46 -9.20 8.13
CA GLU A 129 -4.48 -9.78 9.05
C GLU A 129 -3.21 -8.95 9.16
N TRP A 130 -2.86 -8.19 8.12
CA TRP A 130 -1.62 -7.44 8.06
C TRP A 130 -1.86 -5.95 8.37
N ALA A 131 -3.11 -5.52 8.65
CA ALA A 131 -3.47 -4.11 8.75
C ALA A 131 -4.58 -3.78 9.75
N ASP A 132 -5.04 -4.75 10.55
CA ASP A 132 -6.15 -4.61 11.48
C ASP A 132 -5.80 -3.72 12.68
N GLY A 133 -5.89 -2.43 12.43
CA GLY A 133 -6.06 -1.38 13.43
C GLY A 133 -6.62 -0.13 12.78
N LEU A 134 -6.15 0.18 11.57
CA LEU A 134 -6.47 1.42 10.89
C LEU A 134 -7.87 1.33 10.29
N ASN A 135 -8.60 2.45 10.30
CA ASN A 135 -9.98 2.58 9.83
C ASN A 135 -10.12 2.29 8.33
N VAL A 136 -10.52 1.08 7.97
CA VAL A 136 -10.77 0.73 6.58
C VAL A 136 -12.14 1.25 6.16
N ILE A 137 -12.24 1.74 4.92
CA ILE A 137 -13.52 1.92 4.21
C ILE A 137 -13.55 1.22 2.84
N GLY A 138 -12.47 0.58 2.41
CA GLY A 138 -12.51 -0.29 1.24
C GLY A 138 -11.19 -0.98 0.98
N VAL A 139 -11.27 -2.09 0.26
CA VAL A 139 -10.20 -2.97 -0.16
C VAL A 139 -10.71 -3.52 -1.50
N ALA A 140 -10.46 -2.78 -2.58
CA ALA A 140 -11.01 -3.01 -3.91
C ALA A 140 -9.88 -3.18 -4.92
N ARG A 141 -10.17 -3.78 -6.07
CA ARG A 141 -9.32 -3.66 -7.25
C ARG A 141 -9.57 -2.27 -7.83
N ASP A 142 -8.55 -1.77 -8.53
CA ASP A 142 -8.65 -0.59 -9.40
C ASP A 142 -9.24 0.61 -8.66
N ASP A 143 -9.83 1.55 -9.41
CA ASP A 143 -10.26 2.88 -8.99
C ASP A 143 -11.80 3.00 -8.97
N SER A 144 -12.50 1.87 -9.11
CA SER A 144 -13.96 1.74 -9.06
C SER A 144 -14.58 2.00 -7.67
N GLU A 145 -13.83 2.33 -6.63
CA GLU A 145 -14.37 2.73 -5.33
C GLU A 145 -13.86 4.12 -4.89
N VAL A 146 -13.13 4.85 -5.74
CA VAL A 146 -12.72 6.21 -5.41
C VAL A 146 -13.94 7.10 -5.16
N ASP A 147 -15.05 6.89 -5.87
CA ASP A 147 -16.32 7.62 -5.72
C ASP A 147 -16.99 7.45 -4.35
N LYS A 148 -16.44 6.61 -3.47
CA LYS A 148 -16.86 6.45 -2.10
C LYS A 148 -15.71 6.66 -1.11
N TRP A 149 -14.47 6.81 -1.57
CA TRP A 149 -13.32 7.11 -0.73
C TRP A 149 -12.88 8.56 -0.89
N SER A 150 -13.83 9.46 -1.01
CA SER A 150 -13.59 10.88 -0.95
C SER A 150 -14.84 11.45 -0.29
N LYS A 151 -15.98 11.29 -0.95
CA LYS A 151 -17.29 11.76 -0.52
C LYS A 151 -17.19 13.18 0.07
N GLY A 1 -11.99 21.15 12.83
CA GLY A 1 -11.27 21.57 11.62
C GLY A 1 -12.05 21.22 10.37
N MET A 2 -11.75 21.90 9.25
CA MET A 2 -12.35 21.72 7.93
C MET A 2 -11.22 21.60 6.91
N ALA A 3 -10.89 20.36 6.53
CA ALA A 3 -9.92 19.93 5.53
C ALA A 3 -9.87 18.42 5.62
N LYS A 4 -10.06 17.73 4.49
CA LYS A 4 -9.78 16.31 4.41
C LYS A 4 -8.88 16.06 3.20
N LYS A 5 -7.56 16.10 3.41
CA LYS A 5 -6.65 15.69 2.34
C LYS A 5 -6.59 14.19 2.29
N THR A 6 -5.97 13.74 1.22
CA THR A 6 -5.85 12.34 0.87
C THR A 6 -4.38 12.09 0.48
N LEU A 7 -3.78 10.96 0.85
CA LEU A 7 -2.44 10.56 0.41
C LEU A 7 -2.52 9.24 -0.37
N ILE A 8 -1.66 9.06 -1.37
CA ILE A 8 -1.56 7.86 -2.20
C ILE A 8 -0.11 7.38 -2.08
N LEU A 9 0.12 6.17 -1.56
CA LEU A 9 1.43 5.54 -1.39
C LEU A 9 1.52 4.32 -2.30
N TYR A 10 2.30 4.41 -3.37
CA TYR A 10 2.62 3.28 -4.23
C TYR A 10 3.99 2.71 -3.88
N TYR A 11 4.03 1.47 -3.42
CA TYR A 11 5.26 0.69 -3.41
C TYR A 11 5.46 0.03 -4.78
N SER A 12 6.73 -0.05 -5.21
CA SER A 12 7.21 -0.41 -6.53
C SER A 12 6.65 0.52 -7.60
N TRP A 13 7.54 1.19 -8.35
CA TRP A 13 7.19 2.34 -9.18
C TRP A 13 7.28 2.02 -10.67
N SER A 14 7.09 0.74 -11.06
CA SER A 14 7.01 0.19 -12.41
C SER A 14 5.82 0.75 -13.19
N GLY A 15 5.31 -0.01 -14.17
CA GLY A 15 3.97 0.18 -14.72
C GLY A 15 2.92 -0.03 -13.63
N GLU A 16 2.03 -1.00 -13.83
CA GLU A 16 0.96 -1.48 -12.94
C GLU A 16 0.17 -0.36 -12.26
N THR A 17 0.66 0.10 -11.10
CA THR A 17 0.05 1.12 -10.27
C THR A 17 0.15 2.50 -10.91
N LYS A 18 1.05 2.75 -11.87
CA LYS A 18 1.27 4.08 -12.43
C LYS A 18 -0.01 4.72 -12.98
N LYS A 19 -0.91 3.92 -13.54
CA LYS A 19 -2.22 4.43 -13.93
C LYS A 19 -2.99 4.77 -12.67
N MET A 20 -3.22 3.79 -11.79
CA MET A 20 -3.87 3.88 -10.48
C MET A 20 -3.02 4.65 -9.43
N ALA A 21 -2.29 5.67 -9.87
CA ALA A 21 -1.49 6.59 -9.08
C ALA A 21 -1.80 7.96 -9.65
N GLU A 22 -1.39 8.15 -10.89
CA GLU A 22 -1.42 9.44 -11.56
C GLU A 22 -2.84 9.83 -11.96
N LYS A 23 -3.71 8.85 -12.26
CA LYS A 23 -5.14 9.11 -12.38
C LYS A 23 -5.68 9.52 -11.01
N ILE A 24 -5.55 8.64 -10.02
CA ILE A 24 -6.19 8.79 -8.71
C ILE A 24 -5.84 10.15 -8.10
N ASN A 25 -4.58 10.57 -8.18
CA ASN A 25 -4.14 11.88 -7.68
C ASN A 25 -4.89 13.06 -8.29
N SER A 26 -5.28 12.95 -9.56
CA SER A 26 -6.02 13.94 -10.33
C SER A 26 -7.55 13.75 -10.16
N GLU A 27 -8.02 12.60 -9.69
CA GLU A 27 -9.45 12.35 -9.45
C GLU A 27 -9.92 13.01 -8.15
N ILE A 28 -9.00 13.39 -7.25
CA ILE A 28 -9.28 13.71 -5.86
C ILE A 28 -8.80 15.14 -5.58
N LYS A 29 -9.56 15.89 -4.78
CA LYS A 29 -9.19 17.23 -4.36
C LYS A 29 -8.16 17.15 -3.23
N ASP A 30 -7.22 18.10 -3.24
CA ASP A 30 -6.20 18.30 -2.21
C ASP A 30 -5.27 17.09 -1.99
N SER A 31 -5.27 16.14 -2.92
CA SER A 31 -4.44 14.94 -2.86
C SER A 31 -2.95 15.24 -3.00
N GLU A 32 -2.14 14.22 -2.73
CA GLU A 32 -0.72 14.06 -3.04
C GLU A 32 -0.46 12.59 -3.37
N LEU A 33 0.60 12.30 -4.12
CA LEU A 33 1.03 10.96 -4.47
C LEU A 33 2.52 10.80 -4.19
N LYS A 34 2.89 9.68 -3.57
CA LYS A 34 4.20 9.41 -2.98
C LYS A 34 4.61 7.99 -3.36
N GLU A 35 5.90 7.80 -3.61
CA GLU A 35 6.51 6.49 -3.76
C GLU A 35 6.79 5.91 -2.37
N VAL A 36 6.90 4.59 -2.30
CA VAL A 36 7.51 3.82 -1.21
C VAL A 36 8.54 2.87 -1.87
N LYS A 37 9.64 2.54 -1.18
CA LYS A 37 10.64 1.54 -1.54
C LYS A 37 11.00 0.69 -0.29
N VAL A 38 12.02 -0.16 -0.37
CA VAL A 38 12.42 -1.06 0.71
C VAL A 38 13.90 -0.88 1.07
N SER A 39 14.29 -1.41 2.24
CA SER A 39 15.63 -1.37 2.76
C SER A 39 16.37 -2.68 2.48
N GLU A 40 17.69 -2.63 2.55
CA GLU A 40 18.61 -3.78 2.50
C GLU A 40 18.43 -4.67 3.74
N GLY A 41 19.06 -5.84 3.73
CA GLY A 41 19.08 -6.77 4.86
C GLY A 41 18.25 -8.03 4.59
N THR A 42 18.12 -8.88 5.60
CA THR A 42 18.04 -10.34 5.48
C THR A 42 19.12 -10.82 4.48
N PHE A 43 20.35 -10.35 4.75
CA PHE A 43 21.54 -10.42 3.92
C PHE A 43 21.24 -10.07 2.45
N ASP A 44 22.17 -10.36 1.56
CA ASP A 44 22.00 -10.35 0.12
C ASP A 44 22.92 -11.44 -0.44
N ALA A 45 22.76 -11.82 -1.70
CA ALA A 45 23.58 -12.85 -2.35
C ALA A 45 24.34 -12.32 -3.56
N ASP A 46 24.22 -11.04 -3.88
CA ASP A 46 25.04 -10.21 -4.76
C ASP A 46 24.37 -8.84 -4.88
N MET A 47 23.03 -8.85 -4.91
CA MET A 47 22.11 -7.73 -5.08
C MET A 47 20.84 -8.04 -4.29
N TYR A 48 19.88 -7.11 -4.28
CA TYR A 48 18.56 -7.31 -3.71
C TYR A 48 17.86 -8.52 -4.33
N LYS A 49 16.99 -9.15 -3.54
CA LYS A 49 16.26 -10.38 -3.91
C LYS A 49 14.79 -10.29 -3.55
N THR A 50 14.33 -9.09 -3.18
CA THR A 50 13.04 -8.86 -2.55
C THR A 50 12.28 -7.81 -3.38
N SER A 51 11.97 -8.14 -4.64
CA SER A 51 10.99 -7.47 -5.48
C SER A 51 10.26 -8.54 -6.30
N ASP A 52 8.99 -8.80 -5.98
CA ASP A 52 8.08 -9.78 -6.59
C ASP A 52 8.70 -11.17 -6.85
N ILE A 53 9.05 -11.92 -5.80
CA ILE A 53 9.37 -13.35 -5.95
C ILE A 53 8.07 -14.16 -6.05
N ALA A 54 7.11 -13.91 -5.15
CA ALA A 54 6.05 -14.80 -4.69
C ALA A 54 6.64 -15.93 -3.83
N LEU A 55 6.04 -16.16 -2.66
CA LEU A 55 6.59 -16.89 -1.54
C LEU A 55 7.89 -16.28 -1.02
N ASP A 56 8.70 -17.09 -0.35
CA ASP A 56 9.90 -16.82 0.41
C ASP A 56 9.88 -15.64 1.39
N GLN A 57 8.72 -15.05 1.65
CA GLN A 57 8.49 -13.89 2.51
C GLN A 57 7.30 -14.10 3.45
N ILE A 58 6.80 -15.33 3.58
CA ILE A 58 5.44 -15.58 4.07
C ILE A 58 5.44 -16.68 5.13
N GLN A 59 5.92 -17.87 4.77
CA GLN A 59 5.74 -19.10 5.51
C GLN A 59 7.10 -19.75 5.67
N GLY A 60 7.62 -19.80 6.90
CA GLY A 60 8.90 -20.39 7.22
C GLY A 60 10.08 -19.43 7.01
N ASN A 61 9.95 -18.45 6.11
CA ASN A 61 10.69 -17.20 6.24
C ASN A 61 9.72 -16.16 6.76
N LYS A 62 10.25 -15.18 7.48
CA LYS A 62 9.50 -14.13 8.15
C LYS A 62 10.42 -12.92 8.25
N ASP A 63 10.07 -11.95 9.10
CA ASP A 63 10.88 -10.77 9.38
C ASP A 63 10.87 -9.90 8.13
N PHE A 64 9.67 -9.40 7.85
CA PHE A 64 9.37 -8.67 6.63
C PHE A 64 10.21 -7.40 6.60
N PRO A 65 10.67 -6.96 5.42
CA PRO A 65 11.65 -5.88 5.31
C PRO A 65 11.09 -4.58 5.88
N GLU A 66 12.01 -3.80 6.44
CA GLU A 66 11.73 -2.42 6.72
C GLU A 66 11.66 -1.68 5.39
N ILE A 67 10.95 -0.56 5.40
CA ILE A 67 10.63 0.18 4.20
C ILE A 67 11.42 1.48 4.19
N GLN A 68 11.38 2.19 3.07
CA GLN A 68 11.92 3.53 2.93
C GLN A 68 10.90 4.33 2.16
N LEU A 69 10.81 5.61 2.52
CA LEU A 69 10.08 6.66 1.84
C LEU A 69 10.70 7.97 2.33
N ASP A 70 10.22 9.09 1.83
CA ASP A 70 10.66 10.42 2.22
C ASP A 70 10.29 10.75 3.69
N ASN A 71 10.60 11.94 4.18
CA ASN A 71 10.04 12.43 5.44
C ASN A 71 8.71 13.12 5.16
N ILE A 72 7.69 12.30 4.98
CA ILE A 72 6.29 12.74 4.93
C ILE A 72 5.77 12.74 6.35
N ASP A 73 4.63 13.38 6.56
CA ASP A 73 3.81 13.20 7.74
C ASP A 73 2.44 12.74 7.28
N TYR A 74 1.88 11.70 7.89
CA TYR A 74 0.54 11.26 7.61
C TYR A 74 -0.50 12.20 8.25
N ASN A 75 -0.10 12.97 9.28
CA ASN A 75 -1.06 13.70 10.10
C ASN A 75 -1.68 14.91 9.41
N ASN A 76 -1.07 15.45 8.36
CA ASN A 76 -1.71 16.52 7.61
C ASN A 76 -2.78 16.00 6.64
N TYR A 77 -2.94 14.68 6.48
CA TYR A 77 -4.01 14.06 5.70
C TYR A 77 -5.08 13.48 6.62
N ASP A 78 -6.28 13.30 6.07
CA ASP A 78 -7.46 12.76 6.76
C ASP A 78 -7.95 11.47 6.08
N LEU A 79 -7.30 11.05 5.00
CA LEU A 79 -7.59 9.80 4.28
C LEU A 79 -6.29 9.30 3.64
N ILE A 80 -6.06 7.99 3.60
CA ILE A 80 -4.86 7.40 2.97
C ILE A 80 -5.28 6.22 2.11
N LEU A 81 -4.63 6.07 0.95
CA LEU A 81 -4.92 5.10 -0.10
C LEU A 81 -3.61 4.41 -0.45
N ILE A 82 -3.59 3.08 -0.58
CA ILE A 82 -2.36 2.30 -0.71
C ILE A 82 -2.54 1.13 -1.69
N GLY A 83 -1.57 0.82 -2.58
CA GLY A 83 -1.66 -0.40 -3.39
C GLY A 83 -0.48 -1.36 -3.31
N SER A 84 -0.67 -2.58 -3.85
CA SER A 84 0.34 -3.62 -3.97
C SER A 84 -0.11 -4.67 -5.00
N PRO A 85 0.83 -5.30 -5.74
CA PRO A 85 0.52 -6.46 -6.56
C PRO A 85 0.15 -7.68 -5.70
N VAL A 86 -0.50 -8.68 -6.32
CA VAL A 86 -0.99 -9.88 -5.66
C VAL A 86 -1.25 -11.01 -6.67
N TRP A 87 -0.66 -12.17 -6.41
CA TRP A 87 -0.71 -13.32 -7.33
C TRP A 87 -0.72 -14.68 -6.64
N SER A 88 -0.47 -14.72 -5.33
CA SER A 88 -0.56 -15.93 -4.52
C SER A 88 -1.14 -15.61 -3.14
N GLY A 89 -2.18 -14.79 -3.08
CA GLY A 89 -2.80 -14.30 -1.85
C GLY A 89 -2.00 -13.14 -1.27
N TYR A 90 -0.69 -13.34 -1.06
CA TYR A 90 0.25 -12.39 -0.47
C TYR A 90 1.68 -12.68 -0.98
N PRO A 91 2.01 -12.47 -2.26
CA PRO A 91 3.40 -12.60 -2.71
C PRO A 91 4.33 -11.51 -2.16
N ALA A 92 3.77 -10.38 -1.68
CA ALA A 92 4.51 -9.20 -1.26
C ALA A 92 4.24 -8.93 0.23
N THR A 93 5.07 -8.10 0.87
CA THR A 93 4.74 -7.52 2.18
C THR A 93 5.06 -6.01 2.27
N PRO A 94 4.59 -5.16 1.33
CA PRO A 94 4.74 -3.72 1.42
C PRO A 94 3.62 -3.07 2.21
N ILE A 95 2.64 -3.81 2.70
CA ILE A 95 1.56 -3.30 3.53
C ILE A 95 1.61 -4.16 4.81
N LYS A 96 2.67 -3.98 5.58
CA LYS A 96 2.81 -4.38 6.99
C LYS A 96 3.58 -3.33 7.77
N THR A 97 4.79 -3.00 7.33
CA THR A 97 5.66 -2.06 8.04
C THR A 97 5.03 -0.65 8.07
N LEU A 98 4.38 -0.21 6.98
CA LEU A 98 3.78 1.12 6.89
C LEU A 98 2.71 1.30 7.97
N LEU A 99 1.83 0.32 8.14
CA LEU A 99 0.76 0.36 9.14
C LEU A 99 1.32 0.63 10.55
N ASP A 100 2.51 0.14 10.87
CA ASP A 100 3.17 0.37 12.16
C ASP A 100 3.64 1.81 12.33
N GLN A 101 3.91 2.51 11.23
CA GLN A 101 4.25 3.93 11.25
C GLN A 101 3.00 4.78 11.52
N MET A 102 1.80 4.28 11.18
CA MET A 102 0.53 5.03 11.28
C MET A 102 -0.03 5.09 12.71
N LYS A 103 0.77 4.82 13.75
CA LYS A 103 0.28 4.74 15.13
C LYS A 103 -0.25 6.05 15.70
N ASN A 104 -0.04 7.19 15.05
CA ASN A 104 -0.60 8.48 15.46
C ASN A 104 -1.53 9.03 14.38
N TYR A 105 -1.89 8.24 13.37
CA TYR A 105 -2.79 8.66 12.31
C TYR A 105 -4.22 8.77 12.81
N ARG A 106 -4.97 9.72 12.25
CA ARG A 106 -6.39 9.98 12.45
C ARG A 106 -7.00 10.21 11.07
N GLY A 107 -8.00 9.45 10.65
CA GLY A 107 -8.64 9.65 9.35
C GLY A 107 -9.38 8.39 8.96
N GLU A 108 -9.22 7.92 7.71
CA GLU A 108 -9.65 6.59 7.27
C GLU A 108 -8.59 6.04 6.31
N VAL A 109 -8.66 4.74 5.96
CA VAL A 109 -7.64 4.08 5.15
C VAL A 109 -8.28 3.08 4.17
N ALA A 110 -7.97 3.16 2.87
CA ALA A 110 -8.36 2.16 1.88
C ALA A 110 -7.13 1.57 1.19
N SER A 111 -7.31 0.42 0.52
CA SER A 111 -6.29 -0.17 -0.33
C SER A 111 -6.91 -0.53 -1.68
N PHE A 112 -6.10 -0.45 -2.72
CA PHE A 112 -6.46 -0.67 -4.12
C PHE A 112 -5.34 -1.49 -4.77
N PHE A 113 -5.67 -2.57 -5.48
CA PHE A 113 -4.65 -3.39 -6.15
C PHE A 113 -4.89 -3.41 -7.65
N THR A 114 -3.83 -3.66 -8.42
CA THR A 114 -3.84 -3.69 -9.89
C THR A 114 -3.46 -5.09 -10.40
N SER A 115 -3.69 -6.11 -9.57
CA SER A 115 -3.34 -7.51 -9.78
C SER A 115 -4.55 -8.34 -9.42
N ALA A 116 -5.17 -8.90 -10.45
CA ALA A 116 -6.52 -9.47 -10.39
C ALA A 116 -6.65 -10.76 -11.20
N GLY A 117 -5.56 -11.27 -11.78
CA GLY A 117 -5.62 -12.43 -12.66
C GLY A 117 -6.03 -13.68 -11.86
N THR A 118 -5.43 -13.88 -10.69
CA THR A 118 -5.50 -15.17 -9.99
C THR A 118 -5.92 -14.98 -8.52
N ASN A 119 -6.25 -13.76 -8.12
CA ASN A 119 -6.69 -13.42 -6.77
C ASN A 119 -7.76 -12.33 -6.84
N HIS A 120 -8.66 -12.34 -5.85
CA HIS A 120 -9.47 -11.21 -5.46
C HIS A 120 -9.73 -11.31 -3.96
N LYS A 121 -10.55 -12.28 -3.54
CA LYS A 121 -10.97 -12.47 -2.16
C LYS A 121 -9.78 -12.69 -1.22
N ALA A 122 -8.72 -13.37 -1.70
CA ALA A 122 -7.59 -13.67 -0.83
C ALA A 122 -6.89 -12.41 -0.37
N TYR A 123 -6.65 -11.44 -1.27
CA TYR A 123 -5.97 -10.20 -0.91
C TYR A 123 -6.72 -9.54 0.23
N VAL A 124 -8.04 -9.36 0.10
CA VAL A 124 -8.85 -8.70 1.11
C VAL A 124 -8.66 -9.34 2.48
N SER A 125 -8.75 -10.67 2.56
CA SER A 125 -8.63 -11.40 3.80
C SER A 125 -7.23 -11.22 4.42
N HIS A 126 -6.19 -11.46 3.63
CA HIS A 126 -4.79 -11.39 4.06
C HIS A 126 -4.34 -9.96 4.37
N PHE A 127 -4.90 -8.97 3.68
CA PHE A 127 -4.65 -7.55 3.93
C PHE A 127 -5.27 -7.16 5.27
N ASN A 128 -6.54 -7.51 5.49
CA ASN A 128 -7.28 -7.15 6.70
C ASN A 128 -6.51 -7.56 7.95
N GLU A 129 -5.99 -8.78 7.95
CA GLU A 129 -5.18 -9.29 9.05
C GLU A 129 -3.87 -8.52 9.26
N TRP A 130 -3.38 -7.86 8.21
CA TRP A 130 -2.10 -7.17 8.22
C TRP A 130 -2.27 -5.66 8.42
N ALA A 131 -3.51 -5.18 8.52
CA ALA A 131 -3.88 -3.80 8.80
C ALA A 131 -4.82 -3.70 10.00
N ASP A 132 -4.86 -4.77 10.82
CA ASP A 132 -5.72 -4.91 11.97
C ASP A 132 -5.37 -3.83 12.98
N GLY A 133 -6.34 -2.98 13.29
CA GLY A 133 -6.23 -1.91 14.27
C GLY A 133 -6.31 -0.51 13.65
N LEU A 134 -6.32 -0.37 12.32
CA LEU A 134 -6.50 0.91 11.63
C LEU A 134 -7.79 0.86 10.81
N ASN A 135 -8.34 2.02 10.43
CA ASN A 135 -9.74 2.14 10.00
C ASN A 135 -9.90 1.82 8.52
N VAL A 136 -10.02 0.54 8.19
CA VAL A 136 -10.17 0.03 6.83
C VAL A 136 -11.60 0.30 6.36
N ILE A 137 -11.78 1.05 5.26
CA ILE A 137 -13.09 1.24 4.62
C ILE A 137 -13.13 0.83 3.15
N GLY A 138 -12.05 0.24 2.63
CA GLY A 138 -11.98 -0.14 1.23
C GLY A 138 -10.86 -1.11 0.95
N VAL A 139 -11.15 -2.17 0.18
CA VAL A 139 -10.15 -3.08 -0.34
C VAL A 139 -10.66 -3.58 -1.71
N ALA A 140 -10.33 -2.92 -2.81
CA ALA A 140 -10.89 -3.20 -4.14
C ALA A 140 -9.79 -3.24 -5.21
N ARG A 141 -10.13 -3.59 -6.46
CA ARG A 141 -9.19 -3.56 -7.57
C ARG A 141 -9.45 -2.34 -8.44
N ASP A 142 -8.43 -1.95 -9.22
CA ASP A 142 -8.40 -0.77 -10.08
C ASP A 142 -8.88 0.46 -9.29
N ASP A 143 -9.36 1.50 -9.96
CA ASP A 143 -9.71 2.82 -9.44
C ASP A 143 -11.22 3.04 -9.65
N SER A 144 -12.01 2.19 -8.99
CA SER A 144 -13.45 2.08 -9.14
C SER A 144 -14.22 2.26 -7.82
N GLU A 145 -13.51 2.35 -6.69
CA GLU A 145 -14.09 2.65 -5.38
C GLU A 145 -13.45 3.94 -4.79
N VAL A 146 -12.68 4.68 -5.59
CA VAL A 146 -12.08 5.95 -5.21
C VAL A 146 -13.16 6.93 -4.73
N ASP A 147 -14.31 6.95 -5.41
CA ASP A 147 -15.37 7.94 -5.26
C ASP A 147 -15.99 7.93 -3.86
N LYS A 148 -15.95 6.79 -3.16
CA LYS A 148 -16.43 6.67 -1.78
C LYS A 148 -15.29 7.01 -0.83
N TRP A 149 -14.05 6.60 -1.14
CA TRP A 149 -12.89 6.81 -0.27
C TRP A 149 -12.37 8.26 -0.36
N SER A 150 -13.21 9.24 -0.68
CA SER A 150 -12.97 10.65 -0.44
C SER A 150 -14.31 11.41 -0.29
N LYS A 151 -15.46 10.72 -0.20
CA LYS A 151 -16.78 11.34 -0.18
C LYS A 151 -17.14 11.93 1.19
N GLY A 1 -9.07 21.59 13.21
CA GLY A 1 -8.93 22.38 11.99
C GLY A 1 -10.03 21.96 11.02
N MET A 2 -9.91 22.33 9.74
CA MET A 2 -10.80 21.90 8.68
C MET A 2 -9.99 21.79 7.40
N ALA A 3 -9.69 20.56 7.00
CA ALA A 3 -8.93 20.16 5.82
C ALA A 3 -9.09 18.65 5.75
N LYS A 4 -9.57 18.12 4.62
CA LYS A 4 -9.51 16.69 4.32
C LYS A 4 -8.62 16.45 3.10
N LYS A 5 -7.30 16.36 3.31
CA LYS A 5 -6.40 15.94 2.24
C LYS A 5 -6.52 14.43 2.06
N THR A 6 -5.85 13.97 1.00
CA THR A 6 -5.74 12.57 0.67
C THR A 6 -4.30 12.31 0.21
N LEU A 7 -3.78 11.10 0.44
CA LEU A 7 -2.48 10.69 -0.05
C LEU A 7 -2.60 9.36 -0.77
N ILE A 8 -1.71 9.12 -1.73
CA ILE A 8 -1.56 7.83 -2.38
C ILE A 8 -0.06 7.49 -2.45
N LEU A 9 0.30 6.27 -2.03
CA LEU A 9 1.62 5.67 -2.07
C LEU A 9 1.50 4.40 -2.91
N TYR A 10 2.34 4.23 -3.93
CA TYR A 10 2.06 3.29 -5.02
C TYR A 10 3.22 2.31 -5.20
N TYR A 11 3.38 1.34 -4.29
CA TYR A 11 4.61 0.51 -4.28
C TYR A 11 4.58 -0.48 -5.46
N SER A 12 5.21 -0.09 -6.56
CA SER A 12 5.65 -0.97 -7.62
C SER A 12 6.67 -0.19 -8.44
N TRP A 13 7.94 -0.32 -8.07
CA TRP A 13 9.06 0.17 -8.88
C TRP A 13 8.92 1.67 -9.17
N SER A 14 9.66 2.15 -10.16
CA SER A 14 9.54 3.51 -10.70
C SER A 14 8.74 3.49 -12.02
N GLY A 15 7.74 2.62 -12.11
CA GLY A 15 6.83 2.51 -13.23
C GLY A 15 5.59 1.78 -12.76
N GLU A 16 5.22 0.65 -13.39
CA GLU A 16 4.19 -0.31 -12.99
C GLU A 16 2.87 0.35 -12.56
N THR A 17 2.73 0.75 -11.29
CA THR A 17 1.58 1.41 -10.68
C THR A 17 1.37 2.84 -11.17
N LYS A 18 2.31 3.41 -11.95
CA LYS A 18 2.33 4.83 -12.26
C LYS A 18 1.07 5.35 -12.96
N LYS A 19 0.36 4.52 -13.74
CA LYS A 19 -0.91 4.97 -14.30
C LYS A 19 -1.98 4.96 -13.22
N MET A 20 -2.09 3.87 -12.45
CA MET A 20 -2.91 3.74 -11.25
C MET A 20 -2.33 4.55 -10.07
N ALA A 21 -1.86 5.77 -10.36
CA ALA A 21 -1.51 6.79 -9.41
C ALA A 21 -2.07 8.13 -9.93
N GLU A 22 -1.61 8.58 -11.09
CA GLU A 22 -1.91 9.95 -11.57
C GLU A 22 -3.38 10.11 -11.90
N LYS A 23 -4.01 9.04 -12.40
CA LYS A 23 -5.43 9.06 -12.73
C LYS A 23 -6.23 9.46 -11.47
N ILE A 24 -6.12 8.67 -10.39
CA ILE A 24 -6.78 8.92 -9.11
C ILE A 24 -6.37 10.25 -8.47
N ASN A 25 -5.09 10.65 -8.54
CA ASN A 25 -4.67 11.95 -8.00
C ASN A 25 -5.53 13.08 -8.57
N SER A 26 -5.90 12.96 -9.84
CA SER A 26 -6.74 13.89 -10.56
C SER A 26 -8.23 13.73 -10.24
N GLU A 27 -8.69 12.56 -9.79
CA GLU A 27 -10.11 12.32 -9.56
C GLU A 27 -10.51 12.67 -8.11
N ILE A 28 -9.55 12.83 -7.21
CA ILE A 28 -9.77 13.16 -5.81
C ILE A 28 -9.55 14.66 -5.61
N LYS A 29 -10.28 15.26 -4.66
CA LYS A 29 -10.07 16.64 -4.26
C LYS A 29 -8.81 16.75 -3.41
N ASP A 30 -7.92 17.67 -3.77
CA ASP A 30 -6.80 18.13 -2.97
C ASP A 30 -5.93 16.96 -2.46
N SER A 31 -5.79 15.93 -3.28
CA SER A 31 -4.94 14.79 -2.96
C SER A 31 -3.48 15.08 -3.29
N GLU A 32 -2.60 14.21 -2.81
CA GLU A 32 -1.19 14.22 -3.12
C GLU A 32 -0.66 12.82 -3.39
N LEU A 33 0.52 12.78 -4.00
CA LEU A 33 1.14 11.60 -4.57
C LEU A 33 2.58 11.56 -4.09
N LYS A 34 2.88 10.62 -3.19
CA LYS A 34 4.20 10.48 -2.55
C LYS A 34 4.77 9.11 -2.88
N GLU A 35 6.04 8.92 -2.59
CA GLU A 35 6.75 7.71 -2.99
C GLU A 35 6.98 6.79 -1.79
N VAL A 36 7.15 5.51 -2.11
CA VAL A 36 7.39 4.39 -1.22
C VAL A 36 8.74 3.80 -1.66
N LYS A 37 9.66 3.52 -0.73
CA LYS A 37 10.98 2.99 -1.01
C LYS A 37 11.16 1.67 -0.25
N VAL A 38 12.26 0.97 -0.47
CA VAL A 38 12.63 -0.24 0.27
C VAL A 38 13.89 -0.01 1.08
N SER A 39 14.00 -0.65 2.23
CA SER A 39 15.23 -0.75 3.00
C SER A 39 16.14 -1.81 2.37
N GLU A 40 17.34 -1.92 2.92
CA GLU A 40 18.33 -2.96 2.70
C GLU A 40 17.87 -4.32 3.22
N GLY A 41 18.79 -5.28 3.36
CA GLY A 41 18.53 -6.67 3.70
C GLY A 41 18.32 -6.88 5.19
N THR A 42 18.43 -8.14 5.60
CA THR A 42 18.13 -8.59 6.96
C THR A 42 19.21 -9.60 7.37
N PHE A 43 19.05 -10.88 7.03
CA PHE A 43 20.03 -11.93 7.25
C PHE A 43 20.88 -12.03 5.99
N ASP A 44 20.32 -12.61 4.93
CA ASP A 44 20.91 -12.59 3.60
C ASP A 44 20.81 -11.17 3.08
N ALA A 45 21.82 -10.36 3.36
CA ALA A 45 21.96 -9.04 2.73
C ALA A 45 22.26 -9.17 1.24
N ASP A 46 22.78 -10.33 0.82
CA ASP A 46 23.73 -10.51 -0.27
C ASP A 46 23.43 -9.72 -1.55
N MET A 47 22.18 -9.71 -2.04
CA MET A 47 21.77 -8.79 -3.11
C MET A 47 20.29 -8.41 -3.00
N TYR A 48 19.83 -8.16 -1.77
CA TYR A 48 18.42 -7.92 -1.43
C TYR A 48 17.52 -9.12 -1.82
N LYS A 49 16.24 -9.10 -1.43
CA LYS A 49 15.20 -10.00 -1.92
C LYS A 49 13.81 -9.39 -1.69
N THR A 50 13.46 -8.39 -2.48
CA THR A 50 12.17 -7.70 -2.37
C THR A 50 11.44 -7.57 -3.72
N SER A 51 11.81 -8.37 -4.72
CA SER A 51 11.00 -8.57 -5.91
C SER A 51 11.13 -10.04 -6.32
N ASP A 52 10.24 -10.46 -7.21
CA ASP A 52 10.10 -11.81 -7.77
C ASP A 52 9.64 -12.81 -6.71
N ILE A 53 9.28 -14.03 -7.13
CA ILE A 53 8.79 -15.15 -6.32
C ILE A 53 7.36 -14.85 -5.84
N ALA A 54 6.55 -15.90 -5.64
CA ALA A 54 5.20 -15.79 -5.09
C ALA A 54 5.31 -15.79 -3.55
N LEU A 55 5.32 -16.97 -2.92
CA LEU A 55 5.72 -17.14 -1.54
C LEU A 55 7.24 -17.23 -1.51
N ASP A 56 7.89 -16.12 -1.15
CA ASP A 56 9.20 -16.16 -0.50
C ASP A 56 8.92 -15.87 0.97
N GLN A 57 8.81 -14.58 1.32
CA GLN A 57 8.68 -14.00 2.64
C GLN A 57 7.30 -14.20 3.29
N ILE A 58 6.82 -15.46 3.33
CA ILE A 58 5.59 -15.84 4.01
C ILE A 58 5.91 -17.11 4.80
N GLN A 59 5.81 -18.29 4.18
CA GLN A 59 5.94 -19.55 4.88
C GLN A 59 7.43 -19.82 5.04
N GLY A 60 7.88 -20.02 6.28
CA GLY A 60 9.26 -20.33 6.60
C GLY A 60 10.19 -19.14 6.45
N ASN A 61 9.69 -17.97 6.05
CA ASN A 61 10.46 -16.75 5.87
C ASN A 61 9.62 -15.63 6.45
N LYS A 62 9.51 -15.59 7.77
CA LYS A 62 8.76 -14.54 8.46
C LYS A 62 9.46 -13.20 8.35
N ASP A 63 10.78 -13.22 8.12
CA ASP A 63 11.67 -12.06 8.12
C ASP A 63 11.51 -11.28 6.80
N PHE A 64 10.42 -10.53 6.68
CA PHE A 64 10.06 -9.80 5.47
C PHE A 64 10.97 -8.58 5.22
N PRO A 65 11.12 -8.16 3.94
CA PRO A 65 11.88 -6.98 3.55
C PRO A 65 11.08 -5.72 3.91
N GLU A 66 11.73 -4.77 4.60
CA GLU A 66 11.10 -3.58 5.16
C GLU A 66 11.09 -2.43 4.18
N ILE A 67 10.12 -1.54 4.31
CA ILE A 67 10.04 -0.33 3.49
C ILE A 67 10.98 0.75 4.04
N GLN A 68 11.13 1.81 3.25
CA GLN A 68 11.65 3.10 3.65
C GLN A 68 10.70 4.18 3.11
N LEU A 69 10.76 5.37 3.70
CA LEU A 69 10.30 6.65 3.15
C LEU A 69 10.88 7.76 4.02
N ASP A 70 10.64 9.00 3.61
CA ASP A 70 11.06 10.19 4.33
C ASP A 70 10.42 10.30 5.71
N ASN A 71 10.78 11.33 6.45
CA ASN A 71 10.16 11.68 7.72
C ASN A 71 8.82 12.35 7.42
N ILE A 72 7.78 11.54 7.36
CA ILE A 72 6.43 11.92 6.94
C ILE A 72 5.46 11.58 8.06
N ASP A 73 4.78 12.60 8.54
CA ASP A 73 3.60 12.45 9.40
C ASP A 73 2.44 12.02 8.50
N TYR A 74 1.78 10.92 8.85
CA TYR A 74 0.55 10.51 8.19
C TYR A 74 -0.63 11.40 8.56
N ASN A 75 -0.62 11.99 9.76
CA ASN A 75 -1.77 12.73 10.32
C ASN A 75 -2.17 13.95 9.51
N ASN A 76 -1.24 14.52 8.73
CA ASN A 76 -1.48 15.77 8.03
C ASN A 76 -2.50 15.62 6.88
N TYR A 77 -3.02 14.42 6.67
CA TYR A 77 -3.97 14.04 5.65
C TYR A 77 -5.12 13.31 6.37
N ASP A 78 -6.30 13.27 5.77
CA ASP A 78 -7.51 12.66 6.35
C ASP A 78 -7.83 11.33 5.68
N LEU A 79 -7.17 11.02 4.56
CA LEU A 79 -7.44 9.87 3.72
C LEU A 79 -6.12 9.32 3.17
N ILE A 80 -5.93 8.00 3.20
CA ILE A 80 -4.65 7.35 2.86
C ILE A 80 -4.92 6.11 1.99
N LEU A 81 -4.53 6.16 0.72
CA LEU A 81 -4.66 5.07 -0.25
C LEU A 81 -3.32 4.35 -0.42
N ILE A 82 -3.37 3.08 -0.84
CA ILE A 82 -2.21 2.20 -0.86
C ILE A 82 -2.34 1.19 -2.02
N GLY A 83 -1.40 1.18 -2.98
CA GLY A 83 -1.32 0.17 -4.04
C GLY A 83 -0.14 -0.79 -3.84
N SER A 84 -0.31 -2.07 -4.21
CA SER A 84 0.66 -3.15 -4.16
C SER A 84 0.18 -4.35 -5.02
N PRO A 85 1.04 -5.34 -5.37
CA PRO A 85 0.66 -6.48 -6.22
C PRO A 85 0.12 -7.68 -5.42
N VAL A 86 -0.48 -8.69 -6.09
CA VAL A 86 -0.83 -10.00 -5.49
C VAL A 86 -0.94 -11.09 -6.57
N TRP A 87 -0.66 -12.36 -6.24
CA TRP A 87 -1.10 -13.47 -7.10
C TRP A 87 -1.23 -14.82 -6.39
N SER A 88 -0.95 -14.93 -5.10
CA SER A 88 -1.05 -16.20 -4.38
C SER A 88 -1.76 -16.07 -3.03
N GLY A 89 -2.39 -14.92 -2.77
CA GLY A 89 -2.94 -14.57 -1.48
C GLY A 89 -2.27 -13.32 -0.96
N TYR A 90 -0.97 -13.37 -0.70
CA TYR A 90 -0.20 -12.33 -0.03
C TYR A 90 1.29 -12.53 -0.32
N PRO A 91 1.75 -12.36 -1.58
CA PRO A 91 3.15 -12.62 -1.93
C PRO A 91 4.06 -11.52 -1.39
N ALA A 92 3.59 -10.27 -1.37
CA ALA A 92 4.41 -9.13 -1.05
C ALA A 92 4.19 -8.78 0.44
N THR A 93 5.15 -8.07 1.03
CA THR A 93 4.97 -7.48 2.36
C THR A 93 5.46 -6.01 2.36
N PRO A 94 5.00 -5.14 1.43
CA PRO A 94 5.30 -3.71 1.44
C PRO A 94 4.29 -2.92 2.26
N ILE A 95 3.15 -3.54 2.59
CA ILE A 95 2.12 -2.93 3.42
C ILE A 95 2.06 -3.77 4.71
N LYS A 96 3.23 -4.01 5.30
CA LYS A 96 3.41 -4.57 6.63
C LYS A 96 4.09 -3.51 7.48
N THR A 97 5.37 -3.25 7.22
CA THR A 97 6.22 -2.32 7.94
C THR A 97 5.55 -0.94 8.02
N LEU A 98 5.08 -0.36 6.91
CA LEU A 98 4.51 0.99 6.91
C LEU A 98 3.33 1.07 7.89
N LEU A 99 2.34 0.16 7.81
CA LEU A 99 1.22 0.12 8.75
C LEU A 99 1.71 -0.13 10.19
N ASP A 100 2.79 -0.89 10.38
CA ASP A 100 3.41 -1.12 11.70
C ASP A 100 4.03 0.15 12.27
N GLN A 101 4.32 1.14 11.41
CA GLN A 101 4.71 2.49 11.82
C GLN A 101 3.45 3.30 12.13
N MET A 102 2.37 3.14 11.37
CA MET A 102 1.13 3.91 11.54
C MET A 102 0.32 3.53 12.78
N LYS A 103 0.86 3.04 13.89
CA LYS A 103 0.01 2.55 14.99
C LYS A 103 -0.79 3.62 15.76
N ASN A 104 -0.49 4.91 15.60
CA ASN A 104 -1.12 6.01 16.34
C ASN A 104 -1.99 6.93 15.47
N TYR A 105 -2.32 6.48 14.27
CA TYR A 105 -2.83 7.32 13.21
C TYR A 105 -4.31 7.05 12.99
N ARG A 106 -4.92 8.03 12.35
CA ARG A 106 -6.34 8.18 12.11
C ARG A 106 -6.50 8.86 10.76
N GLY A 107 -7.73 9.05 10.30
CA GLY A 107 -8.00 9.21 8.89
C GLY A 107 -8.43 7.87 8.32
N GLU A 108 -8.77 7.84 7.04
CA GLU A 108 -9.55 6.79 6.42
C GLU A 108 -8.62 6.04 5.47
N VAL A 109 -8.24 4.82 5.83
CA VAL A 109 -7.24 4.05 5.08
C VAL A 109 -7.94 3.09 4.10
N ALA A 110 -7.48 3.00 2.86
CA ALA A 110 -7.91 1.97 1.91
C ALA A 110 -6.75 1.40 1.11
N SER A 111 -7.01 0.34 0.35
CA SER A 111 -6.04 -0.24 -0.57
C SER A 111 -6.73 -0.64 -1.88
N PHE A 112 -5.98 -0.55 -2.97
CA PHE A 112 -6.48 -0.69 -4.34
C PHE A 112 -5.42 -1.36 -5.21
N PHE A 113 -5.59 -2.65 -5.53
CA PHE A 113 -4.60 -3.44 -6.26
C PHE A 113 -5.03 -3.67 -7.73
N THR A 114 -4.06 -3.87 -8.64
CA THR A 114 -4.29 -4.19 -10.06
C THR A 114 -3.68 -5.55 -10.38
N SER A 115 -4.14 -6.59 -9.69
CA SER A 115 -3.57 -7.93 -9.77
C SER A 115 -4.68 -8.99 -9.69
N ALA A 116 -5.90 -8.59 -10.07
CA ALA A 116 -7.13 -9.38 -9.97
C ALA A 116 -7.20 -10.54 -10.96
N GLY A 117 -6.13 -10.84 -11.71
CA GLY A 117 -6.03 -11.98 -12.61
C GLY A 117 -6.47 -13.29 -11.97
N THR A 118 -6.17 -13.54 -10.70
CA THR A 118 -6.53 -14.84 -10.08
C THR A 118 -6.78 -14.77 -8.56
N ASN A 119 -6.38 -13.69 -7.88
CA ASN A 119 -6.55 -13.44 -6.46
C ASN A 119 -7.40 -12.18 -6.34
N HIS A 120 -8.41 -12.16 -5.46
CA HIS A 120 -9.09 -10.94 -5.06
C HIS A 120 -9.57 -11.12 -3.63
N LYS A 121 -10.57 -11.98 -3.43
CA LYS A 121 -11.17 -12.18 -2.11
C LYS A 121 -10.12 -12.59 -1.07
N ALA A 122 -9.07 -13.33 -1.49
CA ALA A 122 -7.95 -13.63 -0.61
C ALA A 122 -7.24 -12.33 -0.16
N TYR A 123 -6.77 -11.51 -1.11
CA TYR A 123 -6.06 -10.26 -0.86
C TYR A 123 -6.79 -9.38 0.16
N VAL A 124 -8.10 -9.25 0.02
CA VAL A 124 -8.94 -8.40 0.87
C VAL A 124 -8.81 -8.84 2.32
N SER A 125 -8.98 -10.14 2.53
CA SER A 125 -8.88 -10.81 3.80
C SER A 125 -7.46 -10.61 4.36
N HIS A 126 -6.43 -10.96 3.59
CA HIS A 126 -5.04 -10.86 4.02
C HIS A 126 -4.62 -9.43 4.36
N PHE A 127 -5.18 -8.42 3.70
CA PHE A 127 -4.90 -7.03 4.02
C PHE A 127 -5.45 -6.73 5.40
N ASN A 128 -6.72 -7.09 5.63
CA ASN A 128 -7.39 -6.90 6.92
C ASN A 128 -6.53 -7.50 8.03
N GLU A 129 -6.02 -8.73 7.87
CA GLU A 129 -5.21 -9.37 8.89
C GLU A 129 -4.06 -8.49 9.36
N TRP A 130 -3.36 -7.86 8.42
CA TRP A 130 -2.16 -7.10 8.72
C TRP A 130 -2.55 -5.64 9.05
N ALA A 131 -3.81 -5.23 8.89
CA ALA A 131 -4.23 -3.82 8.95
C ALA A 131 -5.23 -3.53 10.08
N ASP A 132 -5.66 -4.55 10.82
CA ASP A 132 -6.67 -4.49 11.87
C ASP A 132 -6.15 -3.75 13.11
N GLY A 133 -6.09 -2.44 13.01
CA GLY A 133 -5.93 -1.50 14.12
C GLY A 133 -5.92 -0.04 13.68
N LEU A 134 -5.86 0.22 12.36
CA LEU A 134 -6.17 1.52 11.79
C LEU A 134 -7.60 1.45 11.23
N ASN A 135 -8.18 2.62 10.98
CA ASN A 135 -9.52 2.78 10.40
C ASN A 135 -9.47 2.49 8.91
N VAL A 136 -9.86 1.29 8.50
CA VAL A 136 -9.78 0.87 7.11
C VAL A 136 -11.19 0.80 6.52
N ILE A 137 -11.54 1.75 5.65
CA ILE A 137 -12.89 1.92 5.10
C ILE A 137 -13.03 1.30 3.69
N GLY A 138 -11.97 0.70 3.13
CA GLY A 138 -11.91 0.32 1.73
C GLY A 138 -10.85 -0.71 1.40
N VAL A 139 -11.21 -1.76 0.68
CA VAL A 139 -10.28 -2.77 0.17
C VAL A 139 -10.86 -3.29 -1.14
N ALA A 140 -10.53 -2.65 -2.26
CA ALA A 140 -11.04 -3.02 -3.58
C ALA A 140 -9.89 -3.05 -4.59
N ARG A 141 -10.21 -2.97 -5.89
CA ARG A 141 -9.27 -3.10 -6.99
C ARG A 141 -9.52 -1.99 -8.00
N ASP A 142 -8.53 -1.77 -8.85
CA ASP A 142 -8.54 -0.81 -9.96
C ASP A 142 -8.91 0.60 -9.51
N ASP A 143 -9.43 1.45 -10.40
CA ASP A 143 -10.12 2.69 -10.04
C ASP A 143 -11.58 2.58 -10.45
N SER A 144 -12.41 2.12 -9.52
CA SER A 144 -13.88 2.11 -9.63
C SER A 144 -14.57 2.33 -8.26
N GLU A 145 -13.87 2.23 -7.13
CA GLU A 145 -14.44 2.46 -5.79
C GLU A 145 -13.79 3.67 -5.12
N VAL A 146 -13.08 4.52 -5.86
CA VAL A 146 -12.45 5.73 -5.33
C VAL A 146 -13.49 6.66 -4.69
N ASP A 147 -14.72 6.63 -5.20
CA ASP A 147 -15.80 7.53 -4.79
C ASP A 147 -16.11 7.40 -3.31
N LYS A 148 -16.25 6.17 -2.79
CA LYS A 148 -16.47 5.92 -1.36
C LYS A 148 -15.25 6.34 -0.53
N TRP A 149 -14.07 6.40 -1.14
CA TRP A 149 -12.85 6.87 -0.49
C TRP A 149 -12.59 8.36 -0.78
N SER A 150 -13.57 9.15 -1.21
CA SER A 150 -13.35 10.58 -1.42
C SER A 150 -14.60 11.44 -1.18
N LYS A 151 -15.79 10.84 -1.07
CA LYS A 151 -17.04 11.53 -0.77
C LYS A 151 -16.98 12.35 0.52
N GLY A 1 -7.90 23.38 11.13
CA GLY A 1 -8.88 23.99 10.22
C GLY A 1 -9.50 22.94 9.29
N MET A 2 -10.24 23.37 8.26
CA MET A 2 -10.96 22.45 7.38
C MET A 2 -10.27 22.33 6.02
N ALA A 3 -9.79 21.14 5.71
CA ALA A 3 -9.35 20.66 4.40
C ALA A 3 -9.20 19.15 4.58
N LYS A 4 -9.89 18.35 3.77
CA LYS A 4 -9.75 16.91 3.75
C LYS A 4 -8.79 16.56 2.63
N LYS A 5 -7.53 16.27 2.94
CA LYS A 5 -6.60 15.81 1.91
C LYS A 5 -6.52 14.31 1.89
N THR A 6 -5.80 13.83 0.88
CA THR A 6 -5.59 12.42 0.63
C THR A 6 -4.11 12.21 0.33
N LEU A 7 -3.57 11.04 0.72
CA LEU A 7 -2.24 10.56 0.34
C LEU A 7 -2.47 9.24 -0.37
N ILE A 8 -1.64 8.91 -1.36
CA ILE A 8 -1.69 7.67 -2.13
C ILE A 8 -0.26 7.12 -2.18
N LEU A 9 0.11 6.38 -1.15
CA LEU A 9 1.41 5.73 -1.10
C LEU A 9 1.33 4.47 -1.93
N TYR A 10 2.29 4.26 -2.83
CA TYR A 10 2.39 3.05 -3.62
C TYR A 10 3.84 2.57 -3.61
N TYR A 11 4.04 1.25 -3.75
CA TYR A 11 5.32 0.58 -3.84
C TYR A 11 5.35 -0.16 -5.18
N SER A 12 5.74 0.53 -6.25
CA SER A 12 6.34 -0.07 -7.44
C SER A 12 7.49 0.83 -7.89
N TRP A 13 8.26 0.41 -8.88
CA TRP A 13 9.20 1.30 -9.57
C TRP A 13 9.44 0.87 -11.02
N SER A 14 9.15 -0.39 -11.37
CA SER A 14 9.07 -0.94 -12.72
C SER A 14 7.77 -0.51 -13.42
N GLY A 15 7.11 0.53 -12.92
CA GLY A 15 5.96 1.19 -13.54
C GLY A 15 4.61 0.60 -13.15
N GLU A 16 4.59 -0.56 -12.47
CA GLU A 16 3.39 -1.38 -12.27
C GLU A 16 2.23 -0.53 -11.76
N THR A 17 2.39 0.06 -10.59
CA THR A 17 1.32 0.84 -9.99
C THR A 17 1.28 2.27 -10.53
N LYS A 18 2.39 2.84 -11.04
CA LYS A 18 2.47 4.26 -11.38
C LYS A 18 1.33 4.67 -12.31
N LYS A 19 1.15 3.93 -13.40
CA LYS A 19 0.10 4.19 -14.37
C LYS A 19 -1.30 4.13 -13.78
N MET A 20 -1.48 3.51 -12.61
CA MET A 20 -2.70 3.33 -11.88
C MET A 20 -2.53 3.94 -10.48
N ALA A 21 -1.80 5.05 -10.40
CA ALA A 21 -1.54 5.87 -9.23
C ALA A 21 -1.79 7.33 -9.67
N GLU A 22 -1.18 7.70 -10.80
CA GLU A 22 -1.25 9.00 -11.46
C GLU A 22 -2.68 9.37 -11.86
N LYS A 23 -3.46 8.38 -12.29
CA LYS A 23 -4.85 8.65 -12.67
C LYS A 23 -5.63 9.14 -11.45
N ILE A 24 -5.78 8.31 -10.43
CA ILE A 24 -6.49 8.62 -9.18
C ILE A 24 -6.08 9.99 -8.61
N ASN A 25 -4.80 10.37 -8.64
CA ASN A 25 -4.36 11.68 -8.16
C ASN A 25 -5.11 12.85 -8.85
N SER A 26 -5.43 12.72 -10.14
CA SER A 26 -6.17 13.71 -10.90
C SER A 26 -7.70 13.62 -10.69
N GLU A 27 -8.20 12.61 -9.97
CA GLU A 27 -9.61 12.38 -9.69
C GLU A 27 -9.93 12.44 -8.18
N ILE A 28 -9.00 12.93 -7.36
CA ILE A 28 -9.23 13.24 -5.96
C ILE A 28 -8.72 14.65 -5.71
N LYS A 29 -9.57 15.48 -5.12
CA LYS A 29 -9.19 16.84 -4.80
C LYS A 29 -8.17 16.84 -3.67
N ASP A 30 -7.18 17.71 -3.79
CA ASP A 30 -6.18 18.00 -2.76
C ASP A 30 -5.39 16.75 -2.35
N SER A 31 -5.37 15.75 -3.24
CA SER A 31 -4.69 14.49 -3.08
C SER A 31 -3.20 14.63 -3.43
N GLU A 32 -2.45 13.56 -3.25
CA GLU A 32 -1.00 13.66 -3.27
C GLU A 32 -0.33 12.32 -3.50
N LEU A 33 0.91 12.37 -3.96
CA LEU A 33 1.51 11.29 -4.72
C LEU A 33 2.96 11.13 -4.29
N LYS A 34 3.24 10.05 -3.56
CA LYS A 34 4.48 9.78 -2.86
C LYS A 34 4.86 8.32 -3.12
N GLU A 35 6.15 8.05 -3.08
CA GLU A 35 6.71 6.72 -3.38
C GLU A 35 7.16 6.03 -2.10
N VAL A 36 7.09 4.71 -2.09
CA VAL A 36 7.60 3.87 -1.01
C VAL A 36 8.80 3.08 -1.56
N LYS A 37 9.87 3.00 -0.77
CA LYS A 37 11.09 2.27 -1.07
C LYS A 37 11.23 1.11 -0.09
N VAL A 38 12.28 0.30 -0.26
CA VAL A 38 12.72 -0.69 0.74
C VAL A 38 14.16 -0.36 1.17
N SER A 39 14.66 -1.00 2.22
CA SER A 39 16.04 -0.89 2.69
C SER A 39 16.67 -2.28 2.71
N GLU A 40 17.99 -2.36 2.85
CA GLU A 40 18.73 -3.60 2.95
C GLU A 40 19.69 -3.60 4.14
N GLY A 41 20.00 -4.80 4.64
CA GLY A 41 20.91 -5.07 5.76
C GLY A 41 22.04 -5.95 5.25
N THR A 42 21.85 -7.28 5.24
CA THR A 42 22.93 -8.24 5.00
C THR A 42 22.61 -9.28 3.91
N PHE A 43 21.74 -8.95 2.94
CA PHE A 43 21.21 -9.89 1.95
C PHE A 43 21.21 -9.34 0.51
N ASP A 44 21.52 -8.06 0.31
CA ASP A 44 21.71 -7.43 -0.99
C ASP A 44 22.90 -8.01 -1.76
N ALA A 45 22.97 -7.73 -3.05
CA ALA A 45 23.95 -8.24 -4.00
C ALA A 45 24.45 -7.15 -4.95
N ASP A 46 23.63 -6.13 -5.24
CA ASP A 46 23.92 -4.96 -6.06
C ASP A 46 22.66 -4.11 -6.19
N MET A 47 22.64 -2.94 -5.54
CA MET A 47 21.55 -1.97 -5.50
C MET A 47 20.23 -2.53 -4.94
N TYR A 48 19.19 -1.69 -4.93
CA TYR A 48 17.82 -1.99 -4.57
C TYR A 48 17.32 -3.24 -5.31
N LYS A 49 17.28 -4.38 -4.62
CA LYS A 49 16.88 -5.67 -5.18
C LYS A 49 16.01 -6.49 -4.23
N THR A 50 15.96 -6.14 -2.94
CA THR A 50 15.15 -6.73 -1.88
C THR A 50 13.63 -6.59 -2.11
N SER A 51 13.20 -6.14 -3.29
CA SER A 51 11.89 -6.44 -3.84
C SER A 51 11.61 -7.95 -3.76
N ASP A 52 10.33 -8.28 -3.76
CA ASP A 52 9.80 -9.61 -3.43
C ASP A 52 9.70 -10.43 -4.71
N ILE A 53 8.71 -10.17 -5.56
CA ILE A 53 8.55 -10.76 -6.90
C ILE A 53 8.34 -12.29 -6.83
N ALA A 54 7.08 -12.72 -6.89
CA ALA A 54 6.59 -14.09 -6.79
C ALA A 54 6.60 -14.62 -5.33
N LEU A 55 6.60 -15.94 -5.15
CA LEU A 55 6.68 -16.66 -3.87
C LEU A 55 8.04 -16.37 -3.23
N ASP A 56 8.17 -15.21 -2.60
CA ASP A 56 9.34 -14.81 -1.83
C ASP A 56 8.88 -14.35 -0.46
N GLN A 57 9.27 -15.09 0.58
CA GLN A 57 9.07 -14.76 1.99
C GLN A 57 7.62 -14.98 2.49
N ILE A 58 6.81 -15.78 1.79
CA ILE A 58 5.45 -16.13 2.20
C ILE A 58 5.44 -17.52 2.85
N GLN A 59 5.68 -18.57 2.08
CA GLN A 59 5.42 -19.94 2.54
C GLN A 59 6.56 -20.38 3.46
N GLY A 60 6.26 -20.62 4.74
CA GLY A 60 7.25 -20.98 5.75
C GLY A 60 8.05 -19.78 6.23
N ASN A 61 7.83 -18.59 5.65
CA ASN A 61 8.38 -17.34 6.17
C ASN A 61 7.22 -16.50 6.74
N LYS A 62 7.54 -15.39 7.38
CA LYS A 62 6.58 -14.59 8.14
C LYS A 62 7.21 -13.26 8.56
N ASP A 63 8.52 -13.28 8.78
CA ASP A 63 9.40 -12.12 8.71
C ASP A 63 9.45 -11.56 7.28
N PHE A 64 10.09 -10.40 7.11
CA PHE A 64 10.19 -9.61 5.88
C PHE A 64 11.28 -8.53 6.06
N PRO A 65 11.75 -7.85 5.01
CA PRO A 65 12.64 -6.70 5.11
C PRO A 65 11.87 -5.41 5.50
N GLU A 66 12.60 -4.37 5.92
CA GLU A 66 12.08 -3.05 6.24
C GLU A 66 11.80 -2.19 5.00
N ILE A 67 11.11 -1.06 5.20
CA ILE A 67 10.80 -0.06 4.18
C ILE A 67 11.81 1.09 4.20
N GLN A 68 11.69 2.01 3.25
CA GLN A 68 12.22 3.36 3.30
C GLN A 68 11.22 4.32 2.67
N LEU A 69 11.31 5.60 3.02
CA LEU A 69 10.67 6.74 2.37
C LEU A 69 11.28 8.03 2.93
N ASP A 70 10.69 9.17 2.58
CA ASP A 70 11.06 10.51 3.07
C ASP A 70 10.41 10.80 4.44
N ASN A 71 10.59 12.02 4.96
CA ASN A 71 9.96 12.53 6.17
C ASN A 71 8.50 12.92 5.94
N ILE A 72 7.69 11.97 5.52
CA ILE A 72 6.24 12.19 5.37
C ILE A 72 5.65 12.33 6.77
N ASP A 73 4.57 13.10 6.82
CA ASP A 73 3.68 13.18 7.96
C ASP A 73 2.33 12.63 7.54
N TYR A 74 1.82 11.65 8.29
CA TYR A 74 0.53 11.07 7.98
C TYR A 74 -0.64 11.92 8.48
N ASN A 75 -0.43 12.76 9.51
CA ASN A 75 -1.51 13.42 10.24
C ASN A 75 -2.27 14.36 9.31
N ASN A 76 -1.55 15.14 8.52
CA ASN A 76 -2.12 16.25 7.76
C ASN A 76 -2.89 15.84 6.50
N TYR A 77 -3.25 14.55 6.36
CA TYR A 77 -4.18 14.05 5.35
C TYR A 77 -5.34 13.30 6.05
N ASP A 78 -6.58 13.61 5.68
CA ASP A 78 -7.81 13.04 6.24
C ASP A 78 -8.13 11.66 5.64
N LEU A 79 -7.45 11.27 4.56
CA LEU A 79 -7.63 9.99 3.88
C LEU A 79 -6.24 9.46 3.53
N ILE A 80 -6.02 8.16 3.70
CA ILE A 80 -4.77 7.52 3.29
C ILE A 80 -5.15 6.31 2.44
N LEU A 81 -4.87 6.40 1.15
CA LEU A 81 -4.84 5.32 0.20
C LEU A 81 -3.44 4.70 0.25
N ILE A 82 -3.40 3.40 0.00
CA ILE A 82 -2.23 2.55 -0.01
C ILE A 82 -2.41 1.63 -1.24
N GLY A 83 -1.36 1.10 -1.88
CA GLY A 83 -1.54 -0.05 -2.74
C GLY A 83 -0.30 -0.95 -2.81
N SER A 84 -0.52 -2.18 -3.30
CA SER A 84 0.46 -3.23 -3.57
C SER A 84 -0.02 -4.02 -4.80
N PRO A 85 0.84 -4.79 -5.48
CA PRO A 85 0.41 -5.85 -6.40
C PRO A 85 -0.05 -7.09 -5.62
N VAL A 86 -0.57 -8.11 -6.34
CA VAL A 86 -0.86 -9.44 -5.80
C VAL A 86 -0.83 -10.48 -6.93
N TRP A 87 -0.50 -11.74 -6.62
CA TRP A 87 -0.74 -12.87 -7.51
C TRP A 87 -0.94 -14.20 -6.81
N SER A 88 -0.26 -14.41 -5.70
CA SER A 88 -0.41 -15.59 -4.87
C SER A 88 -0.74 -15.14 -3.43
N GLY A 89 -1.96 -14.66 -3.24
CA GLY A 89 -2.53 -14.27 -1.96
C GLY A 89 -1.98 -12.93 -1.48
N TYR A 90 -0.71 -12.93 -1.13
CA TYR A 90 0.03 -11.82 -0.54
C TYR A 90 1.53 -12.01 -0.83
N PRO A 91 1.94 -12.09 -2.12
CA PRO A 91 3.33 -12.33 -2.53
C PRO A 91 4.27 -11.15 -2.27
N ALA A 92 3.82 -10.09 -1.61
CA ALA A 92 4.67 -8.96 -1.22
C ALA A 92 4.33 -8.62 0.22
N THR A 93 5.24 -7.98 0.96
CA THR A 93 4.96 -7.45 2.29
C THR A 93 5.49 -6.00 2.44
N PRO A 94 5.17 -5.06 1.53
CA PRO A 94 5.42 -3.65 1.77
C PRO A 94 4.39 -3.12 2.79
N ILE A 95 3.20 -3.71 2.86
CA ILE A 95 2.09 -3.20 3.65
C ILE A 95 2.08 -3.93 4.99
N LYS A 96 3.19 -3.83 5.70
CA LYS A 96 3.35 -4.31 7.07
C LYS A 96 4.04 -3.25 7.91
N THR A 97 5.22 -2.80 7.51
CA THR A 97 5.98 -1.84 8.31
C THR A 97 5.38 -0.43 8.18
N LEU A 98 4.98 -0.02 6.97
CA LEU A 98 4.36 1.30 6.74
C LEU A 98 3.13 1.47 7.65
N LEU A 99 2.28 0.43 7.71
CA LEU A 99 1.09 0.41 8.55
C LEU A 99 1.41 0.85 9.98
N ASP A 100 2.49 0.35 10.57
CA ASP A 100 2.84 0.70 11.94
C ASP A 100 3.45 2.10 12.06
N GLN A 101 3.95 2.66 10.98
CA GLN A 101 4.39 4.05 10.95
C GLN A 101 3.17 4.99 11.02
N MET A 102 2.00 4.57 10.50
CA MET A 102 0.76 5.36 10.48
C MET A 102 0.07 5.44 11.85
N LYS A 103 0.75 5.17 12.98
CA LYS A 103 0.15 5.12 14.31
C LYS A 103 -0.67 6.36 14.69
N ASN A 104 -0.36 7.52 14.10
CA ASN A 104 -1.02 8.79 14.39
C ASN A 104 -1.74 9.28 13.15
N TYR A 105 -2.33 8.38 12.37
CA TYR A 105 -3.26 8.76 11.32
C TYR A 105 -4.46 9.48 11.95
N ARG A 106 -4.97 10.50 11.27
CA ARG A 106 -6.02 11.42 11.73
C ARG A 106 -7.17 11.46 10.73
N GLY A 107 -7.35 10.36 10.02
CA GLY A 107 -8.21 10.24 8.87
C GLY A 107 -8.73 8.82 8.80
N GLU A 108 -9.03 8.35 7.60
CA GLU A 108 -9.48 6.98 7.34
C GLU A 108 -8.42 6.21 6.56
N VAL A 109 -8.46 4.87 6.57
CA VAL A 109 -7.55 4.06 5.78
C VAL A 109 -8.34 3.20 4.79
N ALA A 110 -7.93 3.26 3.52
CA ALA A 110 -8.39 2.38 2.45
C ALA A 110 -7.15 1.93 1.68
N SER A 111 -7.20 0.79 0.96
CA SER A 111 -5.99 0.22 0.40
C SER A 111 -6.35 -0.57 -0.85
N PHE A 112 -5.89 -0.12 -2.01
CA PHE A 112 -6.37 -0.47 -3.33
C PHE A 112 -5.25 -1.10 -4.16
N PHE A 113 -5.50 -2.30 -4.69
CA PHE A 113 -4.61 -3.05 -5.55
C PHE A 113 -5.18 -3.07 -6.97
N THR A 114 -4.32 -3.31 -7.96
CA THR A 114 -4.60 -3.16 -9.38
C THR A 114 -4.23 -4.45 -10.14
N SER A 115 -4.21 -5.57 -9.43
CA SER A 115 -3.67 -6.85 -9.88
C SER A 115 -4.73 -7.94 -9.69
N ALA A 116 -5.96 -7.71 -10.14
CA ALA A 116 -7.05 -8.66 -9.95
C ALA A 116 -6.92 -9.95 -10.79
N GLY A 117 -5.95 -10.04 -11.70
CA GLY A 117 -5.97 -11.01 -12.79
C GLY A 117 -5.92 -12.49 -12.38
N THR A 118 -5.55 -12.84 -11.15
CA THR A 118 -5.73 -14.22 -10.66
C THR A 118 -5.96 -14.33 -9.14
N ASN A 119 -6.20 -13.22 -8.43
CA ASN A 119 -6.33 -13.19 -6.96
C ASN A 119 -7.02 -11.87 -6.59
N HIS A 120 -8.15 -11.92 -5.89
CA HIS A 120 -8.89 -10.75 -5.44
C HIS A 120 -9.57 -11.04 -4.11
N LYS A 121 -10.52 -11.98 -4.07
CA LYS A 121 -11.22 -12.35 -2.82
C LYS A 121 -10.19 -12.72 -1.75
N ALA A 122 -9.12 -13.41 -2.14
CA ALA A 122 -8.02 -13.75 -1.27
C ALA A 122 -7.46 -12.50 -0.58
N TYR A 123 -6.96 -11.56 -1.37
CA TYR A 123 -6.29 -10.34 -0.95
C TYR A 123 -7.14 -9.56 0.06
N VAL A 124 -8.44 -9.39 -0.20
CA VAL A 124 -9.38 -8.68 0.67
C VAL A 124 -9.51 -9.34 2.07
N SER A 125 -9.14 -10.59 2.23
CA SER A 125 -9.19 -11.29 3.52
C SER A 125 -7.77 -11.32 4.09
N HIS A 126 -6.76 -11.68 3.30
CA HIS A 126 -5.36 -11.69 3.66
C HIS A 126 -4.87 -10.34 4.21
N PHE A 127 -5.17 -9.23 3.53
CA PHE A 127 -4.75 -7.90 3.96
C PHE A 127 -5.33 -7.58 5.33
N ASN A 128 -6.61 -7.95 5.56
CA ASN A 128 -7.26 -7.69 6.84
C ASN A 128 -6.49 -8.31 7.99
N GLU A 129 -5.92 -9.52 7.81
CA GLU A 129 -5.12 -10.18 8.83
C GLU A 129 -3.80 -9.50 9.13
N TRP A 130 -3.28 -8.77 8.16
CA TRP A 130 -2.01 -8.07 8.24
C TRP A 130 -2.18 -6.62 8.66
N ALA A 131 -3.41 -6.11 8.73
CA ALA A 131 -3.68 -4.69 8.94
C ALA A 131 -4.53 -4.39 10.18
N ASP A 132 -4.98 -5.46 10.84
CA ASP A 132 -5.94 -5.66 11.92
C ASP A 132 -5.77 -4.77 13.17
N GLY A 133 -5.80 -3.46 12.97
CA GLY A 133 -5.88 -2.46 14.01
C GLY A 133 -6.42 -1.15 13.42
N LEU A 134 -5.74 -0.64 12.39
CA LEU A 134 -6.04 0.62 11.74
C LEU A 134 -7.48 0.60 11.20
N ASN A 135 -8.20 1.72 11.29
CA ASN A 135 -9.58 1.85 10.82
C ASN A 135 -9.66 1.66 9.31
N VAL A 136 -10.19 0.52 8.91
CA VAL A 136 -10.39 0.21 7.50
C VAL A 136 -11.82 0.58 7.15
N ILE A 137 -11.98 1.28 6.03
CA ILE A 137 -13.29 1.56 5.44
C ILE A 137 -13.37 1.16 3.96
N GLY A 138 -12.28 0.67 3.35
CA GLY A 138 -12.25 0.46 1.91
C GLY A 138 -11.21 -0.52 1.46
N VAL A 139 -11.64 -1.66 0.94
CA VAL A 139 -10.80 -2.57 0.19
C VAL A 139 -11.63 -3.11 -0.97
N ALA A 140 -11.13 -2.89 -2.18
CA ALA A 140 -11.72 -3.27 -3.45
C ALA A 140 -10.58 -3.58 -4.44
N ARG A 141 -10.86 -3.70 -5.74
CA ARG A 141 -9.87 -3.75 -6.80
C ARG A 141 -10.04 -2.53 -7.70
N ASP A 142 -8.98 -2.21 -8.46
CA ASP A 142 -8.96 -1.19 -9.50
C ASP A 142 -9.39 0.19 -8.98
N ASP A 143 -9.85 1.07 -9.87
CA ASP A 143 -10.45 2.36 -9.54
C ASP A 143 -11.94 2.30 -9.90
N SER A 144 -12.73 1.78 -8.96
CA SER A 144 -14.18 1.66 -9.08
C SER A 144 -14.89 2.17 -7.82
N GLU A 145 -14.18 2.26 -6.69
CA GLU A 145 -14.74 2.69 -5.41
C GLU A 145 -13.98 3.90 -4.88
N VAL A 146 -13.26 4.64 -5.73
CA VAL A 146 -12.43 5.76 -5.30
C VAL A 146 -13.31 6.89 -4.77
N ASP A 147 -14.50 7.08 -5.35
CA ASP A 147 -15.42 8.14 -4.95
C ASP A 147 -15.83 7.95 -3.49
N LYS A 148 -16.13 6.71 -3.05
CA LYS A 148 -16.58 6.49 -1.66
C LYS A 148 -15.47 6.81 -0.67
N TRP A 149 -14.20 6.80 -1.07
CA TRP A 149 -13.09 7.21 -0.22
C TRP A 149 -12.77 8.69 -0.42
N SER A 150 -13.74 9.53 -0.80
CA SER A 150 -13.52 10.96 -0.96
C SER A 150 -14.81 11.77 -0.69
N LYS A 151 -15.97 11.23 -1.04
CA LYS A 151 -17.27 11.84 -0.75
C LYS A 151 -17.57 11.72 0.73
N GLY A 1 -12.70 24.52 10.69
CA GLY A 1 -12.04 24.30 9.40
C GLY A 1 -12.58 23.07 8.69
N MET A 2 -12.44 23.02 7.36
CA MET A 2 -12.63 21.85 6.51
C MET A 2 -11.61 21.93 5.36
N ALA A 3 -10.82 20.87 5.19
CA ALA A 3 -10.10 20.55 3.95
C ALA A 3 -9.66 19.10 4.03
N LYS A 4 -10.36 18.21 3.34
CA LYS A 4 -10.02 16.81 3.32
C LYS A 4 -8.90 16.56 2.32
N LYS A 5 -7.65 16.51 2.80
CA LYS A 5 -6.51 16.10 2.00
C LYS A 5 -6.50 14.59 1.90
N THR A 6 -5.66 14.13 0.98
CA THR A 6 -5.50 12.72 0.65
C THR A 6 -4.01 12.43 0.38
N LEU A 7 -3.52 11.22 0.66
CA LEU A 7 -2.16 10.78 0.32
C LEU A 7 -2.25 9.37 -0.25
N ILE A 8 -1.44 9.10 -1.27
CA ILE A 8 -1.38 7.85 -2.00
C ILE A 8 0.09 7.39 -1.95
N LEU A 9 0.29 6.09 -1.66
CA LEU A 9 1.57 5.41 -1.84
C LEU A 9 1.37 4.11 -2.63
N TYR A 10 2.45 3.65 -3.24
CA TYR A 10 2.52 2.38 -3.94
C TYR A 10 3.94 1.82 -3.86
N TYR A 11 4.09 0.51 -4.09
CA TYR A 11 5.36 -0.19 -4.24
C TYR A 11 5.21 -1.14 -5.43
N SER A 12 5.59 -0.66 -6.61
CA SER A 12 5.82 -1.41 -7.85
C SER A 12 6.47 -0.46 -8.88
N TRP A 13 7.39 0.39 -8.41
CA TRP A 13 8.19 1.34 -9.17
C TRP A 13 7.38 2.27 -10.09
N SER A 14 8.10 3.04 -10.90
CA SER A 14 7.58 4.08 -11.77
C SER A 14 6.96 3.52 -13.06
N GLY A 15 6.31 2.36 -13.02
CA GLY A 15 5.62 1.80 -14.18
C GLY A 15 4.42 1.01 -13.73
N GLU A 16 4.67 -0.17 -13.14
CA GLU A 16 3.66 -1.15 -12.78
C GLU A 16 2.50 -0.53 -11.99
N THR A 17 2.76 0.06 -10.81
CA THR A 17 1.69 0.70 -10.03
C THR A 17 1.44 2.16 -10.42
N LYS A 18 2.31 2.77 -11.26
CA LYS A 18 2.33 4.21 -11.50
C LYS A 18 0.98 4.68 -12.05
N LYS A 19 0.45 3.98 -13.06
CA LYS A 19 -0.79 4.32 -13.75
C LYS A 19 -1.91 4.59 -12.76
N MET A 20 -2.26 3.58 -11.96
CA MET A 20 -3.41 3.63 -11.07
C MET A 20 -3.26 4.77 -10.05
N ALA A 21 -2.05 4.93 -9.51
CA ALA A 21 -1.75 5.93 -8.50
C ALA A 21 -1.90 7.36 -9.08
N GLU A 22 -1.32 7.62 -10.25
CA GLU A 22 -1.41 8.89 -10.99
C GLU A 22 -2.86 9.19 -11.38
N LYS A 23 -3.65 8.16 -11.69
CA LYS A 23 -5.10 8.30 -11.91
C LYS A 23 -5.72 8.89 -10.67
N ILE A 24 -5.77 8.12 -9.57
CA ILE A 24 -6.57 8.48 -8.40
C ILE A 24 -6.12 9.84 -7.84
N ASN A 25 -4.82 10.16 -7.88
CA ASN A 25 -4.30 11.47 -7.52
C ASN A 25 -5.09 12.60 -8.23
N SER A 26 -5.20 12.55 -9.55
CA SER A 26 -5.80 13.60 -10.37
C SER A 26 -7.31 13.78 -10.09
N GLU A 27 -7.98 12.72 -9.64
CA GLU A 27 -9.44 12.66 -9.51
C GLU A 27 -9.90 13.27 -8.17
N ILE A 28 -8.96 13.66 -7.31
CA ILE A 28 -9.20 14.04 -5.92
C ILE A 28 -8.60 15.43 -5.66
N LYS A 29 -9.35 16.31 -5.00
CA LYS A 29 -8.84 17.59 -4.56
C LYS A 29 -7.87 17.36 -3.42
N ASP A 30 -6.81 18.17 -3.36
CA ASP A 30 -5.94 18.28 -2.18
C ASP A 30 -5.25 16.93 -1.87
N SER A 31 -5.20 16.03 -2.86
CA SER A 31 -4.45 14.80 -2.80
C SER A 31 -2.95 15.07 -2.87
N GLU A 32 -2.14 14.04 -2.63
CA GLU A 32 -0.71 14.00 -2.86
C GLU A 32 -0.36 12.57 -3.25
N LEU A 33 0.75 12.41 -3.97
CA LEU A 33 1.25 11.17 -4.52
C LEU A 33 2.71 11.07 -4.13
N LYS A 34 3.13 9.93 -3.59
CA LYS A 34 4.53 9.61 -3.27
C LYS A 34 4.78 8.16 -3.71
N GLU A 35 6.03 7.67 -3.68
CA GLU A 35 6.35 6.26 -3.99
C GLU A 35 7.06 5.61 -2.80
N VAL A 36 7.14 4.27 -2.79
CA VAL A 36 7.75 3.48 -1.73
C VAL A 36 8.75 2.50 -2.35
N LYS A 37 9.74 2.09 -1.55
CA LYS A 37 10.90 1.26 -1.87
C LYS A 37 11.18 0.39 -0.63
N VAL A 38 12.27 -0.39 -0.57
CA VAL A 38 12.67 -1.12 0.63
C VAL A 38 14.04 -0.66 1.15
N SER A 39 14.19 -0.70 2.47
CA SER A 39 15.42 -0.47 3.22
C SER A 39 16.49 -1.51 2.86
N GLU A 40 17.64 -1.41 3.54
CA GLU A 40 18.69 -2.44 3.56
C GLU A 40 18.18 -3.72 4.22
N GLY A 41 19.02 -4.74 4.29
CA GLY A 41 18.90 -5.83 5.24
C GLY A 41 18.63 -7.17 4.59
N THR A 42 19.23 -7.44 3.43
CA THR A 42 19.03 -8.68 2.66
C THR A 42 20.34 -9.50 2.63
N PHE A 43 20.25 -10.79 2.29
CA PHE A 43 21.41 -11.56 1.83
C PHE A 43 21.93 -10.96 0.52
N ASP A 44 23.18 -11.26 0.17
CA ASP A 44 23.97 -10.67 -0.92
C ASP A 44 23.18 -10.72 -2.22
N ALA A 45 22.90 -9.56 -2.85
CA ALA A 45 22.06 -9.48 -4.05
C ALA A 45 22.40 -8.31 -4.96
N ASP A 46 22.09 -8.48 -6.25
CA ASP A 46 22.03 -7.46 -7.28
C ASP A 46 20.73 -6.64 -7.14
N MET A 47 20.58 -5.89 -6.04
CA MET A 47 19.43 -5.02 -5.75
C MET A 47 18.07 -5.74 -5.80
N TYR A 48 17.47 -5.89 -6.97
CA TYR A 48 16.13 -6.41 -7.22
C TYR A 48 16.08 -7.90 -6.87
N LYS A 49 15.64 -8.20 -5.63
CA LYS A 49 15.71 -9.55 -5.06
C LYS A 49 14.53 -9.85 -4.13
N THR A 50 13.62 -8.90 -3.97
CA THR A 50 12.50 -8.97 -3.02
C THR A 50 11.22 -8.38 -3.62
N SER A 51 11.28 -7.37 -4.48
CA SER A 51 10.15 -6.99 -5.29
C SER A 51 9.93 -8.05 -6.38
N ASP A 52 8.72 -8.10 -6.95
CA ASP A 52 8.37 -8.72 -8.22
C ASP A 52 8.37 -10.26 -8.17
N ILE A 53 8.58 -10.86 -7.00
CA ILE A 53 8.57 -12.30 -6.78
C ILE A 53 7.20 -12.67 -6.19
N ALA A 54 6.99 -13.95 -5.82
CA ALA A 54 5.91 -14.44 -4.96
C ALA A 54 6.47 -15.59 -4.11
N LEU A 55 5.77 -15.98 -3.04
CA LEU A 55 6.09 -17.10 -2.17
C LEU A 55 7.45 -16.99 -1.46
N ASP A 56 8.09 -15.82 -1.46
CA ASP A 56 9.46 -15.60 -0.99
C ASP A 56 9.54 -15.10 0.46
N GLN A 57 8.43 -14.54 0.96
CA GLN A 57 8.35 -13.83 2.25
C GLN A 57 7.11 -14.21 3.07
N ILE A 58 6.60 -15.42 2.90
CA ILE A 58 5.34 -15.90 3.46
C ILE A 58 5.67 -16.91 4.58
N GLN A 59 6.10 -18.12 4.18
CA GLN A 59 6.29 -19.26 5.08
C GLN A 59 7.64 -19.12 5.76
N GLY A 60 7.67 -19.09 7.09
CA GLY A 60 8.91 -19.08 7.85
C GLY A 60 9.65 -17.74 7.83
N ASN A 61 9.44 -16.91 6.80
CA ASN A 61 9.94 -15.54 6.78
C ASN A 61 9.24 -14.78 7.91
N LYS A 62 9.90 -14.59 9.06
CA LYS A 62 9.19 -14.25 10.30
C LYS A 62 9.22 -12.77 10.64
N ASP A 63 9.99 -11.98 9.91
CA ASP A 63 9.83 -10.54 9.90
C ASP A 63 9.90 -10.06 8.47
N PHE A 64 9.07 -9.09 8.12
CA PHE A 64 9.01 -8.56 6.76
C PHE A 64 9.99 -7.40 6.58
N PRO A 65 10.51 -7.18 5.36
CA PRO A 65 11.57 -6.20 5.12
C PRO A 65 11.05 -4.77 5.25
N GLU A 66 11.81 -3.91 5.94
CA GLU A 66 11.47 -2.52 6.16
C GLU A 66 11.46 -1.71 4.84
N ILE A 67 10.73 -0.60 4.85
CA ILE A 67 10.44 0.21 3.68
C ILE A 67 11.46 1.35 3.55
N GLN A 68 11.42 2.07 2.43
CA GLN A 68 11.89 3.44 2.31
C GLN A 68 10.83 4.25 1.60
N LEU A 69 10.72 5.51 1.99
CA LEU A 69 9.87 6.52 1.38
C LEU A 69 10.37 7.90 1.79
N ASP A 70 9.64 8.92 1.36
CA ASP A 70 9.91 10.32 1.67
C ASP A 70 9.63 10.62 3.15
N ASN A 71 9.91 11.83 3.60
CA ASN A 71 9.58 12.21 4.98
C ASN A 71 8.10 12.62 5.02
N ILE A 72 7.23 11.64 5.23
CA ILE A 72 5.79 11.80 5.23
C ILE A 72 5.26 11.72 6.65
N ASP A 73 4.47 12.72 7.02
CA ASP A 73 3.56 12.68 8.15
C ASP A 73 2.20 12.25 7.61
N TYR A 74 1.60 11.20 8.17
CA TYR A 74 0.27 10.77 7.78
C TYR A 74 -0.80 11.61 8.47
N ASN A 75 -0.55 12.06 9.70
CA ASN A 75 -1.48 12.76 10.59
C ASN A 75 -2.14 13.93 9.89
N ASN A 76 -1.35 14.68 9.13
CA ASN A 76 -1.80 15.87 8.44
C ASN A 76 -2.76 15.61 7.28
N TYR A 77 -3.08 14.35 6.90
CA TYR A 77 -4.06 14.06 5.83
C TYR A 77 -5.41 13.64 6.43
N ASP A 78 -6.50 13.72 5.65
CA ASP A 78 -7.84 13.30 6.10
C ASP A 78 -8.21 11.92 5.54
N LEU A 79 -7.52 11.46 4.50
CA LEU A 79 -7.87 10.31 3.68
C LEU A 79 -6.56 9.65 3.20
N ILE A 80 -6.43 8.32 3.20
CA ILE A 80 -5.22 7.62 2.75
C ILE A 80 -5.58 6.42 1.87
N LEU A 81 -4.81 6.25 0.79
CA LEU A 81 -4.76 5.12 -0.12
C LEU A 81 -3.37 4.47 -0.06
N ILE A 82 -3.29 3.15 -0.22
CA ILE A 82 -2.04 2.38 -0.26
C ILE A 82 -2.21 1.27 -1.30
N GLY A 83 -1.18 0.86 -2.07
CA GLY A 83 -1.36 -0.24 -3.03
C GLY A 83 -0.13 -1.04 -3.40
N SER A 84 -0.40 -2.23 -3.97
CA SER A 84 0.56 -3.32 -4.12
C SER A 84 0.04 -4.39 -5.09
N PRO A 85 0.89 -5.32 -5.59
CA PRO A 85 0.49 -6.43 -6.45
C PRO A 85 -0.12 -7.62 -5.67
N VAL A 86 -0.72 -8.58 -6.40
CA VAL A 86 -1.24 -9.83 -5.84
C VAL A 86 -1.36 -10.95 -6.90
N TRP A 87 -0.69 -12.09 -6.69
CA TRP A 87 -0.83 -13.22 -7.60
C TRP A 87 -0.71 -14.60 -6.92
N SER A 88 -0.37 -14.64 -5.63
CA SER A 88 -0.40 -15.87 -4.84
C SER A 88 -0.89 -15.58 -3.43
N GLY A 89 -1.96 -14.77 -3.33
CA GLY A 89 -2.52 -14.29 -2.07
C GLY A 89 -1.75 -13.08 -1.59
N TYR A 90 -0.47 -13.27 -1.29
CA TYR A 90 0.47 -12.30 -0.78
C TYR A 90 1.82 -12.59 -1.42
N PRO A 91 2.07 -12.10 -2.65
CA PRO A 91 3.39 -12.22 -3.26
C PRO A 91 4.40 -11.24 -2.68
N ALA A 92 4.01 -10.32 -1.79
CA ALA A 92 4.83 -9.23 -1.28
C ALA A 92 4.40 -8.93 0.16
N THR A 93 5.16 -8.11 0.89
CA THR A 93 4.72 -7.47 2.13
C THR A 93 5.06 -5.96 2.19
N PRO A 94 4.69 -5.16 1.19
CA PRO A 94 4.80 -3.71 1.19
C PRO A 94 3.64 -3.03 1.91
N ILE A 95 2.67 -3.76 2.45
CA ILE A 95 1.63 -3.21 3.31
C ILE A 95 1.69 -4.04 4.59
N LYS A 96 2.75 -3.81 5.35
CA LYS A 96 2.95 -4.24 6.72
C LYS A 96 3.70 -3.16 7.49
N THR A 97 4.92 -2.82 7.11
CA THR A 97 5.75 -1.92 7.92
C THR A 97 5.21 -0.48 8.00
N LEU A 98 4.53 0.00 6.96
CA LEU A 98 3.89 1.31 6.87
C LEU A 98 2.80 1.45 7.93
N LEU A 99 1.96 0.43 8.10
CA LEU A 99 0.89 0.42 9.08
C LEU A 99 1.39 0.75 10.48
N ASP A 100 2.54 0.19 10.86
CA ASP A 100 3.17 0.49 12.14
C ASP A 100 3.47 1.98 12.31
N GLN A 101 3.91 2.66 11.24
CA GLN A 101 4.23 4.07 11.26
C GLN A 101 2.96 4.92 11.42
N MET A 102 1.83 4.48 10.85
CA MET A 102 0.54 5.15 10.89
C MET A 102 -0.12 5.19 12.29
N LYS A 103 0.55 4.78 13.36
CA LYS A 103 0.05 4.68 14.75
C LYS A 103 -0.43 5.99 15.40
N ASN A 104 -0.55 7.06 14.65
CA ASN A 104 -0.99 8.38 15.03
C ASN A 104 -1.87 9.01 13.94
N TYR A 105 -2.01 8.37 12.77
CA TYR A 105 -2.92 8.80 11.72
C TYR A 105 -4.35 8.82 12.25
N ARG A 106 -5.18 9.74 11.75
CA ARG A 106 -6.48 10.09 12.33
C ARG A 106 -7.56 10.25 11.27
N GLY A 107 -7.40 9.65 10.10
CA GLY A 107 -8.40 9.65 9.04
C GLY A 107 -8.72 8.21 8.62
N GLU A 108 -9.06 8.01 7.35
CA GLU A 108 -9.62 6.78 6.85
C GLU A 108 -8.60 6.11 5.96
N VAL A 109 -8.58 4.79 6.00
CA VAL A 109 -7.64 4.01 5.19
C VAL A 109 -8.38 3.15 4.17
N ALA A 110 -7.86 3.15 2.95
CA ALA A 110 -8.32 2.41 1.79
C ALA A 110 -7.08 1.85 1.13
N SER A 111 -7.25 0.86 0.26
CA SER A 111 -6.15 0.31 -0.50
C SER A 111 -6.63 -0.11 -1.89
N PHE A 112 -5.77 0.07 -2.88
CA PHE A 112 -6.03 -0.19 -4.29
C PHE A 112 -4.99 -1.18 -4.78
N PHE A 113 -5.39 -2.12 -5.64
CA PHE A 113 -4.48 -3.05 -6.28
C PHE A 113 -4.77 -3.10 -7.77
N THR A 114 -3.84 -3.67 -8.54
CA THR A 114 -3.82 -3.65 -9.99
C THR A 114 -3.62 -5.09 -10.53
N SER A 115 -3.86 -6.09 -9.69
CA SER A 115 -3.52 -7.48 -9.96
C SER A 115 -4.75 -8.32 -9.59
N ALA A 116 -5.24 -9.17 -10.50
CA ALA A 116 -6.51 -9.89 -10.32
C ALA A 116 -6.51 -11.32 -10.84
N GLY A 117 -5.50 -11.74 -11.61
CA GLY A 117 -5.58 -12.90 -12.49
C GLY A 117 -6.00 -14.22 -11.83
N THR A 118 -5.72 -14.42 -10.54
CA THR A 118 -5.98 -15.69 -9.87
C THR A 118 -6.44 -15.52 -8.42
N ASN A 119 -6.10 -14.41 -7.76
CA ASN A 119 -6.14 -14.26 -6.31
C ASN A 119 -6.68 -12.86 -6.02
N HIS A 120 -7.98 -12.78 -5.76
CA HIS A 120 -8.70 -11.59 -5.35
C HIS A 120 -9.24 -11.79 -3.95
N LYS A 121 -10.32 -12.55 -3.79
CA LYS A 121 -11.08 -12.56 -2.54
C LYS A 121 -10.27 -13.07 -1.35
N ALA A 122 -9.14 -13.75 -1.57
CA ALA A 122 -8.17 -14.07 -0.51
C ALA A 122 -7.48 -12.82 0.05
N TYR A 123 -7.06 -11.89 -0.81
CA TYR A 123 -6.32 -10.67 -0.46
C TYR A 123 -7.06 -9.88 0.61
N VAL A 124 -8.39 -9.81 0.50
CA VAL A 124 -9.24 -9.10 1.43
C VAL A 124 -9.03 -9.61 2.86
N SER A 125 -8.88 -10.91 3.07
CA SER A 125 -8.53 -11.45 4.37
C SER A 125 -7.11 -11.01 4.72
N HIS A 126 -6.14 -11.40 3.88
CA HIS A 126 -4.73 -11.22 4.13
C HIS A 126 -4.40 -9.81 4.60
N PHE A 127 -4.85 -8.82 3.83
CA PHE A 127 -4.62 -7.41 4.10
C PHE A 127 -5.28 -6.96 5.40
N ASN A 128 -6.52 -7.40 5.68
CA ASN A 128 -7.21 -7.06 6.93
C ASN A 128 -6.38 -7.46 8.12
N GLU A 129 -5.88 -8.69 8.14
CA GLU A 129 -5.10 -9.14 9.29
C GLU A 129 -3.81 -8.36 9.40
N TRP A 130 -3.16 -8.12 8.27
CA TRP A 130 -1.85 -7.50 8.24
C TRP A 130 -1.92 -6.01 8.59
N ALA A 131 -3.09 -5.38 8.54
CA ALA A 131 -3.30 -3.98 8.85
C ALA A 131 -3.95 -3.77 10.23
N ASP A 132 -4.29 -4.86 10.93
CA ASP A 132 -5.37 -4.87 11.89
C ASP A 132 -5.15 -3.95 13.10
N GLY A 133 -6.03 -2.95 13.19
CA GLY A 133 -6.18 -2.00 14.28
C GLY A 133 -6.42 -0.58 13.78
N LEU A 134 -5.91 -0.23 12.60
CA LEU A 134 -6.31 0.99 11.90
C LEU A 134 -7.74 0.80 11.37
N ASN A 135 -8.41 1.92 11.07
CA ASN A 135 -9.72 1.89 10.46
C ASN A 135 -9.59 1.52 8.99
N VAL A 136 -10.64 1.02 8.36
CA VAL A 136 -10.65 0.72 6.93
C VAL A 136 -12.03 1.05 6.34
N ILE A 137 -12.04 1.55 5.10
CA ILE A 137 -13.27 1.83 4.33
C ILE A 137 -13.25 1.29 2.89
N GLY A 138 -12.18 0.63 2.46
CA GLY A 138 -12.19 -0.07 1.18
C GLY A 138 -11.06 -1.08 1.03
N VAL A 139 -11.30 -2.07 0.17
CA VAL A 139 -10.33 -3.00 -0.42
C VAL A 139 -10.91 -3.36 -1.80
N ALA A 140 -10.48 -2.71 -2.90
CA ALA A 140 -10.96 -3.03 -4.24
C ALA A 140 -9.84 -2.76 -5.26
N ARG A 141 -9.88 -3.40 -6.44
CA ARG A 141 -8.93 -3.09 -7.50
C ARG A 141 -9.31 -1.79 -8.18
N ASP A 142 -8.35 -1.20 -8.87
CA ASP A 142 -8.53 -0.03 -9.73
C ASP A 142 -9.28 1.08 -8.96
N ASP A 143 -9.99 1.95 -9.69
CA ASP A 143 -10.63 3.20 -9.31
C ASP A 143 -12.16 3.08 -9.41
N SER A 144 -12.72 1.93 -9.04
CA SER A 144 -14.16 1.68 -9.05
C SER A 144 -14.86 2.36 -7.86
N GLU A 145 -14.15 2.62 -6.77
CA GLU A 145 -14.75 3.03 -5.48
C GLU A 145 -14.26 4.42 -5.03
N VAL A 146 -13.60 5.20 -5.89
CA VAL A 146 -13.06 6.51 -5.51
C VAL A 146 -14.15 7.40 -4.91
N ASP A 147 -15.36 7.36 -5.48
CA ASP A 147 -16.55 8.10 -5.09
C ASP A 147 -17.06 7.74 -3.70
N LYS A 148 -16.52 6.70 -3.06
CA LYS A 148 -16.86 6.30 -1.70
C LYS A 148 -15.64 6.29 -0.77
N TRP A 149 -14.46 6.62 -1.27
CA TRP A 149 -13.28 6.85 -0.43
C TRP A 149 -12.90 8.34 -0.43
N SER A 150 -13.89 9.22 -0.34
CA SER A 150 -13.67 10.65 -0.24
C SER A 150 -14.90 11.34 0.37
N LYS A 151 -16.09 11.01 -0.15
CA LYS A 151 -17.37 11.68 0.03
C LYS A 151 -17.67 12.08 1.47
N GLY A 1 -11.14 24.44 12.74
CA GLY A 1 -10.37 24.18 11.51
C GLY A 1 -10.73 22.84 10.90
N MET A 2 -10.96 22.79 9.58
CA MET A 2 -11.34 21.58 8.87
C MET A 2 -10.81 21.61 7.43
N ALA A 3 -10.22 20.49 7.00
CA ALA A 3 -9.83 20.16 5.64
C ALA A 3 -9.57 18.64 5.58
N LYS A 4 -10.38 17.88 4.87
CA LYS A 4 -10.09 16.48 4.59
C LYS A 4 -9.08 16.45 3.46
N LYS A 5 -8.10 15.57 3.55
CA LYS A 5 -7.11 15.39 2.50
C LYS A 5 -6.94 13.92 2.23
N THR A 6 -6.13 13.64 1.23
CA THR A 6 -5.86 12.29 0.78
C THR A 6 -4.38 12.16 0.46
N LEU A 7 -3.80 10.97 0.66
CA LEU A 7 -2.42 10.68 0.30
C LEU A 7 -2.35 9.27 -0.27
N ILE A 8 -1.80 9.12 -1.48
CA ILE A 8 -1.64 7.86 -2.19
C ILE A 8 -0.24 7.34 -1.89
N LEU A 9 -0.11 6.32 -1.03
CA LEU A 9 1.12 5.61 -0.72
C LEU A 9 1.14 4.33 -1.54
N TYR A 10 1.85 4.32 -2.67
CA TYR A 10 2.03 3.10 -3.46
C TYR A 10 3.45 2.58 -3.33
N TYR A 11 3.65 1.29 -3.57
CA TYR A 11 4.96 0.69 -3.76
C TYR A 11 4.93 -0.14 -5.04
N SER A 12 6.01 -0.02 -5.81
CA SER A 12 6.61 -1.04 -6.67
C SER A 12 8.06 -0.58 -6.86
N TRP A 13 8.91 -1.38 -7.50
CA TRP A 13 10.25 -0.96 -7.91
C TRP A 13 10.14 -0.29 -9.28
N SER A 14 9.92 -1.08 -10.33
CA SER A 14 9.52 -0.55 -11.62
C SER A 14 8.08 -0.03 -11.53
N GLY A 15 7.70 0.86 -12.44
CA GLY A 15 6.54 1.73 -12.31
C GLY A 15 5.21 1.04 -12.61
N GLU A 16 5.03 -0.24 -12.29
CA GLU A 16 3.85 -1.01 -12.68
C GLU A 16 2.55 -0.51 -12.04
N THR A 17 2.62 0.23 -10.94
CA THR A 17 1.49 0.83 -10.22
C THR A 17 1.29 2.32 -10.58
N LYS A 18 2.28 2.95 -11.24
CA LYS A 18 2.37 4.41 -11.38
C LYS A 18 1.15 5.00 -12.08
N LYS A 19 0.63 4.33 -13.10
CA LYS A 19 -0.61 4.71 -13.78
C LYS A 19 -1.73 4.99 -12.78
N MET A 20 -2.05 4.02 -11.92
CA MET A 20 -3.13 4.14 -10.95
C MET A 20 -2.87 5.31 -10.01
N ALA A 21 -1.59 5.59 -9.69
CA ALA A 21 -1.25 6.68 -8.79
C ALA A 21 -1.57 8.01 -9.46
N GLU A 22 -1.04 8.23 -10.66
CA GLU A 22 -1.18 9.49 -11.38
C GLU A 22 -2.62 9.74 -11.83
N LYS A 23 -3.38 8.68 -12.08
CA LYS A 23 -4.81 8.79 -12.35
C LYS A 23 -5.51 9.28 -11.09
N ILE A 24 -5.57 8.46 -10.04
CA ILE A 24 -6.42 8.71 -8.88
C ILE A 24 -6.02 10.04 -8.21
N ASN A 25 -4.73 10.40 -8.23
CA ASN A 25 -4.23 11.65 -7.68
C ASN A 25 -4.79 12.89 -8.39
N SER A 26 -5.15 12.76 -9.66
CA SER A 26 -5.83 13.78 -10.47
C SER A 26 -7.35 13.81 -10.22
N GLU A 27 -7.90 12.79 -9.55
CA GLU A 27 -9.32 12.48 -9.44
C GLU A 27 -9.83 12.68 -8.00
N ILE A 28 -9.00 13.23 -7.11
CA ILE A 28 -9.30 13.48 -5.72
C ILE A 28 -8.80 14.88 -5.40
N LYS A 29 -9.69 15.73 -4.88
CA LYS A 29 -9.30 17.06 -4.44
C LYS A 29 -8.37 16.93 -3.26
N ASP A 30 -7.33 17.77 -3.27
CA ASP A 30 -6.36 17.92 -2.20
C ASP A 30 -5.65 16.59 -1.87
N SER A 31 -5.59 15.71 -2.87
CA SER A 31 -4.76 14.53 -2.88
C SER A 31 -3.29 14.92 -2.94
N GLU A 32 -2.46 13.94 -2.64
CA GLU A 32 -1.03 13.85 -2.86
C GLU A 32 -0.75 12.41 -3.25
N LEU A 33 0.44 12.17 -3.79
CA LEU A 33 0.99 10.87 -4.05
C LEU A 33 2.44 10.86 -3.58
N LYS A 34 2.87 9.77 -2.94
CA LYS A 34 4.26 9.53 -2.60
C LYS A 34 4.53 8.04 -2.78
N GLU A 35 5.74 7.70 -3.16
CA GLU A 35 6.10 6.35 -3.57
C GLU A 35 7.06 5.76 -2.55
N VAL A 36 6.63 4.72 -1.87
CA VAL A 36 7.44 4.00 -0.89
C VAL A 36 8.58 3.32 -1.68
N LYS A 37 9.74 3.10 -1.07
CA LYS A 37 10.88 2.37 -1.63
C LYS A 37 11.24 1.23 -0.67
N VAL A 38 12.22 0.39 -1.02
CA VAL A 38 12.82 -0.57 -0.08
C VAL A 38 14.16 -0.04 0.41
N SER A 39 14.63 -0.56 1.54
CA SER A 39 16.00 -0.44 2.02
C SER A 39 16.92 -1.33 1.17
N GLU A 40 18.12 -1.59 1.67
CA GLU A 40 19.19 -2.35 1.05
C GLU A 40 18.91 -3.87 0.99
N GLY A 41 19.91 -4.69 0.66
CA GLY A 41 19.73 -6.11 0.42
C GLY A 41 20.94 -6.92 0.88
N THR A 42 20.76 -7.69 1.95
CA THR A 42 21.82 -8.49 2.57
C THR A 42 21.39 -9.94 2.86
N PHE A 43 20.14 -10.33 2.61
CA PHE A 43 19.58 -11.59 3.10
C PHE A 43 19.08 -12.48 1.95
N ASP A 44 18.23 -11.94 1.08
CA ASP A 44 17.65 -12.71 -0.04
C ASP A 44 18.61 -12.73 -1.22
N ALA A 45 19.09 -11.55 -1.59
CA ALA A 45 20.16 -11.31 -2.56
C ALA A 45 20.78 -9.94 -2.26
N ASP A 46 21.95 -9.73 -2.85
CA ASP A 46 22.78 -8.51 -2.82
C ASP A 46 22.32 -7.44 -3.81
N MET A 47 21.44 -7.79 -4.76
CA MET A 47 21.14 -6.96 -5.91
C MET A 47 19.81 -6.21 -5.72
N TYR A 48 19.56 -5.18 -6.53
CA TYR A 48 18.25 -4.55 -6.69
C TYR A 48 17.33 -5.59 -7.37
N LYS A 49 16.65 -6.43 -6.58
CA LYS A 49 15.86 -7.56 -7.09
C LYS A 49 14.67 -7.93 -6.20
N THR A 50 14.50 -7.34 -5.01
CA THR A 50 13.54 -7.82 -4.00
C THR A 50 12.05 -7.63 -4.37
N SER A 51 11.74 -7.42 -5.65
CA SER A 51 10.42 -7.23 -6.23
C SER A 51 10.44 -7.92 -7.61
N ASP A 52 10.22 -9.23 -7.63
CA ASP A 52 9.70 -9.97 -8.80
C ASP A 52 9.08 -11.31 -8.37
N ILE A 53 9.59 -11.95 -7.33
CA ILE A 53 9.18 -13.29 -6.92
C ILE A 53 7.85 -13.23 -6.15
N ALA A 54 7.19 -14.37 -5.92
CA ALA A 54 5.97 -14.47 -5.12
C ALA A 54 6.13 -15.37 -3.90
N LEU A 55 7.10 -16.28 -3.91
CA LEU A 55 7.44 -17.17 -2.80
C LEU A 55 8.44 -16.49 -1.84
N ASP A 56 9.07 -17.30 -1.01
CA ASP A 56 10.35 -17.12 -0.31
C ASP A 56 10.33 -16.16 0.88
N GLN A 57 9.21 -15.46 1.09
CA GLN A 57 8.84 -14.81 2.35
C GLN A 57 7.54 -15.39 2.92
N ILE A 58 6.91 -16.36 2.24
CA ILE A 58 5.53 -16.76 2.54
C ILE A 58 5.52 -17.98 3.47
N GLN A 59 6.07 -19.12 3.02
CA GLN A 59 5.63 -20.45 3.47
C GLN A 59 6.33 -20.86 4.77
N GLY A 60 6.18 -20.08 5.84
CA GLY A 60 6.98 -20.28 7.05
C GLY A 60 8.45 -19.94 6.83
N ASN A 61 8.82 -19.30 5.72
CA ASN A 61 9.94 -18.38 5.73
C ASN A 61 9.49 -17.15 6.52
N LYS A 62 10.42 -16.27 6.90
CA LYS A 62 10.09 -15.07 7.65
C LYS A 62 11.03 -13.95 7.25
N ASP A 63 10.82 -12.79 7.87
CA ASP A 63 11.43 -11.50 7.57
C ASP A 63 10.88 -10.98 6.23
N PHE A 64 11.16 -9.73 5.91
CA PHE A 64 10.85 -9.08 4.63
C PHE A 64 11.73 -7.82 4.53
N PRO A 65 11.88 -7.19 3.36
CA PRO A 65 12.65 -5.97 3.24
C PRO A 65 11.90 -4.80 3.88
N GLU A 66 12.57 -4.11 4.81
CA GLU A 66 12.15 -2.82 5.31
C GLU A 66 12.07 -1.81 4.16
N ILE A 67 11.35 -0.73 4.43
CA ILE A 67 11.05 0.30 3.45
C ILE A 67 12.08 1.43 3.56
N GLN A 68 12.00 2.36 2.61
CA GLN A 68 12.57 3.68 2.71
C GLN A 68 11.55 4.65 2.12
N LEU A 69 11.37 5.77 2.78
CA LEU A 69 10.64 6.94 2.35
C LEU A 69 11.11 8.14 3.16
N ASP A 70 10.63 9.31 2.77
CA ASP A 70 10.75 10.56 3.52
C ASP A 70 10.02 10.46 4.86
N ASN A 71 10.17 11.50 5.69
CA ASN A 71 9.35 11.67 6.89
C ASN A 71 8.09 12.43 6.49
N ILE A 72 7.16 11.68 5.92
CA ILE A 72 5.77 12.06 5.70
C ILE A 72 5.12 11.96 7.07
N ASP A 73 4.50 13.04 7.49
CA ASP A 73 3.56 13.03 8.59
C ASP A 73 2.22 12.68 7.98
N TYR A 74 1.76 11.45 8.23
CA TYR A 74 0.47 10.97 7.72
C TYR A 74 -0.70 11.65 8.44
N ASN A 75 -0.40 12.31 9.56
CA ASN A 75 -1.33 12.73 10.58
C ASN A 75 -2.23 13.86 10.09
N ASN A 76 -1.83 14.61 9.06
CA ASN A 76 -2.57 15.74 8.54
C ASN A 76 -3.46 15.40 7.33
N TYR A 77 -3.70 14.11 7.06
CA TYR A 77 -4.58 13.65 5.99
C TYR A 77 -5.71 12.81 6.60
N ASP A 78 -6.92 12.94 6.03
CA ASP A 78 -8.15 12.32 6.54
C ASP A 78 -8.53 11.07 5.74
N LEU A 79 -7.70 10.70 4.76
CA LEU A 79 -7.87 9.58 3.85
C LEU A 79 -6.47 9.13 3.45
N ILE A 80 -6.17 7.83 3.50
CA ILE A 80 -4.92 7.29 2.94
C ILE A 80 -5.27 6.12 2.02
N LEU A 81 -4.54 5.99 0.92
CA LEU A 81 -4.75 4.97 -0.10
C LEU A 81 -3.46 4.17 -0.25
N ILE A 82 -3.58 2.84 -0.37
CA ILE A 82 -2.50 1.88 -0.24
C ILE A 82 -2.62 0.87 -1.38
N GLY A 83 -1.61 0.67 -2.23
CA GLY A 83 -1.71 -0.27 -3.35
C GLY A 83 -0.50 -1.18 -3.48
N SER A 84 -0.72 -2.39 -3.99
CA SER A 84 0.23 -3.50 -4.03
C SER A 84 -0.32 -4.66 -4.89
N PRO A 85 0.51 -5.65 -5.29
CA PRO A 85 0.07 -6.73 -6.17
C PRO A 85 -0.73 -7.80 -5.42
N VAL A 86 -1.37 -8.71 -6.16
CA VAL A 86 -1.88 -9.95 -5.59
C VAL A 86 -1.88 -11.06 -6.64
N TRP A 87 -1.37 -12.24 -6.31
CA TRP A 87 -1.46 -13.41 -7.20
C TRP A 87 -1.66 -14.71 -6.46
N SER A 88 -1.04 -14.82 -5.30
CA SER A 88 -1.09 -16.02 -4.49
C SER A 88 -1.38 -15.67 -3.03
N GLY A 89 -2.43 -14.90 -2.78
CA GLY A 89 -2.80 -14.41 -1.47
C GLY A 89 -1.98 -13.18 -1.12
N TYR A 90 -0.66 -13.36 -1.01
CA TYR A 90 0.26 -12.36 -0.51
C TYR A 90 1.65 -12.59 -1.12
N PRO A 91 1.90 -12.21 -2.39
CA PRO A 91 3.22 -12.33 -3.01
C PRO A 91 4.25 -11.30 -2.50
N ALA A 92 3.84 -10.32 -1.70
CA ALA A 92 4.66 -9.18 -1.29
C ALA A 92 4.37 -8.83 0.17
N THR A 93 5.27 -8.11 0.85
CA THR A 93 5.00 -7.46 2.14
C THR A 93 5.52 -6.01 2.18
N PRO A 94 5.13 -5.15 1.22
CA PRO A 94 5.35 -3.71 1.28
C PRO A 94 4.29 -3.01 2.10
N ILE A 95 3.31 -3.73 2.66
CA ILE A 95 2.27 -3.18 3.52
C ILE A 95 2.44 -3.84 4.89
N LYS A 96 3.61 -3.64 5.50
CA LYS A 96 3.93 -4.10 6.84
C LYS A 96 4.65 -3.02 7.62
N THR A 97 5.82 -2.60 7.15
CA THR A 97 6.62 -1.58 7.80
C THR A 97 5.89 -0.22 7.82
N LEU A 98 5.17 0.12 6.73
CA LEU A 98 4.51 1.42 6.55
C LEU A 98 3.40 1.63 7.58
N LEU A 99 2.53 0.64 7.80
CA LEU A 99 1.48 0.64 8.83
C LEU A 99 1.98 1.15 10.17
N ASP A 100 3.11 0.62 10.62
CA ASP A 100 3.77 0.99 11.87
C ASP A 100 4.07 2.49 11.92
N GLN A 101 4.51 3.06 10.80
CA GLN A 101 4.83 4.47 10.70
C GLN A 101 3.55 5.32 10.73
N MET A 102 2.42 4.77 10.27
CA MET A 102 1.12 5.44 10.28
C MET A 102 0.35 5.20 11.59
N LYS A 103 1.01 4.74 12.67
CA LYS A 103 0.37 4.49 13.96
C LYS A 103 -0.44 5.67 14.50
N ASN A 104 -0.22 6.89 14.02
CA ASN A 104 -0.89 8.10 14.49
C ASN A 104 -1.55 8.85 13.34
N TYR A 105 -1.97 8.14 12.29
CA TYR A 105 -2.81 8.71 11.25
C TYR A 105 -4.13 9.26 11.84
N ARG A 106 -4.87 10.05 11.07
CA ARG A 106 -6.11 10.70 11.51
C ARG A 106 -7.17 10.62 10.41
N GLY A 107 -7.75 9.46 10.14
CA GLY A 107 -8.84 9.41 9.18
C GLY A 107 -9.15 7.99 8.73
N GLU A 108 -9.21 7.79 7.42
CA GLU A 108 -9.75 6.60 6.79
C GLU A 108 -8.67 5.95 5.93
N VAL A 109 -8.87 4.70 5.52
CA VAL A 109 -7.94 3.98 4.66
C VAL A 109 -8.73 3.15 3.65
N ALA A 110 -8.24 3.07 2.41
CA ALA A 110 -8.66 2.07 1.43
C ALA A 110 -7.44 1.43 0.77
N SER A 111 -7.63 0.31 0.09
CA SER A 111 -6.56 -0.56 -0.39
C SER A 111 -6.80 -1.04 -1.83
N PHE A 112 -5.96 -0.63 -2.77
CA PHE A 112 -6.17 -0.79 -4.21
C PHE A 112 -5.18 -1.81 -4.79
N PHE A 113 -5.62 -3.06 -4.93
CA PHE A 113 -4.85 -4.06 -5.67
C PHE A 113 -4.98 -3.72 -7.17
N THR A 114 -3.88 -3.81 -7.94
CA THR A 114 -3.92 -3.60 -9.39
C THR A 114 -3.51 -4.89 -10.11
N SER A 115 -4.17 -5.98 -9.74
CA SER A 115 -3.82 -7.34 -10.13
C SER A 115 -5.11 -8.16 -10.26
N ALA A 116 -5.23 -8.95 -11.33
CA ALA A 116 -6.32 -9.90 -11.53
C ALA A 116 -5.76 -11.12 -12.28
N GLY A 117 -5.62 -12.23 -11.59
CA GLY A 117 -5.06 -13.46 -12.15
C GLY A 117 -5.69 -14.70 -11.53
N THR A 118 -5.79 -14.77 -10.20
CA THR A 118 -6.31 -15.97 -9.52
C THR A 118 -6.86 -15.66 -8.11
N ASN A 119 -6.96 -14.40 -7.71
CA ASN A 119 -7.01 -14.04 -6.29
C ASN A 119 -7.64 -12.66 -6.16
N HIS A 120 -8.71 -12.56 -5.36
CA HIS A 120 -9.39 -11.32 -4.99
C HIS A 120 -9.75 -11.40 -3.51
N LYS A 121 -10.71 -12.26 -3.14
CA LYS A 121 -11.24 -12.29 -1.77
C LYS A 121 -10.13 -12.54 -0.76
N ALA A 122 -9.09 -13.29 -1.16
CA ALA A 122 -7.93 -13.51 -0.32
C ALA A 122 -7.25 -12.20 0.10
N TYR A 123 -7.10 -11.24 -0.82
CA TYR A 123 -6.43 -9.97 -0.55
C TYR A 123 -7.08 -9.27 0.64
N VAL A 124 -8.41 -9.23 0.67
CA VAL A 124 -9.20 -8.61 1.73
C VAL A 124 -8.81 -9.21 3.08
N SER A 125 -8.87 -10.54 3.18
CA SER A 125 -8.66 -11.25 4.41
C SER A 125 -7.19 -11.07 4.83
N HIS A 126 -6.24 -11.29 3.92
CA HIS A 126 -4.82 -11.18 4.19
C HIS A 126 -4.44 -9.77 4.62
N PHE A 127 -4.91 -8.74 3.90
CA PHE A 127 -4.68 -7.35 4.24
C PHE A 127 -5.19 -7.07 5.63
N ASN A 128 -6.43 -7.49 5.94
CA ASN A 128 -7.05 -7.26 7.24
C ASN A 128 -6.17 -7.77 8.36
N GLU A 129 -5.59 -8.96 8.20
CA GLU A 129 -4.75 -9.53 9.24
C GLU A 129 -3.39 -8.86 9.32
N TRP A 130 -2.90 -8.29 8.23
CA TRP A 130 -1.57 -7.73 8.13
C TRP A 130 -1.57 -6.24 8.45
N ALA A 131 -2.74 -5.60 8.60
CA ALA A 131 -2.93 -4.16 8.75
C ALA A 131 -3.92 -3.80 9.86
N ASP A 132 -4.30 -4.77 10.69
CA ASP A 132 -5.21 -4.60 11.81
C ASP A 132 -4.63 -3.64 12.85
N GLY A 133 -4.98 -2.38 12.73
CA GLY A 133 -4.69 -1.30 13.65
C GLY A 133 -5.27 0.03 13.15
N LEU A 134 -5.51 0.12 11.84
CA LEU A 134 -6.07 1.26 11.14
C LEU A 134 -7.44 0.86 10.60
N ASN A 135 -8.24 1.86 10.22
CA ASN A 135 -9.61 1.68 9.73
C ASN A 135 -9.63 1.08 8.33
N VAL A 136 -10.79 0.63 7.83
CA VAL A 136 -10.97 0.20 6.45
C VAL A 136 -12.34 0.65 5.96
N ILE A 137 -12.35 1.42 4.85
CA ILE A 137 -13.56 1.85 4.14
C ILE A 137 -13.46 1.57 2.64
N GLY A 138 -12.50 0.74 2.22
CA GLY A 138 -12.38 0.28 0.84
C GLY A 138 -11.45 -0.91 0.76
N VAL A 139 -11.89 -1.97 0.06
CA VAL A 139 -11.02 -2.94 -0.57
C VAL A 139 -11.66 -3.22 -1.94
N ALA A 140 -11.04 -2.75 -3.02
CA ALA A 140 -11.49 -2.86 -4.41
C ALA A 140 -10.27 -2.77 -5.33
N ARG A 141 -10.40 -3.14 -6.62
CA ARG A 141 -9.27 -3.06 -7.54
C ARG A 141 -9.19 -1.65 -8.13
N ASP A 142 -8.01 -1.32 -8.64
CA ASP A 142 -7.63 -0.19 -9.48
C ASP A 142 -8.23 1.12 -9.02
N ASP A 143 -9.43 1.42 -9.48
CA ASP A 143 -10.08 2.71 -9.38
C ASP A 143 -11.60 2.49 -9.43
N SER A 144 -12.07 1.29 -9.09
CA SER A 144 -13.45 0.84 -9.16
C SER A 144 -14.31 1.68 -8.24
N GLU A 145 -13.71 2.23 -7.20
CA GLU A 145 -14.32 2.98 -6.15
C GLU A 145 -13.30 4.08 -5.91
N VAL A 146 -13.38 5.19 -6.64
CA VAL A 146 -12.76 6.46 -6.22
C VAL A 146 -13.80 7.41 -5.56
N ASP A 147 -15.09 7.30 -5.89
CA ASP A 147 -16.09 8.31 -5.48
C ASP A 147 -16.48 8.22 -4.00
N LYS A 148 -16.08 7.16 -3.30
CA LYS A 148 -16.33 6.98 -1.86
C LYS A 148 -15.07 7.24 -1.03
N TRP A 149 -13.90 7.40 -1.66
CA TRP A 149 -12.64 7.65 -0.94
C TRP A 149 -12.26 9.14 -1.06
N SER A 150 -13.25 10.02 -1.19
CA SER A 150 -13.03 11.45 -1.27
C SER A 150 -14.24 12.26 -0.79
N LYS A 151 -15.47 11.74 -0.84
CA LYS A 151 -16.66 12.49 -0.42
C LYS A 151 -16.81 12.54 1.10
N GLY A 1 -7.58 24.26 10.65
CA GLY A 1 -9.02 24.04 10.88
C GLY A 1 -9.44 22.76 10.17
N MET A 2 -10.60 22.74 9.51
CA MET A 2 -11.02 21.66 8.64
C MET A 2 -10.21 21.65 7.35
N ALA A 3 -9.83 20.45 6.89
CA ALA A 3 -9.42 20.13 5.53
C ALA A 3 -9.29 18.61 5.46
N LYS A 4 -10.12 17.91 4.68
CA LYS A 4 -9.94 16.49 4.45
C LYS A 4 -9.07 16.29 3.20
N LYS A 5 -7.91 15.64 3.33
CA LYS A 5 -6.97 15.35 2.26
C LYS A 5 -6.73 13.86 2.15
N THR A 6 -6.09 13.42 1.08
CA THR A 6 -6.13 12.03 0.62
C THR A 6 -4.81 11.65 -0.10
N LEU A 7 -3.86 11.05 0.62
CA LEU A 7 -2.54 10.67 0.07
C LEU A 7 -2.61 9.27 -0.57
N ILE A 8 -1.73 8.97 -1.54
CA ILE A 8 -1.69 7.73 -2.33
C ILE A 8 -0.26 7.20 -2.35
N LEU A 9 0.02 6.04 -1.72
CA LEU A 9 1.35 5.41 -1.77
C LEU A 9 1.27 4.19 -2.69
N TYR A 10 2.17 4.11 -3.67
CA TYR A 10 2.12 3.12 -4.74
C TYR A 10 3.48 2.43 -4.86
N TYR A 11 3.71 1.40 -4.04
CA TYR A 11 4.98 0.68 -3.93
C TYR A 11 5.06 -0.27 -5.13
N SER A 12 5.75 0.09 -6.22
CA SER A 12 6.07 -0.72 -7.40
C SER A 12 6.77 0.18 -8.44
N TRP A 13 7.93 0.72 -8.05
CA TRP A 13 8.82 1.56 -8.83
C TRP A 13 8.14 2.69 -9.61
N SER A 14 8.92 3.35 -10.46
CA SER A 14 8.53 4.56 -11.19
C SER A 14 7.63 4.31 -12.40
N GLY A 15 7.03 3.11 -12.56
CA GLY A 15 6.32 2.77 -13.79
C GLY A 15 5.41 1.56 -13.74
N GLU A 16 5.45 0.67 -12.74
CA GLU A 16 4.50 -0.45 -12.71
C GLU A 16 3.12 0.06 -12.30
N THR A 17 3.06 0.89 -11.26
CA THR A 17 1.81 1.37 -10.65
C THR A 17 1.47 2.81 -11.03
N LYS A 18 2.39 3.54 -11.68
CA LYS A 18 2.23 4.96 -12.01
C LYS A 18 0.87 5.25 -12.66
N LYS A 19 0.47 4.46 -13.65
CA LYS A 19 -0.79 4.60 -14.37
C LYS A 19 -2.04 4.48 -13.54
N MET A 20 -1.90 3.90 -12.36
CA MET A 20 -2.99 3.69 -11.42
C MET A 20 -2.78 4.47 -10.13
N ALA A 21 -1.77 5.36 -10.11
CA ALA A 21 -1.55 6.32 -9.04
C ALA A 21 -2.01 7.70 -9.52
N GLU A 22 -1.54 8.14 -10.69
CA GLU A 22 -1.74 9.53 -11.09
C GLU A 22 -3.19 9.84 -11.39
N LYS A 23 -3.88 8.87 -12.01
CA LYS A 23 -5.30 8.98 -12.32
C LYS A 23 -6.10 9.26 -11.07
N ILE A 24 -6.02 8.37 -10.08
CA ILE A 24 -6.72 8.49 -8.78
C ILE A 24 -6.40 9.85 -8.15
N ASN A 25 -5.12 10.26 -8.13
CA ASN A 25 -4.70 11.53 -7.55
C ASN A 25 -5.37 12.77 -8.18
N SER A 26 -5.90 12.63 -9.38
CA SER A 26 -6.65 13.63 -10.10
C SER A 26 -8.15 13.62 -9.77
N GLU A 27 -8.71 12.46 -9.42
CA GLU A 27 -10.16 12.24 -9.23
C GLU A 27 -10.62 12.65 -7.82
N ILE A 28 -9.73 13.21 -7.00
CA ILE A 28 -9.93 13.40 -5.57
C ILE A 28 -9.53 14.83 -5.23
N LYS A 29 -10.31 15.48 -4.35
CA LYS A 29 -10.01 16.80 -3.82
C LYS A 29 -8.89 16.72 -2.79
N ASP A 30 -8.00 17.71 -2.82
CA ASP A 30 -6.88 17.92 -1.89
C ASP A 30 -5.92 16.72 -1.83
N SER A 31 -5.94 15.84 -2.84
CA SER A 31 -5.15 14.61 -2.86
C SER A 31 -3.65 14.92 -3.05
N GLU A 32 -2.82 13.94 -2.68
CA GLU A 32 -1.42 13.83 -3.06
C GLU A 32 -1.12 12.37 -3.37
N LEU A 33 0.07 12.11 -3.89
CA LEU A 33 0.68 10.82 -4.00
C LEU A 33 2.12 10.88 -3.44
N LYS A 34 2.71 9.76 -3.03
CA LYS A 34 4.06 9.66 -2.47
C LYS A 34 4.69 8.32 -2.86
N GLU A 35 6.00 8.20 -2.66
CA GLU A 35 6.77 7.02 -3.06
C GLU A 35 7.07 6.09 -1.87
N VAL A 36 7.12 4.79 -2.17
CA VAL A 36 7.35 3.66 -1.29
C VAL A 36 8.28 2.66 -1.96
N LYS A 37 9.29 2.16 -1.24
CA LYS A 37 10.34 1.24 -1.67
C LYS A 37 10.61 0.25 -0.53
N VAL A 38 11.60 -0.63 -0.65
CA VAL A 38 11.96 -1.61 0.36
C VAL A 38 13.45 -1.53 0.69
N SER A 39 13.82 -1.74 1.95
CA SER A 39 15.17 -1.86 2.47
C SER A 39 15.77 -3.16 1.95
N GLU A 40 16.98 -3.05 1.42
CA GLU A 40 17.71 -4.11 0.74
C GLU A 40 18.82 -4.63 1.65
N GLY A 41 19.59 -5.62 1.16
CA GLY A 41 20.77 -6.15 1.80
C GLY A 41 20.68 -7.64 2.02
N THR A 42 21.83 -8.30 2.05
CA THR A 42 22.06 -9.68 2.48
C THR A 42 23.59 -9.88 2.52
N PHE A 43 24.03 -11.02 3.06
CA PHE A 43 25.42 -11.47 3.08
C PHE A 43 25.48 -12.98 2.84
N ASP A 44 24.57 -13.52 2.04
CA ASP A 44 24.58 -14.91 1.60
C ASP A 44 24.25 -14.96 0.10
N ALA A 45 24.05 -16.14 -0.46
CA ALA A 45 23.73 -16.34 -1.86
C ALA A 45 22.34 -15.77 -2.19
N ASP A 46 22.03 -15.73 -3.48
CA ASP A 46 20.86 -15.07 -4.08
C ASP A 46 20.67 -13.66 -3.50
N MET A 47 21.51 -12.76 -4.00
CA MET A 47 21.72 -11.39 -3.55
C MET A 47 20.51 -10.45 -3.80
N TYR A 48 19.41 -11.01 -4.31
CA TYR A 48 18.11 -10.41 -4.52
C TYR A 48 17.15 -11.22 -3.64
N LYS A 49 16.76 -10.67 -2.49
CA LYS A 49 15.88 -11.34 -1.53
C LYS A 49 14.95 -10.31 -0.88
N THR A 50 14.34 -9.45 -1.69
CA THR A 50 13.70 -8.23 -1.20
C THR A 50 12.53 -7.77 -2.09
N SER A 51 12.63 -7.88 -3.42
CA SER A 51 11.71 -7.28 -4.37
C SER A 51 11.01 -8.37 -5.20
N ASP A 52 10.78 -9.56 -4.63
CA ASP A 52 10.05 -10.63 -5.31
C ASP A 52 8.54 -10.52 -5.05
N ILE A 53 7.75 -11.13 -5.92
CA ILE A 53 6.30 -11.23 -5.83
C ILE A 53 5.81 -12.63 -6.20
N ALA A 54 6.35 -13.68 -5.57
CA ALA A 54 5.77 -15.03 -5.65
C ALA A 54 6.13 -15.86 -4.40
N LEU A 55 5.31 -15.72 -3.34
CA LEU A 55 5.32 -16.51 -2.12
C LEU A 55 6.60 -16.44 -1.27
N ASP A 56 7.58 -15.62 -1.64
CA ASP A 56 8.94 -15.78 -1.13
C ASP A 56 9.20 -15.04 0.18
N GLN A 57 8.17 -14.47 0.81
CA GLN A 57 8.26 -13.78 2.10
C GLN A 57 7.17 -14.27 3.08
N ILE A 58 6.68 -15.50 2.91
CA ILE A 58 5.52 -15.98 3.63
C ILE A 58 5.83 -17.37 4.20
N GLN A 59 5.63 -18.43 3.40
CA GLN A 59 5.52 -19.78 3.92
C GLN A 59 6.89 -20.43 3.90
N GLY A 60 7.59 -20.28 5.01
CA GLY A 60 8.98 -20.67 5.13
C GLY A 60 9.76 -19.43 5.49
N ASN A 61 9.63 -18.38 4.69
CA ASN A 61 10.46 -17.20 4.85
C ASN A 61 9.77 -16.27 5.84
N LYS A 62 9.94 -16.59 7.13
CA LYS A 62 9.56 -15.74 8.24
C LYS A 62 10.43 -14.49 8.22
N ASP A 63 9.92 -13.40 8.79
CA ASP A 63 10.44 -12.04 8.70
C ASP A 63 10.25 -11.47 7.29
N PHE A 64 10.40 -10.15 7.14
CA PHE A 64 10.18 -9.45 5.88
C PHE A 64 10.95 -8.13 5.90
N PRO A 65 11.35 -7.59 4.73
CA PRO A 65 12.14 -6.38 4.65
C PRO A 65 11.27 -5.17 5.01
N GLU A 66 11.91 -4.15 5.57
CA GLU A 66 11.31 -2.89 5.89
C GLU A 66 11.00 -2.16 4.58
N ILE A 67 10.04 -1.25 4.64
CA ILE A 67 9.79 -0.28 3.59
C ILE A 67 10.71 0.92 3.78
N GLN A 68 11.39 1.30 2.71
CA GLN A 68 12.11 2.57 2.63
C GLN A 68 11.14 3.65 2.18
N LEU A 69 11.19 4.81 2.81
CA LEU A 69 10.49 5.99 2.32
C LEU A 69 11.10 7.28 2.85
N ASP A 70 10.59 8.37 2.29
CA ASP A 70 10.90 9.76 2.59
C ASP A 70 10.52 10.12 4.03
N ASN A 71 10.70 11.38 4.44
CA ASN A 71 10.11 11.83 5.70
C ASN A 71 8.69 12.27 5.36
N ILE A 72 7.80 11.29 5.39
CA ILE A 72 6.36 11.46 5.26
C ILE A 72 5.84 11.71 6.68
N ASP A 73 4.65 12.31 6.74
CA ASP A 73 3.86 12.50 7.93
C ASP A 73 2.48 11.96 7.60
N TYR A 74 1.99 10.99 8.38
CA TYR A 74 0.64 10.45 8.24
C TYR A 74 -0.39 11.42 8.81
N ASN A 75 0.00 12.15 9.85
CA ASN A 75 -0.93 12.85 10.72
C ASN A 75 -1.67 13.97 10.00
N ASN A 76 -1.00 14.66 9.07
CA ASN A 76 -1.56 15.79 8.37
C ASN A 76 -2.45 15.42 7.18
N TYR A 77 -2.74 14.14 6.93
CA TYR A 77 -3.73 13.74 5.93
C TYR A 77 -4.95 13.14 6.63
N ASP A 78 -6.11 13.21 5.99
CA ASP A 78 -7.39 12.75 6.56
C ASP A 78 -7.74 11.34 6.08
N LEU A 79 -7.26 10.98 4.89
CA LEU A 79 -7.48 9.73 4.17
C LEU A 79 -6.14 9.31 3.58
N ILE A 80 -5.83 8.02 3.56
CA ILE A 80 -4.55 7.54 3.05
C ILE A 80 -4.80 6.21 2.33
N LEU A 81 -4.34 6.13 1.08
CA LEU A 81 -4.61 5.08 0.11
C LEU A 81 -3.30 4.33 -0.18
N ILE A 82 -3.39 3.08 -0.65
CA ILE A 82 -2.25 2.15 -0.77
C ILE A 82 -2.45 1.23 -1.97
N GLY A 83 -1.41 0.90 -2.76
CA GLY A 83 -1.49 -0.24 -3.68
C GLY A 83 -0.38 -1.27 -3.52
N SER A 84 -0.56 -2.45 -4.12
CA SER A 84 0.45 -3.51 -4.28
C SER A 84 -0.04 -4.57 -5.29
N PRO A 85 0.87 -5.42 -5.82
CA PRO A 85 0.53 -6.55 -6.66
C PRO A 85 0.03 -7.74 -5.82
N VAL A 86 -0.54 -8.75 -6.48
CA VAL A 86 -1.03 -9.97 -5.84
C VAL A 86 -1.12 -11.09 -6.89
N TRP A 87 -0.67 -12.30 -6.56
CA TRP A 87 -0.87 -13.45 -7.47
C TRP A 87 -0.87 -14.83 -6.79
N SER A 88 -0.56 -14.92 -5.50
CA SER A 88 -0.72 -16.15 -4.73
C SER A 88 -1.09 -15.79 -3.30
N GLY A 89 -2.25 -15.16 -3.11
CA GLY A 89 -2.82 -14.81 -1.82
C GLY A 89 -2.24 -13.50 -1.31
N TYR A 90 -0.94 -13.47 -1.04
CA TYR A 90 -0.21 -12.36 -0.46
C TYR A 90 1.30 -12.48 -0.76
N PRO A 91 1.75 -12.34 -2.02
CA PRO A 91 3.14 -12.60 -2.42
C PRO A 91 4.16 -11.51 -2.04
N ALA A 92 3.75 -10.43 -1.38
CA ALA A 92 4.59 -9.31 -1.01
C ALA A 92 4.30 -9.00 0.46
N THR A 93 5.20 -8.32 1.17
CA THR A 93 4.84 -7.74 2.48
C THR A 93 5.32 -6.28 2.65
N PRO A 94 5.05 -5.37 1.70
CA PRO A 94 5.42 -3.97 1.82
C PRO A 94 4.45 -3.30 2.80
N ILE A 95 3.15 -3.60 2.64
CA ILE A 95 2.09 -2.98 3.40
C ILE A 95 1.93 -3.75 4.72
N LYS A 96 3.03 -3.89 5.46
CA LYS A 96 3.06 -4.30 6.86
C LYS A 96 3.82 -3.24 7.65
N THR A 97 5.10 -3.01 7.38
CA THR A 97 5.92 -2.13 8.21
C THR A 97 5.34 -0.71 8.29
N LEU A 98 4.81 -0.18 7.18
CA LEU A 98 4.18 1.15 7.14
C LEU A 98 3.09 1.29 8.20
N LEU A 99 2.17 0.33 8.27
CA LEU A 99 1.06 0.38 9.21
C LEU A 99 1.52 0.49 10.68
N ASP A 100 2.68 -0.08 11.02
CA ASP A 100 3.25 -0.01 12.36
C ASP A 100 3.85 1.37 12.65
N GLN A 101 4.28 2.08 11.60
CA GLN A 101 4.58 3.51 11.68
C GLN A 101 3.28 4.29 11.87
N MET A 102 2.22 3.96 11.12
CA MET A 102 0.91 4.62 11.14
C MET A 102 0.10 4.41 12.42
N LYS A 103 0.64 3.80 13.48
CA LYS A 103 -0.13 3.44 14.68
C LYS A 103 -0.91 4.60 15.31
N ASN A 104 -0.48 5.85 15.12
CA ASN A 104 -1.09 7.05 15.69
C ASN A 104 -1.69 7.93 14.59
N TYR A 105 -2.01 7.36 13.42
CA TYR A 105 -2.78 7.98 12.35
C TYR A 105 -4.21 8.23 12.80
N ARG A 106 -4.83 9.31 12.31
CA ARG A 106 -6.14 9.80 12.74
C ARG A 106 -6.98 10.07 11.50
N GLY A 107 -7.21 9.03 10.70
CA GLY A 107 -7.91 9.12 9.44
C GLY A 107 -8.30 7.74 8.95
N GLU A 108 -8.57 7.60 7.64
CA GLU A 108 -9.14 6.41 7.04
C GLU A 108 -8.16 5.75 6.08
N VAL A 109 -8.21 4.43 6.03
CA VAL A 109 -7.43 3.61 5.12
C VAL A 109 -8.31 3.13 3.96
N ALA A 110 -7.75 3.09 2.75
CA ALA A 110 -8.22 2.17 1.71
C ALA A 110 -7.02 1.57 0.96
N SER A 111 -7.26 0.54 0.14
CA SER A 111 -6.23 -0.10 -0.68
C SER A 111 -6.74 -0.26 -2.12
N PHE A 112 -5.83 -0.55 -3.05
CA PHE A 112 -6.11 -0.69 -4.46
C PHE A 112 -5.11 -1.71 -5.06
N PHE A 113 -5.58 -2.89 -5.50
CA PHE A 113 -4.70 -3.89 -6.11
C PHE A 113 -4.77 -3.75 -7.63
N THR A 114 -3.61 -3.78 -8.30
CA THR A 114 -3.54 -3.71 -9.76
C THR A 114 -3.50 -5.10 -10.40
N SER A 115 -3.63 -6.19 -9.63
CA SER A 115 -3.39 -7.55 -10.08
C SER A 115 -4.61 -8.41 -9.79
N ALA A 116 -5.14 -9.06 -10.82
CA ALA A 116 -6.38 -9.82 -10.76
C ALA A 116 -6.16 -11.33 -10.93
N GLY A 117 -4.91 -11.78 -11.12
CA GLY A 117 -4.60 -13.03 -11.81
C GLY A 117 -5.48 -14.22 -11.42
N THR A 118 -5.51 -14.58 -10.13
CA THR A 118 -6.27 -15.72 -9.62
C THR A 118 -6.80 -15.47 -8.20
N ASN A 119 -6.64 -14.24 -7.69
CA ASN A 119 -6.90 -13.87 -6.29
C ASN A 119 -7.67 -12.55 -6.34
N HIS A 120 -8.85 -12.53 -5.70
CA HIS A 120 -9.60 -11.31 -5.42
C HIS A 120 -10.02 -11.29 -3.94
N LYS A 121 -10.75 -12.31 -3.47
CA LYS A 121 -11.17 -12.40 -2.06
C LYS A 121 -9.98 -12.26 -1.10
N ALA A 122 -8.87 -12.95 -1.39
CA ALA A 122 -7.75 -13.07 -0.48
C ALA A 122 -7.25 -11.72 0.03
N TYR A 123 -6.86 -10.83 -0.88
CA TYR A 123 -6.15 -9.58 -0.59
C TYR A 123 -6.95 -8.72 0.36
N VAL A 124 -8.29 -8.74 0.26
CA VAL A 124 -9.19 -8.00 1.13
C VAL A 124 -9.01 -8.45 2.58
N SER A 125 -9.11 -9.75 2.81
CA SER A 125 -9.01 -10.40 4.09
C SER A 125 -7.57 -10.28 4.62
N HIS A 126 -6.58 -10.55 3.78
CA HIS A 126 -5.17 -10.50 4.15
C HIS A 126 -4.75 -9.08 4.54
N PHE A 127 -5.29 -8.07 3.86
CA PHE A 127 -4.98 -6.67 4.16
C PHE A 127 -5.54 -6.30 5.53
N ASN A 128 -6.80 -6.65 5.80
CA ASN A 128 -7.49 -6.36 7.07
C ASN A 128 -6.65 -6.78 8.28
N GLU A 129 -5.98 -7.92 8.17
CA GLU A 129 -5.12 -8.54 9.12
C GLU A 129 -3.78 -7.80 9.22
N TRP A 130 -3.08 -7.66 8.10
CA TRP A 130 -1.72 -7.14 8.13
C TRP A 130 -1.71 -5.64 8.43
N ALA A 131 -2.87 -4.99 8.49
CA ALA A 131 -3.08 -3.58 8.80
C ALA A 131 -3.93 -3.37 10.08
N ASP A 132 -4.11 -4.39 10.91
CA ASP A 132 -4.99 -4.44 12.09
C ASP A 132 -4.88 -3.18 12.94
N GLY A 133 -6.02 -2.54 13.18
CA GLY A 133 -6.16 -1.43 14.13
C GLY A 133 -6.19 -0.04 13.48
N LEU A 134 -6.04 0.07 12.17
CA LEU A 134 -6.28 1.32 11.45
C LEU A 134 -7.70 1.27 10.86
N ASN A 135 -8.38 2.41 10.73
CA ASN A 135 -9.77 2.49 10.29
C ASN A 135 -9.89 2.32 8.78
N VAL A 136 -10.26 1.16 8.27
CA VAL A 136 -10.19 0.86 6.84
C VAL A 136 -11.59 0.74 6.24
N ILE A 137 -11.80 1.48 5.15
CA ILE A 137 -13.08 1.69 4.49
C ILE A 137 -13.01 1.37 2.98
N GLY A 138 -11.92 0.74 2.51
CA GLY A 138 -11.78 0.32 1.12
C GLY A 138 -10.60 -0.62 0.89
N VAL A 139 -10.66 -1.40 -0.20
CA VAL A 139 -9.68 -2.34 -0.72
C VAL A 139 -10.25 -2.94 -2.02
N ALA A 140 -10.07 -2.27 -3.15
CA ALA A 140 -10.67 -2.62 -4.46
C ALA A 140 -9.63 -2.80 -5.58
N ARG A 141 -10.07 -2.95 -6.85
CA ARG A 141 -9.22 -3.10 -8.02
C ARG A 141 -9.19 -1.80 -8.81
N ASP A 142 -8.01 -1.44 -9.33
CA ASP A 142 -7.63 -0.24 -10.06
C ASP A 142 -8.20 1.00 -9.38
N ASP A 143 -9.41 1.42 -9.71
CA ASP A 143 -9.96 2.72 -9.29
C ASP A 143 -11.46 2.67 -8.98
N SER A 144 -12.06 1.48 -8.99
CA SER A 144 -13.51 1.31 -9.14
C SER A 144 -14.37 1.79 -7.98
N GLU A 145 -13.78 2.18 -6.85
CA GLU A 145 -14.51 2.55 -5.64
C GLU A 145 -13.93 3.86 -5.03
N VAL A 146 -13.12 4.60 -5.78
CA VAL A 146 -12.47 5.83 -5.32
C VAL A 146 -13.49 6.90 -4.93
N ASP A 147 -14.60 7.00 -5.67
CA ASP A 147 -15.69 7.95 -5.40
C ASP A 147 -16.17 7.82 -3.96
N LYS A 148 -16.48 6.61 -3.48
CA LYS A 148 -16.97 6.46 -2.10
C LYS A 148 -15.88 6.80 -1.09
N TRP A 149 -14.59 6.71 -1.44
CA TRP A 149 -13.47 7.06 -0.60
C TRP A 149 -13.11 8.55 -0.69
N SER A 150 -13.97 9.43 -1.19
CA SER A 150 -13.79 10.87 -1.01
C SER A 150 -15.14 11.59 -0.84
N LYS A 151 -16.16 11.12 -1.59
CA LYS A 151 -17.49 11.69 -1.67
C LYS A 151 -17.43 13.20 -1.81
N GLY A 1 -12.13 25.23 10.85
CA GLY A 1 -11.18 24.11 10.95
C GLY A 1 -11.65 22.96 10.07
N MET A 2 -11.36 22.99 8.76
CA MET A 2 -11.52 21.86 7.85
C MET A 2 -10.44 21.96 6.78
N ALA A 3 -9.61 20.92 6.69
CA ALA A 3 -8.82 20.55 5.52
C ALA A 3 -8.67 19.05 5.63
N LYS A 4 -9.34 18.28 4.76
CA LYS A 4 -9.30 16.82 4.77
C LYS A 4 -8.46 16.37 3.58
N LYS A 5 -7.15 16.26 3.80
CA LYS A 5 -6.23 15.97 2.71
C LYS A 5 -6.21 14.48 2.47
N THR A 6 -5.41 14.10 1.49
CA THR A 6 -5.28 12.73 1.05
C THR A 6 -3.82 12.47 0.68
N LEU A 7 -3.35 11.23 0.87
CA LEU A 7 -2.04 10.81 0.39
C LEU A 7 -2.13 9.42 -0.24
N ILE A 8 -1.36 9.20 -1.29
CA ILE A 8 -1.37 8.01 -2.13
C ILE A 8 0.07 7.55 -2.27
N LEU A 9 0.47 6.54 -1.51
CA LEU A 9 1.79 5.93 -1.62
C LEU A 9 1.68 4.70 -2.49
N TYR A 10 2.67 4.52 -3.37
CA TYR A 10 2.87 3.29 -4.13
C TYR A 10 4.32 2.87 -3.98
N TYR A 11 4.52 1.59 -3.68
CA TYR A 11 5.83 0.94 -3.63
C TYR A 11 6.09 0.34 -5.02
N SER A 12 7.08 -0.56 -5.14
CA SER A 12 7.56 -1.18 -6.37
C SER A 12 8.05 -0.18 -7.44
N TRP A 13 8.50 -0.65 -8.60
CA TRP A 13 8.97 0.24 -9.67
C TRP A 13 7.82 1.10 -10.21
N SER A 14 8.16 2.34 -10.56
CA SER A 14 7.27 3.36 -11.11
C SER A 14 6.82 2.99 -12.52
N GLY A 15 5.85 2.08 -12.63
CA GLY A 15 5.22 1.68 -13.87
C GLY A 15 4.00 0.81 -13.62
N GLU A 16 4.09 -0.12 -12.67
CA GLU A 16 3.01 -1.02 -12.32
C GLU A 16 1.87 -0.24 -11.66
N THR A 17 1.99 0.02 -10.37
CA THR A 17 0.98 0.69 -9.57
C THR A 17 0.89 2.17 -9.92
N LYS A 18 1.95 2.73 -10.51
CA LYS A 18 2.00 4.11 -11.00
C LYS A 18 0.75 4.46 -11.81
N LYS A 19 0.43 3.65 -12.82
CA LYS A 19 -0.70 3.90 -13.70
C LYS A 19 -2.05 3.80 -13.00
N MET A 20 -2.08 3.34 -11.76
CA MET A 20 -3.25 3.08 -10.95
C MET A 20 -3.16 3.88 -9.66
N ALA A 21 -2.31 4.90 -9.62
CA ALA A 21 -2.04 5.74 -8.46
C ALA A 21 -2.06 7.21 -8.90
N GLU A 22 -1.43 7.52 -10.05
CA GLU A 22 -1.44 8.86 -10.64
C GLU A 22 -2.88 9.27 -10.97
N LYS A 23 -3.67 8.29 -11.42
CA LYS A 23 -5.11 8.36 -11.56
C LYS A 23 -5.74 8.86 -10.27
N ILE A 24 -5.65 8.09 -9.19
CA ILE A 24 -6.31 8.40 -7.92
C ILE A 24 -5.93 9.81 -7.45
N ASN A 25 -4.69 10.24 -7.67
CA ASN A 25 -4.25 11.58 -7.27
C ASN A 25 -4.92 12.70 -8.09
N SER A 26 -5.28 12.45 -9.34
CA SER A 26 -6.07 13.33 -10.18
C SER A 26 -7.57 13.33 -9.83
N GLU A 27 -8.05 12.32 -9.10
CA GLU A 27 -9.49 12.00 -8.97
C GLU A 27 -10.00 12.33 -7.57
N ILE A 28 -9.14 12.89 -6.72
CA ILE A 28 -9.43 13.32 -5.36
C ILE A 28 -9.00 14.78 -5.21
N LYS A 29 -9.89 15.61 -4.67
CA LYS A 29 -9.62 17.01 -4.39
C LYS A 29 -8.49 17.14 -3.40
N ASP A 30 -7.59 18.08 -3.68
CA ASP A 30 -6.50 18.53 -2.83
C ASP A 30 -5.47 17.46 -2.45
N SER A 31 -5.53 16.30 -3.11
CA SER A 31 -4.75 15.12 -2.85
C SER A 31 -3.26 15.35 -3.11
N GLU A 32 -2.46 14.42 -2.62
CA GLU A 32 -1.06 14.19 -2.90
C GLU A 32 -0.88 12.72 -3.14
N LEU A 33 0.26 12.44 -3.72
CA LEU A 33 0.90 11.18 -3.83
C LEU A 33 2.32 11.32 -3.30
N LYS A 34 3.03 10.21 -3.33
CA LYS A 34 4.45 10.01 -3.00
C LYS A 34 4.78 8.57 -3.39
N GLU A 35 6.01 8.09 -3.23
CA GLU A 35 6.33 6.69 -3.42
C GLU A 35 7.07 6.12 -2.21
N VAL A 36 7.24 4.80 -2.16
CA VAL A 36 8.00 4.09 -1.12
C VAL A 36 9.25 3.54 -1.79
N LYS A 37 10.40 3.58 -1.11
CA LYS A 37 11.64 3.00 -1.62
C LYS A 37 12.08 1.92 -0.63
N VAL A 38 12.88 0.96 -1.08
CA VAL A 38 13.48 -0.02 -0.17
C VAL A 38 14.59 0.68 0.64
N SER A 39 15.34 -0.08 1.45
CA SER A 39 16.60 0.32 2.03
C SER A 39 17.64 -0.77 1.71
N GLU A 40 18.85 -0.61 2.21
CA GLU A 40 19.89 -1.63 2.27
C GLU A 40 19.41 -2.73 3.22
N GLY A 41 19.67 -4.01 2.90
CA GLY A 41 19.42 -5.10 3.84
C GLY A 41 19.67 -6.46 3.18
N THR A 42 19.86 -7.49 4.01
CA THR A 42 20.08 -8.85 3.53
C THR A 42 18.77 -9.42 3.00
N PHE A 43 18.84 -10.01 1.80
CA PHE A 43 17.84 -10.90 1.24
C PHE A 43 18.55 -11.85 0.28
N ASP A 44 19.43 -11.35 -0.59
CA ASP A 44 20.13 -12.17 -1.59
C ASP A 44 21.43 -11.51 -2.03
N ALA A 45 21.35 -10.28 -2.53
CA ALA A 45 22.44 -9.52 -3.12
C ALA A 45 22.21 -8.03 -2.87
N ASP A 46 23.22 -7.21 -3.14
CA ASP A 46 23.08 -5.76 -3.31
C ASP A 46 22.52 -5.51 -4.71
N MET A 47 21.21 -5.66 -4.87
CA MET A 47 20.44 -5.15 -6.00
C MET A 47 18.95 -5.21 -5.66
N TYR A 48 18.08 -4.62 -6.49
CA TYR A 48 16.64 -4.63 -6.29
C TYR A 48 16.07 -6.05 -6.48
N LYS A 49 16.01 -6.82 -5.39
CA LYS A 49 15.70 -8.25 -5.40
C LYS A 49 15.06 -8.71 -4.08
N THR A 50 14.75 -7.81 -3.13
CA THR A 50 14.32 -8.16 -1.79
C THR A 50 12.86 -8.68 -1.69
N SER A 51 12.28 -9.20 -2.78
CA SER A 51 11.07 -10.00 -2.77
C SER A 51 11.20 -11.03 -3.88
N ASP A 52 10.49 -12.15 -3.79
CA ASP A 52 10.55 -13.23 -4.76
C ASP A 52 9.28 -13.23 -5.63
N ILE A 53 9.02 -14.31 -6.37
CA ILE A 53 7.89 -14.44 -7.28
C ILE A 53 6.58 -14.61 -6.52
N ALA A 54 6.62 -15.21 -5.33
CA ALA A 54 5.44 -15.50 -4.54
C ALA A 54 5.86 -15.85 -3.11
N LEU A 55 6.48 -17.01 -2.93
CA LEU A 55 7.03 -17.53 -1.69
C LEU A 55 8.19 -16.67 -1.18
N ASP A 56 8.87 -17.16 -0.13
CA ASP A 56 10.17 -16.68 0.36
C ASP A 56 10.08 -15.34 1.10
N GLN A 57 8.85 -14.86 1.31
CA GLN A 57 8.48 -13.67 2.06
C GLN A 57 7.24 -13.96 2.96
N ILE A 58 6.89 -15.25 3.14
CA ILE A 58 5.67 -15.67 3.84
C ILE A 58 6.02 -16.75 4.88
N GLN A 59 6.08 -18.03 4.49
CA GLN A 59 6.13 -19.15 5.42
C GLN A 59 7.58 -19.49 5.74
N GLY A 60 8.10 -18.98 6.86
CA GLY A 60 9.47 -19.19 7.29
C GLY A 60 10.28 -17.91 7.16
N ASN A 61 9.90 -17.04 6.22
CA ASN A 61 10.56 -15.77 5.91
C ASN A 61 9.56 -14.62 6.04
N LYS A 62 8.72 -14.66 7.08
CA LYS A 62 7.72 -13.61 7.31
C LYS A 62 8.36 -12.31 7.80
N ASP A 63 9.64 -12.32 8.18
CA ASP A 63 10.36 -11.10 8.48
C ASP A 63 10.71 -10.42 7.17
N PHE A 64 10.22 -9.20 6.98
CA PHE A 64 10.23 -8.48 5.70
C PHE A 64 11.20 -7.29 5.76
N PRO A 65 11.66 -6.78 4.61
CA PRO A 65 12.64 -5.71 4.55
C PRO A 65 12.09 -4.39 5.10
N GLU A 66 12.98 -3.47 5.45
CA GLU A 66 12.64 -2.10 5.81
C GLU A 66 12.35 -1.25 4.56
N ILE A 67 12.10 0.04 4.75
CA ILE A 67 11.76 1.00 3.69
C ILE A 67 12.56 2.29 3.88
N GLN A 68 12.50 3.18 2.90
CA GLN A 68 12.92 4.56 2.94
C GLN A 68 11.79 5.47 2.46
N LEU A 69 11.87 6.76 2.80
CA LEU A 69 11.00 7.85 2.34
C LEU A 69 11.60 9.21 2.74
N ASP A 70 10.86 10.29 2.53
CA ASP A 70 11.13 11.67 2.94
C ASP A 70 10.68 11.97 4.37
N ASN A 71 10.67 13.23 4.76
CA ASN A 71 9.85 13.77 5.82
C ASN A 71 8.42 13.73 5.28
N ILE A 72 7.72 12.66 5.59
CA ILE A 72 6.27 12.59 5.53
C ILE A 72 5.78 12.47 6.97
N ASP A 73 4.57 12.91 7.24
CA ASP A 73 3.84 12.54 8.44
C ASP A 73 2.40 12.28 8.06
N TYR A 74 1.85 11.15 8.51
CA TYR A 74 0.51 10.69 8.18
C TYR A 74 -0.56 11.51 8.88
N ASN A 75 -0.22 12.18 9.99
CA ASN A 75 -1.18 12.80 10.90
C ASN A 75 -1.93 13.96 10.23
N ASN A 76 -1.28 14.64 9.29
CA ASN A 76 -1.79 15.85 8.67
C ASN A 76 -2.63 15.59 7.41
N TYR A 77 -3.05 14.35 7.19
CA TYR A 77 -4.03 13.97 6.17
C TYR A 77 -5.24 13.31 6.82
N ASP A 78 -6.34 13.18 6.08
CA ASP A 78 -7.57 12.52 6.53
C ASP A 78 -7.74 11.16 5.87
N LEU A 79 -7.14 10.94 4.69
CA LEU A 79 -7.44 9.80 3.83
C LEU A 79 -6.14 9.25 3.26
N ILE A 80 -5.84 7.97 3.49
CA ILE A 80 -4.55 7.38 3.13
C ILE A 80 -4.81 6.10 2.34
N LEU A 81 -4.34 6.08 1.10
CA LEU A 81 -4.67 5.06 0.11
C LEU A 81 -3.40 4.34 -0.29
N ILE A 82 -3.43 3.01 -0.45
CA ILE A 82 -2.21 2.20 -0.63
C ILE A 82 -2.43 1.14 -1.73
N GLY A 83 -1.52 1.01 -2.72
CA GLY A 83 -1.66 -0.01 -3.78
C GLY A 83 -0.61 -1.14 -3.71
N SER A 84 -0.87 -2.27 -4.37
CA SER A 84 -0.02 -3.47 -4.46
C SER A 84 -0.49 -4.30 -5.68
N PRO A 85 0.34 -5.23 -6.22
CA PRO A 85 -0.15 -6.37 -6.98
C PRO A 85 -0.50 -7.53 -6.01
N VAL A 86 -1.04 -8.64 -6.53
CA VAL A 86 -1.29 -9.88 -5.80
C VAL A 86 -1.44 -11.04 -6.78
N TRP A 87 -0.66 -12.10 -6.63
CA TRP A 87 -0.74 -13.24 -7.55
C TRP A 87 -1.05 -14.55 -6.86
N SER A 88 -0.52 -14.71 -5.67
CA SER A 88 -0.71 -15.93 -4.90
C SER A 88 -0.85 -15.55 -3.43
N GLY A 89 -2.09 -15.20 -3.05
CA GLY A 89 -2.57 -14.85 -1.72
C GLY A 89 -2.07 -13.50 -1.25
N TYR A 90 -0.77 -13.42 -1.02
CA TYR A 90 -0.02 -12.35 -0.37
C TYR A 90 1.47 -12.54 -0.70
N PRO A 91 1.89 -12.32 -1.95
CA PRO A 91 3.23 -12.67 -2.41
C PRO A 91 4.32 -11.65 -2.02
N ALA A 92 3.94 -10.49 -1.50
CA ALA A 92 4.82 -9.36 -1.26
C ALA A 92 4.52 -8.85 0.16
N THR A 93 5.40 -8.03 0.74
CA THR A 93 5.13 -7.33 2.00
C THR A 93 5.51 -5.84 1.90
N PRO A 94 5.04 -5.12 0.85
CA PRO A 94 5.16 -3.69 0.79
C PRO A 94 4.05 -3.01 1.58
N ILE A 95 3.08 -3.75 2.13
CA ILE A 95 2.10 -3.20 3.04
C ILE A 95 2.20 -4.02 4.33
N LYS A 96 3.29 -3.79 5.04
CA LYS A 96 3.45 -4.17 6.44
C LYS A 96 4.19 -3.08 7.20
N THR A 97 5.37 -2.65 6.73
CA THR A 97 6.19 -1.66 7.42
C THR A 97 5.42 -0.33 7.60
N LEU A 98 4.75 0.14 6.55
CA LEU A 98 4.02 1.41 6.53
C LEU A 98 2.97 1.46 7.64
N LEU A 99 2.16 0.40 7.80
CA LEU A 99 1.13 0.31 8.83
C LEU A 99 1.72 0.62 10.21
N ASP A 100 2.91 0.13 10.51
CA ASP A 100 3.56 0.38 11.80
C ASP A 100 3.98 1.85 11.99
N GLN A 101 4.21 2.56 10.89
CA GLN A 101 4.59 3.97 10.94
C GLN A 101 3.31 4.79 11.15
N MET A 102 2.23 4.36 10.49
CA MET A 102 0.88 4.91 10.59
C MET A 102 0.19 4.58 11.92
N LYS A 103 0.88 4.06 12.93
CA LYS A 103 0.27 3.77 14.24
C LYS A 103 -0.40 4.99 14.86
N ASN A 104 -0.03 6.21 14.45
CA ASN A 104 -0.63 7.46 14.92
C ASN A 104 -1.37 8.16 13.77
N TYR A 105 -2.10 7.40 12.97
CA TYR A 105 -3.02 7.92 11.98
C TYR A 105 -4.46 7.56 12.36
N ARG A 106 -5.35 8.55 12.28
CA ARG A 106 -6.79 8.45 12.44
C ARG A 106 -7.38 9.16 11.23
N GLY A 107 -8.30 8.51 10.51
CA GLY A 107 -8.77 8.97 9.21
C GLY A 107 -9.48 7.82 8.51
N GLU A 108 -9.25 7.61 7.21
CA GLU A 108 -9.92 6.62 6.36
C GLU A 108 -8.87 5.90 5.50
N VAL A 109 -8.94 4.57 5.41
CA VAL A 109 -8.06 3.76 4.54
C VAL A 109 -8.86 3.13 3.39
N ALA A 110 -8.25 3.07 2.20
CA ALA A 110 -8.58 2.10 1.16
C ALA A 110 -7.29 1.43 0.67
N SER A 111 -7.40 0.32 -0.05
CA SER A 111 -6.25 -0.45 -0.53
C SER A 111 -6.47 -0.90 -1.98
N PHE A 112 -5.98 -0.11 -2.92
CA PHE A 112 -6.29 -0.28 -4.33
C PHE A 112 -5.29 -1.25 -4.97
N PHE A 113 -5.54 -2.56 -4.83
CA PHE A 113 -4.72 -3.57 -5.50
C PHE A 113 -4.96 -3.54 -7.03
N THR A 114 -4.12 -4.20 -7.81
CA THR A 114 -4.07 -4.03 -9.28
C THR A 114 -3.94 -5.38 -10.00
N SER A 115 -4.53 -6.42 -9.43
CA SER A 115 -4.22 -7.80 -9.77
C SER A 115 -5.40 -8.71 -9.44
N ALA A 116 -5.74 -9.60 -10.37
CA ALA A 116 -6.85 -10.56 -10.25
C ALA A 116 -6.54 -11.84 -11.05
N GLY A 117 -5.30 -12.31 -11.01
CA GLY A 117 -4.83 -13.52 -11.70
C GLY A 117 -5.66 -14.73 -11.28
N THR A 118 -5.49 -15.17 -10.04
CA THR A 118 -6.30 -16.24 -9.44
C THR A 118 -6.69 -15.93 -7.99
N ASN A 119 -6.15 -14.84 -7.42
CA ASN A 119 -6.12 -14.60 -5.99
C ASN A 119 -6.52 -13.15 -5.75
N HIS A 120 -7.83 -12.91 -5.75
CA HIS A 120 -8.47 -11.61 -5.58
C HIS A 120 -9.00 -11.56 -4.15
N LYS A 121 -10.08 -12.29 -3.87
CA LYS A 121 -10.83 -12.24 -2.60
C LYS A 121 -9.91 -12.47 -1.40
N ALA A 122 -8.94 -13.39 -1.50
CA ALA A 122 -8.01 -13.66 -0.40
C ALA A 122 -7.28 -12.38 0.04
N TYR A 123 -6.83 -11.53 -0.88
CA TYR A 123 -6.09 -10.30 -0.60
C TYR A 123 -6.82 -9.43 0.42
N VAL A 124 -8.13 -9.28 0.23
CA VAL A 124 -9.01 -8.47 1.06
C VAL A 124 -8.89 -8.92 2.53
N SER A 125 -9.06 -10.22 2.76
CA SER A 125 -9.04 -10.85 4.06
C SER A 125 -7.62 -10.88 4.64
N HIS A 126 -6.63 -11.12 3.80
CA HIS A 126 -5.22 -11.17 4.18
C HIS A 126 -4.77 -9.80 4.69
N PHE A 127 -5.13 -8.73 3.97
CA PHE A 127 -4.81 -7.37 4.36
C PHE A 127 -5.44 -7.04 5.70
N ASN A 128 -6.67 -7.51 5.96
CA ASN A 128 -7.34 -7.26 7.24
C ASN A 128 -6.52 -7.80 8.41
N GLU A 129 -5.75 -8.87 8.24
CA GLU A 129 -4.87 -9.39 9.29
C GLU A 129 -3.52 -8.68 9.34
N TRP A 130 -3.08 -8.13 8.22
CA TRP A 130 -1.78 -7.46 8.14
C TRP A 130 -1.88 -6.00 8.59
N ALA A 131 -3.09 -5.44 8.66
CA ALA A 131 -3.35 -4.01 8.78
C ALA A 131 -4.47 -3.74 9.81
N ASP A 132 -4.64 -4.67 10.75
CA ASP A 132 -5.67 -4.68 11.80
C ASP A 132 -5.40 -3.61 12.85
N GLY A 133 -5.47 -2.35 12.43
CA GLY A 133 -5.22 -1.20 13.26
C GLY A 133 -5.87 0.06 12.72
N LEU A 134 -5.87 0.20 11.38
CA LEU A 134 -6.25 1.42 10.72
C LEU A 134 -7.70 1.34 10.27
N ASN A 135 -8.28 2.50 9.97
CA ASN A 135 -9.71 2.67 9.72
C ASN A 135 -10.06 2.48 8.25
N VAL A 136 -9.93 1.26 7.78
CA VAL A 136 -10.37 0.86 6.45
C VAL A 136 -11.89 0.95 6.32
N ILE A 137 -12.33 1.53 5.20
CA ILE A 137 -13.72 1.74 4.82
C ILE A 137 -14.06 1.08 3.46
N GLY A 138 -13.10 0.45 2.79
CA GLY A 138 -13.26 -0.13 1.45
C GLY A 138 -11.99 -0.88 1.04
N VAL A 139 -12.16 -1.91 0.20
CA VAL A 139 -11.12 -2.69 -0.43
C VAL A 139 -11.75 -3.10 -1.76
N ALA A 140 -11.31 -2.44 -2.84
CA ALA A 140 -11.58 -2.82 -4.21
C ALA A 140 -10.28 -2.64 -4.98
N ARG A 141 -10.10 -3.43 -6.04
CA ARG A 141 -9.01 -3.24 -6.98
C ARG A 141 -9.27 -2.02 -7.84
N ASP A 142 -8.22 -1.51 -8.45
CA ASP A 142 -8.25 -0.37 -9.36
C ASP A 142 -8.93 0.82 -8.66
N ASP A 143 -9.51 1.70 -9.45
CA ASP A 143 -10.15 2.96 -9.10
C ASP A 143 -11.68 2.83 -9.18
N SER A 144 -12.21 1.64 -8.87
CA SER A 144 -13.65 1.31 -8.95
C SER A 144 -14.49 2.17 -8.01
N GLU A 145 -13.88 2.82 -7.01
CA GLU A 145 -14.57 3.36 -5.86
C GLU A 145 -13.98 4.69 -5.41
N VAL A 146 -13.09 5.34 -6.18
CA VAL A 146 -12.49 6.61 -5.73
C VAL A 146 -13.58 7.66 -5.46
N ASP A 147 -14.63 7.63 -6.28
CA ASP A 147 -15.82 8.47 -6.22
C ASP A 147 -16.50 8.43 -4.85
N LYS A 148 -16.46 7.28 -4.17
CA LYS A 148 -17.02 7.09 -2.83
C LYS A 148 -15.94 7.25 -1.77
N TRP A 149 -14.69 6.86 -2.02
CA TRP A 149 -13.61 7.01 -1.05
C TRP A 149 -13.28 8.48 -0.80
N SER A 150 -13.82 9.40 -1.59
CA SER A 150 -13.65 10.84 -1.47
C SER A 150 -14.96 11.56 -1.08
N LYS A 151 -16.06 10.84 -0.81
CA LYS A 151 -17.35 11.44 -0.44
C LYS A 151 -17.68 11.15 1.02
N GLY A 1 -9.98 23.14 12.78
CA GLY A 1 -9.23 22.57 11.65
C GLY A 1 -10.20 21.91 10.69
N MET A 2 -10.20 22.33 9.43
CA MET A 2 -11.08 21.83 8.39
C MET A 2 -10.30 21.77 7.09
N ALA A 3 -9.73 20.61 6.78
CA ALA A 3 -9.22 20.23 5.47
C ALA A 3 -8.99 18.72 5.50
N LYS A 4 -9.80 17.96 4.76
CA LYS A 4 -9.46 16.60 4.44
C LYS A 4 -8.48 16.62 3.28
N LYS A 5 -7.39 15.88 3.41
CA LYS A 5 -6.40 15.64 2.36
C LYS A 5 -6.40 14.15 2.11
N THR A 6 -5.70 13.75 1.07
CA THR A 6 -5.56 12.37 0.66
C THR A 6 -4.12 12.10 0.26
N LEU A 7 -3.60 10.93 0.59
CA LEU A 7 -2.28 10.46 0.17
C LEU A 7 -2.45 9.19 -0.65
N ILE A 8 -1.59 8.98 -1.64
CA ILE A 8 -1.51 7.76 -2.45
C ILE A 8 -0.05 7.32 -2.41
N LEU A 9 0.24 6.18 -1.77
CA LEU A 9 1.57 5.56 -1.74
C LEU A 9 1.53 4.23 -2.49
N TYR A 10 2.27 4.12 -3.59
CA TYR A 10 2.29 2.93 -4.43
C TYR A 10 3.72 2.43 -4.54
N TYR A 11 4.00 1.29 -3.90
CA TYR A 11 5.32 0.69 -3.96
C TYR A 11 5.41 -0.10 -5.28
N SER A 12 6.63 -0.37 -5.78
CA SER A 12 6.90 -1.09 -7.03
C SER A 12 6.21 -0.51 -8.26
N TRP A 13 6.90 0.40 -8.96
CA TRP A 13 6.35 1.16 -10.08
C TRP A 13 7.08 0.90 -11.40
N SER A 14 7.49 -0.34 -11.67
CA SER A 14 7.91 -0.82 -12.99
C SER A 14 6.74 -0.85 -13.98
N GLY A 15 6.17 0.32 -14.31
CA GLY A 15 5.20 0.55 -15.37
C GLY A 15 3.83 -0.08 -15.15
N GLU A 16 3.58 -0.67 -13.97
CA GLU A 16 2.29 -1.23 -13.57
C GLU A 16 1.50 -0.19 -12.76
N THR A 17 1.85 0.02 -11.49
CA THR A 17 1.14 0.90 -10.56
C THR A 17 1.15 2.37 -11.00
N LYS A 18 2.24 2.83 -11.65
CA LYS A 18 2.53 4.22 -11.98
C LYS A 18 1.32 4.96 -12.57
N LYS A 19 0.75 4.47 -13.68
CA LYS A 19 -0.43 5.06 -14.30
C LYS A 19 -1.56 5.28 -13.30
N MET A 20 -1.84 4.27 -12.48
CA MET A 20 -2.96 4.24 -11.58
C MET A 20 -2.80 5.34 -10.53
N ALA A 21 -1.56 5.61 -10.11
CA ALA A 21 -1.29 6.65 -9.11
C ALA A 21 -1.63 8.01 -9.70
N GLU A 22 -1.07 8.29 -10.88
CA GLU A 22 -1.15 9.58 -11.54
C GLU A 22 -2.57 9.87 -12.03
N LYS A 23 -3.30 8.84 -12.45
CA LYS A 23 -4.72 8.96 -12.72
C LYS A 23 -5.41 9.46 -11.46
N ILE A 24 -5.42 8.65 -10.39
CA ILE A 24 -6.23 8.90 -9.21
C ILE A 24 -5.89 10.27 -8.60
N ASN A 25 -4.62 10.68 -8.62
CA ASN A 25 -4.21 12.00 -8.15
C ASN A 25 -5.08 13.11 -8.78
N SER A 26 -5.43 12.98 -10.06
CA SER A 26 -6.20 13.94 -10.83
C SER A 26 -7.71 13.88 -10.56
N GLU A 27 -8.24 12.75 -10.09
CA GLU A 27 -9.69 12.53 -9.98
C GLU A 27 -10.23 12.88 -8.58
N ILE A 28 -9.35 13.35 -7.68
CA ILE A 28 -9.65 13.76 -6.32
C ILE A 28 -9.32 15.26 -6.20
N LYS A 29 -9.88 15.93 -5.19
CA LYS A 29 -9.52 17.29 -4.82
C LYS A 29 -8.68 17.22 -3.56
N ASP A 30 -7.57 17.96 -3.51
CA ASP A 30 -6.63 17.98 -2.38
C ASP A 30 -5.99 16.59 -2.12
N SER A 31 -5.63 15.90 -3.20
CA SER A 31 -4.85 14.66 -3.25
C SER A 31 -3.35 14.96 -3.32
N GLU A 32 -2.51 14.09 -2.74
CA GLU A 32 -1.06 14.14 -2.86
C GLU A 32 -0.52 12.77 -3.22
N LEU A 33 0.62 12.81 -3.92
CA LEU A 33 1.35 11.68 -4.46
C LEU A 33 2.75 11.73 -3.88
N LYS A 34 3.31 10.56 -3.60
CA LYS A 34 4.55 10.39 -2.86
C LYS A 34 5.08 8.99 -3.19
N GLU A 35 6.27 8.61 -2.70
CA GLU A 35 6.83 7.29 -2.97
C GLU A 35 7.13 6.51 -1.69
N VAL A 36 7.25 5.21 -1.89
CA VAL A 36 7.70 4.14 -1.01
C VAL A 36 8.83 3.35 -1.70
N LYS A 37 9.85 2.94 -0.94
CA LYS A 37 10.74 1.83 -1.31
C LYS A 37 10.84 0.84 -0.14
N VAL A 38 11.49 -0.32 -0.34
CA VAL A 38 11.87 -1.27 0.71
C VAL A 38 13.33 -0.99 1.09
N SER A 39 14.00 -1.86 1.85
CA SER A 39 15.44 -2.04 1.76
C SER A 39 15.71 -3.10 0.67
N GLU A 40 16.91 -3.04 0.11
CA GLU A 40 17.47 -3.87 -0.95
C GLU A 40 18.79 -4.45 -0.42
N GLY A 41 19.51 -5.27 -1.18
CA GLY A 41 20.82 -5.74 -0.75
C GLY A 41 21.16 -7.11 -1.32
N THR A 42 21.73 -7.13 -2.52
CA THR A 42 22.12 -8.33 -3.23
C THR A 42 23.48 -8.14 -3.91
N PHE A 43 23.82 -9.02 -4.85
CA PHE A 43 25.02 -8.98 -5.66
C PHE A 43 24.56 -9.12 -7.12
N ASP A 44 25.48 -9.42 -8.03
CA ASP A 44 25.18 -9.67 -9.44
C ASP A 44 24.46 -8.48 -10.10
N ALA A 45 24.97 -7.28 -9.80
CA ALA A 45 24.44 -5.95 -10.06
C ALA A 45 23.28 -5.63 -9.10
N ASP A 46 22.14 -6.30 -9.22
CA ASP A 46 21.12 -6.40 -8.17
C ASP A 46 20.05 -7.40 -8.61
N MET A 47 19.02 -7.62 -7.79
CA MET A 47 17.80 -8.33 -8.12
C MET A 47 16.71 -7.90 -7.13
N TYR A 48 15.47 -8.33 -7.34
CA TYR A 48 14.41 -8.19 -6.34
C TYR A 48 14.79 -9.02 -5.11
N LYS A 49 14.26 -8.69 -3.92
CA LYS A 49 14.52 -9.43 -2.67
C LYS A 49 13.27 -9.45 -1.77
N THR A 50 12.10 -9.14 -2.33
CA THR A 50 10.82 -9.18 -1.64
C THR A 50 9.83 -9.97 -2.53
N SER A 51 9.33 -9.41 -3.63
CA SER A 51 8.24 -10.02 -4.41
C SER A 51 8.71 -10.52 -5.77
N ASP A 52 8.95 -11.83 -5.88
CA ASP A 52 9.11 -12.53 -7.16
C ASP A 52 8.51 -13.93 -7.04
N ILE A 53 9.16 -14.81 -6.25
CA ILE A 53 8.95 -16.25 -6.28
C ILE A 53 7.58 -16.72 -5.76
N ALA A 54 6.85 -15.87 -5.02
CA ALA A 54 5.64 -16.18 -4.26
C ALA A 54 5.93 -17.10 -3.08
N LEU A 55 5.31 -16.76 -1.95
CA LEU A 55 5.33 -17.41 -0.66
C LEU A 55 6.64 -17.21 0.10
N ASP A 56 7.50 -16.28 -0.33
CA ASP A 56 8.53 -15.69 0.54
C ASP A 56 7.85 -14.75 1.54
N GLN A 57 8.50 -14.45 2.67
CA GLN A 57 8.08 -13.54 3.74
C GLN A 57 6.75 -13.94 4.42
N ILE A 58 6.09 -15.02 4.01
CA ILE A 58 4.82 -15.47 4.57
C ILE A 58 5.14 -16.46 5.70
N GLN A 59 5.33 -17.74 5.43
CA GLN A 59 5.46 -18.80 6.40
C GLN A 59 6.82 -19.44 6.21
N GLY A 60 7.47 -19.85 7.30
CA GLY A 60 8.79 -20.47 7.29
C GLY A 60 9.92 -19.51 6.99
N ASN A 61 9.66 -18.33 6.41
CA ASN A 61 10.52 -17.18 6.62
C ASN A 61 10.05 -16.46 7.87
N LYS A 62 10.84 -15.53 8.36
CA LYS A 62 10.52 -14.60 9.42
C LYS A 62 11.28 -13.31 9.12
N ASP A 63 10.93 -12.25 9.85
CA ASP A 63 11.53 -10.91 9.75
C ASP A 63 11.06 -10.23 8.46
N PHE A 64 10.08 -9.33 8.60
CA PHE A 64 9.54 -8.56 7.47
C PHE A 64 10.60 -7.60 6.89
N PRO A 65 10.41 -7.13 5.64
CA PRO A 65 11.26 -6.10 5.04
C PRO A 65 11.17 -4.77 5.81
N GLU A 66 12.01 -3.82 5.46
CA GLU A 66 11.97 -2.42 5.90
C GLU A 66 11.26 -1.59 4.82
N ILE A 67 11.00 -0.32 5.12
CA ILE A 67 10.68 0.71 4.14
C ILE A 67 11.82 1.72 4.08
N GLN A 68 11.73 2.62 3.10
CA GLN A 68 12.46 3.88 3.02
C GLN A 68 11.47 4.88 2.40
N LEU A 69 11.50 6.15 2.84
CA LEU A 69 10.69 7.25 2.31
C LEU A 69 11.20 8.60 2.81
N ASP A 70 10.56 9.69 2.34
CA ASP A 70 10.81 11.11 2.63
C ASP A 70 10.34 11.53 4.03
N ASN A 71 10.47 12.81 4.37
CA ASN A 71 9.80 13.46 5.49
C ASN A 71 8.32 13.63 5.14
N ILE A 72 7.53 12.61 5.45
CA ILE A 72 6.07 12.60 5.36
C ILE A 72 5.56 12.42 6.79
N ASP A 73 4.40 12.98 7.13
CA ASP A 73 3.81 12.87 8.46
C ASP A 73 2.32 12.58 8.31
N TYR A 74 1.94 11.32 8.58
CA TYR A 74 0.61 10.78 8.29
C TYR A 74 -0.54 11.53 8.96
N ASN A 75 -0.31 12.26 10.05
CA ASN A 75 -1.30 13.12 10.70
C ASN A 75 -1.95 14.07 9.71
N ASN A 76 -1.20 14.53 8.73
CA ASN A 76 -1.61 15.57 7.81
C ASN A 76 -2.51 15.05 6.69
N TYR A 77 -2.85 13.76 6.65
CA TYR A 77 -3.65 13.19 5.58
C TYR A 77 -4.86 12.47 6.18
N ASP A 78 -6.04 13.03 5.92
CA ASP A 78 -7.32 12.53 6.44
C ASP A 78 -7.73 11.22 5.75
N LEU A 79 -7.06 10.87 4.66
CA LEU A 79 -7.34 9.69 3.85
C LEU A 79 -5.99 9.18 3.36
N ILE A 80 -5.67 7.90 3.56
CA ILE A 80 -4.36 7.35 3.24
C ILE A 80 -4.59 6.05 2.47
N LEU A 81 -4.19 6.06 1.19
CA LEU A 81 -4.53 5.01 0.23
C LEU A 81 -3.24 4.39 -0.31
N ILE A 82 -3.31 3.11 -0.64
CA ILE A 82 -2.12 2.25 -0.76
C ILE A 82 -2.36 1.25 -1.87
N GLY A 83 -1.34 0.79 -2.59
CA GLY A 83 -1.48 -0.36 -3.47
C GLY A 83 -0.25 -1.26 -3.49
N SER A 84 -0.42 -2.49 -3.98
CA SER A 84 0.57 -3.57 -3.96
C SER A 84 0.15 -4.63 -5.00
N PRO A 85 1.04 -5.53 -5.48
CA PRO A 85 0.67 -6.57 -6.45
C PRO A 85 -0.05 -7.74 -5.75
N VAL A 86 -0.77 -8.58 -6.50
CA VAL A 86 -1.49 -9.74 -5.95
C VAL A 86 -1.48 -10.88 -6.97
N TRP A 87 -0.76 -11.95 -6.66
CA TRP A 87 -0.78 -13.11 -7.55
C TRP A 87 -0.69 -14.46 -6.82
N SER A 88 -0.50 -14.47 -5.50
CA SER A 88 -0.60 -15.68 -4.68
C SER A 88 -0.94 -15.27 -3.23
N GLY A 89 -2.12 -14.71 -3.01
CA GLY A 89 -2.65 -14.12 -1.77
C GLY A 89 -1.91 -12.88 -1.24
N TYR A 90 -0.59 -12.95 -1.18
CA TYR A 90 0.39 -12.11 -0.48
C TYR A 90 1.82 -12.47 -0.95
N PRO A 91 2.23 -12.23 -2.21
CA PRO A 91 3.60 -12.46 -2.68
C PRO A 91 4.56 -11.36 -2.20
N ALA A 92 4.03 -10.17 -1.92
CA ALA A 92 4.78 -9.05 -1.44
C ALA A 92 4.37 -8.84 0.01
N THR A 93 5.26 -8.25 0.81
CA THR A 93 4.89 -7.78 2.13
C THR A 93 5.43 -6.35 2.37
N PRO A 94 5.13 -5.39 1.47
CA PRO A 94 5.58 -4.01 1.61
C PRO A 94 4.62 -3.15 2.41
N ILE A 95 3.41 -3.62 2.68
CA ILE A 95 2.39 -2.87 3.39
C ILE A 95 2.16 -3.58 4.74
N LYS A 96 3.24 -3.80 5.47
CA LYS A 96 3.26 -4.18 6.88
C LYS A 96 3.93 -3.09 7.71
N THR A 97 5.17 -2.72 7.37
CA THR A 97 5.93 -1.78 8.20
C THR A 97 5.23 -0.42 8.23
N LEU A 98 4.79 0.09 7.07
CA LEU A 98 4.18 1.41 6.93
C LEU A 98 3.04 1.61 7.92
N LEU A 99 2.16 0.61 8.02
CA LEU A 99 0.96 0.64 8.86
C LEU A 99 1.31 0.88 10.32
N ASP A 100 2.42 0.30 10.79
CA ASP A 100 2.89 0.51 12.15
C ASP A 100 3.47 1.91 12.36
N GLN A 101 3.86 2.58 11.28
CA GLN A 101 4.38 3.94 11.34
C GLN A 101 3.22 4.92 11.35
N MET A 102 2.11 4.58 10.68
CA MET A 102 0.85 5.30 10.72
C MET A 102 0.15 5.21 12.07
N LYS A 103 0.78 4.71 13.14
CA LYS A 103 0.14 4.53 14.45
C LYS A 103 -0.38 5.82 15.11
N ASN A 104 -0.29 6.99 14.46
CA ASN A 104 -0.79 8.27 14.93
C ASN A 104 -1.83 8.86 13.99
N TYR A 105 -2.30 8.07 13.00
CA TYR A 105 -3.19 8.48 11.93
C TYR A 105 -4.45 9.15 12.48
N ARG A 106 -4.99 10.09 11.71
CA ARG A 106 -6.13 10.93 12.02
C ARG A 106 -6.95 10.99 10.74
N GLY A 107 -7.54 9.86 10.33
CA GLY A 107 -8.12 9.72 9.00
C GLY A 107 -8.51 8.27 8.73
N GLU A 108 -8.71 7.91 7.46
CA GLU A 108 -9.18 6.59 7.03
C GLU A 108 -8.18 5.92 6.08
N VAL A 109 -8.36 4.61 5.86
CA VAL A 109 -7.46 3.78 5.04
C VAL A 109 -8.25 2.88 4.08
N ALA A 110 -7.70 2.63 2.88
CA ALA A 110 -8.12 1.57 1.96
C ALA A 110 -6.92 1.13 1.10
N SER A 111 -7.02 -0.03 0.41
CA SER A 111 -5.87 -0.67 -0.24
C SER A 111 -6.25 -1.24 -1.62
N PHE A 112 -5.83 -0.52 -2.67
CA PHE A 112 -6.28 -0.67 -4.05
C PHE A 112 -5.17 -1.31 -4.89
N PHE A 113 -5.44 -2.53 -5.36
CA PHE A 113 -4.54 -3.39 -6.12
C PHE A 113 -5.04 -3.52 -7.57
N THR A 114 -4.16 -3.83 -8.50
CA THR A 114 -4.45 -3.88 -9.94
C THR A 114 -4.27 -5.29 -10.53
N SER A 115 -3.94 -6.29 -9.71
CA SER A 115 -3.75 -7.67 -10.12
C SER A 115 -4.82 -8.53 -9.44
N ALA A 116 -5.55 -9.37 -10.18
CA ALA A 116 -6.58 -10.22 -9.59
C ALA A 116 -6.95 -11.46 -10.42
N GLY A 117 -6.21 -11.78 -11.50
CA GLY A 117 -6.59 -12.79 -12.49
C GLY A 117 -6.70 -14.21 -11.95
N THR A 118 -6.24 -14.48 -10.72
CA THR A 118 -6.44 -15.74 -10.03
C THR A 118 -6.69 -15.56 -8.53
N ASN A 119 -6.57 -14.35 -7.99
CA ASN A 119 -6.44 -14.11 -6.56
C ASN A 119 -7.10 -12.78 -6.19
N HIS A 120 -8.40 -12.80 -5.88
CA HIS A 120 -9.17 -11.63 -5.47
C HIS A 120 -9.63 -11.78 -4.02
N LYS A 121 -10.57 -12.69 -3.72
CA LYS A 121 -11.16 -12.82 -2.38
C LYS A 121 -10.11 -13.02 -1.30
N ALA A 122 -9.01 -13.71 -1.61
CA ALA A 122 -7.93 -13.96 -0.66
C ALA A 122 -7.31 -12.65 -0.15
N TYR A 123 -7.06 -11.68 -1.04
CA TYR A 123 -6.42 -10.40 -0.71
C TYR A 123 -7.20 -9.66 0.36
N VAL A 124 -8.52 -9.78 0.34
CA VAL A 124 -9.40 -9.12 1.30
C VAL A 124 -9.10 -9.67 2.71
N SER A 125 -8.91 -10.98 2.89
CA SER A 125 -8.62 -11.54 4.19
C SER A 125 -7.21 -11.12 4.63
N HIS A 126 -6.22 -11.27 3.74
CA HIS A 126 -4.87 -10.83 3.88
C HIS A 126 -4.82 -9.41 4.44
N PHE A 127 -5.38 -8.42 3.74
CA PHE A 127 -5.19 -7.06 4.18
C PHE A 127 -5.98 -6.75 5.47
N ASN A 128 -7.09 -7.44 5.75
CA ASN A 128 -7.81 -7.30 7.03
C ASN A 128 -6.89 -7.76 8.14
N GLU A 129 -6.34 -8.96 7.99
CA GLU A 129 -5.45 -9.59 8.96
C GLU A 129 -4.14 -8.86 9.15
N TRP A 130 -3.76 -7.97 8.23
CA TRP A 130 -2.48 -7.28 8.23
C TRP A 130 -2.68 -5.79 8.52
N ALA A 131 -3.91 -5.33 8.75
CA ALA A 131 -4.27 -3.93 8.96
C ALA A 131 -5.38 -3.78 10.01
N ASP A 132 -5.51 -4.75 10.92
CA ASP A 132 -6.54 -4.83 11.95
C ASP A 132 -6.28 -3.83 13.08
N GLY A 133 -6.31 -2.54 12.77
CA GLY A 133 -6.37 -1.51 13.78
C GLY A 133 -6.45 -0.08 13.26
N LEU A 134 -6.14 0.14 11.98
CA LEU A 134 -6.40 1.41 11.33
C LEU A 134 -7.88 1.45 10.97
N ASN A 135 -8.39 2.61 10.56
CA ASN A 135 -9.77 2.76 10.12
C ASN A 135 -9.91 2.32 8.66
N VAL A 136 -9.77 1.02 8.40
CA VAL A 136 -9.86 0.49 7.04
C VAL A 136 -11.32 0.31 6.67
N ILE A 137 -11.75 0.81 5.52
CA ILE A 137 -13.12 0.71 5.02
C ILE A 137 -13.21 0.34 3.53
N GLY A 138 -12.09 0.05 2.85
CA GLY A 138 -12.06 -0.11 1.40
C GLY A 138 -11.06 -1.15 0.93
N VAL A 139 -11.53 -2.10 0.12
CA VAL A 139 -10.71 -3.08 -0.58
C VAL A 139 -11.42 -3.41 -1.89
N ALA A 140 -10.94 -2.88 -3.03
CA ALA A 140 -11.52 -3.17 -4.34
C ALA A 140 -10.45 -3.04 -5.44
N ARG A 141 -10.65 -3.71 -6.58
CA ARG A 141 -9.79 -3.54 -7.74
C ARG A 141 -10.20 -2.29 -8.53
N ASP A 142 -9.20 -1.61 -9.05
CA ASP A 142 -9.24 -0.32 -9.72
C ASP A 142 -9.95 0.71 -8.84
N ASP A 143 -10.03 1.94 -9.33
CA ASP A 143 -10.58 3.14 -8.72
C ASP A 143 -12.11 3.14 -8.69
N SER A 144 -12.74 2.00 -9.00
CA SER A 144 -14.17 1.80 -9.12
C SER A 144 -14.94 2.16 -7.84
N GLU A 145 -14.25 2.40 -6.72
CA GLU A 145 -14.86 2.77 -5.45
C GLU A 145 -14.11 3.94 -4.78
N VAL A 146 -13.24 4.69 -5.47
CA VAL A 146 -12.58 5.85 -4.85
C VAL A 146 -13.62 6.91 -4.41
N ASP A 147 -14.78 6.96 -5.06
CA ASP A 147 -15.90 7.83 -4.71
C ASP A 147 -16.44 7.55 -3.28
N LYS A 148 -16.11 6.41 -2.66
CA LYS A 148 -16.46 6.09 -1.26
C LYS A 148 -15.25 6.12 -0.31
N TRP A 149 -14.06 6.43 -0.81
CA TRP A 149 -12.88 6.72 -0.01
C TRP A 149 -12.49 8.20 -0.19
N SER A 150 -13.49 9.07 -0.30
CA SER A 150 -13.30 10.50 -0.55
C SER A 150 -14.45 11.33 0.03
N LYS A 151 -15.69 10.82 0.00
CA LYS A 151 -16.87 11.55 0.47
C LYS A 151 -16.89 11.74 1.96
N GLY A 1 -14.39 25.00 7.78
CA GLY A 1 -13.59 24.45 8.88
C GLY A 1 -13.28 22.97 8.77
N MET A 2 -13.15 22.40 7.56
CA MET A 2 -12.85 20.99 7.32
C MET A 2 -11.92 20.91 6.11
N ALA A 3 -10.94 20.01 6.11
CA ALA A 3 -9.97 19.85 5.03
C ALA A 3 -9.63 18.38 4.86
N LYS A 4 -10.28 17.75 3.89
CA LYS A 4 -10.11 16.33 3.65
C LYS A 4 -9.14 16.04 2.51
N LYS A 5 -7.85 16.17 2.79
CA LYS A 5 -6.81 15.76 1.84
C LYS A 5 -6.90 14.27 1.60
N THR A 6 -6.12 13.85 0.62
CA THR A 6 -5.84 12.45 0.36
C THR A 6 -4.33 12.29 0.10
N LEU A 7 -3.77 11.14 0.50
CA LEU A 7 -2.39 10.76 0.23
C LEU A 7 -2.44 9.38 -0.45
N ILE A 8 -1.65 9.19 -1.50
CA ILE A 8 -1.56 7.96 -2.28
C ILE A 8 -0.10 7.50 -2.13
N LEU A 9 0.15 6.58 -1.20
CA LEU A 9 1.47 6.02 -0.93
C LEU A 9 1.59 4.67 -1.61
N TYR A 10 2.26 4.58 -2.75
CA TYR A 10 2.48 3.30 -3.39
C TYR A 10 3.93 2.88 -3.21
N TYR A 11 4.16 1.57 -3.15
CA TYR A 11 5.50 0.98 -3.14
C TYR A 11 5.87 0.62 -4.58
N SER A 12 7.18 0.47 -4.81
CA SER A 12 7.83 0.26 -6.10
C SER A 12 7.88 1.58 -6.88
N TRP A 13 8.55 1.55 -8.04
CA TRP A 13 8.93 2.75 -8.79
C TRP A 13 8.83 2.47 -10.30
N SER A 14 7.83 1.70 -10.72
CA SER A 14 7.65 1.21 -12.08
C SER A 14 6.28 1.67 -12.61
N GLY A 15 5.94 1.29 -13.85
CA GLY A 15 4.70 1.73 -14.49
C GLY A 15 3.43 1.15 -13.86
N GLU A 16 3.59 0.07 -13.10
CA GLU A 16 2.56 -0.76 -12.52
C GLU A 16 1.64 0.08 -11.64
N THR A 17 2.09 0.41 -10.43
CA THR A 17 1.34 1.20 -9.47
C THR A 17 1.25 2.67 -9.89
N LYS A 18 2.21 3.16 -10.70
CA LYS A 18 2.27 4.53 -11.19
C LYS A 18 0.99 4.96 -11.90
N LYS A 19 0.55 4.25 -12.95
CA LYS A 19 -0.60 4.72 -13.73
C LYS A 19 -1.83 4.91 -12.84
N MET A 20 -2.07 3.93 -11.97
CA MET A 20 -3.09 3.96 -10.96
C MET A 20 -2.94 5.18 -10.04
N ALA A 21 -1.73 5.46 -9.53
CA ALA A 21 -1.48 6.53 -8.58
C ALA A 21 -1.71 7.91 -9.20
N GLU A 22 -1.12 8.18 -10.37
CA GLU A 22 -1.19 9.50 -11.01
C GLU A 22 -2.64 9.84 -11.35
N LYS A 23 -3.46 8.84 -11.70
CA LYS A 23 -4.87 9.04 -11.99
C LYS A 23 -5.60 9.57 -10.78
N ILE A 24 -5.67 8.77 -9.71
CA ILE A 24 -6.51 9.06 -8.56
C ILE A 24 -6.12 10.43 -8.00
N ASN A 25 -4.82 10.76 -8.02
CA ASN A 25 -4.32 12.07 -7.59
C ASN A 25 -4.99 13.24 -8.32
N SER A 26 -5.26 13.08 -9.61
CA SER A 26 -5.89 14.08 -10.45
C SER A 26 -7.42 14.11 -10.30
N GLU A 27 -8.03 13.10 -9.65
CA GLU A 27 -9.49 12.95 -9.52
C GLU A 27 -9.97 13.42 -8.13
N ILE A 28 -9.07 13.96 -7.31
CA ILE A 28 -9.35 14.40 -5.94
C ILE A 28 -8.78 15.82 -5.81
N LYS A 29 -9.29 16.59 -4.85
CA LYS A 29 -8.76 17.91 -4.51
C LYS A 29 -7.71 17.74 -3.42
N ASP A 30 -6.65 18.54 -3.47
CA ASP A 30 -5.56 18.53 -2.48
C ASP A 30 -5.09 17.11 -2.14
N SER A 31 -5.04 16.24 -3.16
CA SER A 31 -4.42 14.94 -3.05
C SER A 31 -2.93 15.08 -3.35
N GLU A 32 -2.16 14.09 -2.92
CA GLU A 32 -0.77 13.90 -3.28
C GLU A 32 -0.55 12.44 -3.65
N LEU A 33 0.61 12.18 -4.28
CA LEU A 33 1.15 10.91 -4.66
C LEU A 33 2.61 10.87 -4.20
N LYS A 34 2.97 9.88 -3.39
CA LYS A 34 4.25 9.69 -2.72
C LYS A 34 4.69 8.24 -2.94
N GLU A 35 6.00 7.98 -2.83
CA GLU A 35 6.62 6.78 -3.38
C GLU A 35 7.49 6.13 -2.31
N VAL A 36 6.97 5.04 -1.75
CA VAL A 36 7.63 4.20 -0.76
C VAL A 36 8.63 3.31 -1.55
N LYS A 37 9.72 2.89 -0.92
CA LYS A 37 10.68 1.88 -1.39
C LYS A 37 11.14 1.07 -0.17
N VAL A 38 12.06 0.12 -0.32
CA VAL A 38 12.64 -0.61 0.80
C VAL A 38 13.90 0.08 1.31
N SER A 39 14.30 -0.23 2.54
CA SER A 39 15.63 -0.02 3.10
C SER A 39 16.60 -1.06 2.53
N GLU A 40 17.79 -1.11 3.11
CA GLU A 40 18.79 -2.12 2.79
C GLU A 40 18.33 -3.49 3.31
N GLY A 41 19.01 -4.54 2.85
CA GLY A 41 18.61 -5.93 2.98
C GLY A 41 18.80 -6.50 4.39
N THR A 42 18.65 -7.82 4.50
CA THR A 42 18.93 -8.58 5.70
C THR A 42 19.88 -9.71 5.30
N PHE A 43 19.34 -10.77 4.69
CA PHE A 43 20.04 -11.98 4.30
C PHE A 43 19.68 -12.36 2.86
N ASP A 44 20.56 -13.12 2.21
CA ASP A 44 20.42 -13.75 0.88
C ASP A 44 19.98 -12.82 -0.26
N ALA A 45 20.07 -11.50 -0.04
CA ALA A 45 19.78 -10.47 -1.02
C ALA A 45 20.90 -9.44 -1.02
N ASP A 46 21.00 -8.71 -2.12
CA ASP A 46 21.78 -7.49 -2.24
C ASP A 46 21.09 -6.36 -1.45
N MET A 47 21.74 -5.21 -1.35
CA MET A 47 21.31 -4.08 -0.52
C MET A 47 19.89 -3.65 -0.87
N TYR A 48 19.59 -3.30 -2.12
CA TYR A 48 18.24 -2.91 -2.54
C TYR A 48 17.82 -3.84 -3.68
N LYS A 49 17.23 -4.99 -3.34
CA LYS A 49 16.74 -5.96 -4.32
C LYS A 49 15.71 -6.95 -3.77
N THR A 50 15.29 -6.81 -2.50
CA THR A 50 14.39 -7.68 -1.76
C THR A 50 12.97 -7.71 -2.36
N SER A 51 12.79 -8.39 -3.48
CA SER A 51 11.56 -8.62 -4.22
C SER A 51 11.84 -9.70 -5.27
N ASP A 52 10.94 -9.84 -6.24
CA ASP A 52 10.90 -10.88 -7.28
C ASP A 52 10.73 -12.25 -6.63
N ILE A 53 9.68 -12.35 -5.82
CA ILE A 53 9.26 -13.50 -5.02
C ILE A 53 7.78 -13.77 -5.29
N ALA A 54 7.20 -14.81 -4.68
CA ALA A 54 5.75 -15.01 -4.59
C ALA A 54 5.34 -15.99 -3.49
N LEU A 55 6.22 -16.90 -3.08
CA LEU A 55 6.06 -17.89 -2.02
C LEU A 55 6.91 -17.48 -0.82
N ASP A 56 7.99 -16.73 -1.08
CA ASP A 56 8.88 -16.18 -0.08
C ASP A 56 8.19 -15.10 0.74
N GLN A 57 8.81 -14.71 1.86
CA GLN A 57 8.24 -13.82 2.89
C GLN A 57 6.92 -14.33 3.50
N ILE A 58 6.36 -15.47 3.02
CA ILE A 58 5.16 -16.11 3.51
C ILE A 58 5.58 -17.45 4.12
N GLN A 59 5.99 -18.40 3.28
CA GLN A 59 6.26 -19.77 3.67
C GLN A 59 7.65 -19.78 4.29
N GLY A 60 7.75 -20.35 5.48
CA GLY A 60 8.97 -20.39 6.27
C GLY A 60 9.26 -19.04 6.92
N ASN A 61 9.23 -17.96 6.12
CA ASN A 61 9.62 -16.63 6.56
C ASN A 61 8.55 -16.07 7.48
N LYS A 62 8.96 -15.27 8.46
CA LYS A 62 8.07 -14.56 9.37
C LYS A 62 8.17 -13.08 9.00
N ASP A 63 9.30 -12.48 9.36
CA ASP A 63 9.52 -11.03 9.28
C ASP A 63 9.88 -10.61 7.85
N PHE A 64 10.05 -9.30 7.67
CA PHE A 64 10.28 -8.57 6.43
C PHE A 64 11.09 -7.30 6.79
N PRO A 65 11.81 -6.69 5.83
CA PRO A 65 12.71 -5.57 6.12
C PRO A 65 11.97 -4.24 6.37
N GLU A 66 12.73 -3.28 6.89
CA GLU A 66 12.33 -1.89 7.03
C GLU A 66 12.28 -1.20 5.64
N ILE A 67 11.65 -0.03 5.57
CA ILE A 67 11.33 0.63 4.30
C ILE A 67 11.93 2.03 4.20
N GLN A 68 11.78 2.69 3.05
CA GLN A 68 12.19 4.06 2.82
C GLN A 68 11.06 4.81 2.16
N LEU A 69 11.11 6.12 2.30
CA LEU A 69 10.14 7.12 1.88
C LEU A 69 10.78 8.49 2.18
N ASP A 70 10.08 9.54 1.79
CA ASP A 70 10.27 10.91 2.25
C ASP A 70 9.71 11.13 3.66
N ASN A 71 9.82 12.35 4.18
CA ASN A 71 9.35 12.72 5.52
C ASN A 71 7.97 13.35 5.44
N ILE A 72 6.99 12.50 5.28
CA ILE A 72 5.57 12.85 5.30
C ILE A 72 5.05 12.78 6.74
N ASP A 73 3.91 13.40 6.99
CA ASP A 73 3.21 13.31 8.26
C ASP A 73 1.74 13.09 7.97
N TYR A 74 1.26 11.89 8.26
CA TYR A 74 -0.11 11.46 7.95
C TYR A 74 -1.15 12.26 8.71
N ASN A 75 -0.75 12.91 9.80
CA ASN A 75 -1.56 13.86 10.55
C ASN A 75 -2.13 14.95 9.64
N ASN A 76 -1.37 15.35 8.63
CA ASN A 76 -1.68 16.50 7.78
C ASN A 76 -2.70 16.15 6.67
N TYR A 77 -3.25 14.92 6.65
CA TYR A 77 -4.15 14.38 5.62
C TYR A 77 -5.33 13.66 6.28
N ASP A 78 -6.41 13.37 5.54
CA ASP A 78 -7.67 12.80 6.05
C ASP A 78 -8.05 11.49 5.35
N LEU A 79 -7.32 11.09 4.30
CA LEU A 79 -7.61 9.89 3.53
C LEU A 79 -6.29 9.32 3.01
N ILE A 80 -6.07 8.01 3.06
CA ILE A 80 -4.83 7.36 2.62
C ILE A 80 -5.14 6.12 1.76
N LEU A 81 -4.69 6.14 0.51
CA LEU A 81 -4.73 5.02 -0.43
C LEU A 81 -3.38 4.30 -0.47
N ILE A 82 -3.41 2.97 -0.69
CA ILE A 82 -2.26 2.08 -0.61
C ILE A 82 -2.26 1.13 -1.83
N GLY A 83 -1.19 1.10 -2.64
CA GLY A 83 -1.12 0.23 -3.83
C GLY A 83 0.01 -0.81 -3.73
N SER A 84 -0.25 -2.05 -4.19
CA SER A 84 0.67 -3.20 -4.15
C SER A 84 0.22 -4.30 -5.13
N PRO A 85 1.09 -5.28 -5.49
CA PRO A 85 0.74 -6.42 -6.35
C PRO A 85 -0.01 -7.53 -5.57
N VAL A 86 -0.69 -8.44 -6.28
CA VAL A 86 -1.20 -9.73 -5.79
C VAL A 86 -1.18 -10.71 -6.94
N TRP A 87 -1.00 -12.00 -6.67
CA TRP A 87 -1.22 -13.04 -7.68
C TRP A 87 -1.44 -14.41 -7.08
N SER A 88 -0.74 -14.67 -6.00
CA SER A 88 -0.79 -15.92 -5.28
C SER A 88 -1.01 -15.66 -3.78
N GLY A 89 -2.21 -15.16 -3.48
CA GLY A 89 -2.73 -14.87 -2.16
C GLY A 89 -2.20 -13.54 -1.63
N TYR A 90 -0.91 -13.52 -1.35
CA TYR A 90 -0.19 -12.48 -0.63
C TYR A 90 1.31 -12.51 -1.02
N PRO A 91 1.66 -12.41 -2.31
CA PRO A 91 3.03 -12.59 -2.82
C PRO A 91 4.03 -11.48 -2.43
N ALA A 92 3.66 -10.52 -1.58
CA ALA A 92 4.54 -9.46 -1.12
C ALA A 92 4.23 -9.16 0.35
N THR A 93 5.14 -8.49 1.08
CA THR A 93 4.83 -7.87 2.37
C THR A 93 5.39 -6.44 2.45
N PRO A 94 5.09 -5.55 1.48
CA PRO A 94 5.34 -4.14 1.66
C PRO A 94 4.40 -3.63 2.76
N ILE A 95 3.09 -3.90 2.63
CA ILE A 95 2.03 -3.31 3.46
C ILE A 95 1.96 -4.07 4.80
N LYS A 96 3.03 -3.95 5.57
CA LYS A 96 3.20 -4.38 6.94
C LYS A 96 4.05 -3.34 7.67
N THR A 97 5.09 -2.84 7.00
CA THR A 97 5.96 -1.84 7.58
C THR A 97 5.29 -0.46 7.61
N LEU A 98 4.74 0.02 6.48
CA LEU A 98 4.10 1.34 6.39
C LEU A 98 2.97 1.46 7.41
N LEU A 99 2.15 0.41 7.53
CA LEU A 99 1.07 0.29 8.51
C LEU A 99 1.50 0.70 9.93
N ASP A 100 2.73 0.37 10.32
CA ASP A 100 3.27 0.72 11.64
C ASP A 100 3.63 2.22 11.73
N GLN A 101 4.10 2.82 10.63
CA GLN A 101 4.36 4.26 10.57
C GLN A 101 3.07 5.07 10.66
N MET A 102 1.90 4.46 10.46
CA MET A 102 0.61 5.14 10.56
C MET A 102 0.11 5.24 12.01
N LYS A 103 0.92 4.99 13.04
CA LYS A 103 0.50 5.02 14.44
C LYS A 103 0.05 6.40 15.00
N ASN A 104 0.04 7.48 14.20
CA ASN A 104 -0.53 8.78 14.56
C ASN A 104 -1.48 9.27 13.46
N TYR A 105 -2.11 8.37 12.68
CA TYR A 105 -2.95 8.74 11.54
C TYR A 105 -4.22 9.50 11.97
N ARG A 106 -4.79 10.32 11.07
CA ARG A 106 -5.98 11.16 11.29
C ARG A 106 -6.90 11.09 10.07
N GLY A 107 -7.13 9.89 9.51
CA GLY A 107 -7.78 9.76 8.21
C GLY A 107 -8.16 8.33 7.89
N GLU A 108 -8.95 8.10 6.85
CA GLU A 108 -9.45 6.77 6.55
C GLU A 108 -8.42 6.02 5.72
N VAL A 109 -8.37 4.69 5.82
CA VAL A 109 -7.43 3.89 5.04
C VAL A 109 -8.16 3.01 4.01
N ALA A 110 -7.69 3.07 2.77
CA ALA A 110 -8.15 2.28 1.64
C ALA A 110 -6.93 1.67 0.95
N SER A 111 -7.13 0.58 0.21
CA SER A 111 -6.09 -0.16 -0.46
C SER A 111 -6.58 -0.65 -1.82
N PHE A 112 -5.82 -0.36 -2.87
CA PHE A 112 -6.24 -0.54 -4.24
C PHE A 112 -5.23 -1.43 -4.97
N PHE A 113 -5.66 -2.67 -5.25
CA PHE A 113 -4.84 -3.65 -5.94
C PHE A 113 -5.05 -3.55 -7.45
N THR A 114 -4.07 -4.01 -8.20
CA THR A 114 -3.89 -3.88 -9.64
C THR A 114 -3.74 -5.27 -10.27
N SER A 115 -4.10 -6.34 -9.56
CA SER A 115 -3.98 -7.72 -9.99
C SER A 115 -4.92 -8.53 -9.10
N ALA A 116 -5.78 -9.37 -9.69
CA ALA A 116 -6.87 -10.02 -8.97
C ALA A 116 -7.21 -11.43 -9.47
N GLY A 117 -6.76 -11.85 -10.66
CA GLY A 117 -7.43 -12.87 -11.47
C GLY A 117 -7.91 -14.10 -10.71
N THR A 118 -7.01 -14.98 -10.29
CA THR A 118 -7.34 -16.19 -9.53
C THR A 118 -7.33 -15.95 -8.00
N ASN A 119 -7.00 -14.75 -7.53
CA ASN A 119 -6.71 -14.50 -6.12
C ASN A 119 -7.17 -13.09 -5.75
N HIS A 120 -8.48 -12.88 -5.82
CA HIS A 120 -9.14 -11.63 -5.46
C HIS A 120 -9.60 -11.73 -4.01
N LYS A 121 -10.57 -12.61 -3.71
CA LYS A 121 -11.19 -12.63 -2.38
C LYS A 121 -10.19 -12.94 -1.27
N ALA A 122 -9.19 -13.81 -1.52
CA ALA A 122 -8.20 -14.15 -0.50
C ALA A 122 -7.49 -12.89 0.02
N TYR A 123 -7.10 -11.97 -0.89
CA TYR A 123 -6.36 -10.76 -0.57
C TYR A 123 -7.07 -9.92 0.49
N VAL A 124 -8.39 -9.76 0.35
CA VAL A 124 -9.21 -8.97 1.26
C VAL A 124 -8.99 -9.47 2.68
N SER A 125 -9.12 -10.77 2.87
CA SER A 125 -9.04 -11.43 4.15
C SER A 125 -7.60 -11.33 4.66
N HIS A 126 -6.62 -11.70 3.84
CA HIS A 126 -5.19 -11.65 4.17
C HIS A 126 -4.81 -10.27 4.71
N PHE A 127 -5.23 -9.21 4.00
CA PHE A 127 -4.93 -7.84 4.39
C PHE A 127 -5.56 -7.50 5.72
N ASN A 128 -6.80 -7.91 5.99
CA ASN A 128 -7.47 -7.60 7.25
C ASN A 128 -6.62 -8.10 8.41
N GLU A 129 -6.13 -9.35 8.35
CA GLU A 129 -5.24 -9.87 9.38
C GLU A 129 -3.97 -9.04 9.50
N TRP A 130 -3.42 -8.63 8.35
CA TRP A 130 -2.15 -7.94 8.31
C TRP A 130 -2.29 -6.49 8.76
N ALA A 131 -3.51 -5.94 8.87
CA ALA A 131 -3.79 -4.52 9.05
C ALA A 131 -4.60 -4.19 10.31
N ASP A 132 -5.00 -5.21 11.08
CA ASP A 132 -6.06 -5.31 12.09
C ASP A 132 -5.99 -4.35 13.31
N GLY A 133 -5.79 -3.06 13.06
CA GLY A 133 -5.64 -2.04 14.08
C GLY A 133 -5.63 -0.61 13.55
N LEU A 134 -5.59 -0.37 12.23
CA LEU A 134 -5.88 0.92 11.62
C LEU A 134 -7.27 0.82 10.97
N ASN A 135 -7.98 1.93 10.83
CA ASN A 135 -9.32 1.96 10.24
C ASN A 135 -9.29 1.69 8.74
N VAL A 136 -9.60 0.47 8.31
CA VAL A 136 -9.80 0.18 6.89
C VAL A 136 -11.26 0.50 6.55
N ILE A 137 -11.50 1.15 5.41
CA ILE A 137 -12.83 1.27 4.79
C ILE A 137 -12.83 0.87 3.30
N GLY A 138 -11.68 0.47 2.74
CA GLY A 138 -11.59 0.08 1.34
C GLY A 138 -10.57 -1.04 1.13
N VAL A 139 -10.99 -2.09 0.41
CA VAL A 139 -10.12 -3.06 -0.23
C VAL A 139 -10.81 -3.46 -1.54
N ALA A 140 -10.52 -2.79 -2.66
CA ALA A 140 -11.10 -3.12 -3.98
C ALA A 140 -10.07 -2.89 -5.08
N ARG A 141 -10.21 -3.57 -6.22
CA ARG A 141 -9.32 -3.43 -7.36
C ARG A 141 -9.59 -2.12 -8.09
N ASP A 142 -8.62 -1.67 -8.88
CA ASP A 142 -8.66 -0.44 -9.70
C ASP A 142 -9.06 0.74 -8.81
N ASP A 143 -9.65 1.81 -9.36
CA ASP A 143 -10.05 3.03 -8.66
C ASP A 143 -11.58 3.21 -8.72
N SER A 144 -12.31 2.14 -9.02
CA SER A 144 -13.76 2.04 -9.15
C SER A 144 -14.48 2.56 -7.90
N GLU A 145 -13.84 2.60 -6.73
CA GLU A 145 -14.47 2.93 -5.46
C GLU A 145 -13.88 4.19 -4.81
N VAL A 146 -13.04 4.96 -5.50
CA VAL A 146 -12.60 6.26 -4.98
C VAL A 146 -13.83 7.13 -4.64
N ASP A 147 -14.92 6.93 -5.36
CA ASP A 147 -16.25 7.52 -5.19
C ASP A 147 -16.88 7.26 -3.81
N LYS A 148 -16.33 6.37 -2.99
CA LYS A 148 -16.82 6.03 -1.65
C LYS A 148 -15.69 6.02 -0.62
N TRP A 149 -14.48 6.38 -1.02
CA TRP A 149 -13.32 6.60 -0.18
C TRP A 149 -12.92 8.09 -0.19
N SER A 150 -13.87 9.01 -0.28
CA SER A 150 -13.60 10.46 -0.24
C SER A 150 -14.84 11.31 0.07
N LYS A 151 -16.05 10.85 -0.26
CA LYS A 151 -17.28 11.67 -0.19
C LYS A 151 -17.58 12.19 1.21
N GLY A 1 -15.03 25.11 8.93
CA GLY A 1 -14.28 24.65 7.75
C GLY A 1 -14.17 23.13 7.73
N MET A 2 -13.64 22.59 6.63
CA MET A 2 -13.15 21.24 6.51
C MET A 2 -12.05 21.24 5.45
N ALA A 3 -11.12 20.28 5.53
CA ALA A 3 -10.17 20.03 4.46
C ALA A 3 -9.73 18.57 4.52
N LYS A 4 -10.42 17.76 3.76
CA LYS A 4 -10.15 16.33 3.65
C LYS A 4 -9.05 16.11 2.62
N LYS A 5 -7.79 16.19 3.04
CA LYS A 5 -6.67 15.85 2.18
C LYS A 5 -6.72 14.37 1.84
N THR A 6 -5.83 13.96 0.98
CA THR A 6 -5.60 12.55 0.68
C THR A 6 -4.11 12.34 0.34
N LEU A 7 -3.57 11.14 0.57
CA LEU A 7 -2.23 10.77 0.13
C LEU A 7 -2.33 9.44 -0.61
N ILE A 8 -1.68 9.32 -1.77
CA ILE A 8 -1.54 8.10 -2.54
C ILE A 8 -0.10 7.63 -2.35
N LEU A 9 0.12 6.68 -1.45
CA LEU A 9 1.41 6.02 -1.29
C LEU A 9 1.46 4.90 -2.34
N TYR A 10 2.65 4.64 -2.88
CA TYR A 10 3.00 3.41 -3.58
C TYR A 10 4.47 3.12 -3.27
N TYR A 11 4.91 1.85 -3.30
CA TYR A 11 6.26 1.44 -2.89
C TYR A 11 7.05 1.00 -4.13
N SER A 12 7.05 1.87 -5.14
CA SER A 12 7.76 1.74 -6.40
C SER A 12 7.90 3.13 -7.01
N TRP A 13 8.31 3.23 -8.27
CA TRP A 13 8.26 4.43 -9.08
C TRP A 13 7.14 4.27 -10.11
N SER A 14 7.43 3.64 -11.24
CA SER A 14 6.73 3.90 -12.49
C SER A 14 6.72 2.67 -13.40
N GLY A 15 6.42 1.47 -12.88
CA GLY A 15 6.31 0.28 -13.74
C GLY A 15 5.46 -0.87 -13.21
N GLU A 16 5.01 -0.85 -11.95
CA GLU A 16 4.12 -1.88 -11.41
C GLU A 16 2.74 -1.27 -11.18
N THR A 17 2.57 -0.41 -10.17
CA THR A 17 1.35 0.35 -9.90
C THR A 17 1.19 1.56 -10.81
N LYS A 18 2.09 1.77 -11.78
CA LYS A 18 1.97 2.91 -12.69
C LYS A 18 0.61 2.88 -13.39
N LYS A 19 0.19 4.05 -13.87
CA LYS A 19 -1.12 4.41 -14.32
C LYS A 19 -2.09 4.39 -13.17
N MET A 20 -2.28 3.22 -12.55
CA MET A 20 -3.24 2.93 -11.51
C MET A 20 -2.73 3.46 -10.15
N ALA A 21 -2.06 4.60 -10.14
CA ALA A 21 -1.62 5.31 -8.95
C ALA A 21 -1.78 6.80 -9.21
N GLU A 22 -1.19 7.29 -10.33
CA GLU A 22 -1.34 8.69 -10.75
C GLU A 22 -2.81 9.06 -10.95
N LYS A 23 -3.63 8.16 -11.51
CA LYS A 23 -5.02 8.49 -11.82
C LYS A 23 -5.74 8.97 -10.58
N ILE A 24 -5.69 8.18 -9.51
CA ILE A 24 -6.32 8.46 -8.23
C ILE A 24 -5.92 9.87 -7.76
N ASN A 25 -4.64 10.24 -7.86
CA ASN A 25 -4.16 11.55 -7.42
C ASN A 25 -4.91 12.71 -8.09
N SER A 26 -5.23 12.55 -9.37
CA SER A 26 -5.94 13.52 -10.20
C SER A 26 -7.46 13.33 -10.22
N GLU A 27 -8.01 12.27 -9.61
CA GLU A 27 -9.47 12.00 -9.56
C GLU A 27 -10.02 12.30 -8.16
N ILE A 28 -9.16 12.78 -7.24
CA ILE A 28 -9.50 13.20 -5.88
C ILE A 28 -9.20 14.71 -5.77
N LYS A 29 -9.75 15.36 -4.75
CA LYS A 29 -9.47 16.74 -4.39
C LYS A 29 -8.44 16.78 -3.26
N ASP A 30 -7.45 17.65 -3.38
CA ASP A 30 -6.43 17.92 -2.35
C ASP A 30 -5.63 16.67 -1.99
N SER A 31 -5.48 15.76 -2.96
CA SER A 31 -4.66 14.58 -2.91
C SER A 31 -3.21 14.94 -3.25
N GLU A 32 -2.27 14.44 -2.46
CA GLU A 32 -0.87 14.29 -2.85
C GLU A 32 -0.62 12.83 -3.26
N LEU A 33 0.52 12.52 -3.86
CA LEU A 33 1.04 11.20 -4.10
C LEU A 33 2.53 11.15 -3.74
N LYS A 34 3.06 9.96 -3.45
CA LYS A 34 4.40 9.82 -2.88
C LYS A 34 4.95 8.40 -3.09
N GLU A 35 6.28 8.25 -3.17
CA GLU A 35 6.96 6.95 -3.18
C GLU A 35 7.40 6.54 -1.76
N VAL A 36 7.07 5.32 -1.32
CA VAL A 36 7.76 4.68 -0.21
C VAL A 36 9.09 4.17 -0.80
N LYS A 37 10.25 4.46 -0.19
CA LYS A 37 11.55 3.95 -0.67
C LYS A 37 11.99 2.75 0.18
N VAL A 38 13.00 1.99 -0.24
CA VAL A 38 13.69 1.03 0.61
C VAL A 38 14.77 1.70 1.47
N SER A 39 15.32 0.95 2.42
CA SER A 39 16.71 0.96 2.83
C SER A 39 17.17 -0.52 2.76
N GLU A 40 18.34 -0.87 3.28
CA GLU A 40 18.89 -2.23 3.24
C GLU A 40 18.00 -3.28 3.94
N GLY A 41 18.34 -4.56 3.73
CA GLY A 41 17.66 -5.69 4.32
C GLY A 41 18.52 -6.93 4.22
N THR A 42 18.17 -7.87 3.32
CA THR A 42 18.91 -9.11 3.11
C THR A 42 19.01 -9.33 1.59
N PHE A 43 20.11 -9.95 1.14
CA PHE A 43 20.45 -10.21 -0.26
C PHE A 43 20.26 -8.96 -1.13
N ASP A 44 21.07 -7.93 -0.86
CA ASP A 44 21.22 -6.78 -1.75
C ASP A 44 21.81 -7.20 -3.10
N ALA A 45 21.62 -6.34 -4.12
CA ALA A 45 22.02 -6.64 -5.48
C ALA A 45 22.26 -5.33 -6.25
N ASP A 46 23.33 -4.62 -5.91
CA ASP A 46 23.74 -3.31 -6.43
C ASP A 46 22.81 -2.24 -5.88
N MET A 47 21.58 -2.14 -6.40
CA MET A 47 20.49 -1.31 -5.89
C MET A 47 19.20 -1.71 -6.60
N TYR A 48 18.05 -1.30 -6.05
CA TYR A 48 16.72 -1.45 -6.65
C TYR A 48 16.39 -2.88 -7.10
N LYS A 49 16.84 -3.89 -6.33
CA LYS A 49 16.67 -5.30 -6.71
C LYS A 49 16.62 -6.17 -5.46
N THR A 50 15.73 -5.79 -4.55
CA THR A 50 15.59 -6.37 -3.22
C THR A 50 14.15 -6.09 -2.78
N SER A 51 13.19 -6.84 -3.30
CA SER A 51 11.76 -6.66 -3.02
C SER A 51 10.96 -7.97 -3.13
N ASP A 52 11.62 -9.12 -2.98
CA ASP A 52 11.02 -10.47 -2.91
C ASP A 52 10.41 -10.87 -4.27
N ILE A 53 9.68 -11.99 -4.34
CA ILE A 53 9.03 -12.46 -5.56
C ILE A 53 7.57 -12.81 -5.28
N ALA A 54 7.28 -13.95 -4.62
CA ALA A 54 5.92 -14.46 -4.51
C ALA A 54 5.70 -15.41 -3.34
N LEU A 55 6.51 -16.46 -3.19
CA LEU A 55 6.52 -17.37 -2.03
C LEU A 55 7.27 -16.74 -0.86
N ASP A 56 7.48 -17.60 0.14
CA ASP A 56 8.42 -17.46 1.24
C ASP A 56 7.91 -16.46 2.25
N GLN A 57 7.72 -15.19 1.88
CA GLN A 57 7.19 -14.14 2.75
C GLN A 57 5.79 -14.47 3.30
N ILE A 58 5.12 -15.47 2.71
CA ILE A 58 3.88 -16.04 3.17
C ILE A 58 4.18 -17.09 4.24
N GLN A 59 4.94 -18.12 3.85
CA GLN A 59 4.97 -19.41 4.47
C GLN A 59 6.42 -19.87 4.56
N GLY A 60 6.87 -20.18 5.76
CA GLY A 60 8.24 -20.58 6.03
C GLY A 60 9.17 -19.38 6.14
N ASN A 61 8.90 -18.23 5.51
CA ASN A 61 9.69 -17.01 5.66
C ASN A 61 8.81 -15.83 6.08
N LYS A 62 9.40 -14.68 6.44
CA LYS A 62 8.67 -13.54 6.99
C LYS A 62 9.44 -12.21 7.02
N ASP A 63 10.77 -12.22 6.98
CA ASP A 63 11.54 -10.98 7.16
C ASP A 63 11.38 -10.10 5.94
N PHE A 64 11.05 -8.83 6.14
CA PHE A 64 10.97 -7.82 5.10
C PHE A 64 11.86 -6.63 5.51
N PRO A 65 12.34 -5.83 4.54
CA PRO A 65 13.26 -4.72 4.83
C PRO A 65 12.57 -3.57 5.57
N GLU A 66 13.37 -2.57 5.92
CA GLU A 66 12.87 -1.27 6.33
C GLU A 66 12.48 -0.46 5.08
N ILE A 67 12.14 0.80 5.30
CA ILE A 67 11.72 1.75 4.26
C ILE A 67 12.36 3.11 4.56
N GLN A 68 12.30 4.00 3.58
CA GLN A 68 12.67 5.40 3.72
C GLN A 68 11.54 6.26 3.16
N LEU A 69 11.49 7.50 3.63
CA LEU A 69 10.53 8.53 3.25
C LEU A 69 11.12 9.90 3.63
N ASP A 70 10.33 10.96 3.51
CA ASP A 70 10.71 12.34 3.87
C ASP A 70 10.39 12.64 5.34
N ASN A 71 10.54 13.88 5.81
CA ASN A 71 9.82 14.27 7.03
C ASN A 71 8.35 14.52 6.66
N ILE A 72 7.59 13.44 6.63
CA ILE A 72 6.14 13.44 6.42
C ILE A 72 5.51 13.28 7.81
N ASP A 73 4.24 13.68 7.93
CA ASP A 73 3.42 13.30 9.06
C ASP A 73 2.07 12.82 8.54
N TYR A 74 1.67 11.60 8.88
CA TYR A 74 0.43 11.03 8.37
C TYR A 74 -0.80 11.71 8.98
N ASN A 75 -0.60 12.38 10.12
CA ASN A 75 -1.63 13.05 10.89
C ASN A 75 -2.40 14.08 10.05
N ASN A 76 -1.70 14.73 9.11
CA ASN A 76 -2.25 15.76 8.24
C ASN A 76 -2.91 15.22 6.96
N TYR A 77 -3.42 13.98 6.96
CA TYR A 77 -4.21 13.45 5.85
C TYR A 77 -5.52 12.84 6.34
N ASP A 78 -6.64 13.19 5.70
CA ASP A 78 -7.94 12.58 6.02
C ASP A 78 -8.11 11.20 5.39
N LEU A 79 -7.41 10.91 4.28
CA LEU A 79 -7.53 9.67 3.54
C LEU A 79 -6.13 9.23 3.12
N ILE A 80 -5.79 7.95 3.28
CA ILE A 80 -4.48 7.39 2.95
C ILE A 80 -4.72 6.15 2.09
N LEU A 81 -4.52 6.30 0.77
CA LEU A 81 -4.55 5.21 -0.20
C LEU A 81 -3.23 4.44 -0.11
N ILE A 82 -3.27 3.18 -0.56
CA ILE A 82 -2.18 2.23 -0.51
C ILE A 82 -2.22 1.41 -1.80
N GLY A 83 -1.12 1.41 -2.57
CA GLY A 83 -0.97 0.54 -3.74
C GLY A 83 0.14 -0.47 -3.51
N SER A 84 -0.05 -1.70 -4.01
CA SER A 84 0.90 -2.81 -4.01
C SER A 84 0.41 -3.87 -5.02
N PRO A 85 1.28 -4.74 -5.56
CA PRO A 85 0.89 -5.88 -6.39
C PRO A 85 0.31 -7.02 -5.55
N VAL A 86 -0.29 -8.01 -6.23
CA VAL A 86 -0.85 -9.27 -5.72
C VAL A 86 -0.69 -10.25 -6.86
N TRP A 87 -0.80 -11.54 -6.57
CA TRP A 87 -1.15 -12.59 -7.53
C TRP A 87 -1.51 -13.88 -6.85
N SER A 88 -0.82 -14.14 -5.76
CA SER A 88 -1.00 -15.36 -4.98
C SER A 88 -1.37 -15.00 -3.55
N GLY A 89 -2.55 -14.41 -3.38
CA GLY A 89 -3.15 -14.06 -2.10
C GLY A 89 -2.55 -12.79 -1.51
N TYR A 90 -1.26 -12.79 -1.27
CA TYR A 90 -0.44 -11.76 -0.63
C TYR A 90 1.05 -12.03 -0.90
N PRO A 91 1.51 -12.06 -2.17
CA PRO A 91 2.92 -12.28 -2.53
C PRO A 91 3.89 -11.21 -2.02
N ALA A 92 3.41 -9.99 -1.76
CA ALA A 92 4.28 -8.86 -1.45
C ALA A 92 4.05 -8.41 -0.02
N THR A 93 5.07 -7.78 0.58
CA THR A 93 4.96 -7.13 1.87
C THR A 93 5.61 -5.72 1.84
N PRO A 94 5.27 -4.83 0.88
CA PRO A 94 5.50 -3.40 1.01
C PRO A 94 4.49 -2.77 1.97
N ILE A 95 3.30 -3.36 2.09
CA ILE A 95 2.25 -2.87 2.96
C ILE A 95 2.33 -3.65 4.26
N LYS A 96 3.50 -3.57 4.88
CA LYS A 96 3.74 -4.10 6.20
C LYS A 96 4.46 -3.03 7.01
N THR A 97 5.70 -2.69 6.65
CA THR A 97 6.45 -1.65 7.32
C THR A 97 5.60 -0.41 7.52
N LEU A 98 5.09 0.13 6.41
CA LEU A 98 4.53 1.47 6.36
C LEU A 98 3.33 1.53 7.31
N LEU A 99 2.42 0.56 7.19
CA LEU A 99 1.28 0.38 8.08
C LEU A 99 1.72 0.40 9.54
N ASP A 100 2.78 -0.35 9.86
CA ASP A 100 3.29 -0.49 11.22
C ASP A 100 3.93 0.80 11.74
N GLN A 101 4.39 1.67 10.85
CA GLN A 101 4.89 2.99 11.24
C GLN A 101 3.69 3.81 11.72
N MET A 102 2.57 3.71 10.99
CA MET A 102 1.37 4.47 11.26
C MET A 102 0.54 3.86 12.42
N LYS A 103 1.11 3.26 13.48
CA LYS A 103 0.30 2.57 14.51
C LYS A 103 -0.85 3.39 15.08
N ASN A 104 -0.62 4.65 15.47
CA ASN A 104 -1.57 5.40 16.29
C ASN A 104 -2.56 6.27 15.50
N TYR A 105 -2.65 6.10 14.19
CA TYR A 105 -3.16 7.14 13.31
C TYR A 105 -4.65 7.00 13.06
N ARG A 106 -5.23 8.09 12.57
CA ARG A 106 -6.60 8.24 12.12
C ARG A 106 -6.49 8.77 10.69
N GLY A 107 -7.54 9.42 10.19
CA GLY A 107 -7.80 9.40 8.77
C GLY A 107 -8.32 8.02 8.41
N GLU A 108 -8.77 7.87 7.18
CA GLU A 108 -9.33 6.64 6.66
C GLU A 108 -8.26 5.97 5.82
N VAL A 109 -8.24 4.64 5.78
CA VAL A 109 -7.21 3.91 5.05
C VAL A 109 -7.88 3.01 4.01
N ALA A 110 -7.36 2.99 2.78
CA ALA A 110 -7.93 2.23 1.68
C ALA A 110 -6.81 1.62 0.83
N SER A 111 -7.08 0.49 0.16
CA SER A 111 -6.08 -0.18 -0.66
C SER A 111 -6.58 -0.43 -2.08
N PHE A 112 -5.67 -0.38 -3.05
CA PHE A 112 -5.94 -0.66 -4.44
C PHE A 112 -4.89 -1.62 -4.98
N PHE A 113 -5.24 -2.41 -6.00
CA PHE A 113 -4.32 -3.26 -6.74
C PHE A 113 -4.86 -3.46 -8.15
N THR A 114 -4.09 -4.04 -9.06
CA THR A 114 -4.46 -4.12 -10.48
C THR A 114 -3.91 -5.45 -11.06
N SER A 115 -3.90 -6.48 -10.21
CA SER A 115 -3.12 -7.71 -10.39
C SER A 115 -3.89 -8.90 -9.75
N ALA A 116 -5.09 -9.15 -10.25
CA ALA A 116 -6.13 -9.96 -9.60
C ALA A 116 -6.32 -11.37 -10.18
N GLY A 117 -5.37 -11.88 -10.98
CA GLY A 117 -5.56 -12.97 -11.94
C GLY A 117 -6.35 -14.19 -11.46
N THR A 118 -6.24 -14.60 -10.20
CA THR A 118 -7.14 -15.59 -9.59
C THR A 118 -7.44 -15.26 -8.11
N ASN A 119 -7.20 -14.00 -7.69
CA ASN A 119 -7.25 -13.59 -6.28
C ASN A 119 -7.85 -12.21 -6.14
N HIS A 120 -8.91 -12.11 -5.34
CA HIS A 120 -9.51 -10.87 -4.87
C HIS A 120 -10.10 -11.12 -3.48
N LYS A 121 -11.08 -12.03 -3.38
CA LYS A 121 -11.78 -12.36 -2.14
C LYS A 121 -10.79 -12.63 -1.00
N ALA A 122 -9.75 -13.41 -1.28
CA ALA A 122 -8.69 -13.73 -0.31
C ALA A 122 -8.05 -12.46 0.24
N TYR A 123 -7.56 -11.58 -0.64
CA TYR A 123 -6.82 -10.38 -0.27
C TYR A 123 -7.62 -9.49 0.68
N VAL A 124 -8.92 -9.32 0.47
CA VAL A 124 -9.82 -8.52 1.32
C VAL A 124 -9.87 -9.05 2.77
N SER A 125 -9.56 -10.32 2.97
CA SER A 125 -9.53 -10.98 4.26
C SER A 125 -8.08 -10.92 4.80
N HIS A 126 -7.08 -11.21 3.97
CA HIS A 126 -5.66 -11.11 4.28
C HIS A 126 -5.30 -9.72 4.83
N PHE A 127 -5.67 -8.68 4.08
CA PHE A 127 -5.27 -7.32 4.36
C PHE A 127 -5.79 -6.87 5.73
N ASN A 128 -6.99 -7.32 6.11
CA ASN A 128 -7.61 -7.00 7.39
C ASN A 128 -6.71 -7.49 8.53
N GLU A 129 -6.20 -8.70 8.41
CA GLU A 129 -5.34 -9.35 9.42
C GLU A 129 -3.92 -8.81 9.44
N TRP A 130 -3.52 -8.11 8.38
CA TRP A 130 -2.22 -7.49 8.17
C TRP A 130 -2.29 -5.97 8.40
N ALA A 131 -3.42 -5.41 8.84
CA ALA A 131 -3.58 -3.97 9.06
C ALA A 131 -4.31 -3.61 10.36
N ASP A 132 -4.62 -4.60 11.20
CA ASP A 132 -5.53 -4.47 12.32
C ASP A 132 -5.08 -3.41 13.32
N GLY A 133 -5.93 -2.42 13.53
CA GLY A 133 -5.72 -1.30 14.43
C GLY A 133 -5.92 0.05 13.75
N LEU A 134 -5.87 0.11 12.41
CA LEU A 134 -6.08 1.33 11.64
C LEU A 134 -7.33 1.16 10.78
N ASN A 135 -8.08 2.24 10.63
CA ASN A 135 -9.44 2.23 10.08
C ASN A 135 -9.48 1.95 8.58
N VAL A 136 -9.57 0.67 8.21
CA VAL A 136 -9.82 0.25 6.85
C VAL A 136 -11.23 0.67 6.45
N ILE A 137 -11.38 1.28 5.28
CA ILE A 137 -12.66 1.46 4.60
C ILE A 137 -12.58 1.05 3.12
N GLY A 138 -11.43 0.63 2.60
CA GLY A 138 -11.30 0.31 1.19
C GLY A 138 -10.26 -0.76 0.94
N VAL A 139 -10.58 -1.69 0.02
CA VAL A 139 -9.74 -2.71 -0.55
C VAL A 139 -10.52 -3.32 -1.71
N ALA A 140 -10.22 -2.87 -2.93
CA ALA A 140 -10.81 -3.31 -4.19
C ALA A 140 -9.75 -3.31 -5.30
N ARG A 141 -10.08 -3.86 -6.47
CA ARG A 141 -9.25 -3.77 -7.66
C ARG A 141 -9.47 -2.41 -8.33
N ASP A 142 -8.42 -1.92 -9.00
CA ASP A 142 -8.38 -0.70 -9.78
C ASP A 142 -8.97 0.47 -8.98
N ASP A 143 -9.47 1.50 -9.67
CA ASP A 143 -9.94 2.75 -9.07
C ASP A 143 -11.46 2.84 -9.17
N SER A 144 -12.14 1.69 -9.28
CA SER A 144 -13.58 1.56 -9.37
C SER A 144 -14.28 2.22 -8.17
N GLU A 145 -13.67 2.18 -6.97
CA GLU A 145 -14.33 2.54 -5.71
C GLU A 145 -13.89 3.89 -5.13
N VAL A 146 -13.06 4.68 -5.83
CA VAL A 146 -12.43 5.86 -5.25
C VAL A 146 -13.46 6.88 -4.73
N ASP A 147 -14.62 7.00 -5.38
CA ASP A 147 -15.76 7.82 -5.00
C ASP A 147 -16.23 7.52 -3.58
N LYS A 148 -16.52 6.24 -3.28
CA LYS A 148 -17.05 5.85 -1.97
C LYS A 148 -16.05 6.16 -0.86
N TRP A 149 -14.75 6.22 -1.17
CA TRP A 149 -13.69 6.55 -0.24
C TRP A 149 -13.36 8.05 -0.26
N SER A 150 -14.26 8.92 -0.72
CA SER A 150 -14.02 10.36 -0.84
C SER A 150 -15.29 11.17 -0.57
N LYS A 151 -16.47 10.58 -0.81
CA LYS A 151 -17.77 11.11 -0.41
C LYS A 151 -17.79 11.51 1.06
N GLY A 1 -12.52 19.48 11.91
CA GLY A 1 -11.50 19.84 10.93
C GLY A 1 -12.10 20.36 9.64
N MET A 2 -11.33 21.17 8.93
CA MET A 2 -11.70 21.84 7.68
C MET A 2 -10.51 21.84 6.71
N ALA A 3 -9.77 20.74 6.69
CA ALA A 3 -8.97 20.30 5.56
C ALA A 3 -9.12 18.79 5.50
N LYS A 4 -9.55 18.27 4.36
CA LYS A 4 -9.51 16.84 4.07
C LYS A 4 -8.64 16.54 2.84
N LYS A 5 -7.35 16.35 3.13
CA LYS A 5 -6.36 15.87 2.19
C LYS A 5 -6.56 14.39 1.93
N THR A 6 -5.74 13.86 1.03
CA THR A 6 -5.48 12.44 0.92
C THR A 6 -4.04 12.24 0.43
N LEU A 7 -3.38 11.17 0.88
CA LEU A 7 -2.12 10.71 0.31
C LEU A 7 -2.38 9.41 -0.44
N ILE A 8 -1.62 9.16 -1.49
CA ILE A 8 -1.53 7.86 -2.14
C ILE A 8 -0.05 7.47 -2.08
N LEU A 9 0.26 6.24 -1.63
CA LEU A 9 1.60 5.69 -1.52
C LEU A 9 1.68 4.44 -2.38
N TYR A 10 2.33 4.56 -3.53
CA TYR A 10 2.53 3.51 -4.51
C TYR A 10 4.01 3.15 -4.52
N TYR A 11 4.34 1.87 -4.38
CA TYR A 11 5.72 1.44 -4.35
C TYR A 11 6.21 1.16 -5.77
N SER A 12 7.47 0.73 -5.94
CA SER A 12 8.08 0.42 -7.22
C SER A 12 8.14 1.64 -8.15
N TRP A 13 9.27 2.36 -8.20
CA TRP A 13 9.49 3.34 -9.28
C TRP A 13 9.70 2.66 -10.64
N SER A 14 9.72 1.33 -10.71
CA SER A 14 9.52 0.63 -11.99
C SER A 14 8.15 0.96 -12.57
N GLY A 15 7.22 1.54 -11.81
CA GLY A 15 5.99 2.10 -12.35
C GLY A 15 4.96 1.01 -12.55
N GLU A 16 4.95 -0.02 -11.69
CA GLU A 16 3.90 -1.04 -11.72
C GLU A 16 2.53 -0.38 -11.54
N THR A 17 2.46 0.62 -10.65
CA THR A 17 1.28 1.38 -10.28
C THR A 17 1.29 2.81 -10.81
N LYS A 18 2.23 3.14 -11.69
CA LYS A 18 1.97 4.20 -12.64
C LYS A 18 0.70 3.80 -13.42
N LYS A 19 -0.01 4.75 -14.03
CA LYS A 19 -1.42 4.62 -14.35
C LYS A 19 -2.23 4.54 -13.06
N MET A 20 -2.28 3.39 -12.40
CA MET A 20 -3.35 3.10 -11.45
C MET A 20 -3.25 3.84 -10.12
N ALA A 21 -2.20 4.62 -9.84
CA ALA A 21 -2.13 5.54 -8.70
C ALA A 21 -2.26 7.00 -9.15
N GLU A 22 -1.77 7.31 -10.35
CA GLU A 22 -1.74 8.66 -10.92
C GLU A 22 -3.14 9.16 -11.19
N LYS A 23 -4.04 8.24 -11.57
CA LYS A 23 -5.45 8.50 -11.74
C LYS A 23 -6.02 9.17 -10.50
N ILE A 24 -6.06 8.44 -9.40
CA ILE A 24 -6.78 8.83 -8.20
C ILE A 24 -6.27 10.16 -7.66
N ASN A 25 -4.97 10.43 -7.79
CA ASN A 25 -4.39 11.72 -7.42
C ASN A 25 -5.20 12.87 -8.00
N SER A 26 -5.46 12.82 -9.31
CA SER A 26 -6.16 13.84 -10.05
C SER A 26 -7.62 14.03 -9.63
N GLU A 27 -8.17 13.10 -8.84
CA GLU A 27 -9.60 12.87 -8.70
C GLU A 27 -10.07 13.18 -7.27
N ILE A 28 -9.14 13.51 -6.37
CA ILE A 28 -9.41 13.87 -4.99
C ILE A 28 -8.94 15.31 -4.81
N LYS A 29 -9.73 16.11 -4.10
CA LYS A 29 -9.33 17.48 -3.77
C LYS A 29 -8.23 17.44 -2.73
N ASP A 30 -7.31 18.38 -2.84
CA ASP A 30 -6.19 18.61 -1.93
C ASP A 30 -5.35 17.34 -1.65
N SER A 31 -5.27 16.44 -2.63
CA SER A 31 -4.47 15.24 -2.62
C SER A 31 -2.95 15.54 -2.68
N GLU A 32 -2.12 14.53 -2.38
CA GLU A 32 -0.67 14.45 -2.62
C GLU A 32 -0.35 13.00 -3.00
N LEU A 33 0.58 12.78 -3.92
CA LEU A 33 0.97 11.46 -4.38
C LEU A 33 2.48 11.30 -4.18
N LYS A 34 2.86 10.28 -3.44
CA LYS A 34 4.26 10.01 -3.10
C LYS A 34 4.49 8.53 -3.28
N GLU A 35 5.74 8.12 -3.28
CA GLU A 35 6.08 6.74 -3.55
C GLU A 35 6.80 6.14 -2.35
N VAL A 36 6.66 4.83 -2.18
CA VAL A 36 7.25 4.09 -1.07
C VAL A 36 8.36 3.18 -1.62
N LYS A 37 9.38 2.83 -0.82
CA LYS A 37 10.42 1.87 -1.19
C LYS A 37 10.48 0.80 -0.11
N VAL A 38 11.18 -0.31 -0.38
CA VAL A 38 11.47 -1.30 0.66
C VAL A 38 12.86 -1.04 1.23
N SER A 39 13.09 -1.48 2.46
CA SER A 39 14.39 -1.55 3.11
C SER A 39 15.04 -2.92 2.81
N GLU A 40 16.12 -3.25 3.50
CA GLU A 40 16.78 -4.55 3.47
C GLU A 40 17.18 -4.98 4.90
N GLY A 41 17.92 -6.07 5.07
CA GLY A 41 18.29 -6.62 6.38
C GLY A 41 19.62 -6.07 6.88
N THR A 42 20.67 -6.86 6.66
CA THR A 42 22.08 -6.49 6.84
C THR A 42 22.78 -6.24 5.50
N PHE A 43 22.12 -6.66 4.41
CA PHE A 43 22.66 -6.87 3.08
C PHE A 43 24.01 -7.59 3.13
N ASP A 44 23.99 -8.92 3.33
CA ASP A 44 25.23 -9.69 3.25
C ASP A 44 25.52 -10.03 1.78
N ALA A 45 24.98 -11.12 1.24
CA ALA A 45 25.14 -11.51 -0.15
C ALA A 45 23.82 -12.13 -0.62
N ASP A 46 23.32 -11.68 -1.76
CA ASP A 46 22.02 -12.04 -2.34
C ASP A 46 20.89 -11.88 -1.31
N MET A 47 21.04 -10.92 -0.40
CA MET A 47 20.17 -10.83 0.78
C MET A 47 18.97 -9.92 0.53
N TYR A 48 19.00 -9.10 -0.52
CA TYR A 48 17.83 -8.33 -0.94
C TYR A 48 16.91 -9.29 -1.69
N LYS A 49 15.96 -9.86 -0.95
CA LYS A 49 15.03 -10.87 -1.42
C LYS A 49 13.68 -10.46 -0.87
N THR A 50 13.13 -9.42 -1.46
CA THR A 50 11.89 -8.79 -1.12
C THR A 50 11.19 -8.52 -2.45
N SER A 51 10.87 -9.61 -3.15
CA SER A 51 10.72 -9.61 -4.59
C SER A 51 9.41 -10.28 -4.97
N ASP A 52 8.69 -9.68 -5.92
CA ASP A 52 7.25 -9.59 -5.83
C ASP A 52 6.63 -10.67 -6.71
N ILE A 53 6.52 -11.90 -6.19
CA ILE A 53 6.16 -13.08 -6.97
C ILE A 53 5.10 -13.99 -6.31
N ALA A 54 5.41 -14.66 -5.20
CA ALA A 54 4.51 -15.67 -4.62
C ALA A 54 4.82 -15.95 -3.15
N LEU A 55 5.88 -16.70 -2.88
CA LEU A 55 6.25 -17.25 -1.57
C LEU A 55 7.23 -16.36 -0.81
N ASP A 56 7.48 -15.13 -1.25
CA ASP A 56 8.63 -14.33 -0.82
C ASP A 56 8.74 -14.26 0.70
N GLN A 57 7.81 -13.59 1.38
CA GLN A 57 7.82 -13.43 2.82
C GLN A 57 6.45 -13.82 3.37
N ILE A 58 6.29 -15.11 3.66
CA ILE A 58 5.08 -15.69 4.21
C ILE A 58 5.49 -16.79 5.18
N GLN A 59 6.15 -17.82 4.66
CA GLN A 59 6.38 -19.06 5.34
C GLN A 59 7.86 -19.40 5.33
N GLY A 60 8.45 -19.26 6.51
CA GLY A 60 9.83 -19.62 6.77
C GLY A 60 10.77 -18.44 6.56
N ASN A 61 10.35 -17.37 5.87
CA ASN A 61 11.30 -16.25 5.61
C ASN A 61 11.56 -15.45 6.90
N LYS A 62 12.70 -14.77 6.98
CA LYS A 62 13.24 -14.14 8.19
C LYS A 62 12.65 -12.74 8.38
N ASP A 63 11.39 -12.64 8.81
CA ASP A 63 10.66 -11.37 8.91
C ASP A 63 10.66 -10.67 7.55
N PHE A 64 10.19 -9.43 7.49
CA PHE A 64 10.21 -8.58 6.30
C PHE A 64 11.10 -7.36 6.55
N PRO A 65 11.60 -6.72 5.49
CA PRO A 65 12.28 -5.45 5.58
C PRO A 65 11.33 -4.38 6.09
N GLU A 66 11.87 -3.24 6.53
CA GLU A 66 11.08 -2.04 6.68
C GLU A 66 10.68 -1.53 5.29
N ILE A 67 9.97 -0.41 5.26
CA ILE A 67 9.87 0.44 4.09
C ILE A 67 10.69 1.69 4.34
N GLN A 68 11.08 2.31 3.24
CA GLN A 68 11.67 3.63 3.21
C GLN A 68 10.72 4.55 2.46
N LEU A 69 10.86 5.84 2.75
CA LEU A 69 10.03 6.90 2.20
C LEU A 69 10.71 8.23 2.49
N ASP A 70 10.03 9.31 2.15
CA ASP A 70 10.53 10.68 2.17
C ASP A 70 9.91 11.46 3.35
N ASN A 71 10.27 12.73 3.50
CA ASN A 71 9.85 13.52 4.67
C ASN A 71 8.43 14.02 4.51
N ILE A 72 7.49 13.13 4.79
CA ILE A 72 6.06 13.35 4.89
C ILE A 72 5.75 13.35 6.38
N ASP A 73 4.56 13.83 6.75
CA ASP A 73 4.01 13.57 8.06
C ASP A 73 2.57 13.13 7.87
N TYR A 74 2.15 12.02 8.47
CA TYR A 74 0.81 11.49 8.23
C TYR A 74 -0.28 12.39 8.84
N ASN A 75 0.06 13.16 9.87
CA ASN A 75 -0.95 13.73 10.78
C ASN A 75 -1.85 14.74 10.08
N ASN A 76 -1.28 15.49 9.13
CA ASN A 76 -1.92 16.55 8.37
C ASN A 76 -2.91 16.06 7.31
N TYR A 77 -3.10 14.75 7.12
CA TYR A 77 -4.00 14.21 6.11
C TYR A 77 -5.38 13.87 6.68
N ASP A 78 -6.32 13.43 5.83
CA ASP A 78 -7.63 12.89 6.25
C ASP A 78 -7.89 11.50 5.66
N LEU A 79 -7.14 11.10 4.64
CA LEU A 79 -7.21 9.75 4.08
C LEU A 79 -5.86 9.31 3.52
N ILE A 80 -5.60 8.00 3.45
CA ILE A 80 -4.34 7.41 2.99
C ILE A 80 -4.67 6.16 2.17
N LEU A 81 -4.24 6.12 0.90
CA LEU A 81 -4.43 5.01 -0.03
C LEU A 81 -3.10 4.30 -0.31
N ILE A 82 -3.15 3.00 -0.61
CA ILE A 82 -1.97 2.16 -0.82
C ILE A 82 -2.27 1.10 -1.90
N GLY A 83 -1.33 0.73 -2.78
CA GLY A 83 -1.54 -0.38 -3.72
C GLY A 83 -0.36 -1.35 -3.86
N SER A 84 -0.60 -2.53 -4.42
CA SER A 84 0.36 -3.64 -4.58
C SER A 84 -0.21 -4.75 -5.50
N PRO A 85 0.63 -5.65 -6.05
CA PRO A 85 0.22 -6.82 -6.83
C PRO A 85 -0.19 -8.00 -5.94
N VAL A 86 -0.78 -9.05 -6.54
CA VAL A 86 -1.19 -10.26 -5.84
C VAL A 86 -1.35 -11.45 -6.81
N TRP A 87 -0.56 -12.51 -6.66
CA TRP A 87 -0.63 -13.68 -7.55
C TRP A 87 -0.68 -15.04 -6.85
N SER A 88 -0.49 -15.08 -5.53
CA SER A 88 -0.59 -16.29 -4.72
C SER A 88 -1.19 -16.03 -3.33
N GLY A 89 -1.95 -14.95 -3.13
CA GLY A 89 -2.67 -14.66 -1.89
C GLY A 89 -2.18 -13.36 -1.26
N TYR A 90 -0.88 -13.25 -1.02
CA TYR A 90 -0.23 -12.14 -0.30
C TYR A 90 1.28 -12.18 -0.61
N PRO A 91 1.72 -11.94 -1.86
CA PRO A 91 3.07 -12.31 -2.31
C PRO A 91 4.19 -11.34 -1.91
N ALA A 92 3.86 -10.12 -1.48
CA ALA A 92 4.84 -9.10 -1.10
C ALA A 92 4.50 -8.64 0.31
N THR A 93 5.44 -7.96 0.99
CA THR A 93 5.15 -7.32 2.27
C THR A 93 5.72 -5.89 2.35
N PRO A 94 5.50 -5.00 1.35
CA PRO A 94 5.79 -3.58 1.51
C PRO A 94 4.70 -2.96 2.37
N ILE A 95 3.46 -3.45 2.24
CA ILE A 95 2.34 -2.97 3.02
C ILE A 95 2.28 -3.81 4.29
N LYS A 96 3.36 -3.74 5.05
CA LYS A 96 3.44 -4.15 6.44
C LYS A 96 3.94 -2.94 7.22
N THR A 97 5.12 -2.42 6.90
CA THR A 97 5.73 -1.40 7.73
C THR A 97 4.94 -0.10 7.73
N LEU A 98 4.23 0.26 6.64
CA LEU A 98 3.43 1.47 6.68
C LEU A 98 2.40 1.39 7.82
N LEU A 99 1.71 0.25 7.95
CA LEU A 99 0.69 0.01 8.97
C LEU A 99 1.26 0.05 10.39
N ASP A 100 2.57 -0.17 10.54
CA ASP A 100 3.30 -0.07 11.80
C ASP A 100 3.74 1.36 12.10
N GLN A 101 3.91 2.16 11.05
CA GLN A 101 4.37 3.53 11.16
C GLN A 101 3.16 4.45 11.39
N MET A 102 1.95 3.99 11.05
CA MET A 102 0.69 4.73 11.11
C MET A 102 -0.07 4.63 12.45
N LYS A 103 0.51 4.05 13.50
CA LYS A 103 -0.20 3.77 14.77
C LYS A 103 -0.92 5.00 15.36
N ASN A 104 -0.43 6.22 15.13
CA ASN A 104 -0.96 7.47 15.67
C ASN A 104 -1.74 8.27 14.61
N TYR A 105 -2.06 7.68 13.46
CA TYR A 105 -2.77 8.37 12.36
C TYR A 105 -4.24 8.66 12.72
N ARG A 106 -4.82 9.68 12.08
CA ARG A 106 -6.20 10.15 12.20
C ARG A 106 -6.77 10.29 10.79
N GLY A 107 -7.61 9.36 10.34
CA GLY A 107 -8.24 9.35 9.03
C GLY A 107 -8.67 7.93 8.69
N GLU A 108 -8.56 7.51 7.42
CA GLU A 108 -9.07 6.20 7.00
C GLU A 108 -8.06 5.46 6.12
N VAL A 109 -8.36 4.18 5.90
CA VAL A 109 -7.55 3.25 5.12
C VAL A 109 -8.35 2.74 3.93
N ALA A 110 -7.80 2.88 2.73
CA ALA A 110 -8.26 2.13 1.58
C ALA A 110 -7.05 1.61 0.82
N SER A 111 -7.24 0.54 0.06
CA SER A 111 -6.18 -0.14 -0.65
C SER A 111 -6.70 -0.56 -2.02
N PHE A 112 -5.83 -0.53 -3.04
CA PHE A 112 -6.18 -0.69 -4.44
C PHE A 112 -5.14 -1.58 -5.13
N PHE A 113 -5.50 -2.78 -5.58
CA PHE A 113 -4.58 -3.69 -6.29
C PHE A 113 -4.85 -3.70 -7.80
N THR A 114 -3.90 -4.22 -8.58
CA THR A 114 -3.94 -4.32 -10.04
C THR A 114 -3.89 -5.80 -10.50
N SER A 115 -4.18 -6.71 -9.59
CA SER A 115 -3.97 -8.14 -9.70
C SER A 115 -5.26 -8.84 -9.31
N ALA A 116 -5.97 -9.28 -10.33
CA ALA A 116 -7.16 -10.11 -10.19
C ALA A 116 -6.94 -11.52 -10.74
N GLY A 117 -5.73 -11.81 -11.25
CA GLY A 117 -5.46 -12.94 -12.14
C GLY A 117 -5.92 -14.24 -11.50
N THR A 118 -5.28 -14.60 -10.40
CA THR A 118 -5.57 -15.82 -9.66
C THR A 118 -6.04 -15.50 -8.24
N ASN A 119 -6.12 -14.22 -7.86
CA ASN A 119 -6.56 -13.77 -6.56
C ASN A 119 -7.61 -12.71 -6.72
N HIS A 120 -8.58 -12.71 -5.81
CA HIS A 120 -9.44 -11.58 -5.53
C HIS A 120 -9.75 -11.62 -4.04
N LYS A 121 -10.75 -12.40 -3.62
CA LYS A 121 -11.24 -12.33 -2.24
C LYS A 121 -10.23 -12.89 -1.22
N ALA A 122 -9.20 -13.66 -1.61
CA ALA A 122 -8.18 -14.05 -0.65
C ALA A 122 -7.48 -12.83 -0.09
N TYR A 123 -7.06 -11.92 -0.99
CA TYR A 123 -6.31 -10.73 -0.66
C TYR A 123 -7.08 -9.86 0.33
N VAL A 124 -8.41 -9.76 0.17
CA VAL A 124 -9.24 -8.95 1.05
C VAL A 124 -9.14 -9.42 2.50
N SER A 125 -9.12 -10.73 2.74
CA SER A 125 -8.92 -11.26 4.07
C SER A 125 -7.47 -11.01 4.50
N HIS A 126 -6.49 -11.38 3.66
CA HIS A 126 -5.08 -11.26 3.99
C HIS A 126 -4.66 -9.84 4.33
N PHE A 127 -5.21 -8.83 3.64
CA PHE A 127 -4.94 -7.42 3.91
C PHE A 127 -5.52 -7.05 5.26
N ASN A 128 -6.77 -7.42 5.53
CA ASN A 128 -7.51 -7.03 6.73
C ASN A 128 -6.72 -7.35 7.99
N GLU A 129 -6.10 -8.53 8.05
CA GLU A 129 -5.31 -8.93 9.19
C GLU A 129 -4.11 -8.02 9.41
N TRP A 130 -3.42 -7.67 8.34
CA TRP A 130 -2.21 -6.87 8.43
C TRP A 130 -2.56 -5.38 8.58
N ALA A 131 -3.82 -4.99 8.33
CA ALA A 131 -4.31 -3.61 8.41
C ALA A 131 -5.02 -3.33 9.74
N ASP A 132 -5.50 -4.38 10.40
CA ASP A 132 -6.27 -4.38 11.62
C ASP A 132 -5.69 -3.42 12.64
N GLY A 133 -6.52 -2.48 13.10
CA GLY A 133 -6.17 -1.40 14.00
C GLY A 133 -6.54 -0.02 13.44
N LEU A 134 -6.72 0.11 12.12
CA LEU A 134 -7.05 1.38 11.48
C LEU A 134 -8.35 1.26 10.70
N ASN A 135 -8.94 2.39 10.30
CA ASN A 135 -10.32 2.46 9.83
C ASN A 135 -10.41 2.15 8.35
N VAL A 136 -10.43 0.87 8.00
CA VAL A 136 -10.39 0.44 6.60
C VAL A 136 -11.81 0.37 6.03
N ILE A 137 -12.05 1.19 4.99
CA ILE A 137 -13.31 1.30 4.26
C ILE A 137 -13.14 0.90 2.78
N GLY A 138 -11.93 0.50 2.37
CA GLY A 138 -11.62 0.20 0.99
C GLY A 138 -10.66 -0.96 0.84
N VAL A 139 -11.15 -2.03 0.22
CA VAL A 139 -10.35 -3.11 -0.29
C VAL A 139 -10.98 -3.52 -1.64
N ALA A 140 -10.49 -2.97 -2.75
CA ALA A 140 -10.98 -3.22 -4.11
C ALA A 140 -9.80 -3.24 -5.11
N ARG A 141 -10.10 -3.39 -6.41
CA ARG A 141 -9.14 -3.32 -7.50
C ARG A 141 -9.46 -2.13 -8.41
N ASP A 142 -8.48 -1.77 -9.25
CA ASP A 142 -8.49 -0.60 -10.13
C ASP A 142 -8.93 0.64 -9.35
N ASP A 143 -9.48 1.65 -10.02
CA ASP A 143 -9.98 2.92 -9.48
C ASP A 143 -11.51 2.89 -9.28
N SER A 144 -12.17 1.74 -9.43
CA SER A 144 -13.63 1.66 -9.39
C SER A 144 -14.23 2.17 -8.06
N GLU A 145 -13.56 1.97 -6.92
CA GLU A 145 -14.11 2.28 -5.60
C GLU A 145 -13.55 3.57 -5.02
N VAL A 146 -12.80 4.37 -5.79
CA VAL A 146 -12.25 5.65 -5.36
C VAL A 146 -13.36 6.59 -4.86
N ASP A 147 -14.53 6.53 -5.48
CA ASP A 147 -15.71 7.37 -5.26
C ASP A 147 -16.41 7.14 -3.91
N LYS A 148 -15.86 6.26 -3.07
CA LYS A 148 -16.28 5.98 -1.70
C LYS A 148 -15.11 6.03 -0.70
N TRP A 149 -13.90 6.37 -1.16
CA TRP A 149 -12.70 6.50 -0.33
C TRP A 149 -12.23 7.96 -0.28
N SER A 150 -13.14 8.93 -0.31
CA SER A 150 -12.83 10.33 -0.10
C SER A 150 -14.07 11.18 0.17
N LYS A 151 -15.25 10.82 -0.37
CA LYS A 151 -16.44 11.66 -0.36
C LYS A 151 -16.80 12.19 1.02
#